data_8P31
#
_entry.id   8P31
#
_cell.length_a   1.00
_cell.length_b   1.00
_cell.length_c   1.00
_cell.angle_alpha   90.00
_cell.angle_beta   90.00
_cell.angle_gamma   90.00
#
_symmetry.space_group_name_H-M   'P 1'
#
loop_
_entity.id
_entity.type
_entity.pdbx_description
1 polymer 'Processed angiotensin-converting enzyme 2'
2 polymer 'Sodium- and chloride-dependent transporter XTRP3'
3 branched beta-D-mannopyranose-(1-4)-2-acetamido-2-deoxy-beta-D-glucopyranose-(1-4)-2-acetamido-2-deoxy-beta-D-glucopyranose
4 branched 2-acetamido-2-deoxy-beta-D-glucopyranose-(1-4)-2-acetamido-2-deoxy-beta-D-glucopyranose
5 non-polymer 'ZINC ION'
6 non-polymer 2-acetamido-2-deoxy-alpha-D-glucopyranose
7 non-polymer 2-acetamido-2-deoxy-beta-D-glucopyranose
8 non-polymer '(2S)-piperidine-2-carboxylic acid'
#
loop_
_entity_poly.entity_id
_entity_poly.type
_entity_poly.pdbx_seq_one_letter_code
_entity_poly.pdbx_strand_id
1 'polypeptide(L)'
;MSSSSWLLLSLVAVTAADYKDDDDKSTIEEQAKTFLDKFNHEAEDLFYQSSLASWNYNTNITEENVQNMNNAGDKWSAFL
KEQSTLAQMYPLQEIQNLTVKLQLQALQQNGSSVLSEDKSKRLNTILNTMSTIYSTGKVCNPDNPQECLLLEPGLNEIMA
NSLDYNERLWAWESWRSEVGKQLRPLYEEYVVLKNEMARANHYEDYGDYWRGDYEVNGVDGYDYSRGQLIEDVEHTFEEI
KPLYEHLHAYVRAKLMNAYPSYISPIGCLPAHLLGDMWGRFWTNLYSLTVPFGQKPNIDVTDAMVDQAWDAQRIFKEAEK
FFVSVGLPNMTQGFWENSMLTDPGNVQKAVCHPTAWDLGKGDFRILMCTKVTMDDFLTAHHEMGHIQYDMAYAAQPFLLR
NGANEGFHEAVGEIMSLSAATPKHLKSIGLLSPDFQEDNETEINFLLKQALTIVGTLPFTYMLEKWRWMVFKGEIPKDQW
MKKWWEMKREIVGVVEPVPHDETYCDPASLFHVSNDYSFIRYYTRTLYQFQFQEALCQAAKHEGPLHKCDISNSTEAGQK
LFNMLRLGKSEPWTLALENVVGAKNMNVRPLLNYFEPLFTWLKDQNKNSFVGWSTDWSPYADQSIKVRISLKSALGDKAY
EWNDNEMYLFRSSVAYAMRQYFLKVKNQMILFGEEDVRVANLKPRISFNFFVTAPKNVSDIIPRTEVEKAIRMSRSRIND
AFRLNDNSLEFLGIQPTLGPPNQPPVSIWLIVFGVVMGVIVVGIVILIFTGIRDRKKKNKARSGENPYASIDISKGENNP
GFQNTDDVQTSF
;
A,B
2 'polypeptide(L)'
;MEKARPLWANSLQFVFACISYAVGLGNVWRFPYLCQMYGGGSFLVPYIIMLIVEGMPLLYLELAVGQRMRQGSIGAWRTI
SPYLSGVGVASVVVSFFLSMYYNVINAWAFWYLFHSFQDPLPWSVCPLNGNHTGYDEECEKASSTQYFWYRKTLNISPSL
QENGGVQWEPALCLLLAWLVVYLCILRGTESTGKVVYFTASLPYCVLIIYLIRGLTLHGATNGLMYMFTPKIEQLANPKA
WINAATQIFFSLGLGFGSLIAFASYNEPSNNCQKHAIIVSLINSFTSIFASIVTFSIYGFKATFNYENCLKKVSLLLTNT
FDLEDGFLTASNLEQVKGYLASAYPSKYSEMFPQIKNCSLESELDTAVQGTGLAFIVYTEAIKNMEVSQLWSVLYFFMLL
MLGIGSMLGNTAAILTPLTDSKIISSHLPKEAISGLVCLVNCAIGMVFTMEAGNYWFDIFNDYAATLSLLLIVLVETIAV
CYVYGLRRFESDLKAMTGRAVSWYWKVMWAGVSPLLIVSLFVFYLSDYILTGTLKYQAWDASQGQLVTKDYPAYALAVIG
LLVASSTMCIPLAALGTFVQRRLKRGDADPVAAENLYFQSHHHHHHHHHHGSAWSHPQFEKGGGSGGGSGGSAWSHPQFE
K
;
C,D
#
loop_
_chem_comp.id
_chem_comp.type
_chem_comp.name
_chem_comp.formula
BMA D-saccharide, beta linking beta-D-mannopyranose 'C6 H12 O6'
NAG D-saccharide, beta linking 2-acetamido-2-deoxy-beta-D-glucopyranose 'C8 H15 N O6'
NDG D-saccharide, alpha linking 2-acetamido-2-deoxy-alpha-D-glucopyranose 'C8 H15 N O6'
ZN non-polymer 'ZINC ION' 'Zn 2'
#
# COMPACT_ATOMS: atom_id res chain seq x y z
N THR A 27 62.19 -48.50 -24.51
CA THR A 27 61.98 -49.35 -23.35
C THR A 27 60.55 -49.22 -22.83
N ILE A 28 60.18 -47.99 -22.47
CA ILE A 28 58.83 -47.75 -21.96
C ILE A 28 57.79 -47.97 -23.05
N GLU A 29 58.12 -47.62 -24.29
CA GLU A 29 57.21 -47.88 -25.39
C GLU A 29 56.97 -49.37 -25.58
N GLU A 30 58.02 -50.18 -25.43
CA GLU A 30 57.89 -51.62 -25.61
C GLU A 30 56.97 -52.22 -24.56
N GLN A 31 57.16 -51.86 -23.29
CA GLN A 31 56.30 -52.39 -22.25
C GLN A 31 54.87 -51.87 -22.37
N ALA A 32 54.69 -50.63 -22.83
CA ALA A 32 53.34 -50.13 -23.08
C ALA A 32 52.65 -50.91 -24.19
N LYS A 33 53.40 -51.23 -25.26
CA LYS A 33 52.84 -52.06 -26.33
C LYS A 33 52.46 -53.44 -25.80
N THR A 34 53.32 -54.01 -24.96
CA THR A 34 52.99 -55.31 -24.35
C THR A 34 51.74 -55.21 -23.50
N PHE A 35 51.59 -54.12 -22.76
CA PHE A 35 50.39 -53.90 -21.95
C PHE A 35 49.14 -53.85 -22.83
N LEU A 36 49.20 -53.11 -23.94
CA LEU A 36 48.05 -53.02 -24.82
C LEU A 36 47.72 -54.38 -25.44
N ASP A 37 48.75 -55.14 -25.83
CA ASP A 37 48.53 -56.47 -26.38
C ASP A 37 47.86 -57.37 -25.35
N LYS A 38 48.29 -57.29 -24.10
CA LYS A 38 47.64 -58.05 -23.04
C LYS A 38 46.19 -57.63 -22.87
N PHE A 39 45.93 -56.32 -22.95
CA PHE A 39 44.57 -55.83 -22.79
C PHE A 39 43.64 -56.32 -23.90
N ASN A 40 44.15 -56.40 -25.13
CA ASN A 40 43.28 -56.61 -26.28
C ASN A 40 42.50 -57.91 -26.18
N HIS A 41 43.19 -59.01 -25.85
CA HIS A 41 42.53 -60.32 -25.89
C HIS A 41 41.45 -60.45 -24.83
N GLU A 42 41.74 -60.01 -23.60
CA GLU A 42 40.72 -60.06 -22.55
C GLU A 42 39.56 -59.13 -22.86
N ALA A 43 39.84 -57.91 -23.35
CA ALA A 43 38.79 -56.98 -23.66
C ALA A 43 37.87 -57.48 -24.77
N GLU A 44 38.45 -58.15 -25.78
CA GLU A 44 37.63 -58.71 -26.84
C GLU A 44 36.59 -59.67 -26.28
N ASP A 45 37.02 -60.63 -25.47
CA ASP A 45 36.09 -61.61 -24.92
C ASP A 45 35.04 -60.95 -24.03
N LEU A 46 35.47 -60.05 -23.14
CA LEU A 46 34.51 -59.45 -22.23
C LEU A 46 33.48 -58.60 -22.96
N PHE A 47 33.93 -57.81 -23.94
CA PHE A 47 32.99 -57.00 -24.70
C PHE A 47 32.08 -57.85 -25.55
N TYR A 48 32.59 -58.97 -26.07
CA TYR A 48 31.72 -59.89 -26.80
C TYR A 48 30.63 -60.43 -25.89
N GLN A 49 30.99 -60.81 -24.66
CA GLN A 49 29.99 -61.30 -23.73
C GLN A 49 28.94 -60.23 -23.43
N SER A 50 29.39 -59.00 -23.17
CA SER A 50 28.45 -57.92 -22.86
C SER A 50 27.53 -57.64 -24.04
N SER A 51 28.09 -57.59 -25.25
CA SER A 51 27.27 -57.32 -26.43
C SER A 51 26.27 -58.44 -26.67
N LEU A 52 26.70 -59.69 -26.45
CA LEU A 52 25.77 -60.81 -26.61
C LEU A 52 24.64 -60.73 -25.59
N ALA A 53 24.96 -60.39 -24.34
CA ALA A 53 23.90 -60.23 -23.34
C ALA A 53 22.92 -59.14 -23.72
N SER A 54 23.44 -58.01 -24.21
CA SER A 54 22.57 -56.92 -24.63
C SER A 54 21.70 -57.34 -25.82
N TRP A 55 22.28 -58.06 -26.77
CA TRP A 55 21.50 -58.55 -27.91
C TRP A 55 20.41 -59.49 -27.45
N ASN A 56 20.70 -60.35 -26.47
CA ASN A 56 19.68 -61.23 -25.94
C ASN A 56 18.56 -60.44 -25.26
N TYR A 57 18.93 -59.42 -24.49
CA TYR A 57 17.91 -58.63 -23.81
C TYR A 57 17.04 -57.86 -24.81
N ASN A 58 17.62 -57.50 -25.96
CA ASN A 58 16.82 -56.81 -26.97
C ASN A 58 16.05 -57.78 -27.86
N THR A 59 16.48 -59.04 -27.92
CA THR A 59 15.84 -60.05 -28.76
C THR A 59 14.55 -60.54 -28.10
N ASN A 60 14.68 -61.18 -26.95
CA ASN A 60 13.54 -61.42 -26.08
C ASN A 60 13.39 -60.21 -25.16
N ILE A 61 12.43 -60.27 -24.22
CA ILE A 61 12.37 -59.29 -23.14
C ILE A 61 11.95 -60.03 -21.87
N THR A 62 12.89 -60.20 -20.95
CA THR A 62 12.61 -60.84 -19.66
C THR A 62 13.45 -60.15 -18.59
N GLU A 63 12.94 -60.18 -17.36
CA GLU A 63 13.67 -59.58 -16.24
C GLU A 63 14.96 -60.33 -15.97
N GLU A 64 14.99 -61.64 -16.21
CA GLU A 64 16.23 -62.39 -16.07
C GLU A 64 17.28 -61.86 -17.03
N ASN A 65 16.89 -61.57 -18.27
CA ASN A 65 17.81 -60.96 -19.21
C ASN A 65 18.21 -59.55 -18.77
N VAL A 66 17.32 -58.84 -18.09
CA VAL A 66 17.68 -57.54 -17.53
C VAL A 66 18.81 -57.70 -16.51
N GLN A 67 18.69 -58.70 -15.64
CA GLN A 67 19.74 -58.97 -14.66
C GLN A 67 21.03 -59.38 -15.36
N ASN A 68 20.93 -60.19 -16.40
CA ASN A 68 22.12 -60.60 -17.15
C ASN A 68 22.82 -59.40 -17.76
N MET A 69 22.05 -58.49 -18.37
CA MET A 69 22.61 -57.28 -18.95
C MET A 69 23.29 -56.43 -17.89
N ASN A 70 22.63 -56.28 -16.72
CA ASN A 70 23.23 -55.50 -15.65
C ASN A 70 24.54 -56.12 -15.19
N ASN A 71 24.57 -57.44 -15.03
CA ASN A 71 25.80 -58.10 -14.58
C ASN A 71 26.92 -57.94 -15.60
N ALA A 72 26.61 -58.17 -16.88
CA ALA A 72 27.64 -58.05 -17.91
C ALA A 72 28.16 -56.63 -18.01
N GLY A 73 27.27 -55.64 -17.94
CA GLY A 73 27.69 -54.26 -17.99
C GLY A 73 28.55 -53.87 -16.81
N ASP A 74 28.17 -54.33 -15.60
CA ASP A 74 28.97 -54.02 -14.43
C ASP A 74 30.35 -54.65 -14.52
N LYS A 75 30.43 -55.90 -14.98
CA LYS A 75 31.72 -56.54 -15.14
C LYS A 75 32.59 -55.81 -16.16
N TRP A 76 32.00 -55.42 -17.29
CA TRP A 76 32.75 -54.70 -18.31
C TRP A 76 33.22 -53.35 -17.79
N SER A 77 32.37 -52.64 -17.04
CA SER A 77 32.76 -51.34 -16.50
C SER A 77 33.88 -51.48 -15.49
N ALA A 78 33.79 -52.49 -14.62
CA ALA A 78 34.86 -52.71 -13.64
C ALA A 78 36.17 -53.05 -14.34
N PHE A 79 36.11 -53.89 -15.37
CA PHE A 79 37.32 -54.21 -16.13
C PHE A 79 37.90 -52.95 -16.78
N LEU A 80 37.04 -52.13 -17.36
CA LEU A 80 37.52 -50.91 -18.02
C LEU A 80 38.17 -49.97 -17.03
N LYS A 81 37.56 -49.80 -15.84
CA LYS A 81 38.11 -48.86 -14.87
C LYS A 81 39.42 -49.38 -14.29
N GLU A 82 39.52 -50.68 -14.02
CA GLU A 82 40.78 -51.21 -13.51
C GLU A 82 41.87 -51.12 -14.57
N GLN A 83 41.54 -51.37 -15.84
CA GLN A 83 42.52 -51.21 -16.90
C GLN A 83 42.94 -49.76 -17.04
N SER A 84 42.00 -48.83 -16.84
CA SER A 84 42.35 -47.40 -16.88
C SER A 84 43.32 -47.05 -15.77
N THR A 85 43.08 -47.59 -14.57
CA THR A 85 44.03 -47.38 -13.48
C THR A 85 45.40 -47.96 -13.82
N LEU A 86 45.42 -49.15 -14.43
CA LEU A 86 46.68 -49.78 -14.78
C LEU A 86 47.44 -49.00 -15.85
N ALA A 87 46.73 -48.44 -16.84
CA ALA A 87 47.37 -47.80 -17.98
C ALA A 87 48.16 -46.56 -17.61
N GLN A 88 47.98 -46.01 -16.42
CA GLN A 88 48.70 -44.81 -16.02
C GLN A 88 50.20 -45.07 -15.87
N MET A 89 50.63 -46.33 -15.86
CA MET A 89 52.05 -46.63 -15.70
C MET A 89 52.89 -46.14 -16.87
N TYR A 90 52.26 -45.93 -18.03
CA TYR A 90 53.01 -45.50 -19.20
C TYR A 90 52.60 -44.09 -19.61
N PRO A 91 53.37 -43.08 -19.22
CA PRO A 91 53.02 -41.70 -19.60
C PRO A 91 53.15 -41.48 -21.11
N LEU A 92 52.29 -40.60 -21.61
CA LEU A 92 52.29 -40.28 -23.04
C LEU A 92 53.51 -39.45 -23.44
N GLN A 93 54.19 -38.82 -22.48
CA GLN A 93 55.35 -38.01 -22.79
C GLN A 93 56.47 -38.81 -23.42
N GLU A 94 56.52 -40.11 -23.19
CA GLU A 94 57.56 -40.97 -23.73
C GLU A 94 57.07 -41.89 -24.84
N ILE A 95 55.77 -41.96 -25.09
CA ILE A 95 55.24 -42.82 -26.13
C ILE A 95 55.50 -42.18 -27.48
N GLN A 96 56.09 -42.94 -28.40
CA GLN A 96 56.39 -42.44 -29.73
C GLN A 96 55.49 -43.03 -30.80
N ASN A 97 54.99 -44.24 -30.62
CA ASN A 97 54.09 -44.86 -31.58
C ASN A 97 52.73 -44.16 -31.51
N LEU A 98 52.23 -43.74 -32.67
CA LEU A 98 50.98 -42.98 -32.71
C LEU A 98 49.80 -43.82 -32.24
N THR A 99 49.67 -45.03 -32.81
CA THR A 99 48.55 -45.90 -32.44
C THR A 99 48.60 -46.24 -30.96
N VAL A 100 49.79 -46.57 -30.45
CA VAL A 100 49.94 -46.88 -29.04
C VAL A 100 49.58 -45.67 -28.18
N LYS A 101 50.04 -44.49 -28.59
CA LYS A 101 49.77 -43.29 -27.81
C LYS A 101 48.27 -43.02 -27.73
N LEU A 102 47.56 -43.13 -28.85
CA LEU A 102 46.14 -42.83 -28.82
C LEU A 102 45.34 -43.91 -28.10
N GLN A 103 45.75 -45.18 -28.22
CA GLN A 103 45.07 -46.23 -27.46
C GLN A 103 45.26 -46.02 -25.96
N LEU A 104 46.47 -45.64 -25.56
CA LEU A 104 46.71 -45.33 -24.16
C LEU A 104 45.88 -44.13 -23.72
N GLN A 105 45.72 -43.14 -24.59
CA GLN A 105 44.85 -42.01 -24.27
C GLN A 105 43.42 -42.47 -24.05
N ALA A 106 42.92 -43.35 -24.92
CA ALA A 106 41.57 -43.85 -24.78
C ALA A 106 41.40 -44.63 -23.47
N LEU A 107 42.41 -45.41 -23.10
CA LEU A 107 42.33 -46.20 -21.87
C LEU A 107 42.84 -45.46 -20.65
N GLN A 108 43.21 -44.19 -20.77
CA GLN A 108 43.77 -43.44 -19.65
C GLN A 108 42.87 -42.35 -19.13
N GLN A 109 41.83 -41.97 -19.88
CA GLN A 109 40.92 -40.92 -19.43
C GLN A 109 40.23 -41.34 -18.14
N ASN A 110 40.25 -40.46 -17.14
CA ASN A 110 39.67 -40.78 -15.85
C ASN A 110 38.14 -40.73 -15.89
N GLY A 111 37.58 -39.71 -16.54
CA GLY A 111 36.15 -39.52 -16.51
C GLY A 111 35.69 -39.05 -15.14
N SER A 112 34.54 -39.54 -14.69
CA SER A 112 33.99 -39.14 -13.40
C SER A 112 34.79 -39.68 -12.22
N SER A 113 35.72 -40.60 -12.45
CA SER A 113 36.49 -41.20 -11.35
C SER A 113 37.39 -40.20 -10.64
N VAL A 114 37.63 -39.02 -11.23
CA VAL A 114 38.54 -38.06 -10.63
C VAL A 114 37.90 -37.27 -9.50
N LEU A 115 36.57 -37.28 -9.39
CA LEU A 115 35.90 -36.55 -8.34
C LEU A 115 35.99 -37.33 -7.02
N SER A 116 35.61 -36.68 -5.93
CA SER A 116 35.50 -37.36 -4.66
C SER A 116 34.28 -38.27 -4.65
N GLU A 117 34.21 -39.15 -3.65
CA GLU A 117 33.11 -40.11 -3.59
C GLU A 117 31.77 -39.39 -3.44
N ASP A 118 31.68 -38.42 -2.53
CA ASP A 118 30.43 -37.70 -2.32
C ASP A 118 30.01 -36.95 -3.58
N LYS A 119 30.95 -36.26 -4.22
CA LYS A 119 30.63 -35.50 -5.43
C LYS A 119 30.22 -36.43 -6.56
N SER A 120 30.91 -37.57 -6.71
CA SER A 120 30.53 -38.52 -7.75
C SER A 120 29.13 -39.06 -7.53
N LYS A 121 28.81 -39.42 -6.27
CA LYS A 121 27.48 -39.94 -5.98
C LYS A 121 26.41 -38.87 -6.22
N ARG A 122 26.69 -37.63 -5.84
CA ARG A 122 25.75 -36.55 -6.08
C ARG A 122 25.53 -36.34 -7.58
N LEU A 123 26.61 -36.42 -8.37
CA LEU A 123 26.49 -36.27 -9.80
C LEU A 123 25.64 -37.37 -10.41
N ASN A 124 25.88 -38.62 -10.00
CA ASN A 124 25.06 -39.71 -10.53
C ASN A 124 23.60 -39.53 -10.13
N THR A 125 23.35 -39.10 -8.90
CA THR A 125 21.99 -38.89 -8.43
C THR A 125 21.28 -37.82 -9.25
N ILE A 126 21.94 -36.69 -9.50
CA ILE A 126 21.29 -35.62 -10.23
C ILE A 126 21.07 -36.01 -11.69
N LEU A 127 22.03 -36.72 -12.29
CA LEU A 127 21.83 -37.21 -13.65
C LEU A 127 20.61 -38.11 -13.73
N ASN A 128 20.51 -39.06 -12.80
CA ASN A 128 19.38 -39.99 -12.81
C ASN A 128 18.07 -39.27 -12.56
N THR A 129 18.07 -38.29 -11.64
CA THR A 129 16.86 -37.56 -11.35
C THR A 129 16.39 -36.75 -12.54
N MET A 130 17.30 -36.08 -13.24
CA MET A 130 16.92 -35.34 -14.44
C MET A 130 16.38 -36.28 -15.50
N SER A 131 17.02 -37.44 -15.68
CA SER A 131 16.55 -38.39 -16.67
C SER A 131 15.13 -38.85 -16.36
N THR A 132 14.85 -39.18 -15.10
CA THR A 132 13.51 -39.64 -14.76
C THR A 132 12.49 -38.53 -14.86
N ILE A 133 12.87 -37.30 -14.48
CA ILE A 133 11.96 -36.18 -14.60
C ILE A 133 11.57 -35.95 -16.04
N TYR A 134 12.55 -35.98 -16.95
CA TYR A 134 12.23 -35.86 -18.37
C TYR A 134 11.36 -37.01 -18.84
N SER A 135 11.65 -38.23 -18.38
CA SER A 135 10.97 -39.40 -18.90
C SER A 135 9.52 -39.45 -18.46
N THR A 136 9.22 -39.09 -17.21
CA THR A 136 7.90 -39.29 -16.64
C THR A 136 7.17 -37.99 -16.33
N GLY A 137 7.62 -36.86 -16.86
CA GLY A 137 6.92 -35.62 -16.67
C GLY A 137 5.51 -35.66 -17.21
N LYS A 138 4.55 -35.11 -16.47
CA LYS A 138 3.17 -35.06 -16.89
C LYS A 138 2.65 -33.63 -16.86
N VAL A 139 1.87 -33.26 -17.86
CA VAL A 139 1.15 -32.01 -17.88
C VAL A 139 -0.32 -32.33 -18.08
N CYS A 140 -1.19 -31.56 -17.43
CA CYS A 140 -2.61 -31.88 -17.43
C CYS A 140 -3.41 -30.67 -17.88
N ASN A 141 -4.49 -30.94 -18.60
CA ASN A 141 -5.37 -29.87 -19.04
C ASN A 141 -6.02 -29.22 -17.82
N PRO A 142 -5.99 -27.89 -17.72
CA PRO A 142 -6.59 -27.23 -16.54
C PRO A 142 -8.08 -27.50 -16.39
N ASP A 143 -8.77 -27.91 -17.45
CA ASP A 143 -10.20 -28.20 -17.35
C ASP A 143 -10.46 -29.55 -16.70
N ASN A 144 -9.76 -30.59 -17.17
CA ASN A 144 -9.90 -31.91 -16.57
C ASN A 144 -8.57 -32.33 -15.96
N PRO A 145 -8.18 -31.78 -14.81
CA PRO A 145 -6.88 -32.13 -14.22
C PRO A 145 -6.72 -33.60 -13.92
N GLN A 146 -7.78 -34.39 -14.10
CA GLN A 146 -7.70 -35.83 -13.94
C GLN A 146 -7.08 -36.52 -15.15
N GLU A 147 -7.12 -35.90 -16.32
CA GLU A 147 -6.45 -36.44 -17.51
C GLU A 147 -5.11 -35.72 -17.65
N CYS A 148 -4.05 -36.50 -17.82
CA CYS A 148 -2.72 -35.93 -17.91
C CYS A 148 -1.97 -36.63 -19.03
N LEU A 149 -1.04 -35.92 -19.64
CA LEU A 149 -0.32 -36.41 -20.81
C LEU A 149 1.17 -36.48 -20.51
N LEU A 150 1.79 -37.57 -20.95
CA LEU A 150 3.24 -37.72 -20.88
C LEU A 150 3.85 -36.88 -22.00
N LEU A 151 5.14 -37.07 -22.25
CA LEU A 151 5.76 -36.41 -23.39
C LEU A 151 5.69 -37.25 -24.65
N GLU A 152 6.17 -38.50 -24.58
CA GLU A 152 6.34 -39.29 -25.80
C GLU A 152 5.03 -39.56 -26.52
N PRO A 153 3.97 -40.04 -25.88
CA PRO A 153 2.67 -40.05 -26.55
C PRO A 153 1.87 -38.81 -26.22
N GLY A 154 0.88 -38.53 -27.06
CA GLY A 154 -0.03 -37.44 -26.79
C GLY A 154 0.57 -36.07 -27.01
N LEU A 155 1.52 -35.67 -26.17
CA LEU A 155 2.10 -34.33 -26.26
C LEU A 155 2.82 -34.14 -27.58
N ASN A 156 3.59 -35.15 -28.02
CA ASN A 156 4.20 -35.07 -29.33
C ASN A 156 3.14 -35.04 -30.43
N GLU A 157 2.08 -35.83 -30.28
CA GLU A 157 0.99 -35.78 -31.25
C GLU A 157 0.33 -34.41 -31.26
N ILE A 158 0.11 -33.84 -30.09
CA ILE A 158 -0.49 -32.50 -30.01
C ILE A 158 0.39 -31.50 -30.74
N MET A 159 1.70 -31.55 -30.50
CA MET A 159 2.61 -30.58 -31.10
C MET A 159 2.85 -30.81 -32.58
N ALA A 160 2.66 -32.04 -33.08
CA ALA A 160 2.94 -32.34 -34.47
C ALA A 160 1.70 -32.45 -35.34
N ASN A 161 0.49 -32.36 -34.78
CA ASN A 161 -0.71 -32.49 -35.58
C ASN A 161 -1.70 -31.36 -35.41
N SER A 162 -1.85 -30.80 -34.21
CA SER A 162 -2.88 -29.79 -33.98
C SER A 162 -2.59 -28.53 -34.79
N LEU A 163 -3.67 -27.87 -35.21
CA LEU A 163 -3.58 -26.58 -35.87
C LEU A 163 -4.18 -25.47 -35.02
N ASP A 164 -4.51 -25.75 -33.76
CA ASP A 164 -5.05 -24.75 -32.85
C ASP A 164 -3.89 -24.01 -32.20
N TYR A 165 -3.81 -22.70 -32.46
CA TYR A 165 -2.80 -21.89 -31.79
C TYR A 165 -2.92 -22.02 -30.28
N ASN A 166 -4.15 -21.99 -29.77
CA ASN A 166 -4.36 -22.06 -28.33
C ASN A 166 -3.89 -23.39 -27.76
N GLU A 167 -4.24 -24.49 -28.41
CA GLU A 167 -3.89 -25.80 -27.89
C GLU A 167 -2.38 -26.03 -27.91
N ARG A 168 -1.73 -25.67 -29.02
CA ARG A 168 -0.28 -25.83 -29.11
C ARG A 168 0.42 -24.93 -28.11
N LEU A 169 -0.06 -23.71 -27.93
CA LEU A 169 0.53 -22.82 -26.92
C LEU A 169 0.39 -23.43 -25.54
N TRP A 170 -0.78 -23.98 -25.22
CA TRP A 170 -0.94 -24.63 -23.92
C TRP A 170 0.05 -25.75 -23.74
N ALA A 171 0.19 -26.62 -24.75
CA ALA A 171 1.10 -27.74 -24.63
C ALA A 171 2.52 -27.26 -24.40
N TRP A 172 2.97 -26.30 -25.21
CA TRP A 172 4.34 -25.80 -25.11
C TRP A 172 4.61 -25.19 -23.73
N GLU A 173 3.75 -24.27 -23.31
CA GLU A 173 3.98 -23.59 -22.04
C GLU A 173 3.86 -24.54 -20.87
N SER A 174 2.89 -25.47 -20.90
CA SER A 174 2.76 -26.41 -19.80
C SER A 174 3.98 -27.30 -19.69
N TRP A 175 4.50 -27.79 -20.82
CA TRP A 175 5.69 -28.64 -20.72
C TRP A 175 6.87 -27.84 -20.20
N ARG A 176 6.98 -26.58 -20.58
CA ARG A 176 8.15 -25.82 -20.12
C ARG A 176 7.98 -25.23 -18.73
N SER A 177 6.79 -25.23 -18.16
CA SER A 177 6.60 -24.74 -16.80
C SER A 177 6.36 -25.86 -15.79
N GLU A 178 6.19 -27.10 -16.24
CA GLU A 178 6.04 -28.23 -15.34
C GLU A 178 7.26 -29.13 -15.27
N VAL A 179 8.18 -29.03 -16.23
CA VAL A 179 9.36 -29.87 -16.24
C VAL A 179 10.61 -29.00 -16.32
N GLY A 180 10.47 -27.79 -16.86
CA GLY A 180 11.59 -26.87 -16.84
C GLY A 180 11.96 -26.45 -15.43
N LYS A 181 10.96 -26.01 -14.66
CA LYS A 181 11.22 -25.51 -13.33
C LYS A 181 11.74 -26.60 -12.41
N GLN A 182 11.32 -27.84 -12.64
CA GLN A 182 11.87 -28.95 -11.86
C GLN A 182 13.32 -29.23 -12.23
N LEU A 183 13.73 -28.84 -13.43
CA LEU A 183 15.07 -29.14 -13.92
C LEU A 183 16.06 -28.00 -13.72
N ARG A 184 15.59 -26.81 -13.35
CA ARG A 184 16.52 -25.70 -13.15
C ARG A 184 17.57 -25.99 -12.08
N PRO A 185 17.22 -26.21 -10.80
CA PRO A 185 18.28 -26.36 -9.79
C PRO A 185 19.17 -27.57 -10.01
N LEU A 186 18.58 -28.67 -10.45
CA LEU A 186 19.38 -29.84 -10.78
C LEU A 186 20.39 -29.52 -11.85
N TYR A 187 19.98 -28.74 -12.86
CA TYR A 187 20.90 -28.39 -13.92
C TYR A 187 22.01 -27.47 -13.42
N GLU A 188 21.70 -26.56 -12.50
CA GLU A 188 22.77 -25.71 -11.94
C GLU A 188 23.82 -26.56 -11.22
N GLU A 189 23.37 -27.47 -10.36
CA GLU A 189 24.30 -28.35 -9.67
C GLU A 189 25.08 -29.20 -10.67
N TYR A 190 24.40 -29.66 -11.72
CA TYR A 190 25.03 -30.48 -12.75
C TYR A 190 26.13 -29.72 -13.46
N VAL A 191 25.88 -28.45 -13.80
CA VAL A 191 26.91 -27.63 -14.43
C VAL A 191 28.10 -27.48 -13.52
N VAL A 192 27.87 -27.17 -12.24
CA VAL A 192 28.99 -26.96 -11.32
C VAL A 192 29.83 -28.24 -11.20
N LEU A 193 29.17 -29.38 -11.01
CA LEU A 193 29.89 -30.63 -10.80
C LEU A 193 30.64 -31.06 -12.06
N LYS A 194 30.01 -30.94 -13.22
CA LYS A 194 30.69 -31.32 -14.46
C LYS A 194 31.87 -30.41 -14.74
N ASN A 195 31.75 -29.12 -14.47
CA ASN A 195 32.90 -28.23 -14.63
C ASN A 195 34.03 -28.62 -13.70
N GLU A 196 33.72 -28.97 -12.45
CA GLU A 196 34.75 -29.41 -11.54
C GLU A 196 35.43 -30.68 -12.05
N MET A 197 34.63 -31.63 -12.56
CA MET A 197 35.20 -32.87 -13.09
C MET A 197 36.13 -32.58 -14.25
N ALA A 198 35.72 -31.71 -15.17
CA ALA A 198 36.56 -31.41 -16.32
C ALA A 198 37.84 -30.70 -15.90
N ARG A 199 37.74 -29.74 -14.99
CA ARG A 199 38.93 -29.02 -14.55
C ARG A 199 39.90 -29.94 -13.83
N ALA A 200 39.39 -30.88 -13.04
CA ALA A 200 40.27 -31.86 -12.42
C ALA A 200 40.95 -32.75 -13.46
N ASN A 201 40.42 -32.80 -14.69
CA ASN A 201 41.04 -33.54 -15.78
C ASN A 201 41.80 -32.63 -16.72
N HIS A 202 42.21 -31.46 -16.25
CA HIS A 202 43.08 -30.54 -17.00
C HIS A 202 42.40 -29.98 -18.24
N TYR A 203 41.06 -29.89 -18.22
CA TYR A 203 40.31 -29.15 -19.22
C TYR A 203 39.81 -27.86 -18.60
N GLU A 204 39.75 -26.79 -19.41
CA GLU A 204 39.37 -25.49 -18.85
C GLU A 204 37.93 -25.49 -18.36
N ASP A 205 37.06 -26.24 -19.03
CA ASP A 205 35.68 -26.41 -18.57
C ASP A 205 35.11 -27.68 -19.19
N TYR A 206 33.85 -27.95 -18.88
CA TYR A 206 33.20 -29.15 -19.41
C TYR A 206 33.04 -29.08 -20.92
N GLY A 207 32.68 -27.90 -21.44
CA GLY A 207 32.54 -27.75 -22.89
C GLY A 207 33.82 -28.06 -23.62
N ASP A 208 34.96 -27.71 -23.05
CA ASP A 208 36.24 -28.09 -23.64
C ASP A 208 36.39 -29.60 -23.67
N TYR A 209 35.97 -30.28 -22.59
CA TYR A 209 36.00 -31.74 -22.59
C TYR A 209 35.15 -32.30 -23.73
N TRP A 210 33.96 -31.75 -23.92
CA TRP A 210 33.10 -32.22 -25.01
C TRP A 210 33.76 -31.99 -26.35
N ARG A 211 34.32 -30.80 -26.57
CA ARG A 211 34.98 -30.52 -27.84
C ARG A 211 36.22 -31.37 -28.04
N GLY A 212 36.77 -31.94 -26.97
CA GLY A 212 37.96 -32.75 -27.08
C GLY A 212 37.84 -33.94 -28.01
N ASP A 213 36.62 -34.31 -28.40
CA ASP A 213 36.45 -35.44 -29.31
C ASP A 213 37.06 -35.16 -30.67
N TYR A 214 37.17 -33.91 -31.08
CA TYR A 214 37.75 -33.55 -32.37
C TYR A 214 39.23 -33.23 -32.28
N GLU A 215 39.82 -33.31 -31.08
CA GLU A 215 41.20 -32.92 -30.90
C GLU A 215 42.14 -33.86 -31.63
N VAL A 216 43.15 -33.30 -32.28
CA VAL A 216 44.20 -34.05 -32.96
C VAL A 216 45.53 -33.38 -32.66
N ASN A 217 46.53 -34.18 -32.28
CA ASN A 217 47.83 -33.65 -31.87
C ASN A 217 48.96 -34.46 -32.48
N GLY A 218 50.10 -33.80 -32.68
CA GLY A 218 51.32 -34.45 -33.08
C GLY A 218 51.30 -35.13 -34.44
N VAL A 219 50.77 -34.46 -35.46
CA VAL A 219 50.75 -35.00 -36.82
C VAL A 219 51.37 -34.06 -37.84
N ASP A 220 51.82 -32.86 -37.43
CA ASP A 220 52.50 -31.92 -38.31
C ASP A 220 51.64 -31.54 -39.51
N GLY A 221 50.55 -30.85 -39.20
CA GLY A 221 49.69 -30.30 -40.24
C GLY A 221 48.24 -30.67 -40.06
N TYR A 222 48.00 -31.89 -39.56
CA TYR A 222 46.66 -32.37 -39.31
C TYR A 222 46.16 -32.00 -37.92
N ASP A 223 46.99 -31.36 -37.11
CA ASP A 223 46.60 -31.00 -35.76
C ASP A 223 45.36 -30.13 -35.78
N TYR A 224 44.40 -30.46 -34.91
CA TYR A 224 43.14 -29.73 -34.82
C TYR A 224 42.87 -29.44 -33.36
N SER A 225 43.14 -28.21 -32.94
CA SER A 225 42.94 -27.84 -31.55
C SER A 225 41.46 -27.84 -31.21
N ARG A 226 41.18 -28.00 -29.91
CA ARG A 226 39.80 -27.98 -29.46
C ARG A 226 39.17 -26.62 -29.74
N GLY A 227 39.82 -25.55 -29.31
CA GLY A 227 39.27 -24.22 -29.50
C GLY A 227 39.03 -23.83 -30.94
N GLN A 228 39.69 -24.51 -31.88
CA GLN A 228 39.43 -24.26 -33.29
C GLN A 228 38.04 -24.69 -33.72
N LEU A 229 37.50 -25.76 -33.14
CA LEU A 229 36.21 -26.27 -33.58
C LEU A 229 35.16 -25.17 -33.56
N ILE A 230 35.09 -24.44 -32.44
CA ILE A 230 34.16 -23.31 -32.33
C ILE A 230 34.24 -22.44 -33.58
N GLU A 231 35.46 -21.99 -33.90
CA GLU A 231 35.61 -21.14 -35.09
C GLU A 231 35.14 -21.86 -36.34
N ASP A 232 35.59 -23.10 -36.55
CA ASP A 232 35.18 -23.84 -37.74
C ASP A 232 33.69 -24.00 -37.81
N VAL A 233 32.99 -23.92 -36.68
CA VAL A 233 31.54 -23.89 -36.71
C VAL A 233 31.06 -22.51 -37.13
N GLU A 234 31.44 -21.48 -36.38
CA GLU A 234 30.86 -20.15 -36.61
C GLU A 234 31.07 -19.68 -38.04
N HIS A 235 32.31 -19.73 -38.52
CA HIS A 235 32.59 -19.38 -39.90
C HIS A 235 31.68 -20.14 -40.84
N THR A 236 31.60 -21.46 -40.68
CA THR A 236 30.74 -22.26 -41.54
C THR A 236 29.30 -21.78 -41.46
N PHE A 237 28.82 -21.50 -40.25
CA PHE A 237 27.44 -21.07 -40.11
C PHE A 237 27.20 -19.77 -40.85
N GLU A 238 28.21 -18.90 -40.93
CA GLU A 238 28.03 -17.63 -41.60
C GLU A 238 27.67 -17.81 -43.08
N GLU A 239 27.96 -18.98 -43.63
CA GLU A 239 27.63 -19.24 -45.02
C GLU A 239 26.28 -19.93 -45.20
N ILE A 240 25.70 -20.47 -44.12
CA ILE A 240 24.36 -21.03 -44.22
C ILE A 240 23.29 -19.97 -44.02
N LYS A 241 23.61 -18.88 -43.32
CA LYS A 241 22.62 -17.84 -43.05
C LYS A 241 21.91 -17.32 -44.29
N PRO A 242 22.58 -17.08 -45.43
CA PRO A 242 21.82 -16.65 -46.62
C PRO A 242 20.72 -17.60 -47.04
N LEU A 243 20.95 -18.91 -46.98
CA LEU A 243 19.88 -19.85 -47.33
C LEU A 243 18.79 -19.85 -46.28
N TYR A 244 19.16 -20.13 -45.02
CA TYR A 244 18.17 -20.29 -43.96
C TYR A 244 17.22 -19.10 -43.92
N GLU A 245 17.77 -17.88 -43.95
CA GLU A 245 16.95 -16.68 -43.97
C GLU A 245 15.79 -16.81 -44.95
N HIS A 246 16.10 -17.04 -46.22
CA HIS A 246 15.04 -17.15 -47.22
C HIS A 246 14.04 -18.23 -46.82
N LEU A 247 14.54 -19.41 -46.46
CA LEU A 247 13.64 -20.47 -46.01
C LEU A 247 12.75 -19.95 -44.89
N HIS A 248 13.35 -19.33 -43.87
CA HIS A 248 12.58 -18.73 -42.80
C HIS A 248 11.45 -17.88 -43.36
N ALA A 249 11.80 -16.88 -44.17
CA ALA A 249 10.79 -16.00 -44.72
C ALA A 249 9.69 -16.80 -45.40
N TYR A 250 10.08 -17.74 -46.28
CA TYR A 250 9.09 -18.53 -46.98
C TYR A 250 8.15 -19.20 -45.99
N VAL A 251 8.72 -19.91 -45.01
CA VAL A 251 7.88 -20.61 -44.04
C VAL A 251 6.97 -19.62 -43.34
N ARG A 252 7.52 -18.47 -42.94
CA ARG A 252 6.70 -17.47 -42.27
C ARG A 252 5.55 -17.05 -43.18
N ALA A 253 5.85 -16.78 -44.45
CA ALA A 253 4.79 -16.39 -45.37
C ALA A 253 3.75 -17.47 -45.50
N LYS A 254 4.18 -18.74 -45.46
CA LYS A 254 3.22 -19.83 -45.55
C LYS A 254 2.49 -20.05 -44.24
N LEU A 255 3.09 -19.66 -43.11
CA LEU A 255 2.43 -19.90 -41.83
C LEU A 255 1.40 -18.83 -41.51
N MET A 256 1.45 -17.66 -42.13
CA MET A 256 0.43 -16.65 -41.91
C MET A 256 -0.93 -17.08 -42.43
N ASN A 257 -0.97 -17.90 -43.48
CA ASN A 257 -2.24 -18.40 -44.00
C ASN A 257 -2.87 -19.46 -43.11
N ALA A 258 -2.11 -20.07 -42.20
CA ALA A 258 -2.63 -21.09 -41.31
C ALA A 258 -2.92 -20.57 -39.91
N TYR A 259 -2.19 -19.57 -39.46
CA TYR A 259 -2.43 -18.93 -38.16
C TYR A 259 -2.50 -17.43 -38.40
N PRO A 260 -3.57 -16.93 -39.03
CA PRO A 260 -3.67 -15.51 -39.30
C PRO A 260 -3.73 -14.69 -38.03
N SER A 261 -3.23 -13.46 -38.12
CA SER A 261 -3.22 -12.47 -37.03
C SER A 261 -2.32 -12.87 -35.87
N TYR A 262 -1.58 -13.97 -35.98
CA TYR A 262 -0.67 -14.40 -34.94
C TYR A 262 0.80 -14.26 -35.32
N ILE A 263 1.11 -14.20 -36.60
CA ILE A 263 2.49 -14.13 -37.08
C ILE A 263 2.67 -12.82 -37.82
N SER A 264 3.72 -12.08 -37.45
CA SER A 264 3.92 -10.82 -38.13
C SER A 264 4.93 -10.99 -39.27
N PRO A 265 4.65 -10.40 -40.42
CA PRO A 265 5.58 -10.57 -41.56
C PRO A 265 6.92 -9.89 -41.36
N ILE A 266 7.06 -9.05 -40.34
CA ILE A 266 8.32 -8.37 -40.07
C ILE A 266 9.14 -9.08 -39.00
N GLY A 267 8.52 -9.95 -38.20
CA GLY A 267 9.21 -10.50 -37.05
C GLY A 267 9.55 -11.97 -37.15
N CYS A 268 9.82 -12.58 -36.00
CA CYS A 268 10.24 -13.98 -35.92
C CYS A 268 9.02 -14.90 -35.86
N LEU A 269 9.27 -16.20 -35.90
CA LEU A 269 8.19 -17.15 -35.74
C LEU A 269 7.97 -17.44 -34.27
N PRO A 270 6.73 -17.64 -33.84
CA PRO A 270 6.48 -18.11 -32.48
C PRO A 270 7.03 -19.51 -32.31
N ALA A 271 7.45 -19.82 -31.08
CA ALA A 271 8.20 -21.05 -30.85
C ALA A 271 7.32 -22.29 -31.02
N HIS A 272 6.04 -22.21 -30.70
CA HIS A 272 5.17 -23.37 -30.63
C HIS A 272 4.53 -23.73 -31.96
N LEU A 273 4.79 -22.95 -33.02
CA LEU A 273 4.17 -23.18 -34.31
C LEU A 273 5.10 -23.91 -35.27
N LEU A 274 6.19 -24.49 -34.76
CA LEU A 274 7.24 -25.06 -35.60
C LEU A 274 7.09 -26.57 -35.78
N GLY A 275 5.89 -27.10 -35.63
CA GLY A 275 5.66 -28.50 -35.92
C GLY A 275 6.37 -29.48 -35.02
N ASP A 276 7.03 -29.01 -33.97
CA ASP A 276 7.70 -29.88 -33.01
C ASP A 276 7.75 -29.19 -31.66
N MET A 277 7.98 -29.97 -30.62
CA MET A 277 7.91 -29.43 -29.26
C MET A 277 8.94 -28.33 -29.06
N TRP A 278 10.17 -28.54 -29.52
CA TRP A 278 11.23 -27.56 -29.35
C TRP A 278 11.55 -26.79 -30.61
N GLY A 279 10.99 -27.19 -31.74
CA GLY A 279 11.38 -26.60 -32.99
C GLY A 279 12.68 -27.14 -33.55
N ARG A 280 13.15 -28.27 -33.04
CA ARG A 280 14.42 -28.82 -33.50
C ARG A 280 14.35 -29.19 -34.97
N PHE A 281 13.25 -29.81 -35.39
CA PHE A 281 13.02 -30.12 -36.80
C PHE A 281 11.78 -29.38 -37.27
N TRP A 282 11.74 -29.08 -38.57
CA TRP A 282 10.58 -28.47 -39.18
C TRP A 282 9.84 -29.44 -40.11
N THR A 283 10.07 -30.74 -39.94
CA THR A 283 9.48 -31.72 -40.84
C THR A 283 7.96 -31.67 -40.80
N ASN A 284 7.38 -31.67 -39.60
CA ASN A 284 5.93 -31.69 -39.48
C ASN A 284 5.27 -30.43 -39.99
N LEU A 285 6.03 -29.37 -40.23
CA LEU A 285 5.49 -28.18 -40.86
C LEU A 285 5.20 -28.37 -42.34
N TYR A 286 5.64 -29.49 -42.91
CA TYR A 286 5.64 -29.64 -44.36
C TYR A 286 4.24 -29.52 -44.94
N SER A 287 3.24 -30.11 -44.28
CA SER A 287 1.88 -30.06 -44.80
C SER A 287 1.36 -28.63 -44.91
N LEU A 288 1.86 -27.72 -44.09
CA LEU A 288 1.44 -26.33 -44.15
C LEU A 288 2.31 -25.49 -45.07
N THR A 289 3.35 -26.09 -45.67
CA THR A 289 4.32 -25.32 -46.44
C THR A 289 4.72 -25.99 -47.75
N VAL A 290 3.94 -26.96 -48.22
CA VAL A 290 4.31 -27.65 -49.47
C VAL A 290 4.24 -26.67 -50.62
N PRO A 291 5.26 -26.60 -51.48
CA PRO A 291 5.23 -25.64 -52.59
C PRO A 291 4.10 -25.89 -53.59
N PHE A 292 4.03 -27.10 -54.14
CA PHE A 292 3.03 -27.46 -55.14
C PHE A 292 2.28 -28.69 -54.62
N GLY A 293 1.18 -28.44 -53.90
CA GLY A 293 0.43 -29.55 -53.33
C GLY A 293 -0.21 -30.44 -54.37
N GLN A 294 -0.60 -29.88 -55.51
CA GLN A 294 -1.30 -30.65 -56.53
C GLN A 294 -0.46 -31.78 -57.10
N LYS A 295 0.86 -31.67 -57.03
CA LYS A 295 1.74 -32.73 -57.51
C LYS A 295 2.05 -33.68 -56.37
N PRO A 296 1.73 -34.97 -56.50
CA PRO A 296 2.00 -35.90 -55.41
C PRO A 296 3.49 -36.18 -55.24
N ASN A 297 3.84 -36.63 -54.05
CA ASN A 297 5.23 -37.01 -53.77
C ASN A 297 5.48 -38.44 -54.25
N ILE A 298 6.74 -38.71 -54.57
CA ILE A 298 7.11 -40.03 -55.06
C ILE A 298 6.95 -41.05 -53.95
N ASP A 299 5.99 -41.96 -54.11
CA ASP A 299 5.74 -43.02 -53.14
C ASP A 299 5.70 -44.34 -53.89
N VAL A 300 6.49 -45.31 -53.44
CA VAL A 300 6.61 -46.59 -54.13
C VAL A 300 6.21 -47.73 -53.21
N THR A 301 5.68 -47.38 -52.02
CA THR A 301 5.27 -48.41 -51.07
C THR A 301 4.17 -49.30 -51.67
N ASP A 302 3.22 -48.70 -52.37
CA ASP A 302 2.17 -49.47 -53.02
C ASP A 302 2.74 -50.39 -54.07
N ALA A 303 3.76 -49.92 -54.80
CA ALA A 303 4.43 -50.77 -55.78
C ALA A 303 5.12 -51.94 -55.08
N MET A 304 5.72 -51.69 -53.92
CA MET A 304 6.33 -52.78 -53.14
C MET A 304 5.28 -53.80 -52.73
N VAL A 305 4.10 -53.33 -52.31
CA VAL A 305 3.03 -54.23 -51.91
C VAL A 305 2.56 -55.06 -53.10
N ASP A 306 2.40 -54.43 -54.26
CA ASP A 306 1.94 -55.15 -55.44
C ASP A 306 2.94 -56.22 -55.85
N GLN A 307 4.23 -55.92 -55.79
CA GLN A 307 5.28 -56.88 -56.11
C GLN A 307 5.60 -57.81 -54.95
N ALA A 308 4.86 -57.71 -53.84
CA ALA A 308 5.01 -58.56 -52.67
C ALA A 308 6.44 -58.48 -52.12
N TRP A 309 6.79 -57.28 -51.66
CA TRP A 309 8.11 -57.04 -51.06
C TRP A 309 8.01 -57.24 -49.55
N ASP A 310 8.31 -58.46 -49.12
CA ASP A 310 8.36 -58.76 -47.69
C ASP A 310 9.59 -58.11 -47.08
N ALA A 311 9.70 -58.19 -45.76
CA ALA A 311 10.88 -57.66 -45.08
C ALA A 311 12.03 -58.66 -45.10
N GLN A 312 12.34 -59.18 -46.28
CA GLN A 312 13.45 -60.11 -46.47
C GLN A 312 14.21 -59.76 -47.74
N ARG A 313 13.49 -59.22 -48.74
CA ARG A 313 14.10 -58.90 -50.01
C ARG A 313 14.59 -57.46 -50.09
N ILE A 314 14.06 -56.57 -49.25
CA ILE A 314 14.57 -55.20 -49.24
C ILE A 314 16.01 -55.17 -48.78
N PHE A 315 16.35 -56.00 -47.78
CA PHE A 315 17.73 -56.12 -47.37
C PHE A 315 18.60 -56.70 -48.48
N LYS A 316 18.05 -57.63 -49.26
CA LYS A 316 18.78 -58.15 -50.41
C LYS A 316 19.05 -57.05 -51.42
N GLU A 317 18.06 -56.20 -51.68
CA GLU A 317 18.25 -55.08 -52.61
C GLU A 317 19.29 -54.11 -52.10
N ALA A 318 19.26 -53.82 -50.79
CA ALA A 318 20.26 -52.93 -50.22
C ALA A 318 21.66 -53.54 -50.30
N GLU A 319 21.76 -54.85 -50.09
CA GLU A 319 23.04 -55.53 -50.26
C GLU A 319 23.53 -55.44 -51.70
N LYS A 320 22.63 -55.61 -52.66
CA LYS A 320 23.00 -55.45 -54.06
C LYS A 320 23.50 -54.03 -54.33
N PHE A 321 22.82 -53.04 -53.76
CA PHE A 321 23.24 -51.65 -53.92
C PHE A 321 24.64 -51.44 -53.36
N PHE A 322 24.91 -51.98 -52.18
CA PHE A 322 26.23 -51.81 -51.57
C PHE A 322 27.30 -52.50 -52.40
N VAL A 323 27.03 -53.71 -52.88
CA VAL A 323 28.01 -54.41 -53.72
C VAL A 323 28.23 -53.70 -55.05
N SER A 324 27.20 -53.03 -55.58
CA SER A 324 27.32 -52.36 -56.87
C SER A 324 28.44 -51.33 -56.89
N VAL A 325 28.81 -50.77 -55.74
CA VAL A 325 29.91 -49.83 -55.67
C VAL A 325 31.22 -50.50 -55.27
N GLY A 326 31.20 -51.81 -55.06
CA GLY A 326 32.39 -52.56 -54.70
C GLY A 326 32.50 -52.94 -53.24
N LEU A 327 31.52 -52.60 -52.42
CA LEU A 327 31.58 -52.97 -51.02
C LEU A 327 31.35 -54.48 -50.86
N PRO A 328 31.93 -55.09 -49.83
CA PRO A 328 31.87 -56.54 -49.69
C PRO A 328 30.47 -57.03 -49.34
N ASN A 329 30.28 -58.34 -49.51
CA ASN A 329 29.01 -58.98 -49.23
C ASN A 329 28.75 -59.07 -47.73
N MET A 330 27.53 -59.44 -47.38
CA MET A 330 27.17 -59.67 -45.99
C MET A 330 27.75 -61.00 -45.51
N THR A 331 27.92 -61.10 -44.18
CA THR A 331 28.42 -62.33 -43.59
C THR A 331 27.34 -63.41 -43.61
N GLN A 332 27.77 -64.66 -43.54
CA GLN A 332 26.84 -65.79 -43.60
C GLN A 332 25.89 -65.77 -42.42
N GLY A 333 26.42 -65.56 -41.21
CA GLY A 333 25.58 -65.54 -40.03
C GLY A 333 24.76 -64.27 -39.86
N PHE A 334 25.02 -63.26 -40.69
CA PHE A 334 24.28 -62.00 -40.60
C PHE A 334 22.79 -62.22 -40.82
N TRP A 335 22.43 -62.91 -41.91
CA TRP A 335 21.02 -63.17 -42.17
C TRP A 335 20.41 -64.08 -41.11
N GLU A 336 21.16 -65.08 -40.67
CA GLU A 336 20.64 -66.04 -39.70
C GLU A 336 20.34 -65.39 -38.35
N ASN A 337 21.23 -64.53 -37.88
CA ASN A 337 21.08 -63.93 -36.56
C ASN A 337 20.25 -62.66 -36.56
N SER A 338 19.87 -62.15 -37.73
CA SER A 338 19.14 -60.89 -37.78
C SER A 338 17.69 -61.08 -37.32
N MET A 339 17.03 -59.97 -37.05
CA MET A 339 15.63 -59.91 -36.67
C MET A 339 14.87 -58.98 -37.60
N LEU A 340 15.03 -59.23 -38.90
CA LEU A 340 14.48 -58.34 -39.92
C LEU A 340 12.96 -58.21 -39.83
N THR A 341 12.28 -59.17 -39.20
CA THR A 341 10.83 -59.14 -39.08
C THR A 341 10.43 -59.06 -37.61
N ASP A 342 9.28 -58.43 -37.38
CA ASP A 342 8.77 -58.31 -36.02
C ASP A 342 8.41 -59.70 -35.48
N PRO A 343 8.82 -60.03 -34.26
CA PRO A 343 8.51 -61.36 -33.70
C PRO A 343 7.08 -61.50 -33.20
N GLY A 344 6.20 -60.54 -33.46
CA GLY A 344 4.84 -60.61 -32.99
C GLY A 344 4.73 -60.35 -31.50
N ASN A 345 3.54 -60.58 -30.98
CA ASN A 345 3.27 -60.41 -29.56
C ASN A 345 3.83 -61.54 -28.70
N VAL A 346 4.21 -62.67 -29.33
CA VAL A 346 4.76 -63.78 -28.57
C VAL A 346 6.09 -63.38 -27.93
N GLN A 347 6.96 -62.73 -28.68
CA GLN A 347 8.25 -62.28 -28.19
C GLN A 347 8.27 -60.76 -28.17
N LYS A 348 8.60 -60.21 -27.00
CA LYS A 348 8.74 -58.76 -26.85
C LYS A 348 10.15 -58.35 -27.23
N ALA A 349 10.25 -57.33 -28.07
CA ALA A 349 11.55 -56.83 -28.51
C ALA A 349 11.41 -55.35 -28.84
N VAL A 350 12.51 -54.63 -28.75
CA VAL A 350 12.54 -53.22 -29.10
C VAL A 350 12.39 -53.10 -30.62
N CYS A 351 11.84 -51.97 -31.06
CA CYS A 351 11.59 -51.74 -32.48
C CYS A 351 12.40 -50.59 -33.05
N HIS A 352 13.34 -50.05 -32.29
CA HIS A 352 14.23 -49.02 -32.83
C HIS A 352 15.29 -49.70 -33.69
N PRO A 353 15.36 -49.39 -34.99
CA PRO A 353 16.33 -50.08 -35.86
C PRO A 353 17.75 -49.77 -35.45
N THR A 354 18.47 -50.80 -34.99
CA THR A 354 19.82 -50.61 -34.47
C THR A 354 20.78 -51.62 -35.08
N ALA A 355 22.03 -51.20 -35.20
CA ALA A 355 23.12 -52.05 -35.66
C ALA A 355 23.92 -52.56 -34.48
N TRP A 356 24.37 -53.81 -34.58
CA TRP A 356 25.13 -54.45 -33.52
C TRP A 356 26.42 -55.01 -34.09
N ASP A 357 27.54 -54.63 -33.49
CA ASP A 357 28.84 -55.19 -33.79
C ASP A 357 29.33 -55.89 -32.52
N LEU A 358 28.92 -57.15 -32.35
CA LEU A 358 29.25 -57.89 -31.16
C LEU A 358 30.74 -58.20 -31.06
N GLY A 359 31.48 -58.05 -32.14
CA GLY A 359 32.90 -58.38 -32.15
C GLY A 359 33.15 -59.78 -32.67
N LYS A 360 34.42 -60.05 -32.98
CA LYS A 360 34.85 -61.32 -33.55
C LYS A 360 34.06 -61.65 -34.81
N GLY A 361 33.82 -60.63 -35.63
CA GLY A 361 33.08 -60.80 -36.87
C GLY A 361 31.63 -61.16 -36.68
N ASP A 362 30.96 -60.55 -35.71
CA ASP A 362 29.54 -60.77 -35.48
C ASP A 362 28.81 -59.45 -35.70
N PHE A 363 28.07 -59.36 -36.79
CA PHE A 363 27.34 -58.14 -37.16
C PHE A 363 25.87 -58.48 -37.36
N ARG A 364 25.00 -57.70 -36.72
CA ARG A 364 23.57 -57.99 -36.73
C ARG A 364 22.79 -56.70 -36.86
N ILE A 365 21.53 -56.83 -37.31
CA ILE A 365 20.63 -55.69 -37.47
C ILE A 365 19.31 -56.05 -36.81
N LEU A 366 18.79 -55.13 -35.99
CA LEU A 366 17.51 -55.31 -35.34
C LEU A 366 16.54 -54.25 -35.85
N MET A 367 15.40 -54.68 -36.38
CA MET A 367 14.45 -53.77 -36.98
C MET A 367 13.10 -54.45 -37.11
N CYS A 368 12.05 -53.80 -36.59
CA CYS A 368 10.68 -54.25 -36.78
C CYS A 368 10.21 -53.76 -38.14
N THR A 369 10.74 -54.39 -39.19
CA THR A 369 10.55 -53.88 -40.54
C THR A 369 9.14 -54.13 -41.04
N LYS A 370 8.52 -53.08 -41.56
CA LYS A 370 7.27 -53.15 -42.29
C LYS A 370 7.56 -52.94 -43.78
N VAL A 371 6.50 -52.85 -44.57
CA VAL A 371 6.64 -52.66 -46.02
C VAL A 371 6.32 -51.19 -46.30
N THR A 372 7.36 -50.36 -46.33
CA THR A 372 7.20 -48.94 -46.59
C THR A 372 8.52 -48.39 -47.14
N MET A 373 8.44 -47.24 -47.81
CA MET A 373 9.64 -46.55 -48.26
C MET A 373 10.52 -46.16 -47.09
N ASP A 374 9.90 -45.68 -45.99
CA ASP A 374 10.69 -45.27 -44.84
C ASP A 374 11.50 -46.43 -44.28
N ASP A 375 10.90 -47.62 -44.21
CA ASP A 375 11.64 -48.79 -43.75
C ASP A 375 12.75 -49.15 -44.73
N PHE A 376 12.51 -48.95 -46.02
CA PHE A 376 13.54 -49.22 -47.03
C PHE A 376 14.75 -48.32 -46.81
N LEU A 377 14.52 -47.02 -46.67
CA LEU A 377 15.61 -46.08 -46.44
C LEU A 377 16.30 -46.34 -45.11
N THR A 378 15.52 -46.69 -44.08
CA THR A 378 16.10 -47.01 -42.78
C THR A 378 16.99 -48.25 -42.88
N ALA A 379 16.56 -49.25 -43.65
CA ALA A 379 17.38 -50.43 -43.85
C ALA A 379 18.68 -50.08 -44.56
N HIS A 380 18.61 -49.18 -45.55
CA HIS A 380 19.84 -48.75 -46.21
C HIS A 380 20.77 -48.03 -45.24
N HIS A 381 20.22 -47.16 -44.40
CA HIS A 381 21.03 -46.45 -43.41
C HIS A 381 21.69 -47.42 -42.44
N GLU A 382 20.94 -48.40 -41.95
CA GLU A 382 21.50 -49.38 -41.01
C GLU A 382 22.56 -50.25 -41.68
N MET A 383 22.33 -50.62 -42.94
CA MET A 383 23.34 -51.39 -43.65
C MET A 383 24.61 -50.56 -43.87
N GLY A 384 24.47 -49.25 -44.07
CA GLY A 384 25.65 -48.40 -44.10
C GLY A 384 26.39 -48.39 -42.78
N HIS A 385 25.63 -48.31 -41.68
CA HIS A 385 26.25 -48.37 -40.36
C HIS A 385 27.06 -49.66 -40.20
N ILE A 386 26.45 -50.80 -40.52
CA ILE A 386 27.15 -52.07 -40.34
C ILE A 386 28.30 -52.23 -41.33
N GLN A 387 28.19 -51.66 -42.53
CA GLN A 387 29.31 -51.68 -43.46
C GLN A 387 30.50 -50.92 -42.89
N TYR A 388 30.25 -49.75 -42.32
CA TYR A 388 31.30 -49.02 -41.63
C TYR A 388 31.89 -49.86 -40.51
N ASP A 389 31.03 -50.53 -39.74
CA ASP A 389 31.50 -51.36 -38.64
C ASP A 389 32.42 -52.47 -39.14
N MET A 390 32.03 -53.15 -40.22
CA MET A 390 32.84 -54.22 -40.80
C MET A 390 34.14 -53.70 -41.40
N ALA A 391 34.16 -52.46 -41.88
CA ALA A 391 35.33 -51.96 -42.59
C ALA A 391 36.57 -51.97 -41.71
N TYR A 392 36.44 -51.54 -40.45
CA TYR A 392 37.57 -51.46 -39.53
C TYR A 392 37.66 -52.69 -38.64
N ALA A 393 37.23 -53.85 -39.15
CA ALA A 393 37.29 -55.06 -38.35
C ALA A 393 38.72 -55.42 -37.96
N ALA A 394 39.68 -55.14 -38.84
CA ALA A 394 41.07 -55.47 -38.57
C ALA A 394 41.71 -54.58 -37.51
N GLN A 395 41.12 -53.42 -37.23
CA GLN A 395 41.71 -52.51 -36.27
C GLN A 395 41.65 -53.09 -34.86
N PRO A 396 42.59 -52.71 -33.99
CA PRO A 396 42.48 -53.08 -32.58
C PRO A 396 41.17 -52.59 -31.98
N PHE A 397 40.80 -53.20 -30.85
CA PHE A 397 39.47 -52.96 -30.29
C PHE A 397 39.24 -51.49 -29.97
N LEU A 398 40.23 -50.84 -29.37
CA LEU A 398 40.09 -49.42 -29.06
C LEU A 398 39.97 -48.56 -30.30
N LEU A 399 40.30 -49.10 -31.48
CA LEU A 399 40.19 -48.40 -32.74
C LEU A 399 38.91 -48.72 -33.49
N ARG A 400 38.12 -49.68 -33.01
CA ARG A 400 36.91 -50.11 -33.70
C ARG A 400 35.81 -49.07 -33.47
N ASN A 401 35.90 -47.98 -34.23
CA ASN A 401 34.90 -46.93 -34.18
C ASN A 401 35.15 -45.96 -35.32
N GLY A 402 34.22 -45.04 -35.52
CA GLY A 402 34.38 -44.04 -36.54
C GLY A 402 35.46 -43.04 -36.20
N ALA A 403 35.78 -42.19 -37.18
CA ALA A 403 36.85 -41.20 -37.00
C ALA A 403 36.55 -40.29 -35.82
N ASN A 404 35.33 -39.77 -35.76
CA ASN A 404 34.87 -39.00 -34.61
C ASN A 404 33.41 -39.36 -34.38
N GLU A 405 32.73 -38.57 -33.54
CA GLU A 405 31.34 -38.86 -33.22
C GLU A 405 30.40 -38.58 -34.39
N GLY A 406 30.86 -37.93 -35.45
CA GLY A 406 29.97 -37.56 -36.54
C GLY A 406 30.05 -38.43 -37.77
N PHE A 407 31.17 -39.15 -37.94
CA PHE A 407 31.40 -39.86 -39.19
C PHE A 407 30.38 -40.98 -39.42
N HIS A 408 30.05 -41.72 -38.36
CA HIS A 408 29.24 -42.92 -38.54
C HIS A 408 27.86 -42.59 -39.08
N GLU A 409 27.20 -41.60 -38.47
CA GLU A 409 25.86 -41.24 -38.92
C GLU A 409 25.88 -40.65 -40.32
N ALA A 410 26.90 -39.88 -40.66
CA ALA A 410 27.00 -39.34 -42.02
C ALA A 410 27.15 -40.45 -43.04
N VAL A 411 28.01 -41.42 -42.74
CA VAL A 411 28.20 -42.54 -43.66
C VAL A 411 26.90 -43.32 -43.82
N GLY A 412 26.19 -43.53 -42.71
CA GLY A 412 24.91 -44.22 -42.80
C GLY A 412 23.88 -43.44 -43.59
N GLU A 413 23.87 -42.12 -43.45
CA GLU A 413 22.85 -41.28 -44.04
C GLU A 413 23.05 -41.03 -45.53
N ILE A 414 24.30 -41.04 -46.01
CA ILE A 414 24.50 -40.81 -47.44
C ILE A 414 23.86 -41.93 -48.26
N MET A 415 23.84 -43.15 -47.72
CA MET A 415 23.19 -44.25 -48.41
C MET A 415 21.70 -44.03 -48.57
N SER A 416 21.04 -43.59 -47.49
CA SER A 416 19.62 -43.26 -47.58
C SER A 416 19.39 -42.10 -48.54
N LEU A 417 20.30 -41.13 -48.54
CA LEU A 417 20.18 -40.00 -49.46
C LEU A 417 20.24 -40.46 -50.90
N SER A 418 21.16 -41.38 -51.21
CA SER A 418 21.32 -41.83 -52.59
C SER A 418 20.17 -42.75 -53.01
N ALA A 419 19.72 -43.62 -52.12
CA ALA A 419 18.70 -44.60 -52.48
C ALA A 419 17.33 -43.99 -52.69
N ALA A 420 17.07 -42.81 -52.13
CA ALA A 420 15.77 -42.16 -52.28
C ALA A 420 15.64 -41.44 -53.61
N THR A 421 16.69 -41.38 -54.42
CA THR A 421 16.61 -40.71 -55.69
C THR A 421 15.63 -41.43 -56.61
N PRO A 422 14.82 -40.70 -57.38
CA PRO A 422 13.89 -41.37 -58.32
C PRO A 422 14.60 -42.20 -59.36
N LYS A 423 15.85 -41.85 -59.70
CA LYS A 423 16.61 -42.64 -60.66
C LYS A 423 16.84 -44.06 -60.13
N HIS A 424 17.25 -44.18 -58.87
CA HIS A 424 17.47 -45.50 -58.29
C HIS A 424 16.17 -46.28 -58.18
N LEU A 425 15.08 -45.60 -57.81
CA LEU A 425 13.79 -46.28 -57.71
C LEU A 425 13.33 -46.79 -59.07
N LYS A 426 13.54 -46.00 -60.13
CA LYS A 426 13.22 -46.46 -61.47
C LYS A 426 14.10 -47.64 -61.86
N SER A 427 15.40 -47.57 -61.55
CA SER A 427 16.31 -48.65 -61.92
C SER A 427 16.03 -49.94 -61.16
N ILE A 428 15.48 -49.86 -59.95
CA ILE A 428 15.20 -51.07 -59.20
C ILE A 428 13.85 -51.66 -59.59
N GLY A 429 12.97 -50.86 -60.19
CA GLY A 429 11.67 -51.33 -60.63
C GLY A 429 10.51 -50.84 -59.80
N LEU A 430 10.75 -50.25 -58.63
CA LEU A 430 9.65 -49.74 -57.83
C LEU A 430 8.97 -48.55 -58.50
N LEU A 431 9.74 -47.76 -59.24
CA LEU A 431 9.19 -46.63 -60.00
C LEU A 431 9.05 -47.05 -61.46
N SER A 432 7.89 -46.75 -62.05
CA SER A 432 7.65 -47.13 -63.43
C SER A 432 8.63 -46.40 -64.35
N PRO A 433 9.16 -47.06 -65.38
CA PRO A 433 10.09 -46.38 -66.30
C PRO A 433 9.45 -45.22 -67.04
N ASP A 434 8.13 -45.21 -67.19
CA ASP A 434 7.44 -44.10 -67.84
C ASP A 434 7.04 -43.04 -66.81
N PHE A 435 8.05 -42.53 -66.11
CA PHE A 435 7.85 -41.50 -65.10
C PHE A 435 8.92 -40.44 -65.29
N GLN A 436 8.51 -39.26 -65.75
CA GLN A 436 9.40 -38.12 -65.94
C GLN A 436 9.21 -37.16 -64.78
N GLU A 437 10.29 -36.89 -64.05
CA GLU A 437 10.22 -35.98 -62.91
C GLU A 437 10.13 -34.53 -63.39
N ASP A 438 9.19 -33.80 -62.81
CA ASP A 438 9.02 -32.38 -63.10
C ASP A 438 9.95 -31.57 -62.21
N ASN A 439 10.27 -30.35 -62.65
CA ASN A 439 11.01 -29.46 -61.78
C ASN A 439 10.22 -29.13 -60.51
N GLU A 440 8.89 -29.19 -60.59
CA GLU A 440 8.04 -29.02 -59.41
C GLU A 440 8.26 -30.13 -58.40
N THR A 441 8.36 -31.38 -58.87
CA THR A 441 8.60 -32.49 -57.96
C THR A 441 9.96 -32.35 -57.29
N GLU A 442 10.95 -31.89 -58.05
CA GLU A 442 12.26 -31.64 -57.47
C GLU A 442 12.19 -30.55 -56.41
N ILE A 443 11.43 -29.49 -56.67
CA ILE A 443 11.30 -28.44 -55.67
C ILE A 443 10.62 -28.97 -54.41
N ASN A 444 9.56 -29.76 -54.56
CA ASN A 444 8.86 -30.32 -53.41
C ASN A 444 9.79 -31.22 -52.59
N PHE A 445 10.52 -32.11 -53.28
CA PHE A 445 11.44 -33.00 -52.58
C PHE A 445 12.53 -32.21 -51.87
N LEU A 446 13.06 -31.19 -52.53
CA LEU A 446 14.12 -30.39 -51.93
C LEU A 446 13.62 -29.64 -50.71
N LEU A 447 12.40 -29.10 -50.75
CA LEU A 447 11.87 -28.41 -49.59
C LEU A 447 11.62 -29.39 -48.44
N LYS A 448 11.12 -30.58 -48.75
CA LYS A 448 10.95 -31.58 -47.71
C LYS A 448 12.29 -31.92 -47.08
N GLN A 449 13.34 -32.04 -47.89
CA GLN A 449 14.66 -32.28 -47.34
C GLN A 449 15.15 -31.11 -46.51
N ALA A 450 14.90 -29.88 -46.95
CA ALA A 450 15.42 -28.70 -46.28
C ALA A 450 14.75 -28.48 -44.93
N LEU A 451 13.46 -28.76 -44.85
CA LEU A 451 12.76 -28.58 -43.58
C LEU A 451 13.35 -29.43 -42.47
N THR A 452 14.03 -30.52 -42.82
CA THR A 452 14.69 -31.37 -41.83
C THR A 452 16.17 -31.03 -41.70
N ILE A 453 16.89 -30.99 -42.83
CA ILE A 453 18.33 -30.82 -42.78
C ILE A 453 18.71 -29.39 -42.45
N VAL A 454 18.12 -28.42 -43.15
CA VAL A 454 18.46 -27.02 -42.91
C VAL A 454 17.77 -26.45 -41.69
N GLY A 455 16.56 -26.93 -41.37
CA GLY A 455 15.87 -26.41 -40.20
C GLY A 455 16.61 -26.66 -38.91
N THR A 456 17.26 -27.82 -38.80
CA THR A 456 17.91 -28.19 -37.55
C THR A 456 19.26 -27.51 -37.36
N LEU A 457 19.88 -26.99 -38.43
CA LEU A 457 21.24 -26.45 -38.28
C LEU A 457 21.29 -25.21 -37.39
N PRO A 458 20.48 -24.18 -37.60
CA PRO A 458 20.53 -23.04 -36.66
C PRO A 458 20.18 -23.43 -35.25
N PHE A 459 19.21 -24.32 -35.06
CA PHE A 459 18.84 -24.73 -33.72
C PHE A 459 19.99 -25.47 -33.04
N THR A 460 20.64 -26.38 -33.76
CA THR A 460 21.77 -27.11 -33.20
C THR A 460 22.89 -26.16 -32.82
N TYR A 461 23.24 -25.24 -33.73
CA TYR A 461 24.33 -24.32 -33.45
C TYR A 461 24.01 -23.43 -32.26
N MET A 462 22.80 -22.89 -32.20
CA MET A 462 22.44 -22.03 -31.08
C MET A 462 22.45 -22.79 -29.77
N LEU A 463 21.91 -24.02 -29.76
CA LEU A 463 21.90 -24.78 -28.52
C LEU A 463 23.31 -25.07 -28.03
N GLU A 464 24.18 -25.53 -28.93
CA GLU A 464 25.55 -25.85 -28.51
C GLU A 464 26.30 -24.60 -28.07
N LYS A 465 26.08 -23.48 -28.76
CA LYS A 465 26.72 -22.23 -28.36
C LYS A 465 26.29 -21.81 -26.96
N TRP A 466 24.98 -21.92 -26.68
CA TRP A 466 24.50 -21.58 -25.35
C TRP A 466 25.10 -22.48 -24.29
N ARG A 467 25.16 -23.78 -24.58
CA ARG A 467 25.72 -24.72 -23.59
C ARG A 467 27.21 -24.44 -23.34
N TRP A 468 27.97 -24.16 -24.40
CA TRP A 468 29.37 -23.83 -24.23
C TRP A 468 29.54 -22.56 -23.40
N MET A 469 28.76 -21.53 -23.69
CA MET A 469 28.89 -20.29 -22.94
C MET A 469 28.48 -20.46 -21.49
N VAL A 470 27.53 -21.36 -21.22
CA VAL A 470 27.15 -21.63 -19.84
C VAL A 470 28.27 -22.36 -19.12
N PHE A 471 28.83 -23.40 -19.74
CA PHE A 471 29.89 -24.17 -19.10
C PHE A 471 31.12 -23.31 -18.85
N LYS A 472 31.43 -22.40 -19.77
CA LYS A 472 32.60 -21.54 -19.62
C LYS A 472 32.38 -20.45 -18.58
N GLY A 473 31.15 -20.24 -18.13
CA GLY A 473 30.87 -19.21 -17.16
C GLY A 473 30.68 -17.83 -17.73
N GLU A 474 30.64 -17.68 -19.06
CA GLU A 474 30.41 -16.38 -19.66
C GLU A 474 29.01 -15.85 -19.41
N ILE A 475 28.10 -16.72 -19.02
CA ILE A 475 26.71 -16.34 -18.72
C ILE A 475 26.48 -16.53 -17.23
N PRO A 476 26.16 -15.48 -16.49
CA PRO A 476 25.93 -15.65 -15.05
C PRO A 476 24.73 -16.53 -14.77
N LYS A 477 24.76 -17.20 -13.62
CA LYS A 477 23.69 -18.12 -13.26
C LYS A 477 22.34 -17.43 -13.17
N ASP A 478 22.31 -16.12 -12.96
CA ASP A 478 21.07 -15.36 -12.91
C ASP A 478 20.73 -14.71 -14.24
N GLN A 479 21.35 -15.16 -15.33
CA GLN A 479 21.10 -14.60 -16.64
C GLN A 479 21.00 -15.68 -17.71
N TRP A 480 20.48 -16.85 -17.35
CA TRP A 480 20.45 -17.98 -18.29
C TRP A 480 19.35 -17.82 -19.34
N MET A 481 18.09 -17.72 -18.89
CA MET A 481 16.99 -17.60 -19.85
C MET A 481 17.04 -16.28 -20.59
N LYS A 482 17.39 -15.20 -19.91
CA LYS A 482 17.44 -13.89 -20.54
C LYS A 482 18.42 -13.90 -21.71
N LYS A 483 19.47 -14.72 -21.62
CA LYS A 483 20.43 -14.83 -22.71
C LYS A 483 19.98 -15.87 -23.73
N TRP A 484 19.38 -16.97 -23.27
CA TRP A 484 18.96 -18.04 -24.17
C TRP A 484 17.90 -17.54 -25.15
N TRP A 485 16.85 -16.93 -24.64
CA TRP A 485 15.82 -16.40 -25.53
C TRP A 485 16.30 -15.20 -26.32
N GLU A 486 17.36 -14.53 -25.88
CA GLU A 486 18.00 -13.49 -26.67
C GLU A 486 18.82 -14.07 -27.81
N MET A 487 19.25 -15.33 -27.69
CA MET A 487 19.98 -16.00 -28.76
C MET A 487 19.04 -16.58 -29.82
N LYS A 488 17.99 -17.26 -29.38
CA LYS A 488 17.04 -17.84 -30.33
C LYS A 488 16.41 -16.78 -31.21
N ARG A 489 16.19 -15.59 -30.69
CA ARG A 489 15.61 -14.51 -31.48
C ARG A 489 16.49 -14.04 -32.61
N GLU A 490 17.81 -13.97 -32.40
CA GLU A 490 18.71 -13.38 -33.38
C GLU A 490 19.56 -14.40 -34.11
N ILE A 491 19.38 -15.69 -33.85
CA ILE A 491 20.12 -16.71 -34.59
C ILE A 491 19.14 -17.64 -35.29
N VAL A 492 18.18 -18.16 -34.54
CA VAL A 492 17.20 -19.08 -35.12
C VAL A 492 16.01 -18.32 -35.69
N GLY A 493 15.67 -17.17 -35.14
CA GLY A 493 14.52 -16.43 -35.60
C GLY A 493 13.24 -16.96 -34.99
N VAL A 494 13.31 -17.34 -33.72
CA VAL A 494 12.19 -17.94 -33.01
C VAL A 494 11.97 -17.16 -31.72
N VAL A 495 10.75 -16.74 -31.49
CA VAL A 495 10.41 -15.88 -30.35
C VAL A 495 9.47 -16.63 -29.42
N GLU A 496 9.69 -16.46 -28.12
CA GLU A 496 8.86 -17.16 -27.14
C GLU A 496 7.47 -16.55 -27.12
N PRO A 497 6.42 -17.37 -27.08
CA PRO A 497 5.07 -16.80 -27.03
C PRO A 497 4.74 -16.12 -25.72
N VAL A 498 5.31 -16.57 -24.61
CA VAL A 498 5.12 -15.90 -23.32
C VAL A 498 6.49 -15.75 -22.66
N PRO A 499 6.74 -14.66 -21.93
CA PRO A 499 8.07 -14.44 -21.38
C PRO A 499 8.42 -15.44 -20.30
N HIS A 500 9.71 -15.78 -20.24
CA HIS A 500 10.23 -16.69 -19.25
C HIS A 500 11.34 -15.99 -18.45
N ASP A 501 11.21 -16.05 -17.13
CA ASP A 501 12.20 -15.47 -16.24
C ASP A 501 13.28 -16.51 -15.95
N GLU A 502 14.11 -16.24 -14.94
CA GLU A 502 15.19 -17.15 -14.59
C GLU A 502 14.70 -18.41 -13.89
N THR A 503 13.42 -18.50 -13.53
CA THR A 503 12.91 -19.73 -12.94
C THR A 503 12.86 -20.88 -13.93
N TYR A 504 12.45 -20.61 -15.17
CA TYR A 504 12.35 -21.63 -16.21
C TYR A 504 13.75 -22.12 -16.61
N CYS A 505 13.79 -23.32 -17.15
CA CYS A 505 15.01 -23.91 -17.70
C CYS A 505 14.73 -24.56 -19.04
N ASP A 506 14.10 -23.81 -19.94
CA ASP A 506 13.76 -24.27 -21.29
C ASP A 506 14.80 -25.18 -21.94
N PRO A 507 16.09 -24.85 -22.00
CA PRO A 507 17.03 -25.76 -22.66
C PRO A 507 17.07 -27.13 -22.04
N ALA A 508 16.83 -27.24 -20.73
CA ALA A 508 16.85 -28.55 -20.09
C ALA A 508 15.67 -29.42 -20.48
N SER A 509 14.66 -28.84 -21.14
CA SER A 509 13.49 -29.63 -21.53
C SER A 509 13.75 -30.48 -22.77
N LEU A 510 14.86 -30.25 -23.46
CA LEU A 510 15.23 -31.11 -24.58
C LEU A 510 15.94 -32.36 -24.07
N PHE A 511 15.76 -33.46 -24.79
CA PHE A 511 16.28 -34.74 -24.32
C PHE A 511 17.80 -34.71 -24.20
N HIS A 512 18.49 -34.20 -25.21
CA HIS A 512 19.95 -34.25 -25.22
C HIS A 512 20.58 -33.35 -24.17
N VAL A 513 19.83 -32.42 -23.60
CA VAL A 513 20.37 -31.52 -22.58
C VAL A 513 20.23 -32.12 -21.19
N SER A 514 19.06 -32.64 -20.86
CA SER A 514 18.83 -33.19 -19.53
C SER A 514 19.54 -34.52 -19.33
N ASN A 515 19.79 -35.28 -20.39
CA ASN A 515 20.43 -36.57 -20.28
C ASN A 515 21.92 -36.51 -20.60
N ASP A 516 22.51 -35.31 -20.66
CA ASP A 516 23.95 -35.13 -20.75
C ASP A 516 24.54 -35.79 -21.99
N TYR A 517 24.13 -35.29 -23.15
CA TYR A 517 24.68 -35.75 -24.42
C TYR A 517 25.26 -34.56 -25.18
N SER A 518 26.36 -34.79 -25.90
CA SER A 518 26.93 -33.77 -26.74
C SER A 518 26.00 -33.52 -27.92
N PHE A 519 25.75 -32.25 -28.23
CA PHE A 519 24.80 -31.91 -29.27
C PHE A 519 25.45 -31.45 -30.57
N ILE A 520 26.73 -31.04 -30.53
CA ILE A 520 27.38 -30.58 -31.75
C ILE A 520 27.53 -31.68 -32.79
N ARG A 521 27.40 -32.93 -32.38
CA ARG A 521 27.53 -34.05 -33.31
C ARG A 521 26.50 -33.95 -34.42
N TYR A 522 25.29 -33.51 -34.10
CA TYR A 522 24.25 -33.37 -35.11
C TYR A 522 24.53 -32.25 -36.09
N TYR A 523 25.46 -31.36 -35.78
CA TYR A 523 25.80 -30.29 -36.71
C TYR A 523 26.80 -30.78 -37.75
N THR A 524 27.97 -31.23 -37.29
CA THR A 524 29.02 -31.64 -38.21
C THR A 524 28.57 -32.77 -39.11
N ARG A 525 27.84 -33.73 -38.56
CA ARG A 525 27.32 -34.83 -39.37
C ARG A 525 26.47 -34.31 -40.52
N THR A 526 25.72 -33.24 -40.29
CA THR A 526 24.94 -32.66 -41.37
C THR A 526 25.85 -32.18 -42.50
N LEU A 527 26.97 -31.56 -42.15
CA LEU A 527 27.90 -31.11 -43.17
C LEU A 527 28.62 -32.27 -43.83
N TYR A 528 29.25 -33.14 -43.02
CA TYR A 528 30.13 -34.17 -43.54
C TYR A 528 29.47 -34.96 -44.66
N GLN A 529 28.22 -35.40 -44.44
CA GLN A 529 27.55 -36.26 -45.41
C GLN A 529 27.56 -35.62 -46.79
N PHE A 530 27.20 -34.34 -46.87
CA PHE A 530 27.18 -33.68 -48.17
C PHE A 530 28.59 -33.63 -48.75
N GLN A 531 29.58 -33.29 -47.93
CA GLN A 531 30.95 -33.32 -48.40
C GLN A 531 31.32 -34.70 -48.90
N PHE A 532 30.78 -35.75 -48.28
CA PHE A 532 30.98 -37.09 -48.81
C PHE A 532 30.27 -37.25 -50.15
N GLN A 533 28.97 -36.92 -50.18
CA GLN A 533 28.15 -37.23 -51.34
C GLN A 533 28.73 -36.58 -52.60
N GLU A 534 28.97 -35.27 -52.52
CA GLU A 534 29.59 -34.56 -53.64
C GLU A 534 30.84 -35.28 -54.12
N ALA A 535 31.72 -35.63 -53.19
CA ALA A 535 32.95 -36.32 -53.59
C ALA A 535 32.62 -37.64 -54.28
N LEU A 536 31.72 -38.42 -53.68
CA LEU A 536 31.35 -39.69 -54.30
C LEU A 536 30.58 -39.49 -55.59
N CYS A 537 29.99 -38.32 -55.80
CA CYS A 537 29.39 -38.01 -57.08
C CYS A 537 30.40 -37.48 -58.09
N GLN A 538 31.53 -36.94 -57.62
CA GLN A 538 32.57 -36.53 -58.55
C GLN A 538 33.23 -37.73 -59.20
N ALA A 539 33.62 -38.72 -58.39
CA ALA A 539 34.25 -39.92 -58.93
C ALA A 539 33.29 -40.71 -59.81
N ALA A 540 32.01 -40.73 -59.46
CA ALA A 540 31.00 -41.40 -60.28
C ALA A 540 30.71 -40.67 -61.57
N LYS A 541 31.23 -39.45 -61.73
CA LYS A 541 31.03 -38.64 -62.93
C LYS A 541 29.55 -38.37 -63.16
N HIS A 542 28.91 -37.72 -62.20
CA HIS A 542 27.53 -37.27 -62.33
C HIS A 542 27.52 -35.80 -62.72
N GLU A 543 26.75 -35.48 -63.76
CA GLU A 543 26.75 -34.14 -64.34
C GLU A 543 25.61 -33.26 -63.87
N GLY A 544 24.42 -33.82 -63.68
CA GLY A 544 23.25 -33.04 -63.35
C GLY A 544 23.28 -32.48 -61.94
N PRO A 545 22.11 -32.06 -61.45
CA PRO A 545 22.04 -31.53 -60.08
C PRO A 545 22.42 -32.59 -59.06
N LEU A 546 22.99 -32.12 -57.95
CA LEU A 546 23.49 -33.04 -56.94
C LEU A 546 22.39 -33.89 -56.32
N HIS A 547 21.20 -33.30 -56.10
CA HIS A 547 20.13 -34.03 -55.45
C HIS A 547 19.63 -35.20 -56.28
N LYS A 548 19.98 -35.25 -57.56
CA LYS A 548 19.66 -36.37 -58.43
C LYS A 548 20.80 -37.38 -58.55
N CYS A 549 21.93 -37.13 -57.89
CA CYS A 549 23.09 -38.00 -58.03
C CYS A 549 22.83 -39.37 -57.43
N ASP A 550 23.39 -40.40 -58.07
CA ASP A 550 23.39 -41.75 -57.55
C ASP A 550 24.77 -42.34 -57.72
N ILE A 551 25.18 -43.17 -56.76
CA ILE A 551 26.52 -43.74 -56.74
C ILE A 551 26.54 -45.20 -57.14
N SER A 552 25.39 -45.77 -57.54
CA SER A 552 25.34 -47.18 -57.89
C SER A 552 26.22 -47.46 -59.10
N ASN A 553 26.81 -48.66 -59.11
CA ASN A 553 27.68 -49.12 -60.19
C ASN A 553 28.90 -48.24 -60.38
N SER A 554 29.34 -47.57 -59.31
CA SER A 554 30.52 -46.71 -59.36
C SER A 554 31.58 -47.31 -58.43
N THR A 555 32.40 -48.20 -59.00
CA THR A 555 33.42 -48.86 -58.19
C THR A 555 34.48 -47.88 -57.68
N GLU A 556 34.78 -46.83 -58.46
CA GLU A 556 35.76 -45.85 -58.01
C GLU A 556 35.28 -45.12 -56.75
N ALA A 557 34.01 -44.72 -56.73
CA ALA A 557 33.46 -44.06 -55.55
C ALA A 557 33.47 -45.00 -54.34
N GLY A 558 33.11 -46.26 -54.56
CA GLY A 558 33.14 -47.23 -53.48
C GLY A 558 34.53 -47.44 -52.93
N GLN A 559 35.53 -47.51 -53.81
CA GLN A 559 36.91 -47.64 -53.36
C GLN A 559 37.34 -46.42 -52.57
N LYS A 560 36.99 -45.22 -53.06
CA LYS A 560 37.37 -44.01 -52.33
C LYS A 560 36.75 -44.00 -50.94
N LEU A 561 35.47 -44.37 -50.83
CA LEU A 561 34.83 -44.41 -49.53
C LEU A 561 35.46 -45.47 -48.63
N PHE A 562 35.72 -46.66 -49.17
CA PHE A 562 36.34 -47.71 -48.38
C PHE A 562 37.72 -47.33 -47.90
N ASN A 563 38.43 -46.50 -48.66
CA ASN A 563 39.76 -46.05 -48.24
C ASN A 563 39.69 -45.30 -46.91
N MET A 564 38.58 -44.61 -46.65
CA MET A 564 38.39 -43.97 -45.35
C MET A 564 37.75 -44.90 -44.33
N LEU A 565 36.81 -45.75 -44.79
CA LEU A 565 36.07 -46.58 -43.85
C LEU A 565 36.98 -47.52 -43.08
N ARG A 566 37.96 -48.12 -43.76
CA ARG A 566 38.85 -49.07 -43.10
C ARG A 566 39.73 -48.41 -42.06
N LEU A 567 39.96 -47.10 -42.15
CA LEU A 567 40.84 -46.42 -41.21
C LEU A 567 40.30 -46.49 -39.79
N GLY A 568 38.99 -46.32 -39.63
CA GLY A 568 38.43 -46.23 -38.29
C GLY A 568 38.99 -45.03 -37.56
N LYS A 569 39.31 -45.23 -36.29
CA LYS A 569 39.92 -44.19 -35.47
C LYS A 569 41.44 -44.22 -35.52
N SER A 570 42.02 -45.07 -36.36
CA SER A 570 43.47 -45.22 -36.38
C SER A 570 44.18 -43.95 -36.85
N GLU A 571 43.49 -43.09 -37.58
CA GLU A 571 44.06 -41.88 -38.14
C GLU A 571 43.25 -40.67 -37.72
N PRO A 572 43.87 -39.49 -37.71
CA PRO A 572 43.11 -38.27 -37.40
C PRO A 572 41.96 -38.09 -38.38
N TRP A 573 40.83 -37.61 -37.86
CA TRP A 573 39.64 -37.46 -38.69
C TRP A 573 39.88 -36.51 -39.85
N THR A 574 40.79 -35.54 -39.67
CA THR A 574 41.17 -34.67 -40.78
C THR A 574 41.76 -35.49 -41.92
N LEU A 575 42.63 -36.44 -41.59
CA LEU A 575 43.21 -37.28 -42.63
C LEU A 575 42.15 -38.15 -43.30
N ALA A 576 41.21 -38.67 -42.51
CA ALA A 576 40.12 -39.44 -43.09
C ALA A 576 39.30 -38.61 -44.07
N LEU A 577 39.01 -37.36 -43.70
CA LEU A 577 38.33 -36.47 -44.63
C LEU A 577 39.14 -36.24 -45.89
N GLU A 578 40.45 -36.04 -45.74
CA GLU A 578 41.30 -35.80 -46.91
C GLU A 578 41.29 -36.99 -47.86
N ASN A 579 41.02 -38.19 -47.34
CA ASN A 579 40.99 -39.39 -48.18
C ASN A 579 39.67 -39.55 -48.94
N VAL A 580 38.69 -38.68 -48.70
CA VAL A 580 37.42 -38.76 -49.43
C VAL A 580 37.15 -37.45 -50.14
N VAL A 581 37.05 -36.35 -49.38
CA VAL A 581 36.71 -35.06 -49.97
C VAL A 581 37.94 -34.31 -50.47
N GLY A 582 39.14 -34.74 -50.13
CA GLY A 582 40.34 -34.06 -50.56
C GLY A 582 40.64 -32.78 -49.81
N ALA A 583 39.93 -32.50 -48.73
CA ALA A 583 40.15 -31.32 -47.91
C ALA A 583 40.46 -31.75 -46.48
N LYS A 584 40.93 -30.79 -45.68
CA LYS A 584 41.33 -31.08 -44.31
C LYS A 584 40.27 -30.72 -43.28
N ASN A 585 39.46 -29.71 -43.53
CA ASN A 585 38.44 -29.26 -42.60
C ASN A 585 37.06 -29.36 -43.24
N MET A 586 36.03 -29.28 -42.39
CA MET A 586 34.67 -29.31 -42.90
C MET A 586 34.36 -28.03 -43.66
N ASN A 587 33.69 -28.18 -44.78
CA ASN A 587 33.33 -27.05 -45.64
C ASN A 587 31.85 -27.16 -45.98
N VAL A 588 31.11 -26.06 -45.77
CA VAL A 588 29.66 -26.13 -45.91
C VAL A 588 29.23 -26.01 -47.37
N ARG A 589 30.11 -25.60 -48.27
CA ARG A 589 29.73 -25.32 -49.65
C ARG A 589 28.95 -26.43 -50.30
N PRO A 590 29.33 -27.72 -50.18
CA PRO A 590 28.52 -28.76 -50.83
C PRO A 590 27.06 -28.73 -50.43
N LEU A 591 26.78 -28.47 -49.15
CA LEU A 591 25.39 -28.36 -48.72
C LEU A 591 24.66 -27.33 -49.57
N LEU A 592 25.24 -26.15 -49.73
CA LEU A 592 24.63 -25.14 -50.58
C LEU A 592 24.50 -25.65 -52.01
N ASN A 593 25.54 -26.30 -52.52
CA ASN A 593 25.46 -26.89 -53.85
C ASN A 593 24.30 -27.87 -53.92
N TYR A 594 24.03 -28.58 -52.84
CA TYR A 594 22.90 -29.50 -52.82
C TYR A 594 21.59 -28.75 -52.91
N PHE A 595 21.46 -27.63 -52.20
CA PHE A 595 20.19 -26.92 -52.11
C PHE A 595 20.10 -25.72 -53.03
N GLU A 596 21.07 -25.53 -53.93
CA GLU A 596 21.01 -24.43 -54.89
C GLU A 596 19.73 -24.39 -55.71
N PRO A 597 19.24 -25.51 -56.28
CA PRO A 597 17.96 -25.43 -57.02
C PRO A 597 16.81 -24.90 -56.18
N LEU A 598 16.71 -25.32 -54.92
CA LEU A 598 15.69 -24.76 -54.05
C LEU A 598 15.97 -23.30 -53.74
N PHE A 599 17.24 -22.97 -53.44
CA PHE A 599 17.58 -21.62 -53.03
C PHE A 599 17.08 -20.59 -54.04
N THR A 600 17.43 -20.78 -55.31
CA THR A 600 16.98 -19.86 -56.35
C THR A 600 15.46 -19.72 -56.29
N TRP A 601 14.74 -20.84 -56.25
CA TRP A 601 13.29 -20.78 -56.22
C TRP A 601 12.81 -19.98 -55.02
N LEU A 602 13.41 -20.22 -53.85
CA LEU A 602 13.05 -19.45 -52.67
C LEU A 602 13.28 -17.97 -52.92
N LYS A 603 14.43 -17.62 -53.50
CA LYS A 603 14.71 -16.22 -53.81
C LYS A 603 13.68 -15.67 -54.79
N ASP A 604 13.18 -16.52 -55.69
CA ASP A 604 12.15 -16.07 -56.62
C ASP A 604 10.80 -15.94 -55.92
N GLN A 605 10.58 -16.70 -54.86
CA GLN A 605 9.29 -16.73 -54.18
C GLN A 605 9.15 -15.63 -53.14
N ASN A 606 10.21 -14.87 -52.87
CA ASN A 606 10.19 -13.83 -51.84
C ASN A 606 10.41 -12.45 -52.45
N LYS A 607 9.86 -12.19 -53.63
CA LYS A 607 10.01 -10.88 -54.25
C LYS A 607 9.34 -9.80 -53.42
N ASN A 608 8.13 -10.07 -52.92
CA ASN A 608 7.39 -9.10 -52.13
C ASN A 608 7.62 -9.23 -50.64
N SER A 609 7.81 -10.45 -50.13
CA SER A 609 7.96 -10.65 -48.70
C SER A 609 9.30 -10.12 -48.21
N PHE A 610 9.33 -9.70 -46.95
CA PHE A 610 10.53 -9.13 -46.34
C PHE A 610 11.38 -10.25 -45.76
N VAL A 611 12.53 -10.48 -46.38
CA VAL A 611 13.44 -11.54 -45.94
C VAL A 611 14.19 -11.06 -44.71
N GLY A 612 14.24 -11.89 -43.69
CA GLY A 612 14.88 -11.58 -42.43
C GLY A 612 13.87 -11.50 -41.30
N TRP A 613 14.34 -10.99 -40.17
CA TRP A 613 13.48 -10.85 -39.00
C TRP A 613 14.03 -9.78 -38.09
N SER A 614 13.17 -9.31 -37.19
CA SER A 614 13.55 -8.34 -36.18
C SER A 614 13.52 -8.99 -34.81
N THR A 615 14.46 -8.59 -33.96
CA THR A 615 14.59 -9.14 -32.61
C THR A 615 13.81 -8.32 -31.60
N ASP A 616 12.74 -7.66 -32.03
CA ASP A 616 11.94 -6.85 -31.12
C ASP A 616 10.46 -7.19 -31.12
N TRP A 617 9.90 -7.75 -32.20
CA TRP A 617 8.50 -8.15 -32.18
C TRP A 617 8.33 -9.42 -31.36
N SER A 618 7.24 -9.48 -30.61
CA SER A 618 6.90 -10.65 -29.82
C SER A 618 5.39 -10.80 -29.80
N PRO A 619 4.87 -12.02 -29.71
CA PRO A 619 3.42 -12.22 -29.81
C PRO A 619 2.64 -11.52 -28.72
N TYR A 620 3.26 -11.25 -27.57
CA TYR A 620 2.62 -10.57 -26.46
C TYR A 620 2.88 -9.08 -26.45
N ALA A 621 3.62 -8.55 -27.43
CA ALA A 621 4.07 -7.17 -27.38
C ALA A 621 2.96 -6.16 -27.62
N ASP A 622 1.82 -6.58 -28.16
CA ASP A 622 0.74 -5.65 -28.46
C ASP A 622 -0.11 -5.33 -27.24
N GLN A 623 -0.27 -6.27 -26.31
CA GLN A 623 -1.12 -6.07 -25.14
C GLN A 623 -0.33 -5.70 -23.90
N SER A 624 0.97 -5.45 -24.03
CA SER A 624 1.80 -5.16 -22.88
C SER A 624 1.62 -3.72 -22.44
N ILE A 625 1.50 -3.52 -21.13
CA ILE A 625 1.53 -2.19 -20.53
C ILE A 625 2.91 -1.99 -19.93
N LYS A 626 3.53 -0.86 -20.24
CA LYS A 626 4.90 -0.60 -19.80
C LYS A 626 4.89 0.23 -18.52
N VAL A 627 5.52 -0.30 -17.49
CA VAL A 627 5.64 0.36 -16.19
C VAL A 627 7.05 0.93 -16.09
N ARG A 628 7.17 2.15 -15.57
CA ARG A 628 8.44 2.76 -15.25
C ARG A 628 8.36 3.32 -13.83
N ILE A 629 9.27 2.88 -12.97
CA ILE A 629 9.25 3.24 -11.55
C ILE A 629 10.50 4.02 -11.23
N SER A 630 10.34 5.14 -10.53
CA SER A 630 11.45 5.98 -10.11
C SER A 630 11.42 6.08 -8.58
N LEU A 631 12.10 5.15 -7.92
CA LEU A 631 12.10 5.12 -6.47
C LEU A 631 12.89 6.29 -5.88
N LYS A 632 14.15 6.43 -6.29
CA LYS A 632 15.08 7.37 -5.68
C LYS A 632 14.61 8.81 -5.78
N SER A 633 13.82 9.16 -6.79
CA SER A 633 13.32 10.52 -6.90
C SER A 633 12.17 10.76 -5.94
N ALA A 634 11.20 9.85 -5.91
CA ALA A 634 10.01 10.04 -5.08
C ALA A 634 10.30 9.88 -3.60
N LEU A 635 11.32 9.10 -3.23
CA LEU A 635 11.61 8.89 -1.82
C LEU A 635 12.91 9.52 -1.36
N GLY A 636 13.79 9.91 -2.27
CA GLY A 636 15.08 10.44 -1.87
C GLY A 636 15.90 9.38 -1.17
N ASP A 637 16.19 9.60 0.11
CA ASP A 637 16.79 8.57 0.94
C ASP A 637 15.69 7.59 1.38
N LYS A 638 16.00 6.75 2.35
CA LYS A 638 15.05 5.79 2.94
C LYS A 638 14.24 5.06 1.87
N ALA A 639 14.85 4.85 0.71
CA ALA A 639 14.20 4.16 -0.40
C ALA A 639 14.67 2.71 -0.43
N TYR A 640 13.71 1.78 -0.49
CA TYR A 640 14.01 0.37 -0.52
C TYR A 640 14.59 -0.04 -1.87
N GLU A 641 15.15 -1.25 -1.91
CA GLU A 641 15.70 -1.80 -3.13
C GLU A 641 14.66 -2.65 -3.84
N TRP A 642 14.75 -2.69 -5.16
CA TRP A 642 13.72 -3.34 -5.98
C TRP A 642 14.14 -4.78 -6.25
N ASN A 643 14.07 -5.60 -5.22
CA ASN A 643 14.37 -7.02 -5.34
C ASN A 643 13.12 -7.78 -5.80
N ASP A 644 13.23 -9.11 -5.87
CA ASP A 644 12.15 -9.93 -6.37
C ASP A 644 10.91 -9.89 -5.48
N ASN A 645 11.07 -9.63 -4.18
CA ASN A 645 9.91 -9.50 -3.31
C ASN A 645 9.04 -8.32 -3.73
N GLU A 646 9.66 -7.21 -4.11
CA GLU A 646 8.89 -6.07 -4.59
C GLU A 646 8.18 -6.40 -5.89
N MET A 647 8.80 -7.18 -6.77
CA MET A 647 8.12 -7.61 -7.98
C MET A 647 6.93 -8.49 -7.65
N TYR A 648 7.09 -9.38 -6.66
CA TYR A 648 5.96 -10.19 -6.22
C TYR A 648 4.83 -9.32 -5.71
N LEU A 649 5.16 -8.31 -4.91
CA LEU A 649 4.12 -7.44 -4.38
C LEU A 649 3.44 -6.67 -5.50
N PHE A 650 4.20 -6.23 -6.50
CA PHE A 650 3.60 -5.50 -7.61
C PHE A 650 2.66 -6.39 -8.41
N ARG A 651 3.06 -7.63 -8.68
CA ARG A 651 2.19 -8.53 -9.42
C ARG A 651 0.94 -8.86 -8.62
N SER A 652 1.08 -9.02 -7.30
CA SER A 652 -0.10 -9.23 -6.47
C SER A 652 -1.02 -8.03 -6.51
N SER A 653 -0.45 -6.82 -6.49
CA SER A 653 -1.27 -5.61 -6.57
C SER A 653 -2.02 -5.53 -7.90
N VAL A 654 -1.34 -5.85 -9.00
CA VAL A 654 -1.99 -5.82 -10.31
C VAL A 654 -3.10 -6.86 -10.38
N ALA A 655 -2.85 -8.06 -9.85
CA ALA A 655 -3.88 -9.09 -9.84
C ALA A 655 -5.08 -8.65 -9.00
N TYR A 656 -4.82 -8.00 -7.87
CA TYR A 656 -5.92 -7.48 -7.04
C TYR A 656 -6.72 -6.44 -7.81
N ALA A 657 -6.03 -5.54 -8.53
CA ALA A 657 -6.72 -4.53 -9.29
C ALA A 657 -7.60 -5.17 -10.37
N MET A 658 -7.09 -6.19 -11.05
CA MET A 658 -7.88 -6.88 -12.05
C MET A 658 -9.10 -7.56 -11.43
N ARG A 659 -8.92 -8.19 -10.26
CA ARG A 659 -10.04 -8.80 -9.55
C ARG A 659 -11.10 -7.76 -9.23
N GLN A 660 -10.69 -6.60 -8.70
CA GLN A 660 -11.65 -5.56 -8.36
C GLN A 660 -12.38 -5.07 -9.59
N TYR A 661 -11.66 -4.87 -10.69
CA TYR A 661 -12.33 -4.39 -11.90
C TYR A 661 -13.33 -5.40 -12.42
N PHE A 662 -12.97 -6.68 -12.43
CA PHE A 662 -13.89 -7.68 -12.94
C PHE A 662 -15.06 -7.94 -12.01
N LEU A 663 -14.91 -7.63 -10.72
CA LEU A 663 -16.03 -7.82 -9.81
C LEU A 663 -16.98 -6.63 -9.78
N LYS A 664 -16.45 -5.41 -9.79
CA LYS A 664 -17.26 -4.22 -9.58
C LYS A 664 -17.79 -3.62 -10.88
N VAL A 665 -17.38 -4.15 -12.04
CA VAL A 665 -17.82 -3.57 -13.30
C VAL A 665 -18.57 -4.62 -14.12
N LYS A 666 -17.93 -5.75 -14.38
CA LYS A 666 -18.56 -6.81 -15.17
C LYS A 666 -19.31 -7.82 -14.32
N ASN A 667 -19.25 -7.71 -13.00
CA ASN A 667 -19.96 -8.61 -12.08
C ASN A 667 -19.63 -10.07 -12.39
N GLN A 668 -18.36 -10.34 -12.64
CA GLN A 668 -17.84 -11.70 -12.80
C GLN A 668 -16.76 -11.92 -11.76
N MET A 669 -16.77 -13.09 -11.14
CA MET A 669 -15.76 -13.44 -10.13
C MET A 669 -14.68 -14.25 -10.83
N ILE A 670 -13.54 -13.59 -11.10
CA ILE A 670 -12.40 -14.23 -11.76
C ILE A 670 -11.25 -14.27 -10.76
N LEU A 671 -10.67 -15.46 -10.59
CA LEU A 671 -9.63 -15.68 -9.59
C LEU A 671 -8.27 -15.46 -10.23
N PHE A 672 -7.90 -14.20 -10.41
CA PHE A 672 -6.56 -13.89 -10.86
C PHE A 672 -5.55 -14.21 -9.77
N GLY A 673 -4.29 -14.31 -10.17
CA GLY A 673 -3.23 -14.63 -9.24
C GLY A 673 -1.94 -13.97 -9.66
N GLU A 674 -0.98 -13.97 -8.74
CA GLU A 674 0.30 -13.30 -9.02
C GLU A 674 1.06 -13.97 -10.16
N GLU A 675 0.76 -15.22 -10.47
CA GLU A 675 1.40 -15.91 -11.58
C GLU A 675 0.71 -15.64 -12.90
N ASP A 676 -0.39 -14.88 -12.89
CA ASP A 676 -1.10 -14.50 -14.10
C ASP A 676 -0.71 -13.12 -14.58
N VAL A 677 0.24 -12.45 -13.91
CA VAL A 677 0.72 -11.15 -14.33
C VAL A 677 2.12 -11.35 -14.87
N ARG A 678 2.24 -11.57 -16.18
CA ARG A 678 3.51 -11.93 -16.78
C ARG A 678 4.33 -10.69 -17.07
N VAL A 679 5.60 -10.73 -16.66
CA VAL A 679 6.49 -9.57 -16.64
C VAL A 679 7.70 -9.88 -17.52
N ALA A 680 8.07 -8.92 -18.37
CA ALA A 680 9.16 -9.10 -19.31
C ALA A 680 9.98 -7.82 -19.39
N ASN A 681 11.21 -7.97 -19.89
CA ASN A 681 12.10 -6.84 -20.16
C ASN A 681 12.41 -6.02 -18.90
N LEU A 682 12.60 -6.71 -17.78
CA LEU A 682 13.01 -6.02 -16.55
C LEU A 682 14.36 -5.37 -16.75
N LYS A 683 14.48 -4.11 -16.32
CA LYS A 683 15.67 -3.31 -16.54
C LYS A 683 16.01 -2.55 -15.27
N PRO A 684 17.28 -2.16 -15.11
CA PRO A 684 17.70 -1.54 -13.85
C PRO A 684 16.96 -0.25 -13.50
N ARG A 685 16.52 0.50 -14.50
CA ARG A 685 15.68 1.67 -14.26
C ARG A 685 14.39 1.32 -13.52
N ILE A 686 14.10 0.02 -13.39
CA ILE A 686 12.80 -0.48 -12.97
C ILE A 686 11.80 -0.03 -14.03
N SER A 687 11.94 -0.59 -15.22
CA SER A 687 11.04 -0.36 -16.34
C SER A 687 10.83 -1.69 -17.05
N PHE A 688 9.59 -2.14 -17.10
CA PHE A 688 9.29 -3.46 -17.64
C PHE A 688 7.93 -3.43 -18.33
N ASN A 689 7.57 -4.56 -18.94
CA ASN A 689 6.28 -4.71 -19.58
C ASN A 689 5.53 -5.83 -18.89
N PHE A 690 4.28 -5.57 -18.51
CA PHE A 690 3.47 -6.64 -17.94
C PHE A 690 2.20 -6.80 -18.77
N PHE A 691 1.66 -8.01 -18.72
CA PHE A 691 0.34 -8.26 -19.28
C PHE A 691 -0.30 -9.40 -18.52
N VAL A 692 -1.63 -9.39 -18.48
CA VAL A 692 -2.40 -10.30 -17.63
C VAL A 692 -3.16 -11.28 -18.50
N THR A 693 -3.00 -12.56 -18.22
CA THR A 693 -3.70 -13.60 -18.94
C THR A 693 -4.94 -14.04 -18.16
N ALA A 694 -5.70 -14.96 -18.75
CA ALA A 694 -6.86 -15.52 -18.09
C ALA A 694 -6.42 -16.35 -16.89
N PRO A 695 -7.32 -16.62 -15.94
CA PRO A 695 -6.87 -17.27 -14.69
C PRO A 695 -6.13 -18.58 -14.89
N LYS A 696 -6.54 -19.41 -15.85
CA LYS A 696 -5.83 -20.66 -16.08
C LYS A 696 -5.72 -21.01 -17.56
N ASN A 697 -5.90 -20.03 -18.43
CA ASN A 697 -5.99 -20.25 -19.88
C ASN A 697 -4.93 -19.38 -20.55
N VAL A 698 -3.73 -19.93 -20.70
CA VAL A 698 -2.57 -19.14 -21.13
C VAL A 698 -2.82 -18.48 -22.47
N SER A 699 -3.54 -19.16 -23.36
CA SER A 699 -3.79 -18.61 -24.69
C SER A 699 -4.68 -17.38 -24.66
N ASP A 700 -5.36 -17.12 -23.55
CA ASP A 700 -6.28 -15.99 -23.43
C ASP A 700 -5.56 -14.85 -22.73
N ILE A 701 -5.43 -13.72 -23.42
CA ILE A 701 -4.81 -12.53 -22.87
C ILE A 701 -5.89 -11.47 -22.71
N ILE A 702 -6.00 -10.93 -21.51
CA ILE A 702 -6.94 -9.85 -21.25
C ILE A 702 -6.52 -8.67 -22.13
N PRO A 703 -7.40 -8.17 -23.00
CA PRO A 703 -6.99 -7.10 -23.91
C PRO A 703 -6.58 -5.85 -23.16
N ARG A 704 -5.68 -5.08 -23.79
CA ARG A 704 -5.03 -3.98 -23.10
C ARG A 704 -6.02 -2.94 -22.59
N THR A 705 -7.13 -2.73 -23.31
CA THR A 705 -8.08 -1.70 -22.91
C THR A 705 -8.66 -2.01 -21.53
N GLU A 706 -9.04 -3.27 -21.30
CA GLU A 706 -9.58 -3.65 -20.01
C GLU A 706 -8.54 -3.52 -18.90
N VAL A 707 -7.29 -3.87 -19.19
CA VAL A 707 -6.23 -3.72 -18.19
C VAL A 707 -6.04 -2.26 -17.83
N GLU A 708 -6.07 -1.38 -18.83
CA GLU A 708 -5.92 0.05 -18.57
C GLU A 708 -7.07 0.58 -17.72
N LYS A 709 -8.31 0.15 -18.03
CA LYS A 709 -9.44 0.60 -17.22
C LYS A 709 -9.31 0.08 -15.79
N ALA A 710 -8.86 -1.17 -15.63
CA ALA A 710 -8.66 -1.73 -14.30
C ALA A 710 -7.62 -0.94 -13.52
N ILE A 711 -6.52 -0.57 -14.18
CA ILE A 711 -5.47 0.18 -13.51
C ILE A 711 -5.95 1.57 -13.14
N ARG A 712 -6.67 2.24 -14.04
CA ARG A 712 -7.24 3.54 -13.71
C ARG A 712 -8.14 3.45 -12.50
N MET A 713 -8.94 2.40 -12.42
CA MET A 713 -9.91 2.28 -11.34
C MET A 713 -9.23 2.18 -9.98
N SER A 714 -8.16 1.41 -9.88
CA SER A 714 -7.52 1.12 -8.60
C SER A 714 -6.06 1.56 -8.58
N ARG A 715 -5.75 2.67 -9.26
CA ARG A 715 -4.37 3.16 -9.26
C ARG A 715 -3.97 3.74 -7.92
N SER A 716 -4.93 4.26 -7.15
CA SER A 716 -4.61 4.83 -5.85
C SER A 716 -4.03 3.78 -4.90
N ARG A 717 -4.64 2.59 -4.88
CA ARG A 717 -4.16 1.53 -4.00
C ARG A 717 -2.76 1.07 -4.41
N ILE A 718 -2.52 0.93 -5.71
CA ILE A 718 -1.20 0.54 -6.19
C ILE A 718 -0.17 1.58 -5.80
N ASN A 719 -0.51 2.86 -5.97
CA ASN A 719 0.39 3.93 -5.58
C ASN A 719 0.70 3.88 -4.09
N ASP A 720 -0.32 3.65 -3.27
CA ASP A 720 -0.11 3.61 -1.83
C ASP A 720 0.71 2.41 -1.39
N ALA A 721 0.62 1.30 -2.13
CA ALA A 721 1.35 0.10 -1.73
C ALA A 721 2.86 0.32 -1.75
N PHE A 722 3.35 1.14 -2.69
CA PHE A 722 4.77 1.38 -2.83
C PHE A 722 5.18 2.80 -2.41
N ARG A 723 4.25 3.57 -1.85
CA ARG A 723 4.53 4.95 -1.45
C ARG A 723 5.04 5.78 -2.62
N LEU A 724 4.36 5.65 -3.76
CA LEU A 724 4.64 6.45 -4.94
C LEU A 724 3.37 7.21 -5.33
N ASN A 725 3.54 8.34 -6.01
CA ASN A 725 2.41 9.20 -6.37
C ASN A 725 2.45 9.60 -7.84
N ASP A 726 1.96 8.71 -8.71
CA ASP A 726 1.51 9.08 -10.05
C ASP A 726 2.58 9.73 -10.92
N ASN A 727 3.78 9.90 -10.41
CA ASN A 727 4.85 10.54 -11.16
C ASN A 727 6.08 9.65 -11.15
N SER A 728 6.28 8.94 -10.06
CA SER A 728 7.32 7.93 -9.98
C SER A 728 6.81 6.55 -10.40
N LEU A 729 5.50 6.39 -10.57
CA LEU A 729 4.91 5.12 -11.01
C LEU A 729 4.06 5.42 -12.24
N GLU A 730 4.70 5.41 -13.41
CA GLU A 730 4.07 5.77 -14.66
C GLU A 730 3.74 4.51 -15.44
N PHE A 731 2.52 4.42 -15.96
CA PHE A 731 2.08 3.26 -16.72
C PHE A 731 2.15 3.47 -18.23
N LEU A 732 2.63 4.62 -18.69
CA LEU A 732 2.89 4.89 -20.10
C LEU A 732 1.68 4.57 -20.98
N GLY A 733 0.63 5.36 -20.79
CA GLY A 733 -0.60 5.19 -21.52
C GLY A 733 -1.78 5.52 -20.64
N ILE A 734 -1.55 5.51 -19.33
CA ILE A 734 -2.58 5.89 -18.37
C ILE A 734 -2.18 7.23 -17.76
N GLN A 735 -2.77 8.31 -18.27
CA GLN A 735 -2.45 9.65 -17.81
C GLN A 735 -3.41 10.06 -16.71
N PRO A 736 -2.93 10.45 -15.54
CA PRO A 736 -3.83 10.76 -14.43
C PRO A 736 -4.46 12.14 -14.60
N THR A 737 -5.50 12.37 -13.80
CA THR A 737 -6.19 13.66 -13.75
C THR A 737 -5.96 14.28 -12.38
N LEU A 738 -5.43 15.50 -12.36
CA LEU A 738 -5.13 16.15 -11.09
C LEU A 738 -6.39 16.58 -10.35
N GLY A 739 -7.43 16.94 -11.08
CA GLY A 739 -8.67 17.39 -10.48
C GLY A 739 -8.97 18.83 -10.84
N PRO A 740 -10.24 19.12 -11.08
CA PRO A 740 -10.63 20.48 -11.48
C PRO A 740 -10.32 21.49 -10.38
N PRO A 741 -9.85 22.68 -10.75
CA PRO A 741 -9.63 23.71 -9.73
C PRO A 741 -10.91 24.50 -9.46
N ASN A 742 -11.40 24.43 -8.23
CA ASN A 742 -12.65 25.08 -7.87
C ASN A 742 -12.54 26.58 -8.01
N GLN A 743 -13.62 27.21 -8.47
CA GLN A 743 -13.61 28.66 -8.53
C GLN A 743 -14.50 29.23 -7.43
N PRO A 744 -14.11 30.35 -6.84
CA PRO A 744 -14.94 31.00 -5.80
C PRO A 744 -16.29 31.42 -6.38
N PRO A 745 -17.24 31.85 -5.53
CA PRO A 745 -18.57 32.20 -6.03
C PRO A 745 -18.59 33.11 -7.25
N VAL A 746 -18.05 34.32 -7.15
CA VAL A 746 -17.91 35.14 -8.36
C VAL A 746 -16.49 35.65 -8.53
N SER A 747 -16.07 36.57 -7.67
CA SER A 747 -14.73 37.16 -7.73
C SER A 747 -14.42 37.93 -6.45
N ILE A 748 -13.40 37.49 -5.70
CA ILE A 748 -13.05 38.19 -4.47
C ILE A 748 -12.42 39.55 -4.79
N TRP A 749 -11.60 39.61 -5.84
CA TRP A 749 -10.97 40.88 -6.21
C TRP A 749 -12.01 41.92 -6.56
N LEU A 750 -13.07 41.52 -7.27
CA LEU A 750 -14.11 42.46 -7.64
C LEU A 750 -14.84 43.00 -6.42
N ILE A 751 -15.10 42.14 -5.44
CA ILE A 751 -15.78 42.58 -4.22
C ILE A 751 -14.91 43.59 -3.46
N VAL A 752 -13.62 43.27 -3.30
CA VAL A 752 -12.72 44.17 -2.58
C VAL A 752 -12.61 45.49 -3.32
N PHE A 753 -12.49 45.44 -4.65
CA PHE A 753 -12.40 46.66 -5.45
C PHE A 753 -13.67 47.50 -5.31
N GLY A 754 -14.83 46.85 -5.33
CA GLY A 754 -16.08 47.58 -5.16
C GLY A 754 -16.17 48.27 -3.81
N VAL A 755 -15.78 47.57 -2.74
CA VAL A 755 -15.81 48.17 -1.42
C VAL A 755 -14.88 49.39 -1.36
N VAL A 756 -13.66 49.22 -1.87
CA VAL A 756 -12.68 50.31 -1.81
C VAL A 756 -13.16 51.50 -2.64
N MET A 757 -13.65 51.24 -3.84
CA MET A 757 -14.13 52.33 -4.69
C MET A 757 -15.31 53.04 -4.05
N GLY A 758 -16.22 52.29 -3.43
CA GLY A 758 -17.35 52.92 -2.76
C GLY A 758 -16.92 53.84 -1.63
N VAL A 759 -16.00 53.36 -0.78
CA VAL A 759 -15.59 54.19 0.35
C VAL A 759 -14.81 55.41 -0.14
N ILE A 760 -14.00 55.25 -1.19
CA ILE A 760 -13.26 56.39 -1.73
C ILE A 760 -14.22 57.42 -2.34
N VAL A 761 -15.22 56.95 -3.07
CA VAL A 761 -16.20 57.86 -3.68
C VAL A 761 -16.96 58.61 -2.59
N VAL A 762 -17.36 57.90 -1.52
CA VAL A 762 -18.07 58.55 -0.43
C VAL A 762 -17.20 59.61 0.23
N GLY A 763 -15.91 59.29 0.45
CA GLY A 763 -15.01 60.27 1.03
C GLY A 763 -14.84 61.50 0.15
N ILE A 764 -14.70 61.29 -1.16
CA ILE A 764 -14.57 62.41 -2.08
C ILE A 764 -15.81 63.28 -2.05
N VAL A 765 -17.00 62.65 -2.09
CA VAL A 765 -18.24 63.40 -2.11
C VAL A 765 -18.41 64.22 -0.83
N ILE A 766 -18.13 63.60 0.32
CA ILE A 766 -18.32 64.32 1.58
C ILE A 766 -17.32 65.45 1.71
N LEU A 767 -16.07 65.24 1.25
CA LEU A 767 -15.09 66.31 1.31
C LEU A 767 -15.48 67.48 0.41
N ILE A 768 -15.94 67.18 -0.81
CA ILE A 768 -16.37 68.25 -1.72
C ILE A 768 -17.55 69.00 -1.14
N PHE A 769 -18.52 68.28 -0.58
CA PHE A 769 -19.69 68.93 -0.01
C PHE A 769 -19.32 69.82 1.17
N THR A 770 -18.45 69.33 2.06
CA THR A 770 -18.03 70.14 3.20
C THR A 770 -17.24 71.36 2.76
N GLY A 771 -16.36 71.20 1.76
CA GLY A 771 -15.61 72.34 1.27
C GLY A 771 -16.49 73.40 0.64
N ILE A 772 -17.48 72.97 -0.13
CA ILE A 772 -18.41 73.92 -0.75
C ILE A 772 -19.26 74.61 0.30
N ARG A 773 -19.75 73.85 1.29
CA ARG A 773 -20.61 74.42 2.33
C ARG A 773 -19.85 75.39 3.23
N ASP A 774 -18.56 75.11 3.50
CA ASP A 774 -17.78 76.01 4.33
C ASP A 774 -17.62 77.37 3.65
N ARG A 775 -17.40 77.39 2.35
CA ARG A 775 -17.27 78.63 1.60
C ARG A 775 -18.61 79.06 1.02
N THR B 27 -64.06 -51.44 -9.21
CA THR B 27 -63.87 -51.42 -10.65
C THR B 27 -62.43 -51.05 -10.99
N ILE B 28 -62.01 -49.87 -10.54
CA ILE B 28 -60.65 -49.41 -10.82
C ILE B 28 -59.63 -50.29 -10.11
N GLU B 29 -59.96 -50.75 -8.89
CA GLU B 29 -59.07 -51.65 -8.18
C GLU B 29 -58.89 -52.95 -8.94
N GLU B 30 -59.97 -53.47 -9.54
CA GLU B 30 -59.88 -54.74 -10.28
C GLU B 30 -58.97 -54.61 -11.48
N GLN B 31 -59.13 -53.55 -12.27
CA GLN B 31 -58.28 -53.36 -13.43
C GLN B 31 -56.84 -53.07 -13.03
N ALA B 32 -56.63 -52.37 -11.92
CA ALA B 32 -55.26 -52.17 -11.43
C ALA B 32 -54.61 -53.49 -11.03
N LYS B 33 -55.38 -54.36 -10.37
CA LYS B 33 -54.86 -55.68 -10.02
C LYS B 33 -54.52 -56.48 -11.28
N THR B 34 -55.38 -56.40 -12.29
CA THR B 34 -55.10 -57.07 -13.56
C THR B 34 -53.82 -56.52 -14.19
N PHE B 35 -53.63 -55.20 -14.12
CA PHE B 35 -52.42 -54.58 -14.64
C PHE B 35 -51.18 -55.11 -13.94
N LEU B 36 -51.24 -55.20 -12.60
CA LEU B 36 -50.09 -55.71 -11.86
C LEU B 36 -49.82 -57.18 -12.18
N ASP B 37 -50.88 -57.97 -12.32
CA ASP B 37 -50.70 -59.37 -12.70
C ASP B 37 -50.04 -59.49 -14.06
N LYS B 38 -50.46 -58.65 -15.01
CA LYS B 38 -49.83 -58.64 -16.32
C LYS B 38 -48.36 -58.26 -16.22
N PHE B 39 -48.06 -57.26 -15.37
CA PHE B 39 -46.67 -56.81 -15.21
C PHE B 39 -45.78 -57.91 -14.64
N ASN B 40 -46.30 -58.70 -13.70
CA ASN B 40 -45.45 -59.60 -12.92
C ASN B 40 -44.71 -60.60 -13.81
N HIS B 41 -45.44 -61.26 -14.72
CA HIS B 41 -44.83 -62.34 -15.48
C HIS B 41 -43.74 -61.84 -16.42
N GLU B 42 -44.00 -60.73 -17.12
CA GLU B 42 -42.97 -60.17 -18.00
C GLU B 42 -41.78 -59.66 -17.21
N ALA B 43 -42.03 -58.98 -16.08
CA ALA B 43 -40.95 -58.46 -15.27
C ALA B 43 -40.07 -59.56 -14.71
N GLU B 44 -40.68 -60.69 -14.31
CA GLU B 44 -39.89 -61.80 -13.81
C GLU B 44 -38.88 -62.26 -14.84
N ASP B 45 -39.33 -62.51 -16.07
CA ASP B 45 -38.42 -63.00 -17.10
C ASP B 45 -37.35 -61.96 -17.43
N LEU B 46 -37.74 -60.70 -17.58
CA LEU B 46 -36.74 -59.70 -17.97
C LEU B 46 -35.69 -59.50 -16.87
N PHE B 47 -36.13 -59.45 -15.61
CA PHE B 47 -35.17 -59.29 -14.52
C PHE B 47 -34.29 -60.53 -14.37
N TYR B 48 -34.86 -61.71 -14.63
CA TYR B 48 -34.03 -62.91 -14.62
C TYR B 48 -32.94 -62.84 -15.68
N GLN B 49 -33.30 -62.38 -16.89
CA GLN B 49 -32.30 -62.23 -17.93
C GLN B 49 -31.22 -61.23 -17.54
N SER B 50 -31.63 -60.08 -16.99
CA SER B 50 -30.65 -59.07 -16.60
C SER B 50 -29.72 -59.59 -15.50
N SER B 51 -30.29 -60.26 -14.50
CA SER B 51 -29.48 -60.80 -13.40
C SER B 51 -28.53 -61.87 -13.90
N LEU B 52 -28.99 -62.71 -14.84
CA LEU B 52 -28.11 -63.73 -15.40
C LEU B 52 -26.96 -63.10 -16.17
N ALA B 53 -27.24 -62.05 -16.94
CA ALA B 53 -26.18 -61.36 -17.67
C ALA B 53 -25.17 -60.75 -16.71
N SER B 54 -25.66 -60.12 -15.64
CA SER B 54 -24.75 -59.55 -14.64
C SER B 54 -23.91 -60.62 -13.97
N TRP B 55 -24.53 -61.76 -13.63
CA TRP B 55 -23.78 -62.86 -13.04
C TRP B 55 -22.71 -63.37 -13.99
N ASN B 56 -23.02 -63.46 -15.28
CA ASN B 56 -22.01 -63.87 -16.25
C ASN B 56 -20.88 -62.86 -16.33
N TYR B 57 -21.19 -61.57 -16.32
CA TYR B 57 -20.14 -60.56 -16.38
C TYR B 57 -19.26 -60.60 -15.13
N ASN B 58 -19.84 -60.98 -13.99
CA ASN B 58 -19.03 -61.07 -12.79
C ASN B 58 -18.30 -62.41 -12.67
N THR B 59 -18.78 -63.43 -13.38
CA THR B 59 -18.18 -64.75 -13.33
C THR B 59 -16.90 -64.80 -14.16
N ASN B 60 -17.04 -64.60 -15.48
CA ASN B 60 -15.89 -64.30 -16.33
C ASN B 60 -15.70 -62.80 -16.32
N ILE B 61 -14.74 -62.30 -17.11
CA ILE B 61 -14.63 -60.87 -17.39
C ILE B 61 -14.20 -60.70 -18.84
N THR B 62 -15.15 -60.26 -19.68
CA THR B 62 -14.87 -60.00 -21.09
C THR B 62 -15.67 -58.77 -21.51
N GLU B 63 -15.15 -58.06 -22.51
CA GLU B 63 -15.84 -56.89 -23.03
C GLU B 63 -17.16 -57.26 -23.70
N GLU B 64 -17.23 -58.45 -24.30
CA GLU B 64 -18.50 -58.92 -24.85
C GLU B 64 -19.55 -59.05 -23.74
N ASN B 65 -19.15 -59.59 -22.59
CA ASN B 65 -20.07 -59.64 -21.45
C ASN B 65 -20.42 -58.24 -20.95
N VAL B 66 -19.49 -57.29 -21.07
CA VAL B 66 -19.81 -55.90 -20.73
C VAL B 66 -20.92 -55.39 -21.62
N GLN B 67 -20.82 -55.64 -22.92
CA GLN B 67 -21.87 -55.24 -23.85
C GLN B 67 -23.19 -55.94 -23.54
N ASN B 68 -23.12 -57.23 -23.20
CA ASN B 68 -24.34 -57.96 -22.84
C ASN B 68 -25.01 -57.35 -21.62
N MET B 69 -24.21 -57.03 -20.59
CA MET B 69 -24.74 -56.39 -19.39
C MET B 69 -25.37 -55.05 -19.71
N ASN B 70 -24.70 -54.26 -20.55
CA ASN B 70 -25.26 -52.96 -20.93
C ASN B 70 -26.59 -53.13 -21.66
N ASN B 71 -26.66 -54.08 -22.59
CA ASN B 71 -27.90 -54.30 -23.32
C ASN B 71 -29.02 -54.74 -22.40
N ALA B 72 -28.74 -55.71 -21.53
CA ALA B 72 -29.78 -56.21 -20.62
C ALA B 72 -30.25 -55.11 -19.68
N GLY B 73 -29.32 -54.33 -19.15
CA GLY B 73 -29.71 -53.24 -18.26
C GLY B 73 -30.53 -52.18 -18.96
N ASP B 74 -30.16 -51.82 -20.20
CA ASP B 74 -30.93 -50.84 -20.94
C ASP B 74 -32.34 -51.36 -21.23
N LYS B 75 -32.46 -52.63 -21.62
CA LYS B 75 -33.78 -53.20 -21.87
C LYS B 75 -34.63 -53.20 -20.61
N TRP B 76 -34.04 -53.59 -19.48
CA TRP B 76 -34.78 -53.60 -18.22
C TRP B 76 -35.20 -52.20 -17.81
N SER B 77 -34.31 -51.22 -17.99
CA SER B 77 -34.65 -49.85 -17.62
C SER B 77 -35.76 -49.29 -18.51
N ALA B 78 -35.70 -49.59 -19.81
CA ALA B 78 -36.76 -49.13 -20.71
C ALA B 78 -38.10 -49.77 -20.35
N PHE B 79 -38.08 -51.07 -20.03
CA PHE B 79 -39.30 -51.74 -19.61
C PHE B 79 -39.84 -51.12 -18.33
N LEU B 80 -38.96 -50.85 -17.37
CA LEU B 80 -39.41 -50.26 -16.10
C LEU B 80 -40.02 -48.88 -16.33
N LYS B 81 -39.39 -48.06 -17.16
CA LYS B 81 -39.90 -46.70 -17.37
C LYS B 81 -41.21 -46.72 -18.13
N GLU B 82 -41.35 -47.59 -19.13
CA GLU B 82 -42.63 -47.65 -19.84
C GLU B 82 -43.73 -48.20 -18.92
N GLN B 83 -43.41 -49.17 -18.08
CA GLN B 83 -44.40 -49.65 -17.12
C GLN B 83 -44.78 -48.56 -16.13
N SER B 84 -43.81 -47.74 -15.72
CA SER B 84 -44.11 -46.63 -14.83
C SER B 84 -45.05 -45.63 -15.50
N THR B 85 -44.82 -45.34 -16.78
CA THR B 85 -45.75 -44.49 -17.51
C THR B 85 -47.14 -45.11 -17.57
N LEU B 86 -47.20 -46.42 -17.81
CA LEU B 86 -48.50 -47.09 -17.90
C LEU B 86 -49.24 -47.09 -16.56
N ALA B 87 -48.53 -47.27 -15.45
CA ALA B 87 -49.14 -47.43 -14.14
C ALA B 87 -49.90 -46.20 -13.68
N GLN B 88 -49.68 -45.04 -14.30
CA GLN B 88 -50.36 -43.82 -13.89
C GLN B 88 -51.87 -43.88 -14.14
N MET B 89 -52.34 -44.87 -14.91
CA MET B 89 -53.77 -44.96 -15.20
C MET B 89 -54.59 -45.25 -13.96
N TYR B 90 -53.97 -45.81 -12.92
CA TYR B 90 -54.73 -46.16 -11.72
C TYR B 90 -54.28 -45.30 -10.54
N PRO B 91 -55.00 -44.23 -10.24
CA PRO B 91 -54.62 -43.37 -9.10
C PRO B 91 -54.75 -44.10 -7.77
N LEU B 92 -53.87 -43.74 -6.84
CA LEU B 92 -53.88 -44.33 -5.51
C LEU B 92 -55.07 -43.89 -4.69
N GLN B 93 -55.72 -42.79 -5.06
CA GLN B 93 -56.85 -42.29 -4.29
C GLN B 93 -58.01 -43.27 -4.26
N GLU B 94 -58.09 -44.17 -5.25
CA GLU B 94 -59.17 -45.14 -5.32
C GLU B 94 -58.72 -46.55 -5.00
N ILE B 95 -57.43 -46.80 -4.86
CA ILE B 95 -56.94 -48.14 -4.56
C ILE B 95 -57.19 -48.44 -3.09
N GLN B 96 -57.83 -49.58 -2.81
CA GLN B 96 -58.14 -49.98 -1.45
C GLN B 96 -57.25 -51.12 -0.96
N ASN B 97 -56.80 -51.99 -1.85
CA ASN B 97 -55.92 -53.10 -1.48
C ASN B 97 -54.54 -52.55 -1.12
N LEU B 98 -54.04 -52.93 0.06
CA LEU B 98 -52.77 -52.39 0.53
C LEU B 98 -51.62 -52.82 -0.36
N THR B 99 -51.52 -54.12 -0.65
CA THR B 99 -50.44 -54.63 -1.48
C THR B 99 -50.48 -54.00 -2.87
N VAL B 100 -51.68 -53.92 -3.45
CA VAL B 100 -51.82 -53.30 -4.77
C VAL B 100 -51.41 -51.84 -4.72
N LYS B 101 -51.84 -51.13 -3.67
CA LYS B 101 -51.51 -49.71 -3.57
C LYS B 101 -50.00 -49.50 -3.49
N LEU B 102 -49.31 -50.30 -2.67
CA LEU B 102 -47.88 -50.08 -2.52
C LEU B 102 -47.11 -50.54 -3.76
N GLN B 103 -47.56 -51.61 -4.43
CA GLN B 103 -46.90 -52.00 -5.67
C GLN B 103 -47.08 -50.92 -6.74
N LEU B 104 -48.27 -50.33 -6.82
CA LEU B 104 -48.48 -49.22 -7.74
C LEU B 104 -47.61 -48.03 -7.37
N GLN B 105 -47.42 -47.78 -6.08
CA GLN B 105 -46.52 -46.72 -5.66
C GLN B 105 -45.09 -47.00 -6.13
N ALA B 106 -44.64 -48.25 -5.98
CA ALA B 106 -43.30 -48.61 -6.41
C ALA B 106 -43.14 -48.44 -7.91
N LEU B 107 -44.17 -48.79 -8.68
CA LEU B 107 -44.12 -48.68 -10.13
C LEU B 107 -44.58 -47.33 -10.66
N GLN B 108 -44.91 -46.39 -9.79
CA GLN B 108 -45.43 -45.10 -10.22
C GLN B 108 -44.48 -43.95 -9.98
N GLN B 109 -43.44 -44.12 -9.17
CA GLN B 109 -42.50 -43.05 -8.90
C GLN B 109 -41.80 -42.64 -10.19
N ASN B 110 -41.78 -41.32 -10.44
CA ASN B 110 -41.18 -40.82 -11.68
C ASN B 110 -39.67 -40.86 -11.63
N GLY B 111 -39.08 -40.45 -10.51
CA GLY B 111 -37.65 -40.33 -10.43
C GLY B 111 -37.15 -39.14 -11.24
N SER B 112 -36.02 -39.31 -11.91
CA SER B 112 -35.44 -38.23 -12.70
C SER B 112 -36.24 -37.90 -13.95
N SER B 113 -37.20 -38.74 -14.32
CA SER B 113 -37.97 -38.54 -15.54
C SER B 113 -38.84 -37.28 -15.49
N VAL B 114 -39.05 -36.70 -14.31
CA VAL B 114 -39.92 -35.53 -14.19
C VAL B 114 -39.24 -34.24 -14.61
N LEU B 115 -37.91 -34.22 -14.72
CA LEU B 115 -37.20 -33.04 -15.14
C LEU B 115 -37.31 -32.86 -16.65
N SER B 116 -36.89 -31.70 -17.13
CA SER B 116 -36.79 -31.47 -18.56
C SER B 116 -35.60 -32.23 -19.13
N GLU B 117 -35.55 -32.33 -20.46
CA GLU B 117 -34.47 -33.08 -21.11
C GLU B 117 -33.10 -32.47 -20.80
N ASP B 118 -32.98 -31.14 -20.94
CA ASP B 118 -31.71 -30.49 -20.68
C ASP B 118 -31.27 -30.68 -19.23
N LYS B 119 -32.20 -30.48 -18.29
CA LYS B 119 -31.87 -30.62 -16.88
C LYS B 119 -31.50 -32.06 -16.55
N SER B 120 -32.22 -33.02 -17.11
CA SER B 120 -31.90 -34.42 -16.86
C SER B 120 -30.51 -34.77 -17.38
N LYS B 121 -30.18 -34.30 -18.59
CA LYS B 121 -28.86 -34.59 -19.15
C LYS B 121 -27.77 -33.93 -18.33
N ARG B 122 -28.01 -32.69 -17.88
CA ARG B 122 -27.03 -32.01 -17.05
C ARG B 122 -26.82 -32.75 -15.73
N LEU B 123 -27.91 -33.26 -15.14
CA LEU B 123 -27.81 -34.01 -13.90
C LEU B 123 -27.00 -35.29 -14.10
N ASN B 124 -27.27 -36.03 -15.17
CA ASN B 124 -26.49 -37.24 -15.42
C ASN B 124 -25.03 -36.90 -15.65
N THR B 125 -24.76 -35.82 -16.37
CA THR B 125 -23.37 -35.43 -16.63
C THR B 125 -22.64 -35.08 -15.34
N ILE B 126 -23.28 -34.32 -14.44
CA ILE B 126 -22.58 -33.93 -13.22
C ILE B 126 -22.41 -35.14 -12.30
N LEU B 127 -23.39 -36.03 -12.25
CA LEU B 127 -23.22 -37.24 -11.46
C LEU B 127 -22.03 -38.06 -11.95
N ASN B 128 -21.95 -38.26 -13.27
CA ASN B 128 -20.87 -39.04 -13.84
C ASN B 128 -19.52 -38.35 -13.62
N THR B 129 -19.48 -37.03 -13.76
CA THR B 129 -18.23 -36.30 -13.56
C THR B 129 -17.75 -36.41 -12.13
N MET B 130 -18.66 -36.26 -11.16
CA MET B 130 -18.26 -36.41 -9.76
C MET B 130 -17.77 -37.82 -9.48
N SER B 131 -18.45 -38.82 -10.04
CA SER B 131 -18.02 -40.19 -9.82
C SER B 131 -16.61 -40.42 -10.37
N THR B 132 -16.33 -39.94 -11.58
CA THR B 132 -15.00 -40.14 -12.14
C THR B 132 -13.94 -39.34 -11.40
N ILE B 133 -14.28 -38.13 -10.95
CA ILE B 133 -13.33 -37.33 -10.19
C ILE B 133 -12.95 -38.04 -8.90
N TYR B 134 -13.95 -38.59 -8.20
CA TYR B 134 -13.64 -39.35 -6.99
C TYR B 134 -12.82 -40.59 -7.33
N SER B 135 -13.15 -41.26 -8.43
CA SER B 135 -12.50 -42.54 -8.74
C SER B 135 -11.04 -42.36 -9.13
N THR B 136 -10.72 -41.32 -9.91
CA THR B 136 -9.40 -41.19 -10.50
C THR B 136 -8.64 -39.99 -9.97
N GLY B 137 -9.05 -39.41 -8.85
CA GLY B 137 -8.31 -38.31 -8.27
C GLY B 137 -6.91 -38.73 -7.88
N LYS B 138 -5.93 -37.88 -8.14
CA LYS B 138 -4.54 -38.14 -7.79
C LYS B 138 -3.98 -36.99 -6.96
N VAL B 139 -3.20 -37.34 -5.94
CA VAL B 139 -2.42 -36.37 -5.18
C VAL B 139 -0.97 -36.80 -5.22
N CYS B 140 -0.07 -35.83 -5.28
CA CYS B 140 1.34 -36.12 -5.51
C CYS B 140 2.17 -35.46 -4.42
N ASN B 141 3.23 -36.16 -4.02
CA ASN B 141 4.15 -35.60 -3.03
C ASN B 141 4.82 -34.36 -3.61
N PRO B 142 4.85 -33.24 -2.90
CA PRO B 142 5.49 -32.03 -3.43
C PRO B 142 6.96 -32.20 -3.73
N ASP B 143 7.63 -33.20 -3.14
CA ASP B 143 9.04 -33.40 -3.41
C ASP B 143 9.27 -34.10 -4.75
N ASN B 144 8.53 -35.19 -5.01
CA ASN B 144 8.63 -35.88 -6.29
C ASN B 144 7.30 -35.80 -7.01
N PRO B 145 6.94 -34.65 -7.58
CA PRO B 145 5.63 -34.53 -8.25
C PRO B 145 5.43 -35.51 -9.38
N GLN B 146 6.46 -36.28 -9.73
CA GLN B 146 6.33 -37.33 -10.72
C GLN B 146 5.68 -38.59 -10.18
N GLU B 147 5.72 -38.82 -8.87
CA GLU B 147 5.03 -39.93 -8.24
C GLU B 147 3.71 -39.41 -7.67
N CYS B 148 2.62 -40.08 -8.00
CA CYS B 148 1.30 -39.65 -7.58
C CYS B 148 0.52 -40.85 -7.09
N LEU B 149 -0.39 -40.62 -6.17
CA LEU B 149 -1.14 -41.70 -5.53
C LEU B 149 -2.63 -41.52 -5.79
N LEU B 150 -3.29 -42.63 -6.09
CA LEU B 150 -4.74 -42.66 -6.22
C LEU B 150 -5.35 -42.66 -4.82
N LEU B 151 -6.64 -42.92 -4.72
CA LEU B 151 -7.25 -43.05 -3.40
C LEU B 151 -7.21 -44.49 -2.92
N GLU B 152 -7.75 -45.42 -3.72
CA GLU B 152 -7.96 -46.78 -3.23
C GLU B 152 -6.66 -47.48 -2.83
N PRO B 153 -5.61 -47.51 -3.64
CA PRO B 153 -4.32 -47.97 -3.12
C PRO B 153 -3.47 -46.80 -2.65
N GLY B 154 -2.49 -47.12 -1.82
CA GLY B 154 -1.54 -46.12 -1.39
C GLY B 154 -2.10 -45.15 -0.37
N LEU B 155 -3.02 -44.29 -0.80
CA LEU B 155 -3.55 -43.26 0.10
C LEU B 155 -4.29 -43.89 1.26
N ASN B 156 -5.08 -44.92 1.02
CA ASN B 156 -5.72 -45.65 2.11
C ASN B 156 -4.67 -46.31 2.99
N GLU B 157 -3.63 -46.90 2.39
CA GLU B 157 -2.55 -47.48 3.17
C GLU B 157 -1.85 -46.42 4.01
N ILE B 158 -1.59 -45.25 3.42
CA ILE B 158 -0.96 -44.17 4.16
C ILE B 158 -1.80 -43.78 5.36
N MET B 159 -3.11 -43.63 5.16
CA MET B 159 -3.99 -43.20 6.22
C MET B 159 -4.26 -44.27 7.26
N ALA B 160 -4.12 -45.54 6.92
CA ALA B 160 -4.42 -46.62 7.85
C ALA B 160 -3.19 -47.28 8.47
N ASN B 161 -1.99 -46.91 8.05
CA ASN B 161 -0.79 -47.54 8.60
C ASN B 161 0.25 -46.56 9.14
N SER B 162 0.42 -45.40 8.51
CA SER B 162 1.48 -44.50 8.93
C SER B 162 1.24 -43.97 10.33
N LEU B 163 2.32 -43.74 11.06
CA LEU B 163 2.27 -43.10 12.37
C LEU B 163 2.92 -41.72 12.36
N ASP B 164 3.26 -41.21 11.19
CA ASP B 164 3.83 -39.88 11.06
C ASP B 164 2.71 -38.86 11.01
N TYR B 165 2.67 -37.97 12.01
CA TYR B 165 1.70 -36.88 11.98
C TYR B 165 1.83 -36.07 10.69
N ASN B 166 3.07 -35.78 10.29
CA ASN B 166 3.29 -34.97 9.10
C ASN B 166 2.78 -35.68 7.85
N GLU B 167 3.09 -36.96 7.70
CA GLU B 167 2.70 -37.67 6.48
C GLU B 167 1.19 -37.81 6.39
N ARG B 168 0.53 -38.18 7.48
CA ARG B 168 -0.92 -38.31 7.48
C ARG B 168 -1.58 -36.96 7.23
N LEU B 169 -1.05 -35.90 7.83
CA LEU B 169 -1.61 -34.57 7.57
C LEU B 169 -1.47 -34.21 6.11
N TRP B 170 -0.32 -34.50 5.50
CA TRP B 170 -0.15 -34.23 4.09
C TRP B 170 -1.18 -34.99 3.26
N ALA B 171 -1.35 -36.28 3.55
CA ALA B 171 -2.31 -37.07 2.78
C ALA B 171 -3.72 -36.50 2.90
N TRP B 172 -4.14 -36.21 4.13
CA TRP B 172 -5.49 -35.71 4.37
C TRP B 172 -5.72 -34.38 3.64
N GLU B 173 -4.83 -33.43 3.85
CA GLU B 173 -5.02 -32.10 3.26
C GLU B 173 -4.92 -32.15 1.74
N SER B 174 -3.99 -32.95 1.20
CA SER B 174 -3.86 -33.04 -0.24
C SER B 174 -5.12 -33.63 -0.86
N TRP B 175 -5.67 -34.69 -0.26
CA TRP B 175 -6.87 -35.26 -0.82
C TRP B 175 -8.03 -34.28 -0.75
N ARG B 176 -8.10 -33.49 0.32
CA ARG B 176 -9.24 -32.58 0.43
C ARG B 176 -9.04 -31.26 -0.31
N SER B 177 -7.84 -30.97 -0.78
CA SER B 177 -7.62 -29.76 -1.58
C SER B 177 -7.41 -30.05 -3.06
N GLU B 178 -7.29 -31.31 -3.45
CA GLU B 178 -7.15 -31.66 -4.85
C GLU B 178 -8.41 -32.30 -5.44
N VAL B 179 -9.33 -32.77 -4.60
CA VAL B 179 -10.55 -33.41 -5.10
C VAL B 179 -11.77 -32.72 -4.49
N GLY B 180 -11.59 -32.09 -3.34
CA GLY B 180 -12.69 -31.31 -2.78
C GLY B 180 -13.02 -30.10 -3.63
N LYS B 181 -11.99 -29.33 -4.00
CA LYS B 181 -12.22 -28.11 -4.76
C LYS B 181 -12.76 -28.41 -6.14
N GLN B 182 -12.39 -29.55 -6.72
CA GLN B 182 -12.97 -29.93 -8.00
C GLN B 182 -14.43 -30.33 -7.86
N LEU B 183 -14.84 -30.73 -6.65
CA LEU B 183 -16.18 -31.23 -6.44
C LEU B 183 -17.13 -30.17 -5.90
N ARG B 184 -16.63 -29.01 -5.47
CA ARG B 184 -17.53 -27.97 -4.95
C ARG B 184 -18.57 -27.52 -5.97
N PRO B 185 -18.22 -26.94 -7.12
CA PRO B 185 -19.26 -26.40 -8.01
C PRO B 185 -20.20 -27.47 -8.55
N LEU B 186 -19.65 -28.64 -8.88
CA LEU B 186 -20.49 -29.74 -9.32
C LEU B 186 -21.50 -30.10 -8.24
N TYR B 187 -21.07 -30.10 -6.98
CA TYR B 187 -22.01 -30.43 -5.91
C TYR B 187 -23.07 -29.36 -5.74
N GLU B 188 -22.72 -28.09 -5.93
CA GLU B 188 -23.75 -27.04 -5.86
C GLU B 188 -24.82 -27.25 -6.92
N GLU B 189 -24.39 -27.46 -8.17
CA GLU B 189 -25.35 -27.71 -9.24
C GLU B 189 -26.16 -28.98 -8.95
N TYR B 190 -25.51 -30.00 -8.40
CA TYR B 190 -26.20 -31.25 -8.08
C TYR B 190 -27.27 -31.04 -7.03
N VAL B 191 -26.97 -30.24 -5.99
CA VAL B 191 -27.98 -29.94 -4.98
C VAL B 191 -29.16 -29.22 -5.61
N VAL B 192 -28.91 -28.21 -6.45
CA VAL B 192 -30.00 -27.46 -7.03
C VAL B 192 -30.89 -28.36 -7.89
N LEU B 193 -30.26 -29.17 -8.74
CA LEU B 193 -31.03 -30.01 -9.66
C LEU B 193 -31.80 -31.10 -8.91
N LYS B 194 -31.18 -31.73 -7.91
CA LYS B 194 -31.88 -32.76 -7.15
C LYS B 194 -33.05 -32.17 -6.36
N ASN B 195 -32.88 -30.97 -5.79
CA ASN B 195 -33.99 -30.32 -5.12
C ASN B 195 -35.13 -30.04 -6.09
N GLU B 196 -34.80 -29.57 -7.30
CA GLU B 196 -35.86 -29.33 -8.29
C GLU B 196 -36.58 -30.63 -8.63
N MET B 197 -35.82 -31.72 -8.81
CA MET B 197 -36.44 -33.01 -9.14
C MET B 197 -37.37 -33.45 -8.02
N ALA B 198 -36.93 -33.32 -6.77
CA ALA B 198 -37.78 -33.75 -5.66
C ALA B 198 -39.03 -32.89 -5.56
N ARG B 199 -38.89 -31.58 -5.69
CA ARG B 199 -40.04 -30.71 -5.60
C ARG B 199 -41.04 -30.97 -6.71
N ALA B 200 -40.55 -31.25 -7.92
CA ALA B 200 -41.45 -31.64 -9.00
C ALA B 200 -42.17 -32.94 -8.70
N ASN B 201 -41.66 -33.74 -7.77
CA ASN B 201 -42.32 -34.97 -7.34
C ASN B 201 -43.06 -34.80 -6.02
N HIS B 202 -43.43 -33.56 -5.69
CA HIS B 202 -44.26 -33.25 -4.53
C HIS B 202 -43.58 -33.58 -3.20
N TYR B 203 -42.26 -33.54 -3.18
CA TYR B 203 -41.48 -33.59 -1.94
C TYR B 203 -40.94 -32.20 -1.67
N GLU B 204 -40.85 -31.84 -0.38
CA GLU B 204 -40.42 -30.49 -0.04
C GLU B 204 -38.97 -30.24 -0.45
N ASP B 205 -38.13 -31.26 -0.37
CA ASP B 205 -36.76 -31.17 -0.86
C ASP B 205 -36.25 -32.57 -1.13
N TYR B 206 -34.98 -32.65 -1.56
CA TYR B 206 -34.38 -33.95 -1.87
C TYR B 206 -34.23 -34.81 -0.62
N GLY B 207 -33.85 -34.20 0.50
CA GLY B 207 -33.72 -34.96 1.72
C GLY B 207 -35.02 -35.61 2.14
N ASP B 208 -36.14 -34.94 1.92
CA ASP B 208 -37.43 -35.56 2.17
C ASP B 208 -37.64 -36.77 1.28
N TYR B 209 -37.22 -36.68 0.00
CA TYR B 209 -37.29 -37.83 -0.88
C TYR B 209 -36.49 -39.00 -0.32
N TRP B 210 -35.28 -38.71 0.15
CA TRP B 210 -34.44 -39.78 0.72
C TRP B 210 -35.11 -40.40 1.94
N ARG B 211 -35.64 -39.56 2.83
CA ARG B 211 -36.30 -40.07 4.02
C ARG B 211 -37.57 -40.84 3.69
N GLY B 212 -38.13 -40.62 2.50
CA GLY B 212 -39.35 -41.30 2.10
C GLY B 212 -39.28 -42.81 2.13
N ASP B 213 -38.07 -43.38 2.19
CA ASP B 213 -37.95 -44.83 2.23
C ASP B 213 -38.57 -45.42 3.49
N TYR B 214 -38.64 -44.66 4.58
CA TYR B 214 -39.22 -45.13 5.83
C TYR B 214 -40.70 -44.77 5.97
N GLU B 215 -41.27 -44.10 4.98
CA GLU B 215 -42.64 -43.62 5.09
C GLU B 215 -43.61 -44.79 5.10
N VAL B 216 -44.62 -44.69 5.97
CA VAL B 216 -45.70 -45.68 6.06
C VAL B 216 -47.00 -44.91 6.24
N ASN B 217 -48.02 -45.28 5.47
CA ASN B 217 -49.29 -44.57 5.48
C ASN B 217 -50.46 -45.54 5.49
N GLY B 218 -51.57 -45.09 6.06
CA GLY B 218 -52.83 -45.82 6.01
C GLY B 218 -52.84 -47.18 6.66
N VAL B 219 -52.30 -47.29 7.88
CA VAL B 219 -52.32 -48.54 8.63
C VAL B 219 -52.93 -48.39 10.02
N ASP B 220 -53.32 -47.18 10.43
CA ASP B 220 -53.99 -46.94 11.71
C ASP B 220 -53.12 -47.39 12.88
N GLY B 221 -52.00 -46.69 13.04
CA GLY B 221 -51.14 -46.91 14.18
C GLY B 221 -49.70 -47.15 13.80
N TYR B 222 -49.50 -47.82 12.68
CA TYR B 222 -48.16 -48.10 12.16
C TYR B 222 -47.64 -46.98 11.28
N ASP B 223 -48.45 -45.94 11.03
CA ASP B 223 -48.03 -44.86 10.16
C ASP B 223 -46.76 -44.21 10.69
N TYR B 224 -45.79 -43.99 9.80
CA TYR B 224 -44.51 -43.41 10.15
C TYR B 224 -44.22 -42.29 9.15
N SER B 225 -44.44 -41.05 9.57
CA SER B 225 -44.22 -39.92 8.70
C SER B 225 -42.73 -39.76 8.39
N ARG B 226 -42.45 -39.12 7.26
CA ARG B 226 -41.05 -38.88 6.90
C ARG B 226 -40.38 -37.98 7.95
N GLY B 227 -40.99 -36.84 8.26
CA GLY B 227 -40.40 -35.92 9.21
C GLY B 227 -40.16 -36.50 10.58
N GLN B 228 -40.86 -37.58 10.94
CA GLN B 228 -40.61 -38.25 12.21
C GLN B 228 -39.23 -38.90 12.27
N LEU B 229 -38.73 -39.42 11.15
CA LEU B 229 -37.45 -40.14 11.18
C LEU B 229 -36.37 -39.27 11.81
N ILE B 230 -36.26 -38.02 11.37
CA ILE B 230 -35.30 -37.09 11.96
C ILE B 230 -35.36 -37.15 13.47
N GLU B 231 -36.56 -36.94 14.03
CA GLU B 231 -36.71 -36.99 15.47
C GLU B 231 -36.27 -38.33 16.04
N ASP B 232 -36.76 -39.43 15.44
CA ASP B 232 -36.40 -40.75 15.95
C ASP B 232 -34.90 -40.98 15.90
N VAL B 233 -34.20 -40.24 15.03
CA VAL B 233 -32.75 -40.29 15.06
C VAL B 233 -32.22 -39.47 16.23
N GLU B 234 -32.56 -38.18 16.27
CA GLU B 234 -31.94 -37.28 17.23
C GLU B 234 -32.15 -37.77 18.65
N HIS B 235 -33.40 -38.06 19.02
CA HIS B 235 -33.69 -38.60 20.35
C HIS B 235 -32.81 -39.81 20.63
N THR B 236 -32.77 -40.76 19.69
CA THR B 236 -31.95 -41.94 19.88
C THR B 236 -30.50 -41.56 20.10
N PHE B 237 -29.99 -40.63 19.29
CA PHE B 237 -28.59 -40.25 19.42
C PHE B 237 -28.31 -39.66 20.80
N GLU B 238 -29.30 -38.99 21.40
CA GLU B 238 -29.08 -38.39 22.70
C GLU B 238 -28.75 -39.44 23.76
N GLU B 239 -29.09 -40.70 23.50
CA GLU B 239 -28.78 -41.76 24.45
C GLU B 239 -27.46 -42.46 24.16
N ILE B 240 -26.88 -42.26 22.97
CA ILE B 240 -25.56 -42.81 22.68
C ILE B 240 -24.46 -41.88 23.16
N LYS B 241 -24.73 -40.58 23.27
CA LYS B 241 -23.70 -39.62 23.67
C LYS B 241 -23.00 -39.98 24.97
N PRO B 242 -23.66 -40.46 26.03
CA PRO B 242 -22.91 -40.87 27.23
C PRO B 242 -21.84 -41.91 26.97
N LEU B 243 -22.11 -42.90 26.12
CA LEU B 243 -21.09 -43.90 25.83
C LEU B 243 -19.98 -43.29 24.98
N TYR B 244 -20.34 -42.76 23.81
CA TYR B 244 -19.35 -42.26 22.86
C TYR B 244 -18.36 -41.33 23.54
N GLU B 245 -18.86 -40.37 24.31
CA GLU B 245 -18.00 -39.45 25.04
C GLU B 245 -16.86 -40.18 25.73
N HIS B 246 -17.20 -41.13 26.61
CA HIS B 246 -16.16 -41.85 27.31
C HIS B 246 -15.19 -42.50 26.33
N LEU B 247 -15.72 -43.21 25.34
CA LEU B 247 -14.85 -43.80 24.32
C LEU B 247 -13.93 -42.75 23.75
N HIS B 248 -14.50 -41.62 23.32
CA HIS B 248 -13.69 -40.52 22.82
C HIS B 248 -12.54 -40.22 23.77
N ALA B 249 -12.87 -39.90 25.02
CA ALA B 249 -11.83 -39.57 25.99
C ALA B 249 -10.77 -40.66 26.03
N TYR B 250 -11.21 -41.91 26.16
CA TYR B 250 -10.24 -43.00 26.23
C TYR B 250 -9.32 -42.98 25.03
N VAL B 251 -9.90 -42.92 23.83
CA VAL B 251 -9.07 -42.92 22.62
C VAL B 251 -8.12 -41.74 22.65
N ARG B 252 -8.63 -40.56 23.03
CA ARG B 252 -7.77 -39.40 23.10
C ARG B 252 -6.62 -39.65 24.06
N ALA B 253 -6.93 -40.19 25.24
CA ALA B 253 -5.87 -40.47 26.20
C ALA B 253 -4.86 -41.46 25.62
N LYS B 254 -5.33 -42.42 24.84
CA LYS B 254 -4.41 -43.37 24.24
C LYS B 254 -3.68 -42.77 23.06
N LEU B 255 -4.25 -41.77 22.40
CA LEU B 255 -3.58 -41.20 21.24
C LEU B 255 -2.50 -40.19 21.61
N MET B 256 -2.53 -39.64 22.82
CA MET B 256 -1.47 -38.74 23.24
C MET B 256 -0.13 -39.43 23.38
N ASN B 257 -0.14 -40.73 23.71
CA ASN B 257 1.10 -41.48 23.81
C ASN B 257 1.71 -41.81 22.45
N ALA B 258 0.95 -41.72 21.37
CA ALA B 258 1.45 -42.00 20.03
C ALA B 258 1.76 -40.76 19.23
N TYR B 259 1.07 -39.65 19.48
CA TYR B 259 1.36 -38.37 18.85
C TYR B 259 1.47 -37.33 19.95
N PRO B 260 2.55 -37.35 20.71
CA PRO B 260 2.69 -36.39 21.81
C PRO B 260 2.80 -34.96 21.29
N SER B 261 2.34 -34.02 22.11
CA SER B 261 2.37 -32.58 21.85
C SER B 261 1.47 -32.16 20.69
N TYR B 262 0.70 -33.09 20.12
CA TYR B 262 -0.22 -32.77 19.04
C TYR B 262 -1.68 -32.83 19.45
N ILE B 263 -2.01 -33.55 20.51
CA ILE B 263 -3.39 -33.74 20.95
C ILE B 263 -3.54 -33.13 22.33
N SER B 264 -4.54 -32.28 22.49
CA SER B 264 -4.73 -31.69 23.80
C SER B 264 -5.75 -32.48 24.60
N PRO B 265 -5.47 -32.73 25.88
CA PRO B 265 -6.41 -33.51 26.70
C PRO B 265 -7.72 -32.81 26.96
N ILE B 266 -7.82 -31.51 26.66
CA ILE B 266 -9.06 -30.77 26.87
C ILE B 266 -9.89 -30.66 25.59
N GLY B 267 -9.29 -30.88 24.43
CA GLY B 267 -9.99 -30.60 23.19
C GLY B 267 -10.37 -31.82 22.38
N CYS B 268 -10.66 -31.61 21.10
CA CYS B 268 -11.11 -32.65 20.20
C CYS B 268 -9.93 -33.39 19.58
N LEU B 269 -10.23 -34.44 18.83
CA LEU B 269 -9.18 -35.13 18.12
C LEU B 269 -8.94 -34.49 16.76
N PRO B 270 -7.70 -34.42 16.29
CA PRO B 270 -7.46 -33.98 14.91
C PRO B 270 -8.05 -34.98 13.93
N ALA B 271 -8.47 -34.47 12.78
CA ALA B 271 -9.25 -35.28 11.85
C ALA B 271 -8.42 -36.39 11.23
N HIS B 272 -7.13 -36.17 11.01
CA HIS B 272 -6.31 -37.09 10.25
C HIS B 272 -5.70 -38.20 11.09
N LEU B 273 -5.93 -38.21 12.39
CA LEU B 273 -5.35 -39.20 13.28
C LEU B 273 -6.31 -40.32 13.61
N LEU B 274 -7.41 -40.45 12.86
CA LEU B 274 -8.48 -41.36 13.19
C LEU B 274 -8.40 -42.68 12.43
N GLY B 275 -7.21 -43.07 11.97
CA GLY B 275 -7.03 -44.36 11.35
C GLY B 275 -7.76 -44.56 10.05
N ASP B 276 -8.39 -43.53 9.50
CA ASP B 276 -9.08 -43.63 8.24
C ASP B 276 -9.08 -42.25 7.58
N MET B 277 -9.33 -42.24 6.27
CA MET B 277 -9.23 -40.98 5.52
C MET B 277 -10.22 -39.95 6.03
N TRP B 278 -11.47 -40.36 6.28
CA TRP B 278 -12.49 -39.44 6.75
C TRP B 278 -12.79 -39.58 8.23
N GLY B 279 -12.26 -40.60 8.89
CA GLY B 279 -12.65 -40.87 10.25
C GLY B 279 -13.97 -41.60 10.37
N ARG B 280 -14.48 -42.17 9.27
CA ARG B 280 -15.76 -42.86 9.32
C ARG B 280 -15.72 -44.04 10.28
N PHE B 281 -14.66 -44.82 10.23
CA PHE B 281 -14.45 -45.92 11.15
C PHE B 281 -13.19 -45.66 11.96
N TRP B 282 -13.15 -46.22 13.18
CA TRP B 282 -11.98 -46.14 14.02
C TRP B 282 -11.29 -47.49 14.17
N THR B 283 -11.55 -48.42 13.24
CA THR B 283 -11.01 -49.76 13.37
C THR B 283 -9.49 -49.76 13.34
N ASN B 284 -8.90 -49.04 12.38
CA ASN B 284 -7.45 -49.05 12.25
C ASN B 284 -6.74 -48.37 13.42
N LEU B 285 -7.48 -47.65 14.26
CA LEU B 285 -6.91 -47.09 15.48
C LEU B 285 -6.65 -48.15 16.54
N TYR B 286 -7.13 -49.38 16.32
CA TYR B 286 -7.14 -50.38 17.38
C TYR B 286 -5.74 -50.67 17.90
N SER B 287 -4.76 -50.78 17.01
CA SER B 287 -3.40 -51.10 17.44
C SER B 287 -2.83 -50.04 18.38
N LEU B 288 -3.30 -48.80 18.28
CA LEU B 288 -2.83 -47.75 19.17
C LEU B 288 -3.68 -47.62 20.42
N THR B 289 -4.75 -48.42 20.55
CA THR B 289 -5.70 -48.23 21.64
C THR B 289 -6.14 -49.55 22.27
N VAL B 290 -5.41 -50.63 22.06
CA VAL B 290 -5.81 -51.93 22.63
C VAL B 290 -5.72 -51.85 24.15
N PRO B 291 -6.74 -52.29 24.88
CA PRO B 291 -6.70 -52.20 26.35
C PRO B 291 -5.58 -53.03 26.98
N PHE B 292 -5.57 -54.32 26.68
CA PHE B 292 -4.59 -55.25 27.24
C PHE B 292 -3.88 -55.94 26.08
N GLY B 293 -2.76 -55.34 25.65
CA GLY B 293 -2.03 -55.90 24.52
C GLY B 293 -1.45 -57.27 24.80
N GLN B 294 -1.05 -57.53 26.04
CA GLN B 294 -0.38 -58.77 26.38
C GLN B 294 -1.28 -59.99 26.16
N LYS B 295 -2.59 -59.82 26.19
CA LYS B 295 -3.50 -60.92 25.94
C LYS B 295 -3.83 -60.98 24.45
N PRO B 296 -3.56 -62.09 23.77
CA PRO B 296 -3.85 -62.16 22.33
C PRO B 296 -5.33 -62.23 22.06
N ASN B 297 -5.71 -61.86 20.85
CA ASN B 297 -7.08 -61.95 20.40
C ASN B 297 -7.40 -63.35 19.92
N ILE B 298 -8.67 -63.72 20.02
CA ILE B 298 -9.09 -65.07 19.62
C ILE B 298 -8.95 -65.20 18.11
N ASP B 299 -8.03 -66.06 17.68
CA ASP B 299 -7.80 -66.32 16.27
C ASP B 299 -7.80 -67.82 16.06
N VAL B 300 -8.63 -68.29 15.12
CA VAL B 300 -8.80 -69.73 14.90
C VAL B 300 -8.43 -70.08 13.47
N THR B 301 -7.87 -69.12 12.73
CA THR B 301 -7.48 -69.37 11.35
C THR B 301 -6.43 -70.47 11.28
N ASP B 302 -5.46 -70.44 12.19
CA ASP B 302 -4.44 -71.50 12.22
C ASP B 302 -5.06 -72.85 12.51
N ALA B 303 -6.07 -72.88 13.40
CA ALA B 303 -6.78 -74.13 13.66
C ALA B 303 -7.50 -74.62 12.41
N MET B 304 -8.08 -73.69 11.63
CA MET B 304 -8.70 -74.07 10.37
C MET B 304 -7.69 -74.66 9.40
N VAL B 305 -6.50 -74.07 9.34
CA VAL B 305 -5.45 -74.58 8.47
C VAL B 305 -5.02 -75.98 8.90
N ASP B 306 -4.86 -76.18 10.21
CA ASP B 306 -4.44 -77.49 10.71
C ASP B 306 -5.48 -78.56 10.40
N GLN B 307 -6.76 -78.23 10.55
CA GLN B 307 -7.83 -79.16 10.23
C GLN B 307 -8.16 -79.19 8.75
N ALA B 308 -7.41 -78.45 7.93
CA ALA B 308 -7.59 -78.43 6.48
C ALA B 308 -9.00 -77.97 6.10
N TRP B 309 -9.31 -76.72 6.46
CA TRP B 309 -10.61 -76.13 6.16
C TRP B 309 -10.50 -75.39 4.83
N ASP B 310 -10.83 -76.09 3.75
CA ASP B 310 -10.88 -75.46 2.44
C ASP B 310 -12.09 -74.52 2.36
N ALA B 311 -12.18 -73.78 1.25
CA ALA B 311 -13.34 -72.91 1.05
C ALA B 311 -14.52 -73.68 0.47
N GLN B 312 -14.85 -74.80 1.11
CA GLN B 312 -16.00 -75.60 0.70
C GLN B 312 -16.75 -76.09 1.93
N ARG B 313 -16.03 -76.29 3.04
CA ARG B 313 -16.65 -76.77 4.26
C ARG B 313 -17.09 -75.67 5.20
N ILE B 314 -16.52 -74.46 5.07
CA ILE B 314 -16.98 -73.35 5.89
C ILE B 314 -18.42 -72.99 5.55
N PHE B 315 -18.77 -73.04 4.26
CA PHE B 315 -20.16 -72.83 3.88
C PHE B 315 -21.05 -73.94 4.42
N LYS B 316 -20.54 -75.18 4.47
CA LYS B 316 -21.31 -76.26 5.08
C LYS B 316 -21.55 -75.99 6.56
N GLU B 317 -20.53 -75.50 7.26
CA GLU B 317 -20.70 -75.18 8.68
C GLU B 317 -21.70 -74.05 8.87
N ALA B 318 -21.65 -73.03 8.01
CA ALA B 318 -22.62 -71.94 8.10
C ALA B 318 -24.03 -72.44 7.82
N GLU B 319 -24.17 -73.35 6.86
CA GLU B 319 -25.47 -73.95 6.59
C GLU B 319 -25.98 -74.72 7.80
N LYS B 320 -25.09 -75.47 8.45
CA LYS B 320 -25.48 -76.18 9.67
C LYS B 320 -25.92 -75.20 10.74
N PHE B 321 -25.20 -74.09 10.89
CA PHE B 321 -25.58 -73.07 11.86
C PHE B 321 -26.97 -72.51 11.56
N PHE B 322 -27.24 -72.22 10.29
CA PHE B 322 -28.55 -71.67 9.92
C PHE B 322 -29.67 -72.68 10.18
N VAL B 323 -29.43 -73.95 9.83
CA VAL B 323 -30.44 -74.98 10.08
C VAL B 323 -30.65 -75.22 11.58
N SER B 324 -29.61 -75.03 12.39
CA SER B 324 -29.73 -75.27 13.82
C SER B 324 -30.81 -74.43 14.48
N VAL B 325 -31.14 -73.28 13.90
CA VAL B 325 -32.21 -72.44 14.43
C VAL B 325 -33.54 -72.70 13.73
N GLY B 326 -33.56 -73.61 12.74
CA GLY B 326 -34.77 -73.95 12.04
C GLY B 326 -34.88 -73.37 10.64
N LEU B 327 -33.87 -72.63 10.18
CA LEU B 327 -33.93 -72.08 8.83
C LEU B 327 -33.76 -73.19 7.79
N PRO B 328 -34.35 -73.02 6.61
CA PRO B 328 -34.32 -74.11 5.62
C PRO B 328 -32.94 -74.32 5.03
N ASN B 329 -32.79 -75.48 4.38
CA ASN B 329 -31.55 -75.86 3.76
C ASN B 329 -31.28 -75.04 2.50
N MET B 330 -30.06 -75.16 1.98
CA MET B 330 -29.69 -74.51 0.74
C MET B 330 -30.31 -75.25 -0.45
N THR B 331 -30.47 -74.52 -1.56
CA THR B 331 -30.99 -75.14 -2.77
C THR B 331 -29.95 -76.03 -3.42
N GLN B 332 -30.44 -76.98 -4.23
CA GLN B 332 -29.54 -77.94 -4.87
C GLN B 332 -28.57 -77.23 -5.82
N GLY B 333 -29.09 -76.33 -6.65
CA GLY B 333 -28.22 -75.62 -7.57
C GLY B 333 -27.37 -74.54 -6.95
N PHE B 334 -27.60 -74.24 -5.68
CA PHE B 334 -26.81 -73.20 -5.01
C PHE B 334 -25.34 -73.56 -4.97
N TRP B 335 -25.02 -74.78 -4.53
CA TRP B 335 -23.62 -75.19 -4.49
C TRP B 335 -23.03 -75.29 -5.90
N GLU B 336 -23.81 -75.80 -6.85
CA GLU B 336 -23.30 -75.99 -8.20
C GLU B 336 -22.96 -74.66 -8.88
N ASN B 337 -23.83 -73.66 -8.73
CA ASN B 337 -23.64 -72.39 -9.41
C ASN B 337 -22.77 -71.41 -8.66
N SER B 338 -22.38 -71.72 -7.43
CA SER B 338 -21.61 -70.78 -6.64
C SER B 338 -20.16 -70.70 -7.13
N MET B 339 -19.46 -69.68 -6.67
CA MET B 339 -18.05 -69.45 -6.96
C MET B 339 -17.28 -69.30 -5.66
N LEU B 340 -17.47 -70.27 -4.77
CA LEU B 340 -16.89 -70.21 -3.44
C LEU B 340 -15.37 -70.10 -3.45
N THR B 341 -14.71 -70.51 -4.53
CA THR B 341 -13.26 -70.46 -4.62
C THR B 341 -12.84 -69.52 -5.74
N ASP B 342 -11.67 -68.92 -5.56
CA ASP B 342 -11.14 -68.01 -6.58
C ASP B 342 -10.82 -68.80 -7.86
N PRO B 343 -11.23 -68.32 -9.02
CA PRO B 343 -10.95 -69.04 -10.27
C PRO B 343 -9.53 -68.90 -10.78
N GLY B 344 -8.62 -68.33 -9.99
CA GLY B 344 -7.25 -68.14 -10.43
C GLY B 344 -7.13 -67.04 -11.46
N ASN B 345 -5.92 -66.95 -12.02
CA ASN B 345 -5.64 -65.96 -13.05
C ASN B 345 -6.23 -66.32 -14.41
N VAL B 346 -6.65 -67.58 -14.59
CA VAL B 346 -7.24 -67.98 -15.87
C VAL B 346 -8.53 -67.24 -16.12
N GLN B 347 -9.39 -67.15 -15.12
CA GLN B 347 -10.66 -66.45 -15.22
C GLN B 347 -10.64 -65.22 -14.33
N LYS B 348 -10.92 -64.07 -14.91
CA LYS B 348 -11.01 -62.82 -14.15
C LYS B 348 -12.41 -62.67 -13.58
N ALA B 349 -12.49 -62.38 -12.29
CA ALA B 349 -13.77 -62.19 -11.62
C ALA B 349 -13.58 -61.23 -10.47
N VAL B 350 -14.67 -60.56 -10.10
CA VAL B 350 -14.65 -59.66 -8.96
C VAL B 350 -14.51 -60.47 -7.68
N CYS B 351 -13.93 -59.87 -6.65
CA CYS B 351 -13.69 -60.55 -5.39
C CYS B 351 -14.46 -59.95 -4.23
N HIS B 352 -15.39 -59.03 -4.49
CA HIS B 352 -16.24 -58.52 -3.44
C HIS B 352 -17.34 -59.54 -3.15
N PRO B 353 -17.41 -60.07 -1.93
CA PRO B 353 -18.41 -61.12 -1.64
C PRO B 353 -19.82 -60.58 -1.77
N THR B 354 -20.57 -61.08 -2.74
CA THR B 354 -21.91 -60.58 -3.03
C THR B 354 -22.90 -61.72 -3.14
N ALA B 355 -24.14 -61.42 -2.78
CA ALA B 355 -25.26 -62.33 -2.91
C ALA B 355 -26.06 -61.99 -4.16
N TRP B 356 -26.57 -63.04 -4.82
CA TRP B 356 -27.33 -62.88 -6.06
C TRP B 356 -28.64 -63.62 -5.92
N ASP B 357 -29.74 -62.92 -6.16
CA ASP B 357 -31.07 -63.51 -6.24
C ASP B 357 -31.56 -63.27 -7.66
N LEU B 358 -31.20 -64.19 -8.57
CA LEU B 358 -31.54 -64.03 -9.97
C LEU B 358 -33.03 -64.17 -10.22
N GLY B 359 -33.78 -64.70 -9.26
CA GLY B 359 -35.20 -64.91 -9.43
C GLY B 359 -35.51 -66.33 -9.87
N LYS B 360 -36.79 -66.68 -9.76
CA LYS B 360 -37.27 -68.03 -10.09
C LYS B 360 -36.51 -69.09 -9.28
N GLY B 361 -36.25 -68.78 -8.01
CA GLY B 361 -35.53 -69.69 -7.15
C GLY B 361 -34.09 -69.91 -7.53
N ASP B 362 -33.39 -68.86 -7.94
CA ASP B 362 -31.97 -68.94 -8.27
C ASP B 362 -31.20 -68.05 -7.30
N PHE B 363 -30.46 -68.66 -6.38
CA PHE B 363 -29.71 -67.94 -5.37
C PHE B 363 -28.25 -68.37 -5.43
N ARG B 364 -27.34 -67.41 -5.47
CA ARG B 364 -25.93 -67.70 -5.66
C ARG B 364 -25.10 -66.76 -4.78
N ILE B 365 -23.87 -67.18 -4.50
CA ILE B 365 -22.92 -66.41 -3.70
C ILE B 365 -21.61 -66.33 -4.46
N LEU B 366 -21.05 -65.12 -4.57
CA LEU B 366 -19.76 -64.92 -5.21
C LEU B 366 -18.77 -64.42 -4.17
N MET B 367 -17.65 -65.13 -4.03
CA MET B 367 -16.67 -64.80 -3.00
C MET B 367 -15.35 -65.46 -3.32
N CYS B 368 -14.27 -64.66 -3.36
CA CYS B 368 -12.92 -65.19 -3.50
C CYS B 368 -12.45 -65.63 -2.12
N THR B 369 -13.02 -66.75 -1.67
CA THR B 369 -12.83 -67.16 -0.28
C THR B 369 -11.42 -67.71 -0.05
N LYS B 370 -10.78 -67.22 1.00
CA LYS B 370 -9.54 -67.76 1.52
C LYS B 370 -9.84 -68.48 2.83
N VAL B 371 -8.79 -68.93 3.52
CA VAL B 371 -8.94 -69.65 4.79
C VAL B 371 -8.57 -68.66 5.88
N THR B 372 -9.58 -67.98 6.42
CA THR B 372 -9.38 -67.01 7.50
C THR B 372 -10.69 -66.87 8.26
N MET B 373 -10.57 -66.36 9.50
CA MET B 373 -11.75 -66.04 10.29
C MET B 373 -12.61 -64.99 9.60
N ASP B 374 -11.97 -63.97 9.01
CA ASP B 374 -12.72 -62.91 8.35
C ASP B 374 -13.56 -63.47 7.22
N ASP B 375 -13.00 -64.39 6.43
CA ASP B 375 -13.77 -65.02 5.37
C ASP B 375 -14.91 -65.86 5.93
N PHE B 376 -14.68 -66.50 7.09
CA PHE B 376 -15.73 -67.28 7.73
C PHE B 376 -16.92 -66.40 8.12
N LEU B 377 -16.64 -65.29 8.80
CA LEU B 377 -17.70 -64.37 9.20
C LEU B 377 -18.37 -63.75 7.98
N THR B 378 -17.59 -63.42 6.95
CA THR B 378 -18.17 -62.88 5.73
C THR B 378 -19.10 -63.89 5.07
N ALA B 379 -18.71 -65.16 5.06
CA ALA B 379 -19.57 -66.20 4.52
C ALA B 379 -20.87 -66.30 5.31
N HIS B 380 -20.78 -66.20 6.64
CA HIS B 380 -22.00 -66.20 7.45
C HIS B 380 -22.89 -65.01 7.12
N HIS B 381 -22.30 -63.83 6.97
CA HIS B 381 -23.08 -62.64 6.62
C HIS B 381 -23.76 -62.80 5.26
N GLU B 382 -23.04 -63.32 4.27
CA GLU B 382 -23.62 -63.50 2.94
C GLU B 382 -24.71 -64.56 2.96
N MET B 383 -24.52 -65.63 3.73
CA MET B 383 -25.56 -66.63 3.85
C MET B 383 -26.79 -66.07 4.54
N GLY B 384 -26.62 -65.15 5.49
CA GLY B 384 -27.76 -64.46 6.04
C GLY B 384 -28.49 -63.63 5.00
N HIS B 385 -27.73 -62.92 4.16
CA HIS B 385 -28.33 -62.14 3.09
C HIS B 385 -29.17 -63.05 2.19
N ILE B 386 -28.61 -64.18 1.75
CA ILE B 386 -29.34 -65.05 0.84
C ILE B 386 -30.51 -65.73 1.55
N GLN B 387 -30.40 -66.00 2.84
CA GLN B 387 -31.53 -66.55 3.58
C GLN B 387 -32.69 -65.57 3.61
N TYR B 388 -32.39 -64.29 3.86
CA TYR B 388 -33.42 -63.26 3.76
C TYR B 388 -34.02 -63.23 2.36
N ASP B 389 -33.17 -63.32 1.34
CA ASP B 389 -33.66 -63.30 -0.04
C ASP B 389 -34.62 -64.46 -0.30
N MET B 390 -34.26 -65.67 0.15
CA MET B 390 -35.11 -66.84 -0.03
C MET B 390 -36.41 -66.75 0.77
N ALA B 391 -36.39 -66.06 1.91
CA ALA B 391 -37.55 -66.06 2.79
C ALA B 391 -38.78 -65.47 2.10
N TYR B 392 -38.61 -64.38 1.36
CA TYR B 392 -39.73 -63.72 0.68
C TYR B 392 -39.86 -64.16 -0.76
N ALA B 393 -39.47 -65.40 -1.08
CA ALA B 393 -39.56 -65.87 -2.45
C ALA B 393 -40.99 -65.88 -2.95
N ALA B 394 -41.95 -66.16 -2.08
CA ALA B 394 -43.36 -66.21 -2.46
C ALA B 394 -43.95 -64.84 -2.76
N GLN B 395 -43.32 -63.76 -2.30
CA GLN B 395 -43.87 -62.44 -2.50
C GLN B 395 -43.81 -62.05 -3.97
N PRO B 396 -44.73 -61.18 -4.42
CA PRO B 396 -44.61 -60.63 -5.77
C PRO B 396 -43.27 -59.93 -5.97
N PHE B 397 -42.91 -59.73 -7.24
CA PHE B 397 -41.56 -59.26 -7.56
C PHE B 397 -41.29 -57.91 -6.93
N LEU B 398 -42.25 -56.99 -7.00
CA LEU B 398 -42.07 -55.68 -6.39
C LEU B 398 -41.93 -55.75 -4.88
N LEU B 399 -42.30 -56.88 -4.27
CA LEU B 399 -42.17 -57.09 -2.84
C LEU B 399 -40.91 -57.84 -2.45
N ARG B 400 -40.14 -58.33 -3.42
CA ARG B 400 -38.96 -59.14 -3.15
C ARG B 400 -37.82 -58.21 -2.71
N ASN B 401 -37.88 -57.81 -1.45
CA ASN B 401 -36.84 -56.97 -0.87
C ASN B 401 -37.09 -56.88 0.63
N GLY B 402 -36.12 -56.30 1.33
CA GLY B 402 -36.25 -56.11 2.76
C GLY B 402 -37.31 -55.08 3.10
N ALA B 403 -37.61 -54.99 4.40
CA ALA B 403 -38.63 -54.06 4.86
C ALA B 403 -38.30 -52.62 4.49
N ASN B 404 -37.05 -52.22 4.74
CA ASN B 404 -36.55 -50.92 4.28
C ASN B 404 -35.11 -51.12 3.86
N GLU B 405 -34.39 -50.01 3.66
CA GLU B 405 -33.01 -50.09 3.22
C GLU B 405 -32.07 -50.61 4.31
N GLY B 406 -32.52 -50.72 5.55
CA GLY B 406 -31.63 -51.11 6.63
C GLY B 406 -31.76 -52.55 7.09
N PHE B 407 -32.90 -53.18 6.80
CA PHE B 407 -33.17 -54.50 7.36
C PHE B 407 -32.20 -55.56 6.86
N HIS B 408 -31.88 -55.52 5.56
CA HIS B 408 -31.11 -56.62 4.97
C HIS B 408 -29.72 -56.71 5.59
N GLU B 409 -29.02 -55.59 5.69
CA GLU B 409 -27.68 -55.61 6.25
C GLU B 409 -27.69 -55.99 7.72
N ALA B 410 -28.69 -55.56 8.48
CA ALA B 410 -28.79 -55.94 9.89
C ALA B 410 -28.99 -57.45 10.03
N VAL B 411 -29.88 -58.01 9.21
CA VAL B 411 -30.12 -59.45 9.26
C VAL B 411 -28.85 -60.20 8.90
N GLY B 412 -28.13 -59.73 7.88
CA GLY B 412 -26.87 -60.37 7.53
C GLY B 412 -25.83 -60.26 8.62
N GLU B 413 -25.77 -59.13 9.30
CA GLU B 413 -24.73 -58.85 10.27
C GLU B 413 -24.95 -59.55 11.60
N ILE B 414 -26.19 -59.80 12.00
CA ILE B 414 -26.41 -60.48 13.28
C ILE B 414 -25.81 -61.89 13.24
N MET B 415 -25.82 -62.53 12.07
CA MET B 415 -25.23 -63.85 11.95
C MET B 415 -23.72 -63.81 12.20
N SER B 416 -23.04 -62.84 11.59
CA SER B 416 -21.61 -62.67 11.84
C SER B 416 -21.36 -62.34 13.31
N LEU B 417 -22.23 -61.54 13.91
CA LEU B 417 -22.08 -61.20 15.32
C LEU B 417 -22.17 -62.45 16.20
N SER B 418 -23.13 -63.33 15.89
CA SER B 418 -23.32 -64.52 16.72
C SER B 418 -22.20 -65.53 16.49
N ALA B 419 -21.78 -65.71 15.24
CA ALA B 419 -20.80 -66.74 14.92
C ALA B 419 -19.41 -66.43 15.45
N ALA B 420 -19.10 -65.16 15.71
CA ALA B 420 -17.79 -64.78 16.21
C ALA B 420 -17.63 -65.01 17.71
N THR B 421 -18.69 -65.43 18.39
CA THR B 421 -18.60 -65.67 19.82
C THR B 421 -17.66 -66.83 20.11
N PRO B 422 -16.84 -66.74 21.14
CA PRO B 422 -15.95 -67.86 21.48
C PRO B 422 -16.70 -69.14 21.82
N LYS B 423 -17.94 -69.02 22.31
CA LYS B 423 -18.73 -70.21 22.59
C LYS B 423 -19.00 -71.01 21.33
N HIS B 424 -19.40 -70.32 20.26
CA HIS B 424 -19.67 -71.02 18.99
C HIS B 424 -18.39 -71.61 18.42
N LEU B 425 -17.27 -70.89 18.53
CA LEU B 425 -16.00 -71.40 18.03
C LEU B 425 -15.58 -72.65 18.79
N LYS B 426 -15.77 -72.66 20.11
CA LYS B 426 -15.49 -73.85 20.89
C LYS B 426 -16.41 -75.00 20.51
N SER B 427 -17.70 -74.71 20.31
CA SER B 427 -18.66 -75.75 19.96
C SER B 427 -18.41 -76.34 18.57
N ILE B 428 -17.84 -75.55 17.66
CA ILE B 428 -17.60 -76.07 16.31
C ILE B 428 -16.27 -76.83 16.27
N GLY B 429 -15.37 -76.58 17.21
CA GLY B 429 -14.09 -77.26 17.27
C GLY B 429 -12.90 -76.42 16.89
N LEU B 430 -13.11 -75.23 16.32
CA LEU B 430 -11.98 -74.37 15.98
C LEU B 430 -11.28 -73.85 17.22
N LEU B 431 -12.02 -73.64 18.31
CA LEU B 431 -11.44 -73.24 19.58
C LEU B 431 -11.34 -74.45 20.48
N SER B 432 -10.19 -74.61 21.12
CA SER B 432 -9.97 -75.76 21.99
C SER B 432 -10.93 -75.69 23.18
N PRO B 433 -11.49 -76.83 23.60
CA PRO B 433 -12.40 -76.82 24.76
C PRO B 433 -11.74 -76.36 26.04
N ASP B 434 -10.42 -76.49 26.15
CA ASP B 434 -9.70 -76.03 27.34
C ASP B 434 -9.25 -74.57 27.15
N PHE B 435 -10.24 -73.71 26.92
CA PHE B 435 -10.00 -72.28 26.73
C PHE B 435 -11.03 -71.51 27.54
N GLN B 436 -10.59 -70.87 28.62
CA GLN B 436 -11.44 -70.05 29.46
C GLN B 436 -11.21 -68.59 29.12
N GLU B 437 -12.27 -67.90 28.72
CA GLU B 437 -12.15 -66.49 28.36
C GLU B 437 -12.02 -65.63 29.61
N ASP B 438 -11.05 -64.73 29.60
CA ASP B 438 -10.84 -63.78 30.67
C ASP B 438 -11.72 -62.57 30.47
N ASN B 439 -12.01 -61.85 31.55
CA ASN B 439 -12.71 -60.59 31.41
C ASN B 439 -11.89 -59.59 30.59
N GLU B 440 -10.57 -59.73 30.61
CA GLU B 440 -9.70 -58.90 29.76
C GLU B 440 -9.94 -59.17 28.29
N THR B 441 -10.09 -60.44 27.90
CA THR B 441 -10.36 -60.77 26.51
C THR B 441 -11.70 -60.20 26.08
N GLU B 442 -12.69 -60.27 26.98
CA GLU B 442 -13.99 -59.68 26.67
C GLU B 442 -13.87 -58.17 26.48
N ILE B 443 -13.07 -57.51 27.33
CA ILE B 443 -12.89 -56.07 27.17
C ILE B 443 -12.21 -55.74 25.84
N ASN B 444 -11.19 -56.52 25.48
CA ASN B 444 -10.50 -56.28 24.21
C ASN B 444 -11.44 -56.47 23.02
N PHE B 445 -12.21 -57.57 23.03
CA PHE B 445 -13.15 -57.82 21.95
C PHE B 445 -14.20 -56.73 21.87
N LEU B 446 -14.71 -56.30 23.03
CA LEU B 446 -15.73 -55.26 23.04
C LEU B 446 -15.19 -53.95 22.52
N LEU B 447 -13.95 -53.59 22.87
CA LEU B 447 -13.40 -52.35 22.35
C LEU B 447 -13.16 -52.43 20.85
N LYS B 448 -12.71 -53.60 20.37
CA LYS B 448 -12.55 -53.77 18.93
C LYS B 448 -13.90 -53.60 18.23
N GLN B 449 -14.96 -54.15 18.82
CA GLN B 449 -16.29 -53.97 18.26
C GLN B 449 -16.73 -52.51 18.30
N ALA B 450 -16.44 -51.82 19.41
CA ALA B 450 -16.91 -50.45 19.59
C ALA B 450 -16.22 -49.48 18.65
N LEU B 451 -14.93 -49.70 18.39
CA LEU B 451 -14.22 -48.81 17.48
C LEU B 451 -14.81 -48.80 16.09
N THR B 452 -15.53 -49.85 15.71
CA THR B 452 -16.22 -49.92 14.42
C THR B 452 -17.68 -49.51 14.54
N ILE B 453 -18.42 -50.13 15.46
CA ILE B 453 -19.85 -49.93 15.55
C ILE B 453 -20.17 -48.57 16.16
N VAL B 454 -19.56 -48.25 17.29
CA VAL B 454 -19.86 -46.98 17.96
C VAL B 454 -19.13 -45.81 17.32
N GLY B 455 -17.94 -46.03 16.77
CA GLY B 455 -17.21 -44.94 16.14
C GLY B 455 -17.94 -44.34 14.96
N THR B 456 -18.63 -45.17 14.18
CA THR B 456 -19.28 -44.68 12.98
C THR B 456 -20.61 -43.98 13.25
N LEU B 457 -21.22 -44.19 14.42
CA LEU B 457 -22.55 -43.63 14.64
C LEU B 457 -22.55 -42.11 14.68
N PRO B 458 -21.71 -41.43 15.48
CA PRO B 458 -21.72 -39.96 15.43
C PRO B 458 -21.36 -39.42 14.06
N PHE B 459 -20.42 -40.05 13.35
CA PHE B 459 -20.05 -39.58 12.03
C PHE B 459 -21.21 -39.71 11.06
N THR B 460 -21.90 -40.85 11.09
CA THR B 460 -23.05 -41.05 10.21
C THR B 460 -24.14 -40.03 10.50
N TYR B 461 -24.46 -39.85 11.78
CA TYR B 461 -25.52 -38.91 12.12
C TYR B 461 -25.16 -37.49 11.71
N MET B 462 -23.92 -37.06 11.97
CA MET B 462 -23.51 -35.71 11.61
C MET B 462 -23.54 -35.52 10.10
N LEU B 463 -23.05 -36.50 9.34
CA LEU B 463 -23.06 -36.37 7.89
C LEU B 463 -24.46 -36.26 7.35
N GLU B 464 -25.36 -37.13 7.79
CA GLU B 464 -26.72 -37.08 7.29
C GLU B 464 -27.43 -35.80 7.70
N LYS B 465 -27.19 -35.34 8.93
CA LYS B 465 -27.78 -34.08 9.36
C LYS B 465 -27.31 -32.92 8.50
N TRP B 466 -26.02 -32.87 8.19
CA TRP B 466 -25.50 -31.81 7.34
C TRP B 466 -26.11 -31.87 5.96
N ARG B 467 -26.23 -33.08 5.39
CA ARG B 467 -26.81 -33.20 4.06
C ARG B 467 -28.28 -32.78 4.04
N TRP B 468 -29.04 -33.17 5.07
CA TRP B 468 -30.43 -32.76 5.15
C TRP B 468 -30.55 -31.24 5.24
N MET B 469 -29.75 -30.63 6.10
CA MET B 469 -29.83 -29.18 6.26
C MET B 469 -29.39 -28.45 4.99
N VAL B 470 -28.46 -29.03 4.22
CA VAL B 470 -28.09 -28.43 2.95
C VAL B 470 -29.23 -28.53 1.94
N PHE B 471 -29.82 -29.73 1.82
CA PHE B 471 -30.90 -29.91 0.86
C PHE B 471 -32.11 -29.04 1.19
N LYS B 472 -32.39 -28.86 2.48
CA LYS B 472 -33.52 -28.04 2.90
C LYS B 472 -33.26 -26.55 2.72
N GLY B 473 -32.03 -26.15 2.48
CA GLY B 473 -31.69 -24.76 2.33
C GLY B 473 -31.46 -24.02 3.63
N GLU B 474 -31.44 -24.71 4.76
CA GLU B 474 -31.18 -24.04 6.03
C GLU B 474 -29.75 -23.52 6.12
N ILE B 475 -28.85 -24.00 5.28
CA ILE B 475 -27.47 -23.57 5.27
C ILE B 475 -27.21 -22.82 3.96
N PRO B 476 -26.86 -21.54 4.00
CA PRO B 476 -26.62 -20.81 2.75
C PRO B 476 -25.43 -21.39 1.98
N LYS B 477 -25.48 -21.22 0.66
CA LYS B 477 -24.43 -21.77 -0.20
C LYS B 477 -23.06 -21.21 0.13
N ASP B 478 -22.99 -20.04 0.76
CA ASP B 478 -21.72 -19.45 1.17
C ASP B 478 -21.38 -19.76 2.62
N GLN B 479 -22.03 -20.75 3.22
CA GLN B 479 -21.77 -21.11 4.60
C GLN B 479 -21.72 -22.61 4.80
N TRP B 480 -21.22 -23.35 3.79
CA TRP B 480 -21.25 -24.82 3.86
C TRP B 480 -20.16 -25.36 4.77
N MET B 481 -18.89 -25.06 4.47
CA MET B 481 -17.80 -25.57 5.28
C MET B 481 -17.81 -24.98 6.68
N LYS B 482 -18.11 -23.68 6.79
CA LYS B 482 -18.14 -23.03 8.09
C LYS B 482 -19.13 -23.70 9.03
N LYS B 483 -20.20 -24.28 8.47
CA LYS B 483 -21.17 -25.00 9.29
C LYS B 483 -20.78 -26.46 9.46
N TRP B 484 -20.21 -27.07 8.42
CA TRP B 484 -19.83 -28.48 8.48
C TRP B 484 -18.77 -28.71 9.55
N TRP B 485 -17.69 -27.94 9.51
CA TRP B 485 -16.66 -28.10 10.52
C TRP B 485 -17.10 -27.60 11.89
N GLU B 486 -18.13 -26.77 11.95
CA GLU B 486 -18.74 -26.42 13.22
C GLU B 486 -19.60 -27.53 13.78
N MET B 487 -20.07 -28.44 12.93
CA MET B 487 -20.83 -29.60 13.38
C MET B 487 -19.94 -30.72 13.87
N LYS B 488 -18.89 -31.05 13.09
CA LYS B 488 -17.98 -32.11 13.49
C LYS B 488 -17.32 -31.83 14.82
N ARG B 489 -17.07 -30.56 15.13
CA ARG B 489 -16.45 -30.20 16.39
C ARG B 489 -17.33 -30.49 17.59
N GLU B 490 -18.64 -30.26 17.48
CA GLU B 490 -19.53 -30.34 18.63
C GLU B 490 -20.42 -31.59 18.61
N ILE B 491 -20.29 -32.46 17.61
CA ILE B 491 -21.06 -33.68 17.60
C ILE B 491 -20.12 -34.88 17.58
N VAL B 492 -19.17 -34.88 16.66
CA VAL B 492 -18.23 -35.99 16.55
C VAL B 492 -17.02 -35.78 17.45
N GLY B 493 -16.64 -34.54 17.69
CA GLY B 493 -15.47 -34.26 18.51
C GLY B 493 -14.20 -34.37 17.69
N VAL B 494 -14.27 -33.89 16.45
CA VAL B 494 -13.16 -33.98 15.51
C VAL B 494 -12.91 -32.59 14.95
N VAL B 495 -11.65 -32.14 15.00
CA VAL B 495 -11.28 -30.79 14.62
C VAL B 495 -10.36 -30.86 13.41
N GLU B 496 -10.56 -29.93 12.48
CA GLU B 496 -9.75 -29.91 11.27
C GLU B 496 -8.34 -29.46 11.60
N PRO B 497 -7.30 -30.12 11.06
CA PRO B 497 -5.93 -29.68 11.36
C PRO B 497 -5.57 -28.36 10.72
N VAL B 498 -6.15 -28.03 9.57
CA VAL B 498 -5.92 -26.72 8.95
C VAL B 498 -7.27 -26.16 8.53
N PRO B 499 -7.47 -24.84 8.62
CA PRO B 499 -8.79 -24.29 8.32
C PRO B 499 -9.17 -24.42 6.86
N HIS B 500 -10.46 -24.61 6.63
CA HIS B 500 -11.02 -24.72 5.28
C HIS B 500 -12.07 -23.65 5.08
N ASP B 501 -11.94 -22.89 3.99
CA ASP B 501 -12.90 -21.86 3.65
C ASP B 501 -14.01 -22.47 2.80
N GLU B 502 -14.81 -21.61 2.18
CA GLU B 502 -15.92 -22.10 1.36
C GLU B 502 -15.47 -22.70 0.03
N THR B 503 -14.19 -22.58 -0.32
CA THR B 503 -13.71 -23.21 -1.54
C THR B 503 -13.72 -24.74 -1.44
N TYR B 504 -13.32 -25.30 -0.30
CA TYR B 504 -13.27 -26.73 -0.10
C TYR B 504 -14.67 -27.31 -0.07
N CYS B 505 -14.77 -28.60 -0.35
CA CYS B 505 -16.01 -29.36 -0.27
C CYS B 505 -15.77 -30.70 0.40
N ASP B 506 -15.12 -30.66 1.57
CA ASP B 506 -14.81 -31.86 2.36
C ASP B 506 -15.88 -32.94 2.34
N PRO B 507 -17.17 -32.67 2.60
CA PRO B 507 -18.14 -33.77 2.58
C PRO B 507 -18.23 -34.48 1.26
N ALA B 508 -17.97 -33.78 0.15
CA ALA B 508 -18.03 -34.44 -1.16
C ALA B 508 -16.87 -35.40 -1.37
N SER B 509 -15.86 -35.38 -0.52
CA SER B 509 -14.73 -36.28 -0.69
C SER B 509 -15.03 -37.69 -0.21
N LEU B 510 -16.14 -37.90 0.48
CA LEU B 510 -16.55 -39.24 0.86
C LEU B 510 -17.28 -39.90 -0.29
N PHE B 511 -17.16 -41.23 -0.39
CA PHE B 511 -17.72 -41.94 -1.54
C PHE B 511 -19.24 -41.79 -1.60
N HIS B 512 -19.93 -41.98 -0.48
CA HIS B 512 -21.38 -41.96 -0.48
C HIS B 512 -21.97 -40.59 -0.76
N VAL B 513 -21.18 -39.53 -0.67
CA VAL B 513 -21.68 -38.19 -0.92
C VAL B 513 -21.54 -37.83 -2.40
N SER B 514 -20.37 -38.08 -2.98
CA SER B 514 -20.16 -37.72 -4.38
C SER B 514 -20.91 -38.63 -5.34
N ASN B 515 -21.19 -39.86 -4.94
CA ASN B 515 -21.88 -40.80 -5.81
C ASN B 515 -23.38 -40.90 -5.51
N ASP B 516 -23.91 -39.96 -4.72
CA ASP B 516 -25.35 -39.82 -4.53
C ASP B 516 -25.97 -41.09 -3.94
N TYR B 517 -25.57 -41.40 -2.72
CA TYR B 517 -26.15 -42.51 -1.97
C TYR B 517 -26.68 -42.01 -0.64
N SER B 518 -27.80 -42.59 -0.21
CA SER B 518 -28.35 -42.27 1.10
C SER B 518 -27.43 -42.82 2.18
N PHE B 519 -27.15 -42.00 3.19
CA PHE B 519 -26.20 -42.40 4.21
C PHE B 519 -26.84 -42.79 5.53
N ILE B 520 -28.10 -42.41 5.76
CA ILE B 520 -28.76 -42.75 7.02
C ILE B 520 -28.95 -44.25 7.18
N ARG B 521 -28.87 -45.00 6.09
CA ARG B 521 -29.04 -46.45 6.16
C ARG B 521 -28.02 -47.08 7.10
N TYR B 522 -26.79 -46.57 7.09
CA TYR B 522 -25.76 -47.10 7.96
C TYR B 522 -26.01 -46.80 9.43
N TYR B 523 -26.91 -45.87 9.74
CA TYR B 523 -27.23 -45.57 11.12
C TYR B 523 -28.26 -46.56 11.66
N THR B 524 -29.44 -46.60 11.03
CA THR B 524 -30.51 -47.44 11.54
C THR B 524 -30.11 -48.91 11.56
N ARG B 525 -29.40 -49.36 10.53
CA ARG B 525 -28.93 -50.74 10.51
C ARG B 525 -28.07 -51.06 11.72
N THR B 526 -27.29 -50.09 12.19
CA THR B 526 -26.50 -50.31 13.39
C THR B 526 -27.40 -50.58 14.58
N LEU B 527 -28.50 -49.85 14.69
CA LEU B 527 -29.42 -50.07 15.79
C LEU B 527 -30.19 -51.37 15.63
N TYR B 528 -30.83 -51.54 14.46
CA TYR B 528 -31.77 -52.65 14.26
C TYR B 528 -31.14 -53.98 14.66
N GLN B 529 -29.90 -54.23 14.21
CA GLN B 529 -29.28 -55.53 14.45
C GLN B 529 -29.28 -55.85 15.94
N PHE B 530 -28.88 -54.90 16.77
CA PHE B 530 -28.86 -55.16 18.20
C PHE B 530 -30.27 -55.43 18.72
N GLN B 531 -31.23 -54.62 18.28
CA GLN B 531 -32.61 -54.88 18.65
C GLN B 531 -33.04 -56.28 18.22
N PHE B 532 -32.52 -56.75 17.09
CA PHE B 532 -32.78 -58.14 16.70
C PHE B 532 -32.08 -59.09 17.66
N GLN B 533 -30.77 -58.89 17.86
CA GLN B 533 -29.98 -59.88 18.60
C GLN B 533 -30.54 -60.09 19.99
N GLU B 534 -30.75 -59.00 20.73
CA GLU B 534 -31.34 -59.10 22.05
C GLU B 534 -32.63 -59.92 22.01
N ALA B 535 -33.52 -59.59 21.07
CA ALA B 535 -34.76 -60.34 20.98
C ALA B 535 -34.48 -61.82 20.73
N LEU B 536 -33.62 -62.12 19.77
CA LEU B 536 -33.29 -63.51 19.49
C LEU B 536 -32.53 -64.16 20.63
N CYS B 537 -31.91 -63.37 21.50
CA CYS B 537 -31.31 -63.92 22.71
C CYS B 537 -32.31 -64.08 23.83
N GLN B 538 -33.41 -63.33 23.80
CA GLN B 538 -34.46 -63.52 24.81
C GLN B 538 -35.16 -64.85 24.60
N ALA B 539 -35.58 -65.13 23.37
CA ALA B 539 -36.25 -66.40 23.08
C ALA B 539 -35.33 -67.58 23.29
N ALA B 540 -34.04 -67.44 22.97
CA ALA B 540 -33.07 -68.50 23.21
C ALA B 540 -32.78 -68.71 24.68
N LYS B 541 -33.26 -67.83 25.55
CA LYS B 541 -33.04 -67.92 26.99
C LYS B 541 -31.55 -67.89 27.32
N HIS B 542 -30.88 -66.80 26.94
CA HIS B 542 -29.48 -66.58 27.31
C HIS B 542 -29.43 -65.65 28.51
N GLU B 543 -28.66 -66.04 29.52
CA GLU B 543 -28.63 -65.34 30.79
C GLU B 543 -27.45 -64.39 30.94
N GLY B 544 -26.27 -64.76 30.43
CA GLY B 544 -25.08 -63.97 30.63
C GLY B 544 -25.07 -62.67 29.85
N PRO B 545 -23.89 -62.09 29.70
CA PRO B 545 -23.78 -60.84 28.93
C PRO B 545 -24.18 -61.04 27.48
N LEU B 546 -24.72 -59.99 26.88
CA LEU B 546 -25.26 -60.09 25.53
C LEU B 546 -24.16 -60.42 24.51
N HIS B 547 -22.96 -59.86 24.68
CA HIS B 547 -21.90 -60.08 23.70
C HIS B 547 -21.46 -61.54 23.66
N LYS B 548 -21.82 -62.34 24.66
CA LYS B 548 -21.55 -63.77 24.65
C LYS B 548 -22.72 -64.60 24.15
N CYS B 549 -23.83 -63.96 23.79
CA CYS B 549 -25.02 -64.70 23.39
C CYS B 549 -24.80 -65.44 22.07
N ASP B 550 -25.40 -66.62 21.97
CA ASP B 550 -25.44 -67.39 20.73
C ASP B 550 -26.85 -67.92 20.53
N ILE B 551 -27.27 -67.98 19.27
CA ILE B 551 -28.64 -68.37 18.93
C ILE B 551 -28.70 -69.79 18.36
N SER B 552 -27.59 -70.50 18.33
CA SER B 552 -27.57 -71.84 17.76
C SER B 552 -28.48 -72.77 18.56
N ASN B 553 -29.11 -73.71 17.84
CA ASN B 553 -30.00 -74.71 18.44
C ASN B 553 -31.21 -74.07 19.13
N SER B 554 -31.61 -72.88 18.69
CA SER B 554 -32.76 -72.18 19.26
C SER B 554 -33.82 -72.07 18.17
N THR B 555 -34.69 -73.08 18.09
CA THR B 555 -35.72 -73.09 17.06
C THR B 555 -36.73 -71.97 17.26
N GLU B 556 -37.00 -71.60 18.51
CA GLU B 556 -37.95 -70.50 18.77
C GLU B 556 -37.43 -69.19 18.20
N ALA B 557 -36.15 -68.89 18.40
CA ALA B 557 -35.57 -67.68 17.86
C ALA B 557 -35.59 -67.69 16.34
N GLY B 558 -35.27 -68.83 15.75
CA GLY B 558 -35.33 -68.96 14.30
C GLY B 558 -36.72 -68.73 13.74
N GLN B 559 -37.73 -69.30 14.42
CA GLN B 559 -39.10 -69.08 14.00
C GLN B 559 -39.49 -67.61 14.11
N LYS B 560 -39.11 -66.97 15.21
CA LYS B 560 -39.43 -65.55 15.37
C LYS B 560 -38.79 -64.72 14.27
N LEU B 561 -37.53 -65.00 13.95
CA LEU B 561 -36.87 -64.26 12.87
C LEU B 561 -37.53 -64.53 11.53
N PHE B 562 -37.84 -65.79 11.24
CA PHE B 562 -38.48 -66.14 9.97
C PHE B 562 -39.84 -65.50 9.84
N ASN B 563 -40.53 -65.28 10.96
CA ASN B 563 -41.83 -64.62 10.91
C ASN B 563 -41.73 -63.22 10.30
N MET B 564 -40.60 -62.55 10.50
CA MET B 564 -40.37 -61.26 9.86
C MET B 564 -39.74 -61.42 8.48
N LEU B 565 -38.84 -62.38 8.31
CA LEU B 565 -38.11 -62.51 7.06
C LEU B 565 -39.05 -62.76 5.88
N ARG B 566 -40.05 -63.61 6.07
CA ARG B 566 -40.97 -63.94 4.99
C ARG B 566 -41.83 -62.76 4.56
N LEU B 567 -42.00 -61.76 5.43
CA LEU B 567 -42.85 -60.62 5.10
C LEU B 567 -42.29 -59.83 3.92
N GLY B 568 -40.97 -59.64 3.89
CA GLY B 568 -40.41 -58.79 2.87
C GLY B 568 -40.90 -57.36 3.02
N LYS B 569 -41.23 -56.74 1.89
CA LYS B 569 -41.78 -55.40 1.88
C LYS B 569 -43.31 -55.40 1.91
N SER B 570 -43.93 -56.56 2.07
CA SER B 570 -45.39 -56.66 2.02
C SER B 570 -46.05 -55.90 3.16
N GLU B 571 -45.34 -55.68 4.25
CA GLU B 571 -45.88 -55.04 5.44
C GLU B 571 -45.03 -53.85 5.83
N PRO B 572 -45.60 -52.88 6.55
CA PRO B 572 -44.80 -51.76 7.04
C PRO B 572 -43.65 -52.24 7.91
N TRP B 573 -42.50 -51.58 7.78
CA TRP B 573 -41.32 -52.01 8.51
C TRP B 573 -41.54 -51.94 10.02
N THR B 574 -42.41 -51.04 10.46
CA THR B 574 -42.78 -51.00 11.87
C THR B 574 -43.40 -52.33 12.30
N LEU B 575 -44.31 -52.85 11.47
CA LEU B 575 -44.93 -54.13 11.79
C LEU B 575 -43.91 -55.26 11.78
N ALA B 576 -42.97 -55.22 10.84
CA ALA B 576 -41.92 -56.23 10.81
C ALA B 576 -41.08 -56.19 12.09
N LEU B 577 -40.75 -54.99 12.56
CA LEU B 577 -40.04 -54.86 13.83
C LEU B 577 -40.87 -55.42 14.97
N GLU B 578 -42.17 -55.12 15.00
CA GLU B 578 -43.03 -55.60 16.07
C GLU B 578 -43.05 -57.13 16.11
N ASN B 579 -42.82 -57.78 14.97
CA ASN B 579 -42.84 -59.24 14.91
C ASN B 579 -41.55 -59.87 15.40
N VAL B 580 -40.53 -59.07 15.73
CA VAL B 580 -39.27 -59.62 16.24
C VAL B 580 -38.97 -59.02 17.60
N VAL B 581 -38.82 -57.69 17.66
CA VAL B 581 -38.45 -57.03 18.91
C VAL B 581 -39.64 -56.69 19.78
N GLY B 582 -40.86 -56.79 19.25
CA GLY B 582 -42.04 -56.46 20.02
C GLY B 582 -42.29 -54.99 20.20
N ALA B 583 -41.56 -54.13 19.51
CA ALA B 583 -41.74 -52.68 19.57
C ALA B 583 -42.05 -52.15 18.18
N LYS B 584 -42.47 -50.89 18.13
CA LYS B 584 -42.85 -50.29 16.86
C LYS B 584 -41.78 -49.40 16.25
N ASN B 585 -40.93 -48.78 17.06
CA ASN B 585 -39.89 -47.89 16.57
C ASN B 585 -38.52 -48.40 17.00
N MET B 586 -37.49 -47.87 16.37
CA MET B 586 -36.13 -48.24 16.73
C MET B 586 -35.79 -47.69 18.12
N ASN B 587 -35.13 -48.52 18.92
CA ASN B 587 -34.74 -48.15 20.26
C ASN B 587 -33.27 -48.48 20.46
N VAL B 588 -32.49 -47.52 20.94
CA VAL B 588 -31.05 -47.71 21.01
C VAL B 588 -30.62 -48.51 22.23
N ARG B 589 -31.52 -48.69 23.21
CA ARG B 589 -31.14 -49.32 24.47
C ARG B 589 -30.40 -50.64 24.31
N PRO B 590 -30.82 -51.57 23.45
CA PRO B 590 -30.06 -52.82 23.33
C PRO B 590 -28.60 -52.59 23.00
N LEU B 591 -28.29 -51.62 22.13
CA LEU B 591 -26.89 -51.32 21.85
C LEU B 591 -26.13 -51.05 23.13
N LEU B 592 -26.68 -50.18 23.98
CA LEU B 592 -26.05 -49.91 25.26
C LEU B 592 -25.94 -51.19 26.09
N ASN B 593 -27.02 -51.98 26.12
CA ASN B 593 -26.97 -53.26 26.81
C ASN B 593 -25.84 -54.12 26.27
N TYR B 594 -25.58 -54.03 24.97
CA TYR B 594 -24.49 -54.80 24.38
C TYR B 594 -23.15 -54.30 24.90
N PHE B 595 -22.98 -52.99 25.01
CA PHE B 595 -21.69 -52.41 25.35
C PHE B 595 -21.56 -52.01 26.81
N GLU B 596 -22.54 -52.37 27.65
CA GLU B 596 -22.45 -52.08 29.08
C GLU B 596 -21.17 -52.59 29.75
N PRO B 597 -20.73 -53.84 29.53
CA PRO B 597 -19.47 -54.27 30.14
C PRO B 597 -18.29 -53.39 29.77
N LEU B 598 -18.19 -52.96 28.52
CA LEU B 598 -17.14 -52.01 28.15
C LEU B 598 -17.36 -50.65 28.80
N PHE B 599 -18.61 -50.17 28.77
CA PHE B 599 -18.91 -48.83 29.27
C PHE B 599 -18.39 -48.64 30.68
N THR B 600 -18.76 -49.56 31.59
CA THR B 600 -18.29 -49.47 32.96
C THR B 600 -16.77 -49.37 33.00
N TRP B 601 -16.09 -50.26 32.28
CA TRP B 601 -14.63 -50.24 32.27
C TRP B 601 -14.11 -48.90 31.78
N LEU B 602 -14.71 -48.36 30.72
CA LEU B 602 -14.30 -47.05 30.25
C LEU B 602 -14.49 -46.01 31.34
N LYS B 603 -15.63 -46.06 32.03
CA LYS B 603 -15.87 -45.12 33.13
C LYS B 603 -14.84 -45.30 34.23
N ASP B 604 -14.37 -46.54 34.42
CA ASP B 604 -13.34 -46.78 35.42
C ASP B 604 -11.98 -46.31 34.93
N GLN B 605 -11.77 -46.28 33.62
CA GLN B 605 -10.48 -45.93 33.06
C GLN B 605 -10.28 -44.43 32.89
N ASN B 606 -11.31 -43.62 33.14
CA ASN B 606 -11.24 -42.17 32.96
C ASN B 606 -11.43 -41.43 34.28
N LYS B 607 -10.88 -41.97 35.37
CA LYS B 607 -11.00 -41.29 36.65
C LYS B 607 -10.28 -39.95 36.64
N ASN B 608 -9.08 -39.91 36.07
CA ASN B 608 -8.29 -38.68 36.02
C ASN B 608 -8.51 -37.87 34.75
N SER B 609 -8.73 -38.53 33.62
CA SER B 609 -8.87 -37.81 32.36
C SER B 609 -10.20 -37.06 32.31
N PHE B 610 -10.20 -35.96 31.55
CA PHE B 610 -11.35 -35.09 31.43
C PHE B 610 -12.24 -35.61 30.30
N VAL B 611 -13.41 -36.13 30.66
CA VAL B 611 -14.35 -36.66 29.69
C VAL B 611 -15.07 -35.52 29.00
N GLY B 612 -15.13 -35.57 27.68
CA GLY B 612 -15.75 -34.53 26.89
C GLY B 612 -14.72 -33.81 26.02
N TRP B 613 -15.17 -32.70 25.43
CA TRP B 613 -14.28 -31.92 24.58
C TRP B 613 -14.79 -30.50 24.51
N SER B 614 -13.91 -29.60 24.07
CA SER B 614 -14.24 -28.21 23.86
C SER B 614 -14.22 -27.90 22.36
N THR B 615 -15.13 -27.03 21.95
CA THR B 615 -15.26 -26.65 20.54
C THR B 615 -14.45 -25.41 20.22
N ASP B 616 -13.36 -25.18 20.96
CA ASP B 616 -12.51 -24.02 20.72
C ASP B 616 -11.05 -24.35 20.48
N TRP B 617 -10.52 -25.45 21.00
CA TRP B 617 -9.14 -25.82 20.73
C TRP B 617 -9.00 -26.33 19.30
N SER B 618 -7.90 -25.96 18.67
CA SER B 618 -7.60 -26.42 17.32
C SER B 618 -6.09 -26.58 17.19
N PRO B 619 -5.62 -27.52 16.38
CA PRO B 619 -4.17 -27.79 16.33
C PRO B 619 -3.36 -26.59 15.87
N TYR B 620 -3.96 -25.67 15.13
CA TYR B 620 -3.28 -24.48 14.65
C TYR B 620 -3.49 -23.27 15.54
N ALA B 621 -4.23 -23.43 16.65
CA ALA B 621 -4.63 -22.28 17.45
C ALA B 621 -3.48 -21.66 18.24
N ASP B 622 -2.36 -22.36 18.41
CA ASP B 622 -1.25 -21.83 19.19
C ASP B 622 -0.38 -20.86 18.41
N GLN B 623 -0.24 -21.05 17.10
CA GLN B 623 0.62 -20.22 16.28
C GLN B 623 -0.14 -19.15 15.52
N SER B 624 -1.43 -18.99 15.79
CA SER B 624 -2.23 -18.03 15.07
C SER B 624 -2.00 -16.63 15.59
N ILE B 625 -1.86 -15.67 14.67
CA ILE B 625 -1.83 -14.25 15.00
C ILE B 625 -3.20 -13.69 14.64
N LYS B 626 -3.78 -12.95 15.58
CA LYS B 626 -5.14 -12.43 15.41
C LYS B 626 -5.09 -11.00 14.90
N VAL B 627 -5.73 -10.77 13.75
CA VAL B 627 -5.82 -9.46 13.13
C VAL B 627 -7.20 -8.90 13.41
N ARG B 628 -7.26 -7.61 13.73
CA ARG B 628 -8.51 -6.88 13.86
C ARG B 628 -8.40 -5.58 13.07
N ILE B 629 -9.31 -5.38 12.12
CA ILE B 629 -9.27 -4.24 11.21
C ILE B 629 -10.49 -3.38 11.45
N SER B 630 -10.27 -2.08 11.57
CA SER B 630 -11.36 -1.10 11.75
C SER B 630 -11.31 -0.11 10.59
N LEU B 631 -12.01 -0.43 9.51
CA LEU B 631 -12.00 0.43 8.33
C LEU B 631 -12.73 1.73 8.59
N LYS B 632 -14.00 1.64 9.01
CA LYS B 632 -14.88 2.80 9.11
C LYS B 632 -14.37 3.86 10.05
N SER B 633 -13.58 3.50 11.05
CA SER B 633 -13.04 4.50 11.96
C SER B 633 -11.87 5.24 11.33
N ALA B 634 -10.92 4.49 10.75
CA ALA B 634 -9.72 5.11 10.20
C ALA B 634 -10.00 5.89 8.92
N LEU B 635 -11.04 5.53 8.17
CA LEU B 635 -11.32 6.22 6.92
C LEU B 635 -12.59 7.05 6.94
N GLY B 636 -13.48 6.84 7.92
CA GLY B 636 -14.74 7.55 7.93
C GLY B 636 -15.59 7.15 6.74
N ASP B 637 -15.85 8.11 5.86
CA ASP B 637 -16.48 7.81 4.58
C ASP B 637 -15.41 7.27 3.64
N LYS B 638 -15.73 7.19 2.35
CA LYS B 638 -14.81 6.75 1.29
C LYS B 638 -14.03 5.49 1.69
N ALA B 639 -14.66 4.64 2.49
CA ALA B 639 -14.04 3.40 2.94
C ALA B 639 -14.57 2.25 2.10
N TYR B 640 -13.65 1.45 1.59
CA TYR B 640 -13.99 0.31 0.74
C TYR B 640 -14.60 -0.80 1.58
N GLU B 641 -15.20 -1.77 0.89
CA GLU B 641 -15.78 -2.93 1.53
C GLU B 641 -14.78 -4.07 1.58
N TRP B 642 -14.89 -4.90 2.61
CA TRP B 642 -13.89 -5.94 2.85
C TRP B 642 -14.35 -7.25 2.20
N ASN B 643 -14.31 -7.27 0.87
CA ASN B 643 -14.65 -8.47 0.12
C ASN B 643 -13.44 -9.39 0.01
N ASP B 644 -13.60 -10.48 -0.74
CA ASP B 644 -12.54 -11.48 -0.84
C ASP B 644 -11.30 -10.95 -1.54
N ASN B 645 -11.44 -9.95 -2.42
CA ASN B 645 -10.26 -9.36 -3.05
C ASN B 645 -9.36 -8.70 -2.01
N GLU B 646 -9.94 -8.03 -1.02
CA GLU B 646 -9.14 -7.44 0.03
C GLU B 646 -8.44 -8.51 0.86
N MET B 647 -9.11 -9.64 1.10
CA MET B 647 -8.46 -10.74 1.79
C MET B 647 -7.29 -11.29 0.98
N TYR B 648 -7.47 -11.39 -0.34
CA TYR B 648 -6.37 -11.81 -1.20
C TYR B 648 -5.20 -10.84 -1.08
N LEU B 649 -5.48 -9.54 -1.12
CA LEU B 649 -4.42 -8.56 -1.01
C LEU B 649 -3.71 -8.65 0.34
N PHE B 650 -4.49 -8.88 1.41
CA PHE B 650 -3.87 -9.00 2.73
C PHE B 650 -2.97 -10.22 2.82
N ARG B 651 -3.42 -11.35 2.28
CA ARG B 651 -2.58 -12.55 2.32
C ARG B 651 -1.33 -12.37 1.46
N SER B 652 -1.46 -11.70 0.32
CA SER B 652 -0.28 -11.40 -0.49
C SER B 652 0.68 -10.49 0.28
N SER B 653 0.15 -9.50 1.00
CA SER B 653 1.01 -8.62 1.78
C SER B 653 1.74 -9.38 2.87
N VAL B 654 1.04 -10.28 3.56
CA VAL B 654 1.67 -11.07 4.62
C VAL B 654 2.75 -11.98 4.03
N ALA B 655 2.46 -12.60 2.89
CA ALA B 655 3.47 -13.45 2.25
C ALA B 655 4.69 -12.63 1.84
N TYR B 656 4.46 -11.43 1.31
CA TYR B 656 5.58 -10.55 0.98
C TYR B 656 6.41 -10.20 2.20
N ALA B 657 5.74 -9.90 3.31
CA ALA B 657 6.47 -9.59 4.54
C ALA B 657 7.31 -10.77 5.00
N MET B 658 6.75 -11.98 4.92
CA MET B 658 7.51 -13.17 5.30
C MET B 658 8.71 -13.37 4.37
N ARG B 659 8.51 -13.15 3.07
CA ARG B 659 9.63 -13.25 2.13
C ARG B 659 10.73 -12.27 2.49
N GLN B 660 10.36 -11.02 2.78
CA GLN B 660 11.35 -10.01 3.11
C GLN B 660 12.10 -10.39 4.38
N TYR B 661 11.38 -10.88 5.39
CA TYR B 661 12.03 -11.24 6.63
C TYR B 661 13.00 -12.40 6.42
N PHE B 662 12.59 -13.40 5.65
CA PHE B 662 13.48 -14.55 5.46
C PHE B 662 14.64 -14.22 4.54
N LEU B 663 14.53 -13.20 3.71
CA LEU B 663 15.64 -12.82 2.84
C LEU B 663 16.63 -11.91 3.54
N LYS B 664 16.14 -10.91 4.28
CA LYS B 664 17.00 -9.87 4.84
C LYS B 664 17.53 -10.21 6.23
N VAL B 665 17.10 -11.31 6.84
CA VAL B 665 17.55 -11.64 8.18
C VAL B 665 18.25 -12.98 8.19
N LYS B 666 17.56 -14.02 7.73
CA LYS B 666 18.15 -15.35 7.71
C LYS B 666 18.88 -15.67 6.41
N ASN B 667 18.83 -14.79 5.42
CA ASN B 667 19.52 -14.98 4.14
C ASN B 667 19.14 -16.31 3.50
N GLN B 668 17.85 -16.63 3.56
CA GLN B 668 17.29 -17.78 2.87
C GLN B 668 16.22 -17.31 1.92
N MET B 669 16.20 -17.85 0.70
CA MET B 669 15.18 -17.49 -0.29
C MET B 669 14.06 -18.51 -0.20
N ILE B 670 12.95 -18.13 0.41
CA ILE B 670 11.79 -18.98 0.56
C ILE B 670 10.64 -18.38 -0.24
N LEU B 671 10.02 -19.19 -1.09
CA LEU B 671 8.99 -18.73 -2.00
C LEU B 671 7.63 -18.90 -1.35
N PHE B 672 7.31 -17.98 -0.44
CA PHE B 672 5.97 -17.97 0.13
C PHE B 672 4.96 -17.53 -0.93
N GLY B 673 3.69 -17.81 -0.66
CA GLY B 673 2.63 -17.47 -1.58
C GLY B 673 1.37 -17.15 -0.83
N GLU B 674 0.40 -16.57 -1.55
CA GLU B 674 -0.84 -16.16 -0.91
C GLU B 674 -1.64 -17.35 -0.41
N GLU B 675 -1.39 -18.55 -0.92
CA GLU B 675 -2.06 -19.75 -0.45
C GLU B 675 -1.38 -20.35 0.76
N ASP B 676 -0.26 -19.79 1.20
CA ASP B 676 0.44 -20.24 2.40
C ASP B 676 0.10 -19.41 3.61
N VAL B 677 -0.81 -18.45 3.48
CA VAL B 677 -1.27 -17.66 4.62
C VAL B 677 -2.68 -18.09 4.95
N ARG B 678 -2.81 -19.05 5.86
CA ARG B 678 -4.10 -19.67 6.13
C ARG B 678 -4.89 -18.82 7.11
N VAL B 679 -6.14 -18.56 6.79
CA VAL B 679 -7.00 -17.60 7.48
C VAL B 679 -8.23 -18.34 8.00
N ALA B 680 -8.57 -18.08 9.26
CA ALA B 680 -9.68 -18.75 9.93
C ALA B 680 -10.46 -17.76 10.77
N ASN B 681 -11.70 -18.13 11.09
CA ASN B 681 -12.56 -17.37 12.00
C ASN B 681 -12.81 -15.95 11.49
N LEU B 682 -13.03 -15.81 10.19
CA LEU B 682 -13.39 -14.51 9.63
C LEU B 682 -14.73 -14.06 10.21
N LYS B 683 -14.79 -12.80 10.61
CA LYS B 683 -15.96 -12.25 11.29
C LYS B 683 -16.26 -10.86 10.75
N PRO B 684 -17.52 -10.41 10.87
CA PRO B 684 -17.89 -9.13 10.24
C PRO B 684 -17.11 -7.94 10.73
N ARG B 685 -16.66 -7.95 11.99
CA ARG B 685 -15.77 -6.90 12.50
C ARG B 685 -14.50 -6.79 11.68
N ILE B 686 -14.24 -7.75 10.79
CA ILE B 686 -12.95 -7.94 10.13
C ILE B 686 -11.95 -8.26 11.24
N SER B 687 -12.13 -9.42 11.85
CA SER B 687 -11.23 -9.94 12.87
C SER B 687 -11.08 -11.43 12.62
N PHE B 688 -9.85 -11.87 12.38
CA PHE B 688 -9.60 -13.26 12.00
C PHE B 688 -8.26 -13.69 12.56
N ASN B 689 -7.94 -14.97 12.36
CA ASN B 689 -6.66 -15.52 12.77
C ASN B 689 -5.93 -16.01 11.52
N PHE B 690 -4.68 -15.62 11.36
CA PHE B 690 -3.90 -16.15 10.26
C PHE B 690 -2.65 -16.83 10.80
N PHE B 691 -2.15 -17.78 10.03
CA PHE B 691 -0.84 -18.37 10.31
C PHE B 691 -0.23 -18.83 9.00
N VAL B 692 1.10 -18.85 8.96
CA VAL B 692 1.84 -19.07 7.73
C VAL B 692 2.57 -20.41 7.82
N THR B 693 2.37 -21.25 6.81
CA THR B 693 3.03 -22.54 6.75
C THR B 693 4.25 -22.46 5.85
N ALA B 694 4.98 -23.58 5.77
CA ALA B 694 6.13 -23.67 4.88
C ALA B 694 5.67 -23.58 3.43
N PRO B 695 6.57 -23.25 2.50
CA PRO B 695 6.12 -23.00 1.12
C PRO B 695 5.33 -24.13 0.49
N LYS B 696 5.70 -25.39 0.75
CA LYS B 696 4.94 -26.50 0.18
C LYS B 696 4.81 -27.66 1.15
N ASN B 697 5.01 -27.41 2.44
CA ASN B 697 5.08 -28.47 3.45
C ASN B 697 4.05 -28.16 4.53
N VAL B 698 2.82 -28.64 4.32
CA VAL B 698 1.69 -28.24 5.15
C VAL B 698 1.95 -28.53 6.61
N SER B 699 2.63 -29.64 6.90
CA SER B 699 2.88 -30.02 8.29
C SER B 699 3.80 -29.05 9.01
N ASP B 700 4.52 -28.20 8.27
CA ASP B 700 5.47 -27.26 8.86
C ASP B 700 4.80 -25.89 9.00
N ILE B 701 4.69 -25.42 10.23
CA ILE B 701 4.12 -24.10 10.52
C ILE B 701 5.25 -23.20 11.02
N ILE B 702 5.38 -22.04 10.39
CA ILE B 702 6.36 -21.06 10.83
C ILE B 702 5.97 -20.65 12.25
N PRO B 703 6.85 -20.80 13.23
CA PRO B 703 6.47 -20.49 14.61
C PRO B 703 6.11 -19.03 14.77
N ARG B 704 5.24 -18.77 15.75
CA ARG B 704 4.62 -17.45 15.88
C ARG B 704 5.66 -16.35 16.09
N THR B 705 6.76 -16.66 16.78
CA THR B 705 7.76 -15.63 17.06
C THR B 705 8.34 -15.06 15.78
N GLU B 706 8.67 -15.94 14.83
CA GLU B 706 9.23 -15.48 13.56
C GLU B 706 8.21 -14.67 12.78
N VAL B 707 6.94 -15.08 12.80
CA VAL B 707 5.90 -14.33 12.11
C VAL B 707 5.77 -12.93 12.72
N GLU B 708 5.81 -12.85 14.04
CA GLU B 708 5.71 -11.55 14.71
C GLU B 708 6.89 -10.65 14.34
N LYS B 709 8.10 -11.21 14.32
CA LYS B 709 9.25 -10.41 13.92
C LYS B 709 9.12 -9.94 12.47
N ALA B 710 8.64 -10.82 11.59
CA ALA B 710 8.44 -10.46 10.19
C ALA B 710 7.43 -9.33 10.06
N ILE B 711 6.34 -9.39 10.83
CA ILE B 711 5.32 -8.36 10.75
C ILE B 711 5.85 -7.04 11.30
N ARG B 712 6.58 -7.09 12.41
CA ARG B 712 7.19 -5.87 12.94
C ARG B 712 8.11 -5.24 11.91
N MET B 713 8.88 -6.06 11.19
CA MET B 713 9.85 -5.52 10.25
C MET B 713 9.19 -4.76 9.11
N SER B 714 8.09 -5.28 8.59
CA SER B 714 7.46 -4.70 7.40
C SER B 714 6.01 -4.29 7.66
N ARG B 715 5.73 -3.81 8.88
CA ARG B 715 4.37 -3.38 9.19
C ARG B 715 4.01 -2.09 8.47
N SER B 716 4.99 -1.25 8.17
CA SER B 716 4.71 0.00 7.49
C SER B 716 4.10 -0.24 6.11
N ARG B 717 4.67 -1.19 5.36
CA ARG B 717 4.16 -1.48 4.02
C ARG B 717 2.74 -2.04 4.09
N ILE B 718 2.49 -2.95 5.04
CA ILE B 718 1.15 -3.50 5.20
C ILE B 718 0.16 -2.40 5.53
N ASN B 719 0.55 -1.49 6.43
CA ASN B 719 -0.32 -0.37 6.79
C ASN B 719 -0.61 0.49 5.58
N ASP B 720 0.41 0.77 4.76
CA ASP B 720 0.21 1.63 3.60
C ASP B 720 -0.65 0.96 2.54
N ALA B 721 -0.60 -0.37 2.45
CA ALA B 721 -1.36 -1.05 1.41
C ALA B 721 -2.85 -0.84 1.59
N PHE B 722 -3.33 -0.74 2.82
CA PHE B 722 -4.75 -0.59 3.10
C PHE B 722 -5.11 0.80 3.63
N ARG B 723 -4.15 1.73 3.64
CA ARG B 723 -4.37 3.08 4.15
C ARG B 723 -4.86 3.06 5.60
N LEU B 724 -4.22 2.23 6.42
CA LEU B 724 -4.48 2.15 7.85
C LEU B 724 -3.19 2.49 8.60
N ASN B 725 -3.33 2.98 9.84
CA ASN B 725 -2.17 3.41 10.62
C ASN B 725 -2.22 2.83 12.04
N ASP B 726 -1.76 1.58 12.19
CA ASP B 726 -1.32 1.05 13.47
C ASP B 726 -2.37 1.08 14.58
N ASN B 727 -3.57 1.56 14.27
CA ASN B 727 -4.62 1.66 15.28
C ASN B 727 -5.88 0.99 14.75
N SER B 728 -6.10 1.10 13.45
CA SER B 728 -7.15 0.37 12.78
C SER B 728 -6.70 -1.00 12.28
N LEU B 729 -5.40 -1.27 12.31
CA LEU B 729 -4.86 -2.56 11.88
C LEU B 729 -4.02 -3.09 13.03
N GLU B 730 -4.66 -3.79 13.96
CA GLU B 730 -4.03 -4.28 15.16
C GLU B 730 -3.77 -5.78 15.02
N PHE B 731 -2.55 -6.20 15.36
CA PHE B 731 -2.17 -7.60 15.26
C PHE B 731 -2.25 -8.34 16.58
N LEU B 732 -2.68 -7.68 17.66
CA LEU B 732 -2.96 -8.32 18.95
C LEU B 732 -1.76 -9.15 19.43
N GLY B 733 -0.70 -8.43 19.76
CA GLY B 733 0.52 -9.05 20.22
C GLY B 733 1.73 -8.30 19.71
N ILE B 734 1.52 -7.51 18.65
CA ILE B 734 2.57 -6.66 18.11
C ILE B 734 2.22 -5.21 18.45
N GLN B 735 2.84 -4.68 19.50
CA GLN B 735 2.56 -3.33 19.95
C GLN B 735 3.55 -2.36 19.32
N PRO B 736 3.10 -1.33 18.61
CA PRO B 736 4.03 -0.44 17.92
C PRO B 736 4.70 0.52 18.88
N THR B 737 5.76 1.16 18.37
CA THR B 737 6.48 2.19 19.09
C THR B 737 6.29 3.52 18.38
N LEU B 738 5.82 4.53 19.12
CA LEU B 738 5.54 5.83 18.51
C LEU B 738 6.83 6.57 18.16
N GLY B 739 7.88 6.37 18.95
CA GLY B 739 9.13 7.06 18.73
C GLY B 739 9.48 7.98 19.89
N PRO B 740 10.76 8.02 20.24
CA PRO B 740 11.18 8.84 21.38
C PRO B 740 10.92 10.31 21.12
N PRO B 741 10.48 11.06 22.13
CA PRO B 741 10.31 12.51 21.96
C PRO B 741 11.62 13.25 22.20
N ASN B 742 12.12 13.93 21.17
CA ASN B 742 13.40 14.62 21.27
C ASN B 742 13.33 15.73 22.30
N GLN B 743 14.43 15.92 23.03
CA GLN B 743 14.47 17.03 23.94
C GLN B 743 15.39 18.12 23.41
N PRO B 744 15.04 19.39 23.62
CA PRO B 744 15.91 20.50 23.18
C PRO B 744 17.26 20.43 23.88
N PRO B 745 18.24 21.26 23.45
CA PRO B 745 19.58 21.19 24.05
C PRO B 745 19.61 21.17 25.57
N VAL B 746 19.11 22.21 26.23
CA VAL B 746 18.99 22.15 27.69
C VAL B 746 17.58 22.49 28.15
N SER B 747 17.20 23.76 28.03
CA SER B 747 15.89 24.23 28.45
C SER B 747 15.61 25.63 27.89
N ILE B 748 14.59 25.77 27.04
CA ILE B 748 14.27 27.08 26.49
C ILE B 748 13.69 27.99 27.57
N TRP B 749 12.85 27.43 28.46
CA TRP B 749 12.26 28.23 29.53
C TRP B 749 13.35 28.82 30.43
N LEU B 750 14.38 28.04 30.73
CA LEU B 750 15.44 28.53 31.59
C LEU B 750 16.21 29.67 30.93
N ILE B 751 16.45 29.57 29.63
CA ILE B 751 17.16 30.64 28.93
C ILE B 751 16.33 31.92 28.93
N VAL B 752 15.04 31.80 28.63
CA VAL B 752 14.18 33.00 28.61
C VAL B 752 14.10 33.60 30.00
N PHE B 753 13.95 32.76 31.04
CA PHE B 753 13.91 33.26 32.41
C PHE B 753 15.20 33.96 32.78
N GLY B 754 16.34 33.39 32.39
CA GLY B 754 17.61 34.04 32.69
C GLY B 754 17.74 35.39 32.04
N VAL B 755 17.34 35.49 30.77
CA VAL B 755 17.40 36.78 30.08
C VAL B 755 16.52 37.81 30.77
N VAL B 756 15.28 37.41 31.10
CA VAL B 756 14.34 38.35 31.72
C VAL B 756 14.85 38.78 33.09
N MET B 757 15.32 37.82 33.89
CA MET B 757 15.83 38.16 35.22
C MET B 757 17.04 39.07 35.12
N GLY B 758 17.92 38.82 34.16
CA GLY B 758 19.09 39.69 34.00
C GLY B 758 18.71 41.11 33.66
N VAL B 759 17.78 41.28 32.70
CA VAL B 759 17.41 42.64 32.31
C VAL B 759 16.67 43.35 33.45
N ILE B 760 15.84 42.60 34.20
CA ILE B 760 15.14 43.21 35.32
C ILE B 760 16.11 43.63 36.43
N VAL B 761 17.09 42.78 36.72
CA VAL B 761 18.09 43.11 37.73
C VAL B 761 18.89 44.33 37.30
N VAL B 762 19.28 44.40 36.04
CA VAL B 762 20.02 45.56 35.54
C VAL B 762 19.20 46.83 35.68
N GLY B 763 17.91 46.75 35.32
CA GLY B 763 17.04 47.91 35.46
C GLY B 763 16.91 48.36 36.91
N ILE B 764 16.74 47.40 37.82
CA ILE B 764 16.63 47.75 39.24
C ILE B 764 17.92 48.41 39.73
N VAL B 765 19.07 47.85 39.35
CA VAL B 765 20.35 48.38 39.82
C VAL B 765 20.55 49.80 39.29
N ILE B 766 20.27 50.02 38.01
CA ILE B 766 20.50 51.34 37.43
C ILE B 766 19.53 52.36 38.04
N LEU B 767 18.28 51.96 38.28
CA LEU B 767 17.33 52.88 38.89
C LEU B 767 17.75 53.25 40.31
N ILE B 768 18.19 52.26 41.10
CA ILE B 768 18.63 52.54 42.46
C ILE B 768 19.85 53.46 42.45
N PHE B 769 20.80 53.18 41.55
CA PHE B 769 22.00 54.01 41.48
C PHE B 769 21.67 55.44 41.08
N THR B 770 20.80 55.62 40.09
CA THR B 770 20.41 56.97 39.68
C THR B 770 19.67 57.70 40.78
N GLY B 771 18.77 56.99 41.48
CA GLY B 771 18.05 57.63 42.57
C GLY B 771 18.96 58.05 43.70
N ILE B 772 19.94 57.21 44.05
CA ILE B 772 20.88 57.57 45.10
C ILE B 772 21.76 58.73 44.67
N ARG B 773 22.23 58.70 43.42
CA ARG B 773 23.13 59.76 42.94
C ARG B 773 22.40 61.09 42.81
N ASP B 774 21.12 61.08 42.44
CA ASP B 774 20.37 62.33 42.34
C ASP B 774 20.25 63.00 43.70
N ARG B 775 20.02 62.23 44.76
CA ARG B 775 19.92 62.77 46.10
C ARG B 775 21.27 62.72 46.80
N SER C 11 14.48 72.08 9.91
CA SER C 11 15.31 71.28 9.02
C SER C 11 14.68 69.91 8.76
N LEU C 12 14.15 69.30 9.82
CA LEU C 12 13.54 67.98 9.68
C LEU C 12 12.35 68.03 8.72
N GLN C 13 11.51 69.05 8.81
CA GLN C 13 10.36 69.16 7.93
C GLN C 13 10.77 69.20 6.46
N PHE C 14 11.70 70.10 6.12
CA PHE C 14 12.12 70.24 4.73
C PHE C 14 12.83 68.98 4.24
N VAL C 15 13.73 68.43 5.05
CA VAL C 15 14.48 67.24 4.65
C VAL C 15 13.53 66.07 4.42
N PHE C 16 12.57 65.86 5.32
CA PHE C 16 11.65 64.75 5.14
C PHE C 16 10.68 64.99 4.00
N ALA C 17 10.29 66.23 3.73
CA ALA C 17 9.47 66.52 2.57
C ALA C 17 10.21 66.17 1.29
N CYS C 18 11.48 66.57 1.19
CA CYS C 18 12.27 66.24 0.02
C CYS C 18 12.48 64.74 -0.11
N ILE C 19 12.71 64.05 1.01
CA ILE C 19 12.90 62.60 0.97
C ILE C 19 11.63 61.91 0.50
N SER C 20 10.48 62.29 1.07
CA SER C 20 9.22 61.69 0.68
C SER C 20 8.89 61.96 -0.79
N TYR C 21 9.30 63.12 -1.30
CA TYR C 21 9.14 63.36 -2.73
C TYR C 21 10.06 62.47 -3.57
N ALA C 22 11.34 62.42 -3.22
CA ALA C 22 12.31 61.71 -4.04
C ALA C 22 12.13 60.20 -3.98
N VAL C 23 11.90 59.66 -2.78
CA VAL C 23 11.77 58.21 -2.62
C VAL C 23 10.37 57.80 -3.07
N GLY C 24 10.30 57.12 -4.20
CA GLY C 24 9.03 56.65 -4.76
C GLY C 24 9.22 55.39 -5.57
N LEU C 25 8.43 55.25 -6.62
CA LEU C 25 8.51 54.07 -7.47
C LEU C 25 9.74 54.09 -8.37
N GLY C 26 10.40 55.24 -8.53
CA GLY C 26 11.63 55.25 -9.30
C GLY C 26 12.77 54.54 -8.61
N ASN C 27 12.70 54.44 -7.28
CA ASN C 27 13.72 53.76 -6.49
C ASN C 27 13.43 52.28 -6.36
N VAL C 28 12.18 51.91 -6.10
CA VAL C 28 11.85 50.51 -5.83
C VAL C 28 11.50 49.74 -7.09
N TRP C 29 10.91 50.39 -8.09
CA TRP C 29 10.43 49.72 -9.29
C TRP C 29 11.33 49.95 -10.50
N ARG C 30 11.65 51.20 -10.82
CA ARG C 30 12.36 51.49 -12.05
C ARG C 30 13.84 51.08 -11.97
N PHE C 31 14.49 51.36 -10.84
CA PHE C 31 15.90 51.06 -10.69
C PHE C 31 16.21 49.57 -10.86
N PRO C 32 15.46 48.64 -10.26
CA PRO C 32 15.80 47.22 -10.44
C PRO C 32 15.77 46.76 -11.90
N TYR C 33 14.70 47.08 -12.64
CA TYR C 33 14.65 46.60 -14.01
C TYR C 33 15.62 47.36 -14.91
N LEU C 34 15.91 48.62 -14.59
CA LEU C 34 16.93 49.33 -15.35
C LEU C 34 18.30 48.69 -15.12
N CYS C 35 18.59 48.28 -13.88
CA CYS C 35 19.84 47.59 -13.60
C CYS C 35 19.91 46.24 -14.31
N GLN C 36 18.80 45.50 -14.30
CA GLN C 36 18.78 44.19 -14.96
C GLN C 36 18.96 44.33 -16.46
N MET C 37 18.32 45.33 -17.06
CA MET C 37 18.35 45.46 -18.52
C MET C 37 19.76 45.74 -19.02
N TYR C 38 20.52 46.57 -18.30
CA TYR C 38 21.82 47.03 -18.78
C TYR C 38 22.99 46.34 -18.09
N GLY C 39 22.84 45.06 -17.72
CA GLY C 39 23.96 44.25 -17.32
C GLY C 39 24.26 44.16 -15.85
N GLY C 40 23.43 44.75 -14.98
CA GLY C 40 23.69 44.67 -13.55
C GLY C 40 24.82 45.59 -13.13
N GLY C 41 25.98 45.03 -12.82
CA GLY C 41 27.11 45.84 -12.43
C GLY C 41 27.49 46.85 -13.49
N SER C 42 27.37 46.45 -14.77
CA SER C 42 27.67 47.35 -15.88
C SER C 42 26.77 48.57 -15.88
N PHE C 43 25.64 48.51 -15.18
CA PHE C 43 24.79 49.67 -14.98
C PHE C 43 25.04 50.39 -13.66
N LEU C 44 25.53 49.66 -12.64
CA LEU C 44 25.69 50.26 -11.32
C LEU C 44 26.92 51.15 -11.25
N VAL C 45 27.98 50.81 -11.98
CA VAL C 45 29.18 51.65 -11.99
C VAL C 45 28.91 53.03 -12.57
N PRO C 46 28.25 53.18 -13.73
CA PRO C 46 27.91 54.54 -14.19
C PRO C 46 26.99 55.28 -13.24
N TYR C 47 25.98 54.60 -12.70
CA TYR C 47 25.06 55.23 -11.76
C TYR C 47 25.78 56.03 -10.68
N ILE C 48 26.62 55.34 -9.89
CA ILE C 48 27.42 56.02 -8.88
C ILE C 48 28.25 57.11 -9.52
N ILE C 49 28.89 56.79 -10.65
CA ILE C 49 29.70 57.77 -11.36
C ILE C 49 28.85 58.95 -11.79
N MET C 50 27.60 58.69 -12.19
CA MET C 50 26.72 59.78 -12.59
C MET C 50 26.03 60.45 -11.42
N LEU C 51 26.24 59.95 -10.20
CA LEU C 51 25.63 60.58 -9.03
C LEU C 51 26.52 61.66 -8.43
N ILE C 52 27.83 61.44 -8.40
CA ILE C 52 28.74 62.44 -7.86
C ILE C 52 28.82 63.65 -8.78
N VAL C 53 28.69 63.44 -10.08
CA VAL C 53 28.88 64.51 -11.05
C VAL C 53 27.58 65.22 -11.37
N GLU C 54 26.48 64.47 -11.53
CA GLU C 54 25.23 65.06 -11.98
C GLU C 54 24.20 65.23 -10.88
N GLY C 55 24.05 64.26 -9.97
CA GLY C 55 23.02 64.35 -8.95
C GLY C 55 23.25 65.44 -7.92
N MET C 56 24.31 65.31 -7.13
CA MET C 56 24.53 66.24 -6.01
C MET C 56 24.68 67.68 -6.46
N PRO C 57 25.56 68.03 -7.41
CA PRO C 57 25.75 69.45 -7.73
C PRO C 57 24.50 70.10 -8.28
N LEU C 58 23.77 69.42 -9.16
CA LEU C 58 22.58 70.02 -9.74
C LEU C 58 21.42 70.06 -8.74
N LEU C 59 21.30 69.07 -7.86
CA LEU C 59 20.29 69.17 -6.80
C LEU C 59 20.59 70.34 -5.87
N TYR C 60 21.86 70.53 -5.51
CA TYR C 60 22.25 71.69 -4.70
C TYR C 60 21.97 72.99 -5.44
N LEU C 61 22.22 73.02 -6.75
CA LEU C 61 21.96 74.21 -7.55
C LEU C 61 20.47 74.53 -7.57
N GLU C 62 19.61 73.50 -7.73
CA GLU C 62 18.18 73.73 -7.69
C GLU C 62 17.75 74.28 -6.35
N LEU C 63 18.25 73.70 -5.25
CA LEU C 63 17.85 74.18 -3.93
C LEU C 63 18.34 75.60 -3.67
N ALA C 64 19.50 75.96 -4.22
CA ALA C 64 19.98 77.32 -4.02
C ALA C 64 19.19 78.31 -4.87
N VAL C 65 18.82 77.93 -6.09
CA VAL C 65 18.01 78.86 -6.88
C VAL C 65 16.65 79.03 -6.21
N GLY C 66 16.11 77.94 -5.65
CA GLY C 66 14.87 78.02 -4.90
C GLY C 66 14.95 78.95 -3.71
N GLN C 67 16.14 79.07 -3.12
CA GLN C 67 16.23 79.94 -1.95
C GLN C 67 16.52 81.39 -2.35
N ARG C 68 17.47 81.59 -3.26
CA ARG C 68 17.91 82.95 -3.57
C ARG C 68 16.84 83.70 -4.36
N MET C 69 16.12 83.00 -5.26
CA MET C 69 14.94 83.63 -5.86
C MET C 69 13.79 83.73 -4.85
N ARG C 70 13.55 82.65 -4.09
CA ARG C 70 12.40 82.56 -3.19
C ARG C 70 11.08 82.75 -3.93
N GLN C 71 11.03 82.32 -5.19
CA GLN C 71 9.82 82.34 -6.00
C GLN C 71 9.55 80.94 -6.52
N GLY C 72 8.52 80.82 -7.35
CA GLY C 72 8.24 79.56 -8.01
C GLY C 72 9.18 79.32 -9.17
N SER C 73 9.04 78.15 -9.79
CA SER C 73 9.91 77.79 -10.90
C SER C 73 9.78 78.79 -12.05
N ILE C 74 8.55 79.01 -12.50
CA ILE C 74 8.32 79.97 -13.57
C ILE C 74 8.74 81.37 -13.13
N GLY C 75 8.38 81.75 -11.91
CA GLY C 75 8.76 83.06 -11.41
C GLY C 75 10.26 83.24 -11.35
N ALA C 76 10.99 82.21 -10.88
CA ALA C 76 12.43 82.29 -10.78
C ALA C 76 13.07 82.41 -12.16
N TRP C 77 12.71 81.50 -13.08
CA TRP C 77 13.32 81.50 -14.40
C TRP C 77 12.83 82.64 -15.28
N ARG C 78 11.81 83.37 -14.84
CA ARG C 78 11.39 84.60 -15.52
C ARG C 78 12.08 85.82 -14.94
N THR C 79 12.34 85.81 -13.63
CA THR C 79 13.07 86.90 -12.99
C THR C 79 14.55 86.89 -13.35
N ILE C 80 15.13 85.70 -13.56
CA ILE C 80 16.52 85.66 -14.04
C ILE C 80 16.63 86.34 -15.40
N SER C 81 15.70 86.04 -16.31
CA SER C 81 15.65 86.72 -17.60
C SER C 81 14.33 86.40 -18.30
N PRO C 82 13.68 87.38 -18.92
CA PRO C 82 12.41 87.09 -19.62
C PRO C 82 12.56 86.09 -20.74
N TYR C 83 13.66 86.17 -21.50
CA TYR C 83 13.88 85.30 -22.66
C TYR C 83 13.96 83.83 -22.28
N LEU C 84 13.77 83.54 -20.99
CA LEU C 84 14.01 82.22 -20.45
C LEU C 84 12.78 81.67 -19.76
N SER C 85 11.71 82.46 -19.65
CA SER C 85 10.52 82.05 -18.91
C SER C 85 9.96 80.73 -19.39
N GLY C 86 10.17 80.39 -20.66
CA GLY C 86 9.69 79.12 -21.18
C GLY C 86 10.17 77.89 -20.42
N VAL C 87 11.37 77.93 -19.86
CA VAL C 87 11.84 76.76 -19.12
C VAL C 87 11.03 76.52 -17.86
N GLY C 88 10.24 77.50 -17.42
CA GLY C 88 9.31 77.30 -16.33
C GLY C 88 8.06 76.59 -16.80
N VAL C 89 7.63 76.89 -18.02
CA VAL C 89 6.45 76.24 -18.58
C VAL C 89 6.75 74.79 -18.91
N ALA C 90 7.89 74.54 -19.56
CA ALA C 90 8.24 73.19 -19.95
C ALA C 90 8.39 72.27 -18.76
N SER C 91 8.97 72.77 -17.66
CA SER C 91 9.11 71.96 -16.46
C SER C 91 7.76 71.51 -15.92
N VAL C 92 6.68 72.23 -16.23
CA VAL C 92 5.36 71.75 -15.89
C VAL C 92 4.92 70.64 -16.84
N VAL C 93 5.12 70.86 -18.14
CA VAL C 93 4.60 69.94 -19.15
C VAL C 93 5.15 68.53 -18.92
N VAL C 94 6.45 68.43 -18.63
CA VAL C 94 7.06 67.13 -18.37
C VAL C 94 6.31 66.43 -17.24
N SER C 95 6.07 67.17 -16.15
CA SER C 95 5.31 66.61 -15.03
C SER C 95 3.99 66.06 -15.51
N PHE C 96 3.30 66.82 -16.36
CA PHE C 96 2.05 66.36 -16.95
C PHE C 96 2.23 64.97 -17.52
N PHE C 97 3.19 64.80 -18.43
CA PHE C 97 3.39 63.51 -19.06
C PHE C 97 3.68 62.46 -18.01
N LEU C 98 4.50 62.80 -17.01
CA LEU C 98 4.74 61.86 -15.93
C LEU C 98 3.45 61.46 -15.25
N SER C 99 2.66 62.45 -14.83
CA SER C 99 1.40 62.15 -14.17
C SER C 99 0.45 61.43 -15.12
N MET C 100 0.74 61.49 -16.42
CA MET C 100 -0.12 60.81 -17.37
C MET C 100 0.02 59.29 -17.30
N TYR C 101 1.22 58.80 -17.00
CA TYR C 101 1.47 57.37 -17.04
C TYR C 101 1.87 56.76 -15.71
N TYR C 102 2.47 57.55 -14.82
CA TYR C 102 2.91 57.06 -13.53
C TYR C 102 1.78 56.34 -12.79
N ASN C 103 0.58 56.91 -12.82
CA ASN C 103 -0.56 56.33 -12.10
C ASN C 103 -0.85 54.91 -12.55
N VAL C 104 -0.54 54.57 -13.80
CA VAL C 104 -0.78 53.21 -14.26
C VAL C 104 -0.08 52.23 -13.33
N ILE C 105 1.15 52.55 -12.93
CA ILE C 105 1.88 51.68 -12.02
C ILE C 105 1.07 51.45 -10.75
N ASN C 106 0.57 52.54 -10.16
CA ASN C 106 -0.26 52.40 -8.96
C ASN C 106 -1.44 51.49 -9.23
N ALA C 107 -2.10 51.68 -10.38
CA ALA C 107 -3.22 50.83 -10.75
C ALA C 107 -2.82 49.36 -10.67
N TRP C 108 -1.68 49.03 -11.27
CA TRP C 108 -1.22 47.65 -11.28
C TRP C 108 -1.10 47.12 -9.85
N ALA C 109 -0.50 47.93 -8.97
CA ALA C 109 -0.37 47.51 -7.58
C ALA C 109 -1.73 47.22 -6.99
N PHE C 110 -2.70 48.11 -7.22
CA PHE C 110 -4.05 47.87 -6.75
C PHE C 110 -4.54 46.51 -7.23
N TRP C 111 -4.36 46.22 -8.51
CA TRP C 111 -4.73 44.90 -9.03
C TRP C 111 -4.05 43.81 -8.23
N TYR C 112 -2.74 43.91 -8.09
CA TYR C 112 -2.01 42.87 -7.35
C TYR C 112 -2.41 42.83 -5.89
N LEU C 113 -2.94 43.94 -5.36
CA LEU C 113 -3.47 43.88 -4.00
C LEU C 113 -4.77 43.10 -3.98
N PHE C 114 -5.68 43.39 -4.91
CA PHE C 114 -7.02 42.80 -4.85
C PHE C 114 -6.97 41.32 -5.11
N HIS C 115 -6.04 40.86 -5.94
CA HIS C 115 -5.78 39.44 -6.08
C HIS C 115 -4.77 38.97 -5.04
N SER C 116 -5.00 39.33 -3.77
CA SER C 116 -4.15 38.86 -2.69
C SER C 116 -4.94 38.35 -1.50
N PHE C 117 -6.26 38.18 -1.64
CA PHE C 117 -7.10 37.65 -0.56
C PHE C 117 -7.65 36.28 -0.92
N GLN C 118 -6.88 35.49 -1.67
CA GLN C 118 -7.30 34.17 -2.14
C GLN C 118 -6.30 33.14 -1.67
N ASP C 119 -6.80 32.02 -1.16
CA ASP C 119 -5.89 30.94 -0.75
C ASP C 119 -5.11 30.39 -1.93
N PRO C 120 -5.73 30.02 -3.07
CA PRO C 120 -4.92 29.68 -4.25
C PRO C 120 -4.49 30.92 -5.02
N LEU C 121 -3.38 31.52 -4.63
CA LEU C 121 -2.95 32.78 -5.22
C LEU C 121 -2.86 32.64 -6.73
N PRO C 122 -3.36 33.61 -7.50
CA PRO C 122 -3.43 33.44 -8.96
C PRO C 122 -2.08 33.22 -9.62
N TRP C 123 -1.02 33.79 -9.07
CA TRP C 123 0.32 33.65 -9.64
C TRP C 123 1.08 32.48 -9.03
N SER C 124 0.42 31.66 -8.21
CA SER C 124 1.06 30.52 -7.56
C SER C 124 0.91 29.23 -8.36
N VAL C 125 -0.28 28.96 -8.90
CA VAL C 125 -0.55 27.70 -9.59
C VAL C 125 -1.04 28.03 -11.00
N CYS C 126 -0.45 27.36 -11.99
CA CYS C 126 -0.90 27.53 -13.36
C CYS C 126 -2.27 26.88 -13.56
N PRO C 127 -3.07 27.40 -14.48
CA PRO C 127 -4.36 26.77 -14.78
C PRO C 127 -4.18 25.44 -15.50
N LEU C 128 -5.23 24.63 -15.47
CA LEU C 128 -5.21 23.32 -16.10
C LEU C 128 -5.32 23.44 -17.61
N ASN C 129 -4.65 22.53 -18.32
CA ASN C 129 -4.52 22.66 -19.76
C ASN C 129 -5.86 22.57 -20.48
N GLY C 130 -6.73 21.66 -20.02
CA GLY C 130 -7.98 21.41 -20.71
C GLY C 130 -8.33 19.94 -20.74
N ASN C 131 -7.31 19.09 -20.78
CA ASN C 131 -7.49 17.67 -20.48
C ASN C 131 -7.75 17.43 -19.01
N HIS C 132 -7.43 18.42 -18.16
CA HIS C 132 -7.38 18.24 -16.71
C HIS C 132 -6.34 17.18 -16.33
N THR C 133 -5.25 17.14 -17.08
CA THR C 133 -4.14 16.24 -16.79
C THR C 133 -2.79 16.95 -16.73
N GLY C 134 -2.68 18.18 -17.24
CA GLY C 134 -1.43 18.90 -17.24
C GLY C 134 -1.64 20.38 -17.02
N TYR C 135 -0.72 21.20 -17.48
CA TYR C 135 -0.75 22.64 -17.30
C TYR C 135 -0.78 23.31 -18.67
N ASP C 136 -1.07 24.61 -18.68
CA ASP C 136 -1.11 25.34 -19.93
C ASP C 136 0.27 25.38 -20.56
N GLU C 137 0.29 25.43 -21.89
CA GLU C 137 1.57 25.48 -22.60
C GLU C 137 2.33 26.75 -22.29
N GLU C 138 1.66 27.90 -22.38
CA GLU C 138 2.34 29.16 -22.11
C GLU C 138 2.63 29.35 -20.62
N CYS C 139 1.75 28.85 -19.76
CA CYS C 139 2.00 28.94 -18.33
C CYS C 139 3.14 28.02 -17.89
N GLU C 140 3.42 26.96 -18.66
CA GLU C 140 4.54 26.09 -18.35
C GLU C 140 5.85 26.59 -18.95
N LYS C 141 5.80 27.06 -20.20
CA LYS C 141 7.00 27.62 -20.82
C LYS C 141 7.48 28.84 -20.06
N ALA C 142 6.57 29.72 -19.67
CA ALA C 142 6.90 30.82 -18.79
C ALA C 142 6.66 30.38 -17.35
N SER C 143 6.78 31.29 -16.41
CA SER C 143 6.47 30.99 -15.03
C SER C 143 5.02 31.36 -14.74
N SER C 144 4.51 30.87 -13.60
CA SER C 144 3.17 31.24 -13.20
C SER C 144 3.06 32.73 -12.95
N THR C 145 4.07 33.32 -12.30
CA THR C 145 4.09 34.76 -12.09
C THR C 145 4.14 35.52 -13.42
N GLN C 146 5.01 35.09 -14.34
CA GLN C 146 5.09 35.75 -15.63
C GLN C 146 3.81 35.57 -16.44
N TYR C 147 3.18 34.39 -16.36
CA TYR C 147 1.92 34.18 -17.06
C TYR C 147 0.84 35.08 -16.49
N PHE C 148 0.79 35.22 -15.17
CA PHE C 148 -0.18 36.11 -14.54
C PHE C 148 0.05 37.56 -14.94
N TRP C 149 1.31 37.98 -14.98
CA TRP C 149 1.61 39.37 -15.27
C TRP C 149 1.34 39.72 -16.73
N TYR C 150 1.71 38.84 -17.65
CA TYR C 150 1.61 39.15 -19.06
C TYR C 150 0.26 38.81 -19.67
N ARG C 151 -0.48 37.87 -19.09
CA ARG C 151 -1.77 37.48 -19.65
C ARG C 151 -2.94 37.83 -18.75
N LYS C 152 -2.89 37.47 -17.47
CA LYS C 152 -4.01 37.77 -16.58
C LYS C 152 -4.07 39.23 -16.21
N THR C 153 -2.92 39.92 -16.17
CA THR C 153 -2.91 41.32 -15.77
C THR C 153 -3.01 42.28 -16.96
N LEU C 154 -2.07 42.19 -17.90
CA LEU C 154 -2.11 43.05 -19.07
C LEU C 154 -2.83 42.44 -20.26
N ASN C 155 -2.82 41.12 -20.40
CA ASN C 155 -3.25 40.45 -21.63
C ASN C 155 -2.52 41.03 -22.83
N ILE C 156 -1.20 41.07 -22.73
CA ILE C 156 -0.38 41.81 -23.69
C ILE C 156 -0.49 41.20 -25.08
N SER C 157 -0.66 42.06 -26.07
CA SER C 157 -0.72 41.65 -27.45
C SER C 157 0.68 41.32 -27.96
N PRO C 158 0.80 40.38 -28.90
CA PRO C 158 2.14 39.98 -29.37
C PRO C 158 2.93 41.09 -30.05
N SER C 159 2.28 42.14 -30.53
CA SER C 159 2.98 43.22 -31.21
C SER C 159 2.24 44.53 -31.01
N LEU C 160 2.97 45.63 -31.19
CA LEU C 160 2.39 46.96 -31.03
C LEU C 160 1.34 47.25 -32.09
N GLN C 161 1.50 46.71 -33.28
CA GLN C 161 0.55 46.96 -34.36
C GLN C 161 -0.81 46.33 -34.04
N GLU C 162 -0.82 45.28 -33.22
CA GLU C 162 -2.05 44.58 -32.85
C GLU C 162 -2.51 45.13 -31.50
N ASN C 163 -3.66 45.80 -31.49
CA ASN C 163 -4.27 46.26 -30.26
C ASN C 163 -5.76 46.01 -30.31
N GLY C 164 -6.33 45.69 -29.16
CA GLY C 164 -7.76 45.44 -29.05
C GLY C 164 -8.49 46.64 -28.50
N GLY C 165 -9.47 46.38 -27.63
CA GLY C 165 -10.20 47.42 -26.95
C GLY C 165 -9.62 47.72 -25.57
N VAL C 166 -10.31 48.62 -24.86
CA VAL C 166 -9.89 49.02 -23.52
C VAL C 166 -10.25 47.89 -22.57
N GLN C 167 -9.23 47.25 -21.97
CA GLN C 167 -9.48 46.22 -20.97
C GLN C 167 -10.16 46.86 -19.75
N TRP C 168 -11.35 46.37 -19.41
CA TRP C 168 -12.15 47.08 -18.41
C TRP C 168 -11.57 46.95 -17.00
N GLU C 169 -10.93 45.82 -16.68
CA GLU C 169 -10.38 45.67 -15.34
C GLU C 169 -9.23 46.64 -15.09
N PRO C 170 -8.20 46.73 -15.96
CA PRO C 170 -7.18 47.76 -15.76
C PRO C 170 -7.74 49.18 -15.81
N ALA C 171 -8.76 49.42 -16.63
CA ALA C 171 -9.38 50.74 -16.67
C ALA C 171 -10.00 51.09 -15.33
N LEU C 172 -10.71 50.13 -14.71
CA LEU C 172 -11.29 50.36 -13.40
C LEU C 172 -10.21 50.55 -12.34
N CYS C 173 -9.12 49.79 -12.42
CA CYS C 173 -8.04 49.97 -11.45
C CYS C 173 -7.40 51.34 -11.59
N LEU C 174 -7.19 51.81 -12.82
CA LEU C 174 -6.65 53.14 -13.02
C LEU C 174 -7.62 54.22 -12.54
N LEU C 175 -8.91 54.02 -12.78
CA LEU C 175 -9.91 54.95 -12.27
C LEU C 175 -9.88 55.02 -10.74
N LEU C 176 -9.75 53.86 -10.09
CA LEU C 176 -9.66 53.84 -8.64
C LEU C 176 -8.42 54.56 -8.15
N ALA C 177 -7.28 54.34 -8.81
CA ALA C 177 -6.06 55.02 -8.40
C ALA C 177 -6.19 56.53 -8.54
N TRP C 178 -6.81 56.99 -9.64
CA TRP C 178 -6.99 58.42 -9.81
C TRP C 178 -7.98 58.99 -8.81
N LEU C 179 -9.02 58.23 -8.46
CA LEU C 179 -9.93 58.67 -7.40
C LEU C 179 -9.22 58.80 -6.07
N VAL C 180 -8.34 57.84 -5.75
CA VAL C 180 -7.57 57.91 -4.51
C VAL C 180 -6.66 59.13 -4.51
N VAL C 181 -6.01 59.40 -5.65
CA VAL C 181 -5.15 60.58 -5.75
C VAL C 181 -5.96 61.86 -5.57
N TYR C 182 -7.14 61.94 -6.18
CA TYR C 182 -7.97 63.13 -6.03
C TYR C 182 -8.43 63.32 -4.58
N LEU C 183 -8.80 62.21 -3.92
CA LEU C 183 -9.19 62.28 -2.52
C LEU C 183 -8.04 62.76 -1.63
N CYS C 184 -6.84 62.24 -1.88
CA CYS C 184 -5.67 62.70 -1.13
C CYS C 184 -5.38 64.17 -1.39
N ILE C 185 -5.61 64.62 -2.62
CA ILE C 185 -5.42 66.04 -2.93
C ILE C 185 -6.39 66.88 -2.13
N LEU C 186 -7.67 66.49 -2.12
CA LEU C 186 -8.68 67.30 -1.45
C LEU C 186 -8.51 67.27 0.06
N ARG C 187 -8.11 66.12 0.62
CA ARG C 187 -8.20 65.93 2.07
C ARG C 187 -7.13 66.70 2.81
N GLY C 188 -5.88 66.39 2.55
CA GLY C 188 -4.78 66.88 3.38
C GLY C 188 -3.72 67.59 2.56
N THR C 189 -3.16 68.65 3.15
CA THR C 189 -2.04 69.36 2.56
C THR C 189 -0.90 69.65 3.54
N GLU C 190 -1.17 69.68 4.85
CA GLU C 190 -0.15 69.95 5.85
C GLU C 190 -0.17 69.00 7.04
N SER C 191 -1.04 68.00 7.03
CA SER C 191 -1.16 67.06 8.14
C SER C 191 -0.16 65.90 8.05
N THR C 192 0.93 66.08 7.32
CA THR C 192 1.92 65.03 7.12
C THR C 192 2.83 64.84 8.33
N GLY C 193 2.49 65.41 9.48
CA GLY C 193 3.29 65.31 10.68
C GLY C 193 3.60 63.87 11.08
N LYS C 194 2.57 63.12 11.45
CA LYS C 194 2.76 61.72 11.83
C LYS C 194 3.02 60.85 10.61
N VAL C 195 2.55 61.28 9.44
CA VAL C 195 2.78 60.52 8.21
C VAL C 195 4.28 60.41 7.93
N VAL C 196 4.99 61.54 8.03
CA VAL C 196 6.44 61.54 7.82
C VAL C 196 7.13 60.63 8.82
N TYR C 197 6.55 60.47 10.01
CA TYR C 197 7.08 59.51 10.97
C TYR C 197 6.75 58.08 10.54
N PHE C 198 5.65 57.88 9.83
CA PHE C 198 5.21 56.54 9.43
C PHE C 198 5.60 56.18 8.01
N THR C 199 5.29 57.05 7.03
CA THR C 199 5.49 56.66 5.64
C THR C 199 6.95 56.56 5.24
N ALA C 200 7.88 57.02 6.09
CA ALA C 200 9.30 56.93 5.77
C ALA C 200 9.95 55.67 6.33
N SER C 201 9.32 54.99 7.28
CA SER C 201 9.89 53.78 7.88
C SER C 201 9.24 52.50 7.41
N LEU C 202 7.97 52.54 6.98
CA LEU C 202 7.30 51.34 6.51
C LEU C 202 7.95 50.73 5.27
N PRO C 203 8.32 51.50 4.23
CA PRO C 203 9.04 50.87 3.11
C PRO C 203 10.32 50.19 3.54
N TYR C 204 11.08 50.81 4.45
CA TYR C 204 12.31 50.19 4.91
C TYR C 204 12.04 48.92 5.69
N CYS C 205 10.98 48.91 6.51
CA CYS C 205 10.65 47.69 7.25
C CYS C 205 10.27 46.56 6.30
N VAL C 206 9.47 46.87 5.28
CA VAL C 206 9.06 45.82 4.34
C VAL C 206 10.25 45.33 3.54
N LEU C 207 11.12 46.24 3.11
CA LEU C 207 12.32 45.82 2.38
C LEU C 207 13.24 45.01 3.28
N ILE C 208 13.30 45.32 4.58
CA ILE C 208 14.11 44.52 5.50
C ILE C 208 13.55 43.11 5.61
N ILE C 209 12.23 42.98 5.71
CA ILE C 209 11.61 41.65 5.78
C ILE C 209 11.91 40.86 4.52
N TYR C 210 11.72 41.49 3.36
CA TYR C 210 11.97 40.80 2.10
C TYR C 210 13.44 40.53 1.86
N LEU C 211 14.35 41.31 2.47
CA LEU C 211 15.77 40.98 2.46
C LEU C 211 16.08 39.78 3.32
N ILE C 212 15.44 39.70 4.49
CA ILE C 212 15.58 38.53 5.37
C ILE C 212 15.11 37.25 4.69
N ARG C 213 13.99 37.31 3.98
CA ARG C 213 13.61 36.16 3.15
C ARG C 213 14.53 36.02 1.93
N GLY C 214 14.89 37.13 1.29
CA GLY C 214 15.62 37.10 0.04
C GLY C 214 17.05 36.64 0.13
N LEU C 215 17.66 36.68 1.31
CA LEU C 215 19.04 36.27 1.44
C LEU C 215 19.18 34.85 1.98
N THR C 216 18.08 34.14 2.20
CA THR C 216 18.16 32.76 2.63
C THR C 216 17.65 31.80 1.58
N LEU C 217 17.25 32.31 0.41
CA LEU C 217 16.81 31.44 -0.67
C LEU C 217 18.01 30.76 -1.32
N HIS C 218 17.75 29.62 -1.94
CA HIS C 218 18.80 28.93 -2.68
C HIS C 218 19.27 29.78 -3.85
N GLY C 219 20.59 29.89 -4.01
CA GLY C 219 21.16 30.69 -5.08
C GLY C 219 20.93 32.19 -5.03
N ALA C 220 20.90 32.79 -3.84
CA ALA C 220 20.79 34.24 -3.76
C ALA C 220 22.10 34.92 -4.11
N THR C 221 23.22 34.24 -3.80
CA THR C 221 24.50 34.85 -4.12
C THR C 221 24.70 34.96 -5.61
N ASN C 222 24.06 34.09 -6.40
CA ASN C 222 24.21 34.23 -7.84
C ASN C 222 23.64 35.57 -8.27
N GLY C 223 22.48 35.93 -7.72
CA GLY C 223 21.87 37.21 -8.03
C GLY C 223 22.72 38.38 -7.59
N LEU C 224 23.30 38.29 -6.39
CA LEU C 224 24.17 39.37 -5.92
C LEU C 224 25.43 39.50 -6.77
N MET C 225 26.02 38.36 -7.17
CA MET C 225 27.20 38.39 -8.02
C MET C 225 26.89 38.98 -9.39
N TYR C 226 25.73 38.64 -9.96
CA TYR C 226 25.31 39.26 -11.21
C TYR C 226 25.11 40.75 -11.03
N MET C 227 24.53 41.15 -9.91
CA MET C 227 24.29 42.57 -9.64
C MET C 227 25.58 43.35 -9.55
N PHE C 228 26.59 42.81 -8.87
CA PHE C 228 27.78 43.57 -8.53
C PHE C 228 28.97 43.28 -9.44
N THR C 229 28.79 42.51 -10.51
CA THR C 229 29.89 42.24 -11.42
C THR C 229 29.88 43.26 -12.55
N PRO C 230 30.88 44.13 -12.67
CA PRO C 230 30.92 45.13 -13.75
C PRO C 230 31.53 44.60 -15.04
N LYS C 231 30.70 43.92 -15.83
CA LYS C 231 31.18 43.38 -17.10
C LYS C 231 31.66 44.50 -18.02
N ILE C 232 32.95 44.48 -18.34
CA ILE C 232 33.54 45.54 -19.15
C ILE C 232 33.00 45.51 -20.58
N GLU C 233 32.64 44.32 -21.07
CA GLU C 233 32.21 44.16 -22.45
C GLU C 233 30.96 44.98 -22.75
N GLN C 234 29.98 44.95 -21.85
CA GLN C 234 28.76 45.74 -22.02
C GLN C 234 28.81 47.06 -21.29
N LEU C 235 29.95 47.40 -20.69
CA LEU C 235 30.09 48.70 -20.03
C LEU C 235 30.30 49.84 -21.02
N ALA C 236 30.61 49.53 -22.27
CA ALA C 236 30.85 50.55 -23.29
C ALA C 236 29.57 51.03 -23.96
N ASN C 237 28.42 50.50 -23.58
CA ASN C 237 27.16 50.89 -24.21
C ASN C 237 26.75 52.29 -23.77
N PRO C 238 26.63 53.25 -24.70
CA PRO C 238 26.20 54.60 -24.30
C PRO C 238 24.79 54.63 -23.71
N LYS C 239 23.93 53.69 -24.12
CA LYS C 239 22.58 53.67 -23.60
C LYS C 239 22.56 53.42 -22.10
N ALA C 240 23.52 52.65 -21.59
CA ALA C 240 23.61 52.43 -20.15
C ALA C 240 23.88 53.73 -19.41
N TRP C 241 24.82 54.52 -19.92
CA TRP C 241 25.13 55.81 -19.30
C TRP C 241 23.94 56.76 -19.40
N ILE C 242 23.28 56.79 -20.56
CA ILE C 242 22.12 57.64 -20.72
C ILE C 242 21.03 57.28 -19.70
N ASN C 243 20.74 55.98 -19.59
CA ASN C 243 19.70 55.52 -18.69
C ASN C 243 20.07 55.79 -17.24
N ALA C 244 21.35 55.65 -16.88
CA ALA C 244 21.79 55.96 -15.53
C ALA C 244 21.57 57.43 -15.20
N ALA C 245 22.00 58.32 -16.09
CA ALA C 245 21.82 59.75 -15.84
C ALA C 245 20.34 60.10 -15.76
N THR C 246 19.54 59.57 -16.67
CA THR C 246 18.12 59.93 -16.68
C THR C 246 17.40 59.35 -15.47
N GLN C 247 17.79 58.16 -15.01
CA GLN C 247 17.21 57.62 -13.80
C GLN C 247 17.59 58.44 -12.58
N ILE C 248 18.83 58.92 -12.54
CA ILE C 248 19.23 59.80 -11.44
C ILE C 248 18.36 61.05 -11.43
N PHE C 249 18.16 61.66 -12.60
CA PHE C 249 17.36 62.87 -12.68
C PHE C 249 15.90 62.61 -12.32
N PHE C 250 15.37 61.48 -12.78
CA PHE C 250 13.96 61.13 -12.53
C PHE C 250 13.71 60.71 -11.09
N SER C 251 14.72 60.16 -10.42
CA SER C 251 14.57 59.77 -9.02
C SER C 251 14.78 60.94 -8.08
N LEU C 252 15.71 61.84 -8.40
CA LEU C 252 15.86 63.03 -7.59
C LEU C 252 14.79 64.08 -7.86
N GLY C 253 14.06 63.96 -8.97
CA GLY C 253 13.08 64.97 -9.32
C GLY C 253 13.64 66.18 -10.03
N LEU C 254 14.86 66.11 -10.53
CA LEU C 254 15.47 67.25 -11.18
C LEU C 254 14.76 67.55 -12.50
N GLY C 255 14.46 68.83 -12.74
CA GLY C 255 13.80 69.25 -13.93
C GLY C 255 12.29 69.39 -13.82
N PHE C 256 11.68 68.76 -12.81
CA PHE C 256 10.23 68.87 -12.62
C PHE C 256 9.82 70.20 -12.03
N GLY C 257 10.74 70.93 -11.40
CA GLY C 257 10.45 72.27 -10.94
C GLY C 257 9.79 72.36 -9.58
N SER C 258 9.49 71.23 -8.94
CA SER C 258 8.86 71.28 -7.63
C SER C 258 9.87 71.34 -6.50
N LEU C 259 11.11 70.92 -6.76
CA LEU C 259 12.17 71.09 -5.77
C LEU C 259 12.45 72.58 -5.55
N ILE C 260 12.41 73.37 -6.62
CA ILE C 260 12.56 74.81 -6.49
C ILE C 260 11.45 75.41 -5.63
N ALA C 261 10.22 74.95 -5.84
CA ALA C 261 9.10 75.43 -5.03
C ALA C 261 9.26 75.03 -3.57
N PHE C 262 9.71 73.79 -3.33
CA PHE C 262 9.92 73.33 -1.96
C PHE C 262 11.00 74.14 -1.26
N ALA C 263 12.11 74.42 -1.95
CA ALA C 263 13.17 75.23 -1.35
C ALA C 263 12.79 76.70 -1.27
N SER C 264 11.76 77.14 -1.99
CA SER C 264 11.36 78.53 -1.90
C SER C 264 10.79 78.89 -0.53
N TYR C 265 10.27 77.91 0.20
CA TYR C 265 9.63 78.15 1.49
C TYR C 265 10.60 78.01 2.65
N ASN C 266 11.88 77.78 2.37
CA ASN C 266 12.89 77.63 3.40
C ASN C 266 13.56 78.96 3.70
N GLU C 267 14.14 79.04 4.90
CA GLU C 267 14.86 80.23 5.32
C GLU C 267 16.14 80.37 4.49
N PRO C 268 16.56 81.61 4.22
CA PRO C 268 17.83 81.80 3.51
C PRO C 268 19.05 81.55 4.38
N SER C 269 18.89 81.51 5.70
CA SER C 269 19.99 81.17 6.60
C SER C 269 19.93 79.69 6.95
N ASN C 270 20.08 78.85 5.92
CA ASN C 270 20.04 77.41 6.08
C ASN C 270 21.15 76.79 5.24
N ASN C 271 21.61 75.61 5.66
CA ASN C 271 22.67 74.90 4.96
C ASN C 271 22.08 73.96 3.92
N CYS C 272 22.13 74.37 2.65
CA CYS C 272 21.64 73.53 1.56
C CYS C 272 22.71 72.60 1.01
N GLN C 273 23.97 72.78 1.45
CA GLN C 273 25.03 71.84 1.11
C GLN C 273 24.88 70.55 1.90
N LYS C 274 24.48 70.64 3.16
CA LYS C 274 24.26 69.43 3.93
C LYS C 274 22.99 68.73 3.44
N HIS C 275 21.93 69.50 3.25
CA HIS C 275 20.63 68.91 2.90
C HIS C 275 20.68 68.24 1.53
N ALA C 276 21.32 68.87 0.55
CA ALA C 276 21.39 68.26 -0.79
C ALA C 276 22.16 66.95 -0.74
N ILE C 277 23.30 66.94 -0.04
CA ILE C 277 24.11 65.74 0.08
C ILE C 277 23.33 64.63 0.77
N ILE C 278 22.65 64.96 1.87
CA ILE C 278 21.90 63.96 2.62
C ILE C 278 20.76 63.40 1.78
N VAL C 279 20.03 64.25 1.07
CA VAL C 279 18.92 63.77 0.25
C VAL C 279 19.43 62.86 -0.86
N SER C 280 20.49 63.27 -1.56
CA SER C 280 21.00 62.44 -2.64
C SER C 280 21.52 61.11 -2.13
N LEU C 281 22.25 61.12 -1.00
CA LEU C 281 22.76 59.87 -0.47
C LEU C 281 21.63 58.95 0.00
N ILE C 282 20.60 59.51 0.63
CA ILE C 282 19.49 58.67 1.07
C ILE C 282 18.76 58.06 -0.13
N ASN C 283 18.56 58.85 -1.18
CA ASN C 283 17.93 58.31 -2.39
C ASN C 283 18.75 57.18 -2.97
N SER C 284 20.08 57.38 -3.08
CA SER C 284 20.94 56.34 -3.62
C SER C 284 20.91 55.09 -2.77
N PHE C 285 20.97 55.24 -1.45
CA PHE C 285 20.96 54.09 -0.55
C PHE C 285 19.66 53.32 -0.64
N THR C 286 18.53 54.03 -0.70
CA THR C 286 17.25 53.35 -0.84
C THR C 286 17.16 52.58 -2.15
N SER C 287 17.63 53.19 -3.24
CA SER C 287 17.61 52.50 -4.53
C SER C 287 18.49 51.25 -4.48
N ILE C 288 19.68 51.38 -3.91
CA ILE C 288 20.61 50.25 -3.83
C ILE C 288 20.03 49.12 -2.98
N PHE C 289 19.41 49.47 -1.85
CA PHE C 289 18.86 48.43 -0.97
C PHE C 289 17.71 47.70 -1.64
N ALA C 290 16.77 48.45 -2.24
CA ALA C 290 15.66 47.80 -2.92
C ALA C 290 16.14 46.91 -4.06
N SER C 291 17.11 47.41 -4.84
CA SER C 291 17.64 46.60 -5.93
C SER C 291 18.41 45.39 -5.43
N ILE C 292 19.06 45.48 -4.27
CA ILE C 292 19.76 44.33 -3.70
C ILE C 292 18.75 43.22 -3.38
N VAL C 293 17.65 43.59 -2.72
CA VAL C 293 16.64 42.58 -2.40
C VAL C 293 16.05 41.99 -3.68
N THR C 294 15.70 42.85 -4.63
CA THR C 294 15.10 42.39 -5.87
C THR C 294 16.02 41.44 -6.63
N PHE C 295 17.31 41.76 -6.68
CA PHE C 295 18.25 40.94 -7.41
C PHE C 295 18.61 39.67 -6.67
N SER C 296 18.52 39.65 -5.34
CA SER C 296 18.64 38.38 -4.64
C SER C 296 17.52 37.43 -5.01
N ILE C 297 16.28 37.93 -5.03
CA ILE C 297 15.17 37.08 -5.45
C ILE C 297 15.32 36.69 -6.92
N TYR C 298 15.80 37.61 -7.76
CA TYR C 298 16.00 37.32 -9.17
C TYR C 298 17.05 36.23 -9.37
N GLY C 299 18.14 36.27 -8.59
CA GLY C 299 19.13 35.22 -8.65
C GLY C 299 18.58 33.88 -8.20
N PHE C 300 17.71 33.89 -7.19
CA PHE C 300 17.04 32.64 -6.83
C PHE C 300 16.22 32.10 -8.00
N LYS C 301 15.51 32.99 -8.70
CA LYS C 301 14.73 32.55 -9.85
C LYS C 301 15.63 31.94 -10.93
N ALA C 302 16.75 32.59 -11.21
CA ALA C 302 17.67 32.09 -12.25
C ALA C 302 18.25 30.75 -11.86
N THR C 303 18.64 30.60 -10.59
CA THR C 303 19.17 29.31 -10.14
C THR C 303 18.12 28.23 -10.24
N PHE C 304 16.86 28.54 -9.89
CA PHE C 304 15.80 27.55 -10.01
C PHE C 304 15.59 27.14 -11.46
N ASN C 305 15.60 28.11 -12.37
CA ASN C 305 15.44 27.77 -13.79
C ASN C 305 16.57 26.88 -14.30
N TYR C 306 17.80 27.20 -13.91
CA TYR C 306 18.95 26.39 -14.32
C TYR C 306 18.85 24.97 -13.77
N GLU C 307 18.49 24.83 -12.49
CA GLU C 307 18.34 23.51 -11.90
C GLU C 307 17.21 22.73 -12.58
N ASN C 308 16.11 23.41 -12.90
CA ASN C 308 15.00 22.75 -13.58
C ASN C 308 15.41 22.24 -14.96
N CYS C 309 16.17 23.04 -15.70
CA CYS C 309 16.63 22.61 -17.01
C CYS C 309 17.56 21.41 -16.89
N LEU C 310 18.48 21.44 -15.92
CA LEU C 310 19.37 20.30 -15.73
C LEU C 310 18.60 19.04 -15.36
N LYS C 311 17.60 19.18 -14.49
CA LYS C 311 16.77 18.03 -14.13
C LYS C 311 16.01 17.49 -15.33
N LYS C 312 15.47 18.38 -16.17
CA LYS C 312 14.76 17.93 -17.36
C LYS C 312 15.69 17.18 -18.32
N VAL C 313 16.89 17.70 -18.53
CA VAL C 313 17.83 17.01 -19.42
C VAL C 313 18.21 15.64 -18.84
N SER C 314 18.45 15.59 -17.52
CA SER C 314 18.78 14.31 -16.91
C SER C 314 17.64 13.31 -17.03
N LEU C 315 16.40 13.76 -16.83
CA LEU C 315 15.24 12.89 -16.99
C LEU C 315 15.11 12.41 -18.43
N LEU C 316 15.34 13.29 -19.40
CA LEU C 316 15.28 12.90 -20.80
C LEU C 316 16.30 11.82 -21.11
N LEU C 317 17.52 11.99 -20.62
CA LEU C 317 18.53 10.96 -20.86
C LEU C 317 18.18 9.66 -20.15
N THR C 318 17.67 9.73 -18.91
CA THR C 318 17.42 8.51 -18.16
C THR C 318 16.28 7.72 -18.77
N ASN C 319 15.20 8.39 -19.17
CA ASN C 319 14.06 7.69 -19.75
C ASN C 319 14.40 7.03 -21.08
N THR C 320 15.49 7.43 -21.73
CA THR C 320 15.84 6.87 -23.03
C THR C 320 16.94 5.83 -22.94
N PHE C 321 17.99 6.10 -22.17
CA PHE C 321 19.09 5.16 -22.09
C PHE C 321 18.86 4.07 -21.04
N ASP C 322 17.71 4.09 -20.37
CA ASP C 322 17.37 3.13 -19.32
C ASP C 322 18.45 3.08 -18.23
N LEU C 323 18.88 4.26 -17.81
CA LEU C 323 19.79 4.45 -16.69
C LEU C 323 19.03 4.38 -15.36
N GLU C 324 19.79 4.28 -14.28
CA GLU C 324 19.18 4.19 -12.96
C GLU C 324 18.51 5.51 -12.60
N ASP C 325 17.69 5.46 -11.55
CA ASP C 325 16.89 6.62 -11.16
C ASP C 325 17.77 7.80 -10.76
N GLY C 326 18.74 7.55 -9.87
CA GLY C 326 19.59 8.63 -9.41
C GLY C 326 21.01 8.59 -9.94
N PHE C 327 21.29 7.77 -10.95
CA PHE C 327 22.65 7.66 -11.46
C PHE C 327 23.08 8.96 -12.11
N LEU C 328 22.21 9.55 -12.91
CA LEU C 328 22.53 10.75 -13.68
C LEU C 328 22.18 11.97 -12.85
N THR C 329 23.20 12.64 -12.35
CA THR C 329 23.09 13.85 -11.54
C THR C 329 23.74 15.00 -12.29
N ALA C 330 23.66 16.19 -11.70
CA ALA C 330 24.24 17.36 -12.34
C ALA C 330 25.76 17.40 -12.24
N SER C 331 26.36 16.61 -11.35
CA SER C 331 27.80 16.64 -11.19
C SER C 331 28.52 15.69 -12.14
N ASN C 332 27.81 14.78 -12.81
CA ASN C 332 28.45 13.83 -13.71
C ASN C 332 27.70 13.77 -15.04
N LEU C 333 27.22 14.92 -15.51
CA LEU C 333 26.39 14.92 -16.71
C LEU C 333 27.19 14.80 -17.99
N GLU C 334 28.20 15.67 -18.16
CA GLU C 334 28.96 15.67 -19.40
C GLU C 334 29.72 14.37 -19.57
N GLN C 335 30.31 13.88 -18.49
CA GLN C 335 31.06 12.64 -18.59
C GLN C 335 30.13 11.51 -18.98
N VAL C 336 28.97 11.43 -18.36
CA VAL C 336 28.05 10.36 -18.72
C VAL C 336 27.52 10.59 -20.13
N LYS C 337 27.37 11.86 -20.52
CA LYS C 337 26.96 12.14 -21.89
C LYS C 337 28.02 11.64 -22.85
N GLY C 338 29.29 11.91 -22.54
CA GLY C 338 30.35 11.40 -23.38
C GLY C 338 30.34 9.89 -23.38
N TYR C 339 30.13 9.30 -22.20
CA TYR C 339 30.09 7.85 -22.12
C TYR C 339 28.94 7.32 -22.95
N LEU C 340 27.77 7.95 -22.85
CA LEU C 340 26.65 7.48 -23.65
C LEU C 340 26.95 7.68 -25.12
N ALA C 341 27.55 8.82 -25.48
CA ALA C 341 27.88 9.03 -26.88
C ALA C 341 28.88 8.00 -27.33
N SER C 342 29.88 7.69 -26.48
CA SER C 342 30.84 6.68 -26.87
C SER C 342 30.23 5.29 -26.91
N ALA C 343 29.21 5.02 -26.08
CA ALA C 343 28.62 3.69 -26.09
C ALA C 343 28.03 3.32 -27.44
N TYR C 344 27.16 4.17 -27.97
CA TYR C 344 26.56 3.96 -29.28
C TYR C 344 26.06 5.27 -29.88
N PRO C 345 26.59 5.71 -31.02
CA PRO C 345 26.18 7.01 -31.56
C PRO C 345 24.87 6.97 -32.33
N SER C 346 24.43 5.80 -32.78
CA SER C 346 23.21 5.73 -33.58
C SER C 346 22.01 6.21 -32.78
N LYS C 347 21.88 5.77 -31.53
CA LYS C 347 20.77 6.20 -30.68
C LYS C 347 20.93 7.65 -30.27
N TYR C 348 22.17 8.05 -29.95
CA TYR C 348 22.39 9.43 -29.50
C TYR C 348 22.13 10.43 -30.61
N SER C 349 22.29 10.03 -31.87
CA SER C 349 22.11 10.97 -32.96
C SER C 349 20.66 11.46 -33.04
N GLU C 350 19.70 10.62 -32.64
CA GLU C 350 18.30 10.98 -32.83
C GLU C 350 17.90 12.16 -31.97
N MET C 351 18.31 12.18 -30.71
CA MET C 351 17.86 13.21 -29.78
C MET C 351 18.88 14.30 -29.52
N PHE C 352 20.01 14.28 -30.25
CA PHE C 352 21.05 15.27 -29.97
C PHE C 352 20.53 16.70 -30.16
N PRO C 353 19.78 17.03 -31.22
CA PRO C 353 19.07 18.30 -31.22
C PRO C 353 18.23 18.55 -29.97
N GLN C 354 17.60 17.50 -29.44
CA GLN C 354 16.66 17.68 -28.34
C GLN C 354 17.36 18.02 -27.03
N ILE C 355 18.57 17.53 -26.81
CA ILE C 355 19.31 17.87 -25.60
C ILE C 355 19.65 19.35 -25.60
N LYS C 356 19.24 20.07 -24.56
CA LYS C 356 19.34 21.51 -24.48
C LYS C 356 20.50 21.93 -23.60
N ASN C 357 21.21 22.98 -24.02
CA ASN C 357 22.28 23.56 -23.22
C ASN C 357 21.72 24.67 -22.35
N CYS C 358 21.96 24.59 -21.04
CA CYS C 358 21.57 25.65 -20.13
C CYS C 358 22.71 25.98 -19.19
N SER C 359 22.91 27.27 -18.94
CA SER C 359 23.94 27.76 -18.04
C SER C 359 23.36 28.88 -17.19
N LEU C 360 24.03 29.14 -16.06
CA LEU C 360 23.54 30.17 -15.15
C LEU C 360 23.57 31.55 -15.79
N GLU C 361 24.58 31.82 -16.62
CA GLU C 361 24.75 33.15 -17.17
C GLU C 361 23.58 33.54 -18.06
N SER C 362 23.24 32.68 -19.03
CA SER C 362 22.17 33.00 -19.96
C SER C 362 20.84 33.14 -19.24
N GLU C 363 20.57 32.27 -18.26
CA GLU C 363 19.37 32.41 -17.45
C GLU C 363 19.36 33.74 -16.70
N LEU C 364 20.52 34.15 -16.19
CA LEU C 364 20.61 35.42 -15.48
C LEU C 364 20.30 36.59 -16.40
N ASP C 365 20.80 36.57 -17.64
CA ASP C 365 20.43 37.66 -18.54
C ASP C 365 18.94 37.60 -18.90
N THR C 366 18.41 36.41 -19.13
CA THR C 366 17.06 36.29 -19.70
C THR C 366 16.09 35.53 -18.80
N ALA C 367 16.23 35.64 -17.47
CA ALA C 367 15.22 35.03 -16.62
C ALA C 367 13.95 35.86 -16.62
N VAL C 368 14.04 37.09 -16.12
CA VAL C 368 12.93 38.03 -16.10
C VAL C 368 13.47 39.38 -16.54
N GLN C 369 12.75 40.04 -17.44
CA GLN C 369 13.18 41.37 -17.87
C GLN C 369 11.96 42.14 -18.36
N GLY C 370 12.01 43.45 -18.18
CA GLY C 370 10.92 44.33 -18.56
C GLY C 370 10.48 45.20 -17.41
N THR C 371 9.43 45.99 -17.68
CA THR C 371 8.90 46.91 -16.68
C THR C 371 8.12 46.19 -15.59
N GLY C 372 7.90 44.89 -15.71
CA GLY C 372 7.19 44.15 -14.68
C GLY C 372 8.12 43.33 -13.83
N LEU C 373 9.41 43.68 -13.84
CA LEU C 373 10.39 42.89 -13.10
C LEU C 373 10.07 42.87 -11.61
N ALA C 374 9.75 44.04 -11.05
CA ALA C 374 9.45 44.11 -9.62
C ALA C 374 8.25 43.25 -9.27
N PHE C 375 7.17 43.38 -10.05
CA PHE C 375 5.96 42.63 -9.74
C PHE C 375 6.19 41.13 -9.84
N ILE C 376 6.82 40.67 -10.92
CA ILE C 376 7.04 39.23 -11.09
C ILE C 376 7.93 38.69 -10.00
N VAL C 377 9.04 39.38 -9.74
CA VAL C 377 10.01 38.91 -8.74
C VAL C 377 9.37 38.86 -7.36
N TYR C 378 8.65 39.91 -7.00
CA TYR C 378 8.10 39.94 -5.65
C TYR C 378 6.91 39.02 -5.49
N THR C 379 6.11 38.79 -6.54
CA THR C 379 5.08 37.78 -6.44
C THR C 379 5.67 36.39 -6.29
N GLU C 380 6.77 36.09 -7.00
CA GLU C 380 7.46 34.82 -6.79
C GLU C 380 7.92 34.68 -5.35
N ALA C 381 8.53 35.74 -4.82
CA ALA C 381 9.00 35.69 -3.43
C ALA C 381 7.82 35.49 -2.48
N ILE C 382 6.69 36.15 -2.77
CA ILE C 382 5.53 35.98 -1.90
C ILE C 382 5.06 34.54 -1.96
N LYS C 383 5.06 33.96 -3.18
CA LYS C 383 4.57 32.60 -3.32
C LYS C 383 5.47 31.61 -2.62
N ASN C 384 6.66 32.05 -2.20
CA ASN C 384 7.56 31.17 -1.45
C ASN C 384 7.59 31.51 0.03
N MET C 385 6.57 32.22 0.52
CA MET C 385 6.46 32.56 1.93
C MET C 385 5.60 31.52 2.66
N GLU C 386 5.36 31.76 3.95
CA GLU C 386 4.50 30.89 4.73
C GLU C 386 3.05 31.37 4.68
N VAL C 387 2.81 32.59 5.15
CA VAL C 387 1.51 33.25 4.99
C VAL C 387 1.70 34.25 3.85
N SER C 388 1.46 33.79 2.62
CA SER C 388 1.71 34.61 1.45
C SER C 388 0.82 35.83 1.38
N GLN C 389 -0.43 35.71 1.84
CA GLN C 389 -1.39 36.80 1.73
C GLN C 389 -0.94 38.03 2.51
N LEU C 390 -0.49 37.83 3.75
CA LEU C 390 -0.11 38.95 4.60
C LEU C 390 1.09 39.70 4.03
N TRP C 391 2.11 38.98 3.60
CA TRP C 391 3.28 39.63 3.01
C TRP C 391 2.95 40.30 1.69
N SER C 392 2.09 39.70 0.88
CA SER C 392 1.66 40.36 -0.35
C SER C 392 0.92 41.66 -0.07
N VAL C 393 0.00 41.64 0.90
CA VAL C 393 -0.72 42.86 1.27
C VAL C 393 0.26 43.92 1.75
N LEU C 394 1.20 43.53 2.61
CA LEU C 394 2.14 44.50 3.17
C LEU C 394 3.02 45.11 2.09
N TYR C 395 3.54 44.29 1.17
CA TYR C 395 4.42 44.80 0.14
C TYR C 395 3.67 45.69 -0.85
N PHE C 396 2.50 45.24 -1.33
CA PHE C 396 1.77 46.05 -2.28
C PHE C 396 1.06 47.23 -1.64
N PHE C 397 1.05 47.31 -0.31
CA PHE C 397 0.65 48.52 0.38
C PHE C 397 1.80 49.48 0.53
N MET C 398 3.00 48.98 0.82
CA MET C 398 4.15 49.88 0.81
C MET C 398 4.30 50.50 -0.57
N LEU C 399 4.19 49.68 -1.61
CA LEU C 399 4.29 50.19 -2.97
C LEU C 399 3.20 51.20 -3.26
N LEU C 400 1.97 50.94 -2.78
CA LEU C 400 0.89 51.90 -2.98
C LEU C 400 1.17 53.23 -2.29
N MET C 401 1.67 53.20 -1.05
CA MET C 401 2.02 54.43 -0.36
C MET C 401 3.11 55.20 -1.09
N LEU C 402 4.14 54.51 -1.56
CA LEU C 402 5.21 55.19 -2.28
C LEU C 402 4.67 55.86 -3.54
N GLY C 403 3.89 55.13 -4.32
CA GLY C 403 3.34 55.70 -5.54
C GLY C 403 2.42 56.88 -5.26
N ILE C 404 1.58 56.76 -4.23
CA ILE C 404 0.64 57.82 -3.92
C ILE C 404 1.36 59.07 -3.46
N GLY C 405 2.39 58.92 -2.62
CA GLY C 405 3.17 60.09 -2.21
C GLY C 405 3.86 60.76 -3.37
N SER C 406 4.50 59.98 -4.23
CA SER C 406 5.17 60.56 -5.39
C SER C 406 4.18 61.28 -6.29
N MET C 407 3.01 60.70 -6.48
CA MET C 407 2.02 61.34 -7.34
C MET C 407 1.42 62.58 -6.70
N LEU C 408 1.27 62.59 -5.37
CA LEU C 408 0.84 63.80 -4.71
C LEU C 408 1.84 64.93 -4.96
N GLY C 409 3.13 64.61 -4.85
CA GLY C 409 4.15 65.61 -5.17
C GLY C 409 4.07 66.08 -6.61
N ASN C 410 3.97 65.13 -7.54
CA ASN C 410 3.94 65.49 -8.96
C ASN C 410 2.71 66.32 -9.29
N THR C 411 1.55 65.94 -8.76
CA THR C 411 0.33 66.67 -9.09
C THR C 411 0.30 68.03 -8.41
N ALA C 412 0.92 68.16 -7.24
CA ALA C 412 1.08 69.49 -6.65
C ALA C 412 1.95 70.37 -7.55
N ALA C 413 3.03 69.82 -8.08
CA ALA C 413 3.86 70.54 -9.04
C ALA C 413 3.06 70.93 -10.28
N ILE C 414 2.17 70.04 -10.73
CA ILE C 414 1.32 70.33 -11.87
C ILE C 414 0.36 71.48 -11.54
N LEU C 415 -0.24 71.44 -10.36
CA LEU C 415 -1.41 72.26 -10.06
C LEU C 415 -1.05 73.65 -9.54
N THR C 416 0.08 73.79 -8.85
CA THR C 416 0.44 75.09 -8.28
C THR C 416 0.48 76.20 -9.32
N PRO C 417 1.08 76.03 -10.51
CA PRO C 417 0.97 77.10 -11.52
C PRO C 417 -0.47 77.40 -11.93
N LEU C 418 -1.32 76.37 -12.00
CA LEU C 418 -2.71 76.58 -12.39
C LEU C 418 -3.47 77.37 -11.33
N THR C 419 -3.28 77.01 -10.06
CA THR C 419 -3.93 77.74 -8.98
C THR C 419 -3.41 79.17 -8.88
N ASP C 420 -2.10 79.36 -9.07
CA ASP C 420 -1.52 80.68 -8.98
C ASP C 420 -1.97 81.61 -10.09
N SER C 421 -2.56 81.08 -11.16
CA SER C 421 -3.05 81.92 -12.25
C SER C 421 -4.40 82.49 -11.88
N LYS C 422 -4.48 83.81 -11.72
CA LYS C 422 -5.73 84.45 -11.34
C LYS C 422 -6.79 84.37 -12.43
N ILE C 423 -6.40 84.16 -13.69
CA ILE C 423 -7.38 84.06 -14.77
C ILE C 423 -8.28 82.86 -14.56
N ILE C 424 -7.69 81.72 -14.20
CA ILE C 424 -8.47 80.50 -13.96
C ILE C 424 -9.05 80.49 -12.56
N SER C 425 -8.28 80.97 -11.57
CA SER C 425 -8.75 80.96 -10.19
C SER C 425 -9.95 81.86 -9.95
N SER C 426 -10.21 82.81 -10.85
CA SER C 426 -11.35 83.71 -10.70
C SER C 426 -12.61 83.17 -11.35
N HIS C 427 -12.56 81.99 -11.96
CA HIS C 427 -13.71 81.42 -12.65
C HIS C 427 -14.18 80.11 -12.05
N LEU C 428 -13.27 79.23 -11.65
CA LEU C 428 -13.62 77.93 -11.09
C LEU C 428 -12.91 77.71 -9.76
N PRO C 429 -13.53 76.98 -8.83
CA PRO C 429 -12.87 76.66 -7.57
C PRO C 429 -11.67 75.74 -7.81
N LYS C 430 -10.71 75.81 -6.89
CA LYS C 430 -9.57 74.89 -6.96
C LYS C 430 -10.02 73.43 -6.90
N GLU C 431 -11.09 73.13 -6.16
CA GLU C 431 -11.60 71.76 -6.13
C GLU C 431 -12.07 71.31 -7.50
N ALA C 432 -12.54 72.25 -8.32
CA ALA C 432 -12.92 71.91 -9.69
C ALA C 432 -11.73 71.91 -10.62
N ILE C 433 -10.74 72.78 -10.40
CA ILE C 433 -9.57 72.75 -11.26
C ILE C 433 -8.85 71.42 -11.07
N SER C 434 -8.67 71.01 -9.81
CA SER C 434 -8.05 69.72 -9.51
C SER C 434 -8.90 68.57 -10.07
N GLY C 435 -10.23 68.66 -9.95
CA GLY C 435 -11.06 67.61 -10.50
C GLY C 435 -10.91 67.49 -12.00
N LEU C 436 -10.88 68.62 -12.71
CA LEU C 436 -10.71 68.61 -14.15
C LEU C 436 -9.34 68.06 -14.55
N VAL C 437 -8.29 68.44 -13.81
CA VAL C 437 -6.96 67.92 -14.11
C VAL C 437 -6.93 66.40 -13.93
N CYS C 438 -7.48 65.91 -12.82
CA CYS C 438 -7.49 64.47 -12.59
C CYS C 438 -8.31 63.75 -13.65
N LEU C 439 -9.45 64.33 -14.03
CA LEU C 439 -10.29 63.71 -15.05
C LEU C 439 -9.58 63.64 -16.40
N VAL C 440 -8.92 64.74 -16.80
CA VAL C 440 -8.19 64.74 -18.06
C VAL C 440 -7.07 63.71 -18.04
N ASN C 441 -6.31 63.66 -16.93
CA ASN C 441 -5.22 62.70 -16.84
C ASN C 441 -5.74 61.26 -16.91
N CYS C 442 -6.81 60.96 -16.18
CA CYS C 442 -7.36 59.61 -16.18
C CYS C 442 -7.94 59.24 -17.54
N ALA C 443 -8.62 60.17 -18.20
CA ALA C 443 -9.18 59.88 -19.52
C ALA C 443 -8.10 59.67 -20.56
N ILE C 444 -7.03 60.45 -20.51
CA ILE C 444 -5.96 60.24 -21.48
C ILE C 444 -5.18 58.96 -21.18
N GLY C 445 -5.03 58.62 -19.90
CA GLY C 445 -4.26 57.44 -19.54
C GLY C 445 -4.93 56.12 -19.82
N MET C 446 -6.13 56.11 -20.42
CA MET C 446 -6.77 54.87 -20.80
C MET C 446 -6.07 54.16 -21.94
N VAL C 447 -5.17 54.84 -22.66
CA VAL C 447 -4.46 54.18 -23.74
C VAL C 447 -3.46 53.15 -23.21
N PHE C 448 -3.10 53.23 -21.93
CA PHE C 448 -2.21 52.24 -21.34
C PHE C 448 -2.94 51.01 -20.86
N THR C 449 -4.26 50.98 -20.93
CA THR C 449 -5.06 49.84 -20.51
C THR C 449 -5.50 48.96 -21.67
N MET C 450 -5.12 49.31 -22.90
CA MET C 450 -5.48 48.51 -24.05
C MET C 450 -4.69 47.20 -24.04
N GLU C 451 -4.98 46.34 -25.02
CA GLU C 451 -4.21 45.10 -25.14
C GLU C 451 -2.75 45.38 -25.44
N ALA C 452 -2.47 46.34 -26.33
CA ALA C 452 -1.11 46.77 -26.61
C ALA C 452 -0.73 48.01 -25.79
N GLY C 453 -1.32 48.17 -24.61
CA GLY C 453 -1.04 49.34 -23.80
C GLY C 453 0.30 49.31 -23.09
N ASN C 454 0.84 48.11 -22.85
CA ASN C 454 2.13 48.00 -22.19
C ASN C 454 3.25 48.57 -23.06
N TYR C 455 3.11 48.49 -24.39
CA TYR C 455 4.11 49.07 -25.26
C TYR C 455 4.07 50.59 -25.22
N TRP C 456 2.87 51.17 -25.13
CA TRP C 456 2.79 52.62 -24.97
C TRP C 456 3.30 53.06 -23.61
N PHE C 457 3.06 52.24 -22.57
CA PHE C 457 3.67 52.51 -21.28
C PHE C 457 5.20 52.43 -21.35
N ASP C 458 5.73 51.48 -22.13
CA ASP C 458 7.18 51.40 -22.36
C ASP C 458 7.70 52.67 -23.02
N ILE C 459 6.97 53.16 -24.02
CA ILE C 459 7.36 54.39 -24.72
C ILE C 459 7.37 55.56 -23.76
N PHE C 460 6.31 55.70 -22.96
CA PHE C 460 6.26 56.85 -22.06
C PHE C 460 7.29 56.72 -20.94
N ASN C 461 7.52 55.49 -20.45
CA ASN C 461 8.52 55.30 -19.41
C ASN C 461 9.93 55.54 -19.91
N ASP C 462 10.15 55.51 -21.23
CA ASP C 462 11.51 55.66 -21.73
C ASP C 462 11.74 56.96 -22.48
N TYR C 463 10.70 57.71 -22.81
CA TYR C 463 10.89 58.94 -23.59
C TYR C 463 10.11 60.15 -23.08
N ALA C 464 9.03 59.98 -22.32
CA ALA C 464 8.23 61.13 -21.89
C ALA C 464 9.00 62.04 -20.94
N ALA C 465 9.64 61.47 -19.93
CA ALA C 465 10.38 62.24 -18.94
C ALA C 465 11.79 61.70 -18.78
N THR C 466 12.48 61.48 -19.90
CA THR C 466 13.79 60.86 -19.87
C THR C 466 14.88 61.82 -20.34
N LEU C 467 14.79 62.33 -21.57
CA LEU C 467 15.81 63.21 -22.11
C LEU C 467 15.47 64.69 -21.93
N SER C 468 14.18 65.01 -21.86
CA SER C 468 13.76 66.39 -21.59
C SER C 468 14.25 66.87 -20.23
N LEU C 469 14.30 65.98 -19.24
CA LEU C 469 14.88 66.34 -17.95
C LEU C 469 16.36 66.70 -18.04
N LEU C 470 17.08 66.07 -18.97
CA LEU C 470 18.47 66.48 -19.21
C LEU C 470 18.54 67.85 -19.86
N LEU C 471 17.72 68.11 -20.88
CA LEU C 471 17.87 69.39 -21.55
C LEU C 471 17.40 70.52 -20.64
N ILE C 472 16.33 70.28 -19.87
CA ILE C 472 15.84 71.28 -18.93
C ILE C 472 16.92 71.62 -17.90
N VAL C 473 17.57 70.59 -17.34
CA VAL C 473 18.60 70.86 -16.34
C VAL C 473 19.82 71.54 -16.95
N LEU C 474 20.18 71.16 -18.18
CA LEU C 474 21.25 71.83 -18.89
C LEU C 474 20.96 73.32 -19.09
N VAL C 475 19.75 73.64 -19.57
CA VAL C 475 19.38 75.03 -19.74
C VAL C 475 19.39 75.76 -18.40
N GLU C 476 18.90 75.11 -17.35
CA GLU C 476 18.88 75.75 -16.03
C GLU C 476 20.29 76.08 -15.54
N THR C 477 21.21 75.13 -15.68
CA THR C 477 22.56 75.36 -15.16
C THR C 477 23.32 76.39 -16.00
N ILE C 478 23.13 76.39 -17.32
CA ILE C 478 23.73 77.44 -18.13
C ILE C 478 23.14 78.79 -17.76
N ALA C 479 21.84 78.84 -17.49
CA ALA C 479 21.20 80.09 -17.08
C ALA C 479 21.81 80.61 -15.78
N VAL C 480 21.97 79.72 -14.80
CA VAL C 480 22.48 80.12 -13.49
C VAL C 480 23.93 80.57 -13.58
N CYS C 481 24.75 79.82 -14.33
CA CYS C 481 26.18 80.10 -14.33
C CYS C 481 26.54 81.31 -15.20
N TYR C 482 26.09 81.31 -16.46
CA TYR C 482 26.59 82.26 -17.45
C TYR C 482 25.69 83.47 -17.67
N VAL C 483 24.37 83.27 -17.70
CA VAL C 483 23.47 84.40 -17.95
C VAL C 483 23.32 85.27 -16.71
N TYR C 484 23.05 84.65 -15.57
CA TYR C 484 22.94 85.42 -14.32
C TYR C 484 24.31 85.89 -13.84
N GLY C 485 25.34 85.08 -14.05
CA GLY C 485 26.66 85.43 -13.56
C GLY C 485 26.98 84.67 -12.28
N LEU C 486 27.93 83.74 -12.36
CA LEU C 486 28.21 82.90 -11.21
C LEU C 486 28.80 83.70 -10.05
N ARG C 487 29.56 84.75 -10.34
CA ARG C 487 30.09 85.58 -9.26
C ARG C 487 28.96 86.26 -8.48
N ARG C 488 27.98 86.81 -9.21
CA ARG C 488 26.85 87.47 -8.54
C ARG C 488 26.04 86.47 -7.73
N PHE C 489 25.80 85.28 -8.29
CA PHE C 489 25.06 84.25 -7.58
C PHE C 489 25.80 83.80 -6.32
N GLU C 490 27.12 83.62 -6.43
CA GLU C 490 27.91 83.22 -5.27
C GLU C 490 27.90 84.31 -4.19
N SER C 491 28.00 85.57 -4.60
CA SER C 491 27.93 86.66 -3.63
C SER C 491 26.58 86.70 -2.94
N ASP C 492 25.50 86.54 -3.71
CA ASP C 492 24.17 86.53 -3.13
C ASP C 492 24.00 85.38 -2.14
N LEU C 493 24.45 84.18 -2.51
CA LEU C 493 24.35 83.04 -1.61
C LEU C 493 25.17 83.24 -0.36
N LYS C 494 26.39 83.79 -0.49
CA LYS C 494 27.22 84.04 0.67
C LYS C 494 26.57 85.05 1.60
N ALA C 495 25.98 86.12 1.04
CA ALA C 495 25.27 87.08 1.86
C ALA C 495 24.05 86.45 2.53
N MET C 496 23.40 85.50 1.85
CA MET C 496 22.21 84.86 2.42
C MET C 496 22.57 83.94 3.57
N THR C 497 23.66 83.19 3.47
CA THR C 497 23.97 82.16 4.45
C THR C 497 25.29 82.36 5.17
N GLY C 498 26.05 83.41 4.87
CA GLY C 498 27.27 83.69 5.57
C GLY C 498 28.49 82.94 5.06
N ARG C 499 28.29 81.81 4.39
CA ARG C 499 29.38 80.99 3.87
C ARG C 499 29.34 80.99 2.35
N ALA C 500 30.47 81.25 1.72
CA ALA C 500 30.56 81.23 0.27
C ALA C 500 30.54 79.78 -0.23
N VAL C 501 29.99 79.61 -1.44
CA VAL C 501 29.93 78.29 -2.05
C VAL C 501 31.33 77.71 -2.21
N SER C 502 31.47 76.42 -1.95
CA SER C 502 32.76 75.76 -2.08
C SER C 502 33.22 75.77 -3.52
N TRP C 503 34.54 75.66 -3.72
CA TRP C 503 35.10 75.65 -5.06
C TRP C 503 34.67 74.43 -5.85
N TYR C 504 34.49 73.29 -5.16
CA TYR C 504 34.04 72.08 -5.83
C TYR C 504 32.66 72.25 -6.45
N TRP C 505 31.73 72.86 -5.70
CA TRP C 505 30.39 73.07 -6.23
C TRP C 505 30.42 74.03 -7.41
N LYS C 506 31.25 75.08 -7.35
CA LYS C 506 31.38 75.99 -8.48
C LYS C 506 31.93 75.27 -9.71
N VAL C 507 32.93 74.41 -9.51
CA VAL C 507 33.51 73.65 -10.62
C VAL C 507 32.47 72.75 -11.25
N MET C 508 31.68 72.05 -10.43
CA MET C 508 30.69 71.12 -10.98
C MET C 508 29.54 71.87 -11.62
N TRP C 509 29.17 73.04 -11.10
CA TRP C 509 28.11 73.84 -11.70
C TRP C 509 28.53 74.37 -13.07
N ALA C 510 29.71 74.99 -13.14
CA ALA C 510 30.08 75.74 -14.33
C ALA C 510 30.40 74.83 -15.51
N GLY C 511 31.37 73.94 -15.33
CA GLY C 511 31.86 73.20 -16.48
C GLY C 511 31.59 71.71 -16.56
N VAL C 512 31.62 71.00 -15.43
CA VAL C 512 31.69 69.54 -15.50
C VAL C 512 30.33 68.94 -15.86
N SER C 513 29.29 69.32 -15.13
CA SER C 513 27.97 68.74 -15.38
C SER C 513 27.42 69.08 -16.76
N PRO C 514 27.42 70.33 -17.22
CA PRO C 514 26.95 70.58 -18.60
C PRO C 514 27.76 69.86 -19.67
N LEU C 515 29.09 69.79 -19.50
CA LEU C 515 29.90 69.09 -20.48
C LEU C 515 29.58 67.60 -20.51
N LEU C 516 29.38 67.00 -19.34
CA LEU C 516 29.02 65.59 -19.29
C LEU C 516 27.64 65.34 -19.91
N ILE C 517 26.69 66.25 -19.65
CA ILE C 517 25.36 66.10 -20.25
C ILE C 517 25.45 66.22 -21.78
N VAL C 518 26.22 67.18 -22.27
CA VAL C 518 26.37 67.35 -23.72
C VAL C 518 27.03 66.12 -24.33
N SER C 519 28.06 65.59 -23.67
CA SER C 519 28.72 64.41 -24.19
C SER C 519 27.76 63.21 -24.22
N LEU C 520 26.95 63.06 -23.17
CA LEU C 520 25.98 61.97 -23.16
C LEU C 520 24.98 62.12 -24.29
N PHE C 521 24.48 63.34 -24.52
CA PHE C 521 23.54 63.56 -25.60
C PHE C 521 24.17 63.24 -26.95
N VAL C 522 25.41 63.68 -27.15
CA VAL C 522 26.10 63.43 -28.42
C VAL C 522 26.29 61.93 -28.63
N PHE C 523 26.72 61.21 -27.58
CA PHE C 523 26.92 59.78 -27.70
C PHE C 523 25.61 59.07 -28.02
N TYR C 524 24.53 59.45 -27.34
CA TYR C 524 23.24 58.82 -27.60
C TYR C 524 22.78 59.07 -29.03
N LEU C 525 22.91 60.31 -29.51
CA LEU C 525 22.51 60.63 -30.87
C LEU C 525 23.34 59.87 -31.88
N SER C 526 24.66 59.79 -31.67
CA SER C 526 25.52 59.05 -32.58
C SER C 526 25.16 57.57 -32.61
N ASP C 527 24.91 56.99 -31.43
CA ASP C 527 24.53 55.58 -31.38
C ASP C 527 23.21 55.34 -32.10
N TYR C 528 22.23 56.21 -31.89
CA TYR C 528 20.94 56.05 -32.55
C TYR C 528 21.09 56.18 -34.06
N ILE C 529 21.90 57.13 -34.53
CA ILE C 529 22.08 57.30 -35.96
C ILE C 529 22.78 56.08 -36.56
N LEU C 530 23.83 55.60 -35.90
CA LEU C 530 24.57 54.46 -36.43
C LEU C 530 23.72 53.20 -36.45
N THR C 531 22.94 52.96 -35.39
CA THR C 531 22.08 51.79 -35.36
C THR C 531 20.95 51.91 -36.38
N GLY C 532 20.27 53.05 -36.39
CA GLY C 532 19.24 53.30 -37.39
C GLY C 532 18.00 52.44 -37.27
N THR C 533 17.83 51.75 -36.14
CA THR C 533 16.68 50.86 -35.96
C THR C 533 16.36 50.80 -34.46
N LEU C 534 15.35 51.57 -34.05
CA LEU C 534 14.92 51.54 -32.65
C LEU C 534 14.00 50.34 -32.43
N LYS C 535 14.30 49.56 -31.39
CA LYS C 535 13.61 48.31 -31.15
C LYS C 535 13.00 48.30 -29.76
N TYR C 536 11.98 47.47 -29.59
CA TYR C 536 11.31 47.31 -28.31
C TYR C 536 11.08 45.83 -28.04
N GLN C 537 10.93 45.52 -26.76
CA GLN C 537 10.67 44.15 -26.34
C GLN C 537 9.18 43.84 -26.43
N ALA C 538 8.87 42.65 -26.92
CA ALA C 538 7.50 42.20 -27.08
C ALA C 538 7.39 40.78 -26.54
N TRP C 539 6.28 40.49 -25.87
CA TRP C 539 6.08 39.18 -25.30
C TRP C 539 5.75 38.16 -26.38
N ASP C 540 6.27 36.96 -26.23
CA ASP C 540 6.03 35.84 -27.15
C ASP C 540 5.57 34.66 -26.31
N ALA C 541 4.24 34.43 -26.31
CA ALA C 541 3.67 33.37 -25.51
C ALA C 541 4.01 32.01 -26.08
N SER C 542 4.06 31.88 -27.41
CA SER C 542 4.43 30.62 -28.02
C SER C 542 5.86 30.23 -27.65
N GLN C 543 6.78 31.19 -27.70
CA GLN C 543 8.13 31.00 -27.17
C GLN C 543 8.22 31.31 -25.69
N GLY C 544 7.24 32.03 -25.14
CA GLY C 544 7.18 32.29 -23.71
C GLY C 544 8.32 33.12 -23.19
N GLN C 545 8.79 34.09 -23.98
CA GLN C 545 9.90 34.95 -23.57
C GLN C 545 9.70 36.32 -24.22
N LEU C 546 10.78 37.08 -24.34
CA LEU C 546 10.73 38.42 -24.92
C LEU C 546 11.56 38.44 -26.19
N VAL C 547 11.00 39.03 -27.25
CA VAL C 547 11.69 39.15 -28.52
C VAL C 547 11.80 40.64 -28.86
N THR C 548 12.75 40.97 -29.72
CA THR C 548 12.98 42.35 -30.12
C THR C 548 12.29 42.62 -31.45
N LYS C 549 11.51 43.68 -31.51
CA LYS C 549 10.81 44.07 -32.73
C LYS C 549 11.04 45.53 -33.02
N ASP C 550 11.13 45.87 -34.30
CA ASP C 550 11.34 47.26 -34.70
C ASP C 550 10.08 48.07 -34.45
N TYR C 551 10.28 49.32 -34.02
CA TYR C 551 9.15 50.21 -33.81
C TYR C 551 8.47 50.52 -35.14
N PRO C 552 7.14 50.57 -35.18
CA PRO C 552 6.45 50.95 -36.42
C PRO C 552 6.61 52.43 -36.74
N ALA C 553 6.06 52.85 -37.88
CA ALA C 553 6.21 54.24 -38.32
C ALA C 553 5.48 55.20 -37.38
N TYR C 554 4.28 54.85 -36.94
CA TYR C 554 3.51 55.76 -36.10
C TYR C 554 4.00 55.83 -34.66
N ALA C 555 4.76 54.84 -34.20
CA ALA C 555 5.29 54.90 -32.84
C ALA C 555 6.47 55.85 -32.71
N LEU C 556 7.17 56.10 -33.82
CA LEU C 556 8.26 57.06 -33.79
C LEU C 556 7.76 58.48 -33.77
N ALA C 557 6.60 58.76 -34.35
CA ALA C 557 6.08 60.12 -34.30
C ALA C 557 5.77 60.49 -32.85
N VAL C 558 5.11 59.58 -32.12
CA VAL C 558 4.79 59.83 -30.72
C VAL C 558 6.07 59.93 -29.89
N ILE C 559 7.04 59.04 -30.15
CA ILE C 559 8.31 59.08 -29.42
C ILE C 559 8.98 60.43 -29.61
N GLY C 560 9.01 60.91 -30.86
CA GLY C 560 9.63 62.20 -31.12
C GLY C 560 8.88 63.35 -30.49
N LEU C 561 7.54 63.33 -30.58
CA LEU C 561 6.73 64.45 -30.09
C LEU C 561 6.80 64.58 -28.58
N LEU C 562 6.83 63.46 -27.86
CA LEU C 562 6.88 63.52 -26.40
C LEU C 562 8.07 64.33 -25.90
N VAL C 563 9.26 64.04 -26.45
CA VAL C 563 10.45 64.81 -26.11
C VAL C 563 10.39 66.21 -26.71
N ALA C 564 9.94 66.31 -27.97
CA ALA C 564 10.07 67.56 -28.72
C ALA C 564 9.23 68.67 -28.13
N SER C 565 7.99 68.38 -27.73
CA SER C 565 7.14 69.43 -27.18
C SER C 565 7.77 70.06 -25.95
N SER C 566 8.15 69.23 -24.99
CA SER C 566 8.70 69.74 -23.73
C SER C 566 10.04 70.44 -23.94
N THR C 567 10.92 69.89 -24.80
CA THR C 567 12.21 70.52 -24.99
C THR C 567 12.09 71.82 -25.77
N MET C 568 11.36 71.82 -26.87
CA MET C 568 11.20 72.97 -27.74
C MET C 568 10.30 74.06 -27.16
N CYS C 569 9.60 73.79 -26.04
CA CYS C 569 8.86 74.87 -25.40
C CYS C 569 9.75 76.03 -24.94
N ILE C 570 11.04 75.82 -24.76
CA ILE C 570 11.93 76.91 -24.36
C ILE C 570 12.24 77.82 -25.54
N PRO C 571 12.81 77.31 -26.65
CA PRO C 571 13.16 78.24 -27.74
C PRO C 571 11.94 78.94 -28.30
N LEU C 572 10.77 78.28 -28.31
CA LEU C 572 9.59 78.95 -28.83
C LEU C 572 9.27 80.17 -28.00
N ALA C 573 9.39 80.03 -26.67
CA ALA C 573 9.14 81.16 -25.78
C ALA C 573 10.15 82.27 -26.01
N ALA C 574 11.42 81.90 -26.27
CA ALA C 574 12.43 82.90 -26.57
C ALA C 574 12.10 83.67 -27.85
N LEU C 575 11.67 82.93 -28.88
CA LEU C 575 11.26 83.57 -30.14
C LEU C 575 10.06 84.48 -29.92
N GLY C 576 9.09 84.04 -29.12
CA GLY C 576 7.94 84.87 -28.82
C GLY C 576 8.32 86.15 -28.09
N THR C 577 9.25 86.04 -27.14
CA THR C 577 9.70 87.23 -26.43
C THR C 577 10.43 88.19 -27.37
N PHE C 578 11.26 87.64 -28.27
CA PHE C 578 11.95 88.49 -29.23
C PHE C 578 10.95 89.19 -30.16
N VAL C 579 9.91 88.47 -30.61
CA VAL C 579 8.89 89.09 -31.44
C VAL C 579 8.17 90.18 -30.67
N GLN C 580 7.83 89.93 -29.40
CA GLN C 580 7.14 90.92 -28.59
C GLN C 580 7.99 92.18 -28.42
N ARG C 581 9.30 92.00 -28.21
CA ARG C 581 10.18 93.15 -28.10
C ARG C 581 10.23 93.94 -29.41
N ARG C 582 10.27 93.25 -30.54
CA ARG C 582 10.30 93.91 -31.84
C ARG C 582 8.89 94.05 -32.42
N SER D 11 -11.93 63.67 35.87
CA SER D 11 -12.80 62.52 36.10
C SER D 11 -12.22 61.25 35.48
N LEU D 12 -11.69 61.40 34.26
CA LEU D 12 -11.12 60.25 33.56
C LEU D 12 -9.95 59.65 34.34
N GLN D 13 -9.08 60.50 34.88
CA GLN D 13 -7.93 60.02 35.63
C GLN D 13 -8.35 59.17 36.82
N PHE D 14 -9.25 59.71 37.66
CA PHE D 14 -9.69 58.99 38.85
C PHE D 14 -10.45 57.72 38.50
N VAL D 15 -11.35 57.81 37.51
CA VAL D 15 -12.15 56.64 37.13
C VAL D 15 -11.25 55.53 36.60
N PHE D 16 -10.28 55.87 35.74
CA PHE D 16 -9.40 54.86 35.19
C PHE D 16 -8.43 54.32 36.23
N ALA D 17 -8.02 55.15 37.20
CA ALA D 17 -7.19 54.64 38.29
C ALA D 17 -7.96 53.60 39.10
N CYS D 18 -9.22 53.91 39.44
CA CYS D 18 -10.03 52.96 40.19
C CYS D 18 -10.30 51.70 39.38
N ILE D 19 -10.53 51.84 38.07
CA ILE D 19 -10.77 50.67 37.23
C ILE D 19 -9.52 49.79 37.17
N SER D 20 -8.36 50.40 36.93
CA SER D 20 -7.11 49.64 36.87
C SER D 20 -6.81 48.96 38.19
N TYR D 21 -7.18 49.58 39.32
CA TYR D 21 -7.03 48.90 40.60
C TYR D 21 -7.99 47.72 40.73
N ALA D 22 -9.27 47.94 40.44
CA ALA D 22 -10.27 46.91 40.67
C ALA D 22 -10.14 45.75 39.70
N VAL D 23 -9.92 46.03 38.42
CA VAL D 23 -9.83 44.97 37.41
C VAL D 23 -8.45 44.31 37.51
N GLY D 24 -8.42 43.08 38.00
CA GLY D 24 -7.18 42.34 38.14
C GLY D 24 -7.42 40.85 38.02
N LEU D 25 -6.63 40.08 38.78
CA LEU D 25 -6.77 38.63 38.74
C LEU D 25 -8.01 38.14 39.47
N GLY D 26 -8.63 38.98 40.31
CA GLY D 26 -9.87 38.56 40.94
C GLY D 26 -11.02 38.45 39.96
N ASN D 27 -10.94 39.17 38.85
CA ASN D 27 -11.98 39.15 37.82
C ASN D 27 -11.74 38.03 36.81
N VAL D 28 -10.50 37.85 36.38
CA VAL D 28 -10.21 36.91 35.31
C VAL D 28 -9.90 35.51 35.84
N TRP D 29 -9.30 35.41 37.03
CA TRP D 29 -8.86 34.14 37.56
C TRP D 29 -9.76 33.60 38.68
N ARG D 30 -10.04 34.43 39.69
CA ARG D 30 -10.76 33.93 40.86
C ARG D 30 -12.24 33.71 40.57
N PHE D 31 -12.86 34.64 39.84
CA PHE D 31 -14.29 34.52 39.55
C PHE D 31 -14.65 33.26 38.79
N PRO D 32 -13.93 32.86 37.74
CA PRO D 32 -14.31 31.62 37.03
C PRO D 32 -14.31 30.38 37.91
N TYR D 33 -13.25 30.15 38.69
CA TYR D 33 -13.23 28.92 39.48
C TYR D 33 -14.19 29.02 40.66
N LEU D 34 -14.42 30.23 41.18
CA LEU D 34 -15.44 30.37 42.21
C LEU D 34 -16.82 30.05 41.67
N CYS D 35 -17.11 30.48 40.44
CA CYS D 35 -18.38 30.15 39.81
C CYS D 35 -18.50 28.65 39.56
N GLN D 36 -17.43 28.02 39.09
CA GLN D 36 -17.45 26.59 38.82
C GLN D 36 -17.64 25.79 40.10
N MET D 37 -16.98 26.21 41.18
CA MET D 37 -17.02 25.42 42.41
C MET D 37 -18.43 25.39 43.01
N TYR D 38 -19.15 26.51 42.94
CA TYR D 38 -20.43 26.63 43.62
C TYR D 38 -21.62 26.54 42.67
N GLY D 39 -21.51 25.75 41.60
CA GLY D 39 -22.66 25.37 40.80
C GLY D 39 -22.94 26.21 39.57
N GLY D 40 -22.09 27.17 39.24
CA GLY D 40 -22.32 27.98 38.05
C GLY D 40 -23.41 29.02 38.28
N GLY D 41 -24.60 28.79 37.70
CA GLY D 41 -25.69 29.72 37.91
C GLY D 41 -26.05 29.88 39.37
N SER D 42 -25.97 28.79 40.14
CA SER D 42 -26.24 28.83 41.56
C SER D 42 -25.30 29.78 42.30
N PHE D 43 -24.17 30.12 41.70
CA PHE D 43 -23.27 31.14 42.23
C PHE D 43 -23.49 32.50 41.61
N LEU D 44 -23.99 32.56 40.37
CA LEU D 44 -24.12 33.84 39.67
C LEU D 44 -25.31 34.64 40.19
N VAL D 45 -26.39 33.97 40.57
CA VAL D 45 -27.56 34.67 41.09
C VAL D 45 -27.24 35.40 42.39
N PRO D 46 -26.60 34.79 43.39
CA PRO D 46 -26.22 35.58 44.58
C PRO D 46 -25.27 36.72 44.26
N TYR D 47 -24.27 36.48 43.41
CA TYR D 47 -23.31 37.51 43.03
C TYR D 47 -24.01 38.82 42.67
N ILE D 48 -24.85 38.78 41.63
CA ILE D 48 -25.61 39.96 41.25
C ILE D 48 -26.42 40.48 42.43
N ILE D 49 -27.09 39.55 43.13
CA ILE D 49 -27.87 39.92 44.31
C ILE D 49 -26.98 40.57 45.35
N MET D 50 -25.75 40.09 45.50
CA MET D 50 -24.84 40.67 46.47
C MET D 50 -24.11 41.90 45.93
N LEU D 51 -24.32 42.26 44.66
CA LEU D 51 -23.68 43.44 44.10
C LEU D 51 -24.52 44.69 44.30
N ILE D 52 -25.84 44.57 44.14
CA ILE D 52 -26.71 45.73 44.33
C ILE D 52 -26.76 46.14 45.79
N VAL D 53 -26.66 45.18 46.71
CA VAL D 53 -26.82 45.45 48.13
C VAL D 53 -25.49 45.78 48.80
N GLU D 54 -24.42 45.05 48.46
CA GLU D 54 -23.16 45.19 49.16
C GLU D 54 -22.11 45.98 48.37
N GLY D 55 -21.99 45.74 47.07
CA GLY D 55 -20.95 46.40 46.30
C GLY D 55 -21.12 47.90 46.14
N MET D 56 -22.18 48.31 45.44
CA MET D 56 -22.35 49.72 45.11
C MET D 56 -22.46 50.61 46.35
N PRO D 57 -23.34 50.34 47.32
CA PRO D 57 -23.49 51.28 48.43
C PRO D 57 -22.22 51.43 49.26
N LEU D 58 -21.53 50.32 49.54
CA LEU D 58 -20.32 50.41 50.34
C LEU D 58 -19.15 51.01 49.58
N LEU D 59 -19.04 50.75 48.27
CA LEU D 59 -18.03 51.45 47.47
C LEU D 59 -18.27 52.95 47.44
N TYR D 60 -19.54 53.35 47.28
CA TYR D 60 -19.86 54.77 47.34
C TYR D 60 -19.56 55.36 48.72
N LEU D 61 -19.84 54.59 49.78
CA LEU D 61 -19.52 55.05 51.13
C LEU D 61 -18.02 55.24 51.33
N GLU D 62 -17.22 54.29 50.83
CA GLU D 62 -15.77 54.45 50.91
C GLU D 62 -15.31 55.70 50.17
N LEU D 63 -15.82 55.90 48.96
CA LEU D 63 -15.39 57.08 48.19
C LEU D 63 -15.82 58.38 48.86
N ALA D 64 -16.97 58.38 49.52
CA ALA D 64 -17.40 59.59 50.20
C ALA D 64 -16.60 59.83 51.46
N VAL D 65 -16.26 58.79 52.20
CA VAL D 65 -15.42 59.01 53.36
C VAL D 65 -14.05 59.51 52.93
N GLY D 66 -13.54 58.96 51.82
CA GLY D 66 -12.29 59.44 51.25
C GLY D 66 -12.33 60.90 50.88
N GLN D 67 -13.50 61.39 50.49
CA GLN D 67 -13.56 62.80 50.09
C GLN D 67 -13.80 63.72 51.29
N ARG D 68 -14.76 63.36 52.14
CA ARG D 68 -15.15 64.27 53.22
C ARG D 68 -14.06 64.34 54.29
N MET D 69 -13.37 63.23 54.57
CA MET D 69 -12.18 63.33 55.41
C MET D 69 -11.02 63.97 54.67
N ARG D 70 -10.80 63.58 53.42
CA ARG D 70 -9.65 64.00 52.62
C ARG D 70 -8.33 63.66 53.31
N GLN D 71 -8.31 62.57 54.05
CA GLN D 71 -7.11 62.04 54.70
C GLN D 71 -6.89 60.60 54.26
N GLY D 72 -5.87 59.97 54.83
CA GLY D 72 -5.65 58.56 54.58
C GLY D 72 -6.61 57.70 55.38
N SER D 73 -6.52 56.39 55.16
CA SER D 73 -7.42 55.45 55.83
C SER D 73 -7.27 55.55 57.35
N ILE D 74 -6.03 55.42 57.84
CA ILE D 74 -5.78 55.53 59.27
C ILE D 74 -6.14 56.92 59.77
N GLY D 75 -5.76 57.95 59.01
CA GLY D 75 -6.09 59.31 59.42
C GLY D 75 -7.59 59.53 59.50
N ALA D 76 -8.33 59.02 58.51
CA ALA D 76 -9.78 59.20 58.50
C ALA D 76 -10.43 58.46 59.67
N TRP D 77 -10.11 57.18 59.85
CA TRP D 77 -10.73 56.41 60.90
C TRP D 77 -10.22 56.76 62.29
N ARG D 78 -9.16 57.57 62.38
CA ARG D 78 -8.72 58.12 63.65
C ARG D 78 -9.36 59.47 63.93
N THR D 79 -9.61 60.26 62.89
CA THR D 79 -10.29 61.55 63.06
C THR D 79 -11.77 61.36 63.35
N ILE D 80 -12.39 60.32 62.81
CA ILE D 80 -13.79 60.04 63.17
C ILE D 80 -13.90 59.76 64.67
N SER D 81 -12.99 58.94 65.20
CA SER D 81 -12.92 58.70 66.64
C SER D 81 -11.62 57.98 66.99
N PRO D 82 -10.95 58.37 68.07
CA PRO D 82 -9.70 57.66 68.44
C PRO D 82 -9.91 56.19 68.72
N TYR D 83 -11.00 55.82 69.39
CA TYR D 83 -11.27 54.45 69.79
C TYR D 83 -11.38 53.51 68.59
N LEU D 84 -11.19 54.06 67.40
CA LEU D 84 -11.48 53.35 66.17
C LEU D 84 -10.26 53.27 65.27
N SER D 85 -9.16 53.94 65.66
CA SER D 85 -7.97 54.02 64.80
C SER D 85 -7.46 52.66 64.37
N GLY D 86 -7.70 51.63 65.19
CA GLY D 86 -7.27 50.28 64.83
C GLY D 86 -7.77 49.79 63.48
N VAL D 87 -8.97 50.20 63.07
CA VAL D 87 -9.47 49.73 61.79
C VAL D 87 -8.65 50.28 60.62
N GLY D 88 -7.83 51.30 60.86
CA GLY D 88 -6.90 51.76 59.85
C GLY D 88 -5.68 50.88 59.78
N VAL D 89 -5.25 50.36 60.93
CA VAL D 89 -4.09 49.47 60.96
C VAL D 89 -4.45 48.12 60.35
N ALA D 90 -5.61 47.57 60.74
CA ALA D 90 -6.01 46.26 60.24
C ALA D 90 -6.17 46.27 58.73
N SER D 91 -6.73 47.34 58.18
CA SER D 91 -6.87 47.43 56.73
C SER D 91 -5.53 47.36 56.01
N VAL D 92 -4.43 47.70 56.68
CA VAL D 92 -3.12 47.48 56.10
C VAL D 92 -2.75 46.01 56.18
N VAL D 93 -2.94 45.40 57.35
CA VAL D 93 -2.46 44.04 57.59
C VAL D 93 -3.06 43.08 56.57
N VAL D 94 -4.36 43.22 56.29
CA VAL D 94 -5.01 42.37 55.30
C VAL D 94 -4.27 42.47 53.97
N SER D 95 -3.99 43.71 53.54
CA SER D 95 -3.25 43.92 52.31
C SER D 95 -1.95 43.14 52.34
N PHE D 96 -1.24 43.22 53.47
CA PHE D 96 -0.01 42.44 53.65
C PHE D 96 -0.24 40.99 53.25
N PHE D 97 -1.22 40.35 53.89
CA PHE D 97 -1.47 38.94 53.61
C PHE D 97 -1.79 38.74 52.15
N LEU D 98 -2.58 39.66 51.57
CA LEU D 98 -2.85 39.57 50.14
C LEU D 98 -1.55 39.62 49.35
N SER D 99 -0.73 40.64 49.60
CA SER D 99 0.53 40.75 48.88
C SER D 99 1.44 39.58 49.19
N MET D 100 1.14 38.83 50.26
CA MET D 100 1.97 37.70 50.61
C MET D 100 1.77 36.55 49.62
N TYR D 101 0.56 36.37 49.09
CA TYR D 101 0.26 35.20 48.27
C TYR D 101 -0.13 35.55 46.84
N TYR D 102 -0.71 36.73 46.62
CA TYR D 102 -1.15 37.14 45.29
C TYR D 102 -0.03 36.99 44.26
N ASN D 103 1.19 37.37 44.63
CA ASN D 103 2.31 37.32 43.69
C ASN D 103 2.56 35.91 43.18
N VAL D 104 2.22 34.89 43.98
CA VAL D 104 2.41 33.51 43.51
C VAL D 104 1.69 33.32 42.19
N ILE D 105 0.47 33.85 42.08
CA ILE D 105 -0.29 33.75 40.83
C ILE D 105 0.54 34.31 39.68
N ASN D 106 1.09 35.51 39.86
CA ASN D 106 1.92 36.10 38.82
C ASN D 106 3.06 35.17 38.47
N ALA D 107 3.72 34.61 39.48
CA ALA D 107 4.81 33.67 39.25
C ALA D 107 4.36 32.56 38.30
N TRP D 108 3.20 31.97 38.60
CA TRP D 108 2.69 30.89 37.77
C TRP D 108 2.57 31.34 36.32
N ALA D 109 2.00 32.53 36.11
CA ALA D 109 1.88 33.04 34.76
C ALA D 109 3.24 33.13 34.08
N PHE D 110 4.24 33.66 34.81
CA PHE D 110 5.59 33.70 34.26
C PHE D 110 6.02 32.32 33.82
N TRP D 111 5.82 31.31 34.66
CA TRP D 111 6.14 29.94 34.29
C TRP D 111 5.44 29.58 32.99
N TYR D 112 4.12 29.79 32.95
CA TYR D 112 3.36 29.44 31.75
C TYR D 112 3.79 30.28 30.56
N LEU D 113 4.36 31.46 30.79
CA LEU D 113 4.90 32.22 29.67
C LEU D 113 6.18 31.56 29.16
N PHE D 114 7.08 31.20 30.08
CA PHE D 114 8.39 30.73 29.66
C PHE D 114 8.30 29.39 28.96
N HIS D 115 7.34 28.56 29.37
CA HIS D 115 7.03 27.35 28.61
C HIS D 115 6.02 27.65 27.51
N SER D 116 6.28 28.69 26.72
CA SER D 116 5.42 29.00 25.59
C SER D 116 6.21 29.29 24.31
N PHE D 117 7.52 29.02 24.30
CA PHE D 117 8.35 29.22 23.13
C PHE D 117 8.86 27.89 22.57
N GLN D 118 8.05 26.84 22.70
CA GLN D 118 8.42 25.50 22.28
C GLN D 118 7.39 24.99 21.29
N ASP D 119 7.86 24.40 20.19
CA ASP D 119 6.93 23.82 19.22
C ASP D 119 6.11 22.69 19.84
N PRO D 120 6.71 21.68 20.51
CA PRO D 120 5.88 20.73 21.25
C PRO D 120 5.48 21.26 22.62
N LEU D 121 4.39 22.02 22.68
CA LEU D 121 4.00 22.67 23.92
C LEU D 121 3.88 21.65 25.05
N PRO D 122 4.40 21.94 26.24
CA PRO D 122 4.46 20.92 27.30
C PRO D 122 3.10 20.38 27.69
N TRP D 123 2.05 21.21 27.63
CA TRP D 123 0.70 20.80 28.00
C TRP D 123 -0.08 20.26 26.82
N SER D 124 0.55 20.09 25.67
CA SER D 124 -0.11 19.59 24.47
C SER D 124 -0.01 18.08 24.32
N VAL D 125 1.15 17.50 24.57
CA VAL D 125 1.38 16.07 24.36
C VAL D 125 1.86 15.46 25.67
N CYS D 126 1.24 14.35 26.06
CA CYS D 126 1.68 13.64 27.24
C CYS D 126 3.02 12.96 26.99
N PRO D 127 3.82 12.78 28.04
CA PRO D 127 5.09 12.05 27.88
C PRO D 127 4.86 10.57 27.65
N LEU D 128 5.88 9.92 27.12
CA LEU D 128 5.81 8.49 26.82
C LEU D 128 5.90 7.67 28.11
N ASN D 129 5.19 6.53 28.12
CA ASN D 129 5.05 5.77 29.36
C ASN D 129 6.38 5.21 29.85
N GLY D 130 7.23 4.75 28.93
CA GLY D 130 8.46 4.08 29.31
C GLY D 130 8.77 2.88 28.44
N ASN D 131 7.70 2.21 27.97
CA ASN D 131 7.83 1.26 26.88
C ASN D 131 8.11 1.96 25.55
N HIS D 132 7.84 3.26 25.48
CA HIS D 132 7.80 4.00 24.22
C HIS D 132 6.74 3.42 23.28
N THR D 133 5.63 2.97 23.87
CA THR D 133 4.49 2.48 23.11
C THR D 133 3.16 3.12 23.51
N GLY D 134 3.09 3.79 24.65
CA GLY D 134 1.87 4.41 25.10
C GLY D 134 2.13 5.72 25.82
N TYR D 135 1.22 6.11 26.70
CA TYR D 135 1.31 7.36 27.43
C TYR D 135 1.35 7.08 28.92
N ASP D 136 1.68 8.09 29.71
CA ASP D 136 1.74 7.91 31.15
C ASP D 136 0.35 7.60 31.70
N GLU D 137 0.31 6.83 32.78
CA GLU D 137 -0.98 6.50 33.39
C GLU D 137 -1.69 7.72 33.91
N GLU D 138 -0.98 8.56 34.68
CA GLU D 138 -1.62 9.75 35.24
C GLU D 138 -1.88 10.80 34.17
N CYS D 139 -1.00 10.90 33.17
CA CYS D 139 -1.23 11.85 32.09
C CYS D 139 -2.40 11.41 31.20
N GLU D 140 -2.73 10.12 31.17
CA GLU D 140 -3.87 9.66 30.41
C GLU D 140 -5.16 9.74 31.21
N LYS D 141 -5.11 9.35 32.48
CA LYS D 141 -6.30 9.45 33.33
C LYS D 141 -6.74 10.90 33.47
N ALA D 142 -5.79 11.81 33.68
CA ALA D 142 -6.08 13.23 33.64
C ALA D 142 -5.84 13.73 32.23
N SER D 143 -5.92 15.04 32.04
CA SER D 143 -5.59 15.63 30.75
C SER D 143 -4.12 16.05 30.73
N SER D 144 -3.63 16.33 29.52
CA SER D 144 -2.26 16.82 29.41
C SER D 144 -2.11 18.16 30.12
N THR D 145 -3.09 19.05 29.97
CA THR D 145 -3.05 20.32 30.67
C THR D 145 -3.09 20.13 32.18
N GLN D 146 -3.98 19.26 32.66
CA GLN D 146 -4.06 18.99 34.10
C GLN D 146 -2.79 18.33 34.61
N TYR D 147 -2.22 17.41 33.84
CA TYR D 147 -0.97 16.79 34.24
C TYR D 147 0.16 17.80 34.33
N PHE D 148 0.22 18.72 33.36
CA PHE D 148 1.23 19.77 33.40
C PHE D 148 1.04 20.69 34.58
N TRP D 149 -0.21 21.04 34.89
CA TRP D 149 -0.47 21.99 35.97
C TRP D 149 -0.20 21.36 37.33
N TYR D 150 -0.60 20.12 37.54
CA TYR D 150 -0.51 19.50 38.86
C TYR D 150 0.82 18.82 39.12
N ARG D 151 1.54 18.40 38.08
CA ARG D 151 2.80 17.71 38.27
C ARG D 151 4.00 18.50 37.75
N LYS D 152 3.94 18.99 36.51
CA LYS D 152 5.09 19.71 35.98
C LYS D 152 5.21 21.11 36.57
N THR D 153 4.09 21.72 36.97
CA THR D 153 4.11 23.08 37.50
C THR D 153 4.24 23.11 39.01
N LEU D 154 3.28 22.50 39.72
CA LEU D 154 3.34 22.48 41.17
C LEU D 154 4.02 21.25 41.75
N ASN D 155 3.96 20.11 41.05
CA ASN D 155 4.36 18.83 41.62
C ASN D 155 3.63 18.59 42.95
N ILE D 156 2.31 18.73 42.90
CA ILE D 156 1.51 18.76 44.12
C ILE D 156 1.59 17.43 44.85
N SER D 157 1.77 17.51 46.16
CA SER D 157 1.80 16.34 47.01
C SER D 157 0.38 15.82 47.23
N PRO D 158 0.22 14.50 47.41
CA PRO D 158 -1.13 13.95 47.56
C PRO D 158 -1.89 14.45 48.78
N SER D 159 -1.21 14.97 49.79
CA SER D 159 -1.89 15.44 51.00
C SER D 159 -1.10 16.58 51.63
N LEU D 160 -1.80 17.37 52.44
CA LEU D 160 -1.17 18.51 53.10
C LEU D 160 -0.12 18.06 54.11
N GLN D 161 -0.32 16.90 54.75
CA GLN D 161 0.64 16.42 55.73
C GLN D 161 1.98 16.07 55.09
N GLU D 162 1.96 15.72 53.80
CA GLU D 162 3.17 15.36 53.07
C GLU D 162 3.66 16.59 52.31
N ASN D 163 4.83 17.09 52.71
CA ASN D 163 5.47 18.19 51.99
C ASN D 163 6.96 17.91 51.87
N GLY D 164 7.53 18.32 50.75
CA GLY D 164 8.95 18.15 50.50
C GLY D 164 9.73 19.42 50.78
N GLY D 165 10.71 19.69 49.92
CA GLY D 165 11.48 20.91 49.99
C GLY D 165 10.93 22.01 49.09
N VAL D 166 11.65 23.12 49.07
CA VAL D 166 11.26 24.26 48.24
C VAL D 166 11.60 23.94 46.79
N GLN D 167 10.56 23.83 45.95
CA GLN D 167 10.79 23.61 44.52
C GLN D 167 11.50 24.83 43.94
N TRP D 168 12.68 24.61 43.36
CA TRP D 168 13.52 25.74 42.98
C TRP D 168 12.96 26.51 41.79
N GLU D 169 12.28 25.83 40.85
CA GLU D 169 11.73 26.54 39.70
C GLU D 169 10.61 27.50 40.10
N PRO D 170 9.59 27.09 40.86
CA PRO D 170 8.60 28.06 41.34
C PRO D 170 9.21 29.14 42.22
N ALA D 171 10.23 28.80 43.01
CA ALA D 171 10.89 29.80 43.84
C ALA D 171 11.54 30.88 42.98
N LEU D 172 12.22 30.46 41.90
CA LEU D 172 12.83 31.42 40.98
C LEU D 172 11.76 32.24 40.27
N CYS D 173 10.65 31.62 39.88
CA CYS D 173 9.59 32.39 39.24
C CYS D 173 9.00 33.43 40.18
N LEU D 174 8.79 33.06 41.45
CA LEU D 174 8.28 34.02 42.42
C LEU D 174 9.29 35.13 42.69
N LEU D 175 10.58 34.79 42.74
CA LEU D 175 11.62 35.80 42.89
C LEU D 175 11.60 36.77 41.71
N LEU D 176 11.44 36.25 40.49
CA LEU D 176 11.37 37.12 39.31
C LEU D 176 10.15 38.03 39.38
N ALA D 177 9.00 37.49 39.79
CA ALA D 177 7.81 38.32 39.89
C ALA D 177 7.99 39.43 40.91
N TRP D 178 8.61 39.11 42.05
CA TRP D 178 8.83 40.15 43.06
C TRP D 178 9.86 41.18 42.59
N LEU D 179 10.88 40.74 41.84
CA LEU D 179 11.82 41.70 41.26
C LEU D 179 11.12 42.64 40.28
N VAL D 180 10.21 42.10 39.47
CA VAL D 180 9.47 42.93 38.53
C VAL D 180 8.60 43.93 39.28
N VAL D 181 7.94 43.48 40.35
CA VAL D 181 7.13 44.38 41.15
C VAL D 181 7.98 45.49 41.77
N TYR D 182 9.15 45.14 42.30
CA TYR D 182 10.02 46.15 42.89
C TYR D 182 10.51 47.15 41.84
N LEU D 183 10.85 46.67 40.65
CA LEU D 183 11.26 47.56 39.57
C LEU D 183 10.13 48.51 39.16
N CYS D 184 8.90 47.98 39.05
CA CYS D 184 7.77 48.85 38.75
C CYS D 184 7.52 49.86 39.85
N ILE D 185 7.75 49.47 41.11
CA ILE D 185 7.61 50.42 42.22
C ILE D 185 8.62 51.55 42.07
N LEU D 186 9.88 51.19 41.82
CA LEU D 186 10.93 52.21 41.76
C LEU D 186 10.77 53.11 40.54
N ARG D 187 10.34 52.55 39.40
CA ARG D 187 10.45 53.26 38.14
C ARG D 187 9.40 54.37 38.02
N GLY D 188 8.14 54.01 38.06
CA GLY D 188 7.07 54.93 37.72
C GLY D 188 6.03 55.05 38.80
N THR D 189 5.51 56.26 38.97
CA THR D 189 4.40 56.50 39.89
C THR D 189 3.29 57.36 39.29
N GLU D 190 3.58 58.17 38.26
CA GLU D 190 2.58 59.02 37.66
C GLU D 190 2.58 58.99 36.13
N SER D 191 3.41 58.16 35.51
CA SER D 191 3.51 58.08 34.06
C SER D 191 2.48 57.14 33.44
N THR D 192 1.37 56.87 34.15
CA THR D 192 0.35 55.95 33.67
C THR D 192 -0.55 56.56 32.60
N GLY D 193 -0.17 57.71 32.04
CA GLY D 193 -0.97 58.38 31.03
C GLY D 193 -1.32 57.49 29.85
N LYS D 194 -0.30 57.08 29.08
CA LYS D 194 -0.55 56.20 27.94
C LYS D 194 -0.85 54.78 28.40
N VAL D 195 -0.38 54.39 29.58
CA VAL D 195 -0.65 53.05 30.09
C VAL D 195 -2.15 52.85 30.26
N VAL D 196 -2.82 53.83 30.88
CA VAL D 196 -4.27 53.76 31.06
C VAL D 196 -4.98 53.66 29.72
N TYR D 197 -4.39 54.24 28.67
CA TYR D 197 -4.94 54.06 27.34
C TYR D 197 -4.68 52.66 26.81
N PHE D 198 -3.58 52.03 27.23
CA PHE D 198 -3.19 50.71 26.73
C PHE D 198 -3.62 49.58 27.66
N THR D 199 -3.29 49.66 28.95
CA THR D 199 -3.51 48.52 29.84
C THR D 199 -4.98 48.25 30.10
N ALA D 200 -5.88 49.16 29.73
CA ALA D 200 -7.31 48.94 29.93
C ALA D 200 -8.00 48.30 28.74
N SER D 201 -7.37 48.31 27.56
CA SER D 201 -7.97 47.74 26.36
C SER D 201 -7.38 46.40 25.95
N LEU D 202 -6.11 46.14 26.30
CA LEU D 202 -5.50 44.87 25.94
C LEU D 202 -6.18 43.67 26.57
N PRO D 203 -6.52 43.66 27.86
CA PRO D 203 -7.28 42.50 28.38
C PRO D 203 -8.58 42.27 27.65
N TYR D 204 -9.31 43.34 27.31
CA TYR D 204 -10.56 43.16 26.58
C TYR D 204 -10.32 42.62 25.18
N CYS D 205 -9.25 43.07 24.51
CA CYS D 205 -8.95 42.53 23.18
C CYS D 205 -8.62 41.05 23.24
N VAL D 206 -7.82 40.64 24.24
CA VAL D 206 -7.46 39.24 24.35
C VAL D 206 -8.68 38.40 24.69
N LEU D 207 -9.52 38.89 25.60
CA LEU D 207 -10.73 38.16 25.93
C LEU D 207 -11.68 38.09 24.75
N ILE D 208 -11.70 39.11 23.91
CA ILE D 208 -12.53 39.07 22.70
C ILE D 208 -12.02 37.99 21.74
N ILE D 209 -10.71 37.91 21.57
CA ILE D 209 -10.14 36.88 20.70
C ILE D 209 -10.48 35.49 21.23
N TYR D 210 -10.27 35.29 22.54
CA TYR D 210 -10.56 33.99 23.13
C TYR D 210 -12.05 33.68 23.16
N LEU D 211 -12.91 34.69 23.16
CA LEU D 211 -14.35 34.48 22.99
C LEU D 211 -14.70 34.05 21.58
N ILE D 212 -14.04 34.67 20.59
CA ILE D 212 -14.21 34.29 19.18
C ILE D 212 -13.79 32.84 18.94
N ARG D 213 -12.68 32.42 19.54
CA ARG D 213 -12.35 30.99 19.50
C ARG D 213 -13.29 30.17 20.39
N GLY D 214 -13.61 30.68 21.57
CA GLY D 214 -14.35 29.92 22.56
C GLY D 214 -15.80 29.65 22.22
N LEU D 215 -16.38 30.43 21.31
CA LEU D 215 -17.79 30.23 20.98
C LEU D 215 -17.98 29.43 19.70
N THR D 216 -16.89 28.95 19.08
CA THR D 216 -17.02 28.13 17.90
C THR D 216 -16.55 26.70 18.16
N LEU D 217 -16.15 26.39 19.39
CA LEU D 217 -15.74 25.03 19.72
C LEU D 217 -16.97 24.14 19.84
N HIS D 218 -16.76 22.84 19.63
CA HIS D 218 -17.85 21.88 19.81
C HIS D 218 -18.30 21.86 21.27
N GLY D 219 -19.61 21.90 21.48
CA GLY D 219 -20.18 21.91 22.82
C GLY D 219 -19.90 23.12 23.69
N ALA D 220 -19.82 24.31 23.10
CA ALA D 220 -19.66 25.52 23.91
C ALA D 220 -20.96 25.89 24.61
N THR D 221 -22.10 25.57 23.98
CA THR D 221 -23.36 25.91 24.60
C THR D 221 -23.58 25.10 25.86
N ASN D 222 -22.97 23.91 25.96
CA ASN D 222 -23.13 23.15 27.19
C ASN D 222 -22.53 23.94 28.34
N GLY D 223 -21.34 24.52 28.10
CA GLY D 223 -20.69 25.33 29.11
C GLY D 223 -21.50 26.55 29.49
N LEU D 224 -22.07 27.23 28.48
CA LEU D 224 -22.89 28.39 28.77
C LEU D 224 -24.16 28.03 29.55
N MET D 225 -24.79 26.91 29.18
CA MET D 225 -25.99 26.45 29.89
C MET D 225 -25.67 26.09 31.33
N TYR D 226 -24.53 25.43 31.56
CA TYR D 226 -24.10 25.15 32.93
C TYR D 226 -23.84 26.44 33.69
N MET D 227 -23.24 27.42 33.03
CA MET D 227 -22.94 28.70 33.67
C MET D 227 -24.21 29.41 34.09
N PHE D 228 -25.23 29.44 33.23
CA PHE D 228 -26.39 30.29 33.44
C PHE D 228 -27.61 29.55 33.99
N THR D 229 -27.46 28.29 34.38
CA THR D 229 -28.58 27.55 34.96
C THR D 229 -28.55 27.67 36.47
N PRO D 230 -29.52 28.32 37.10
CA PRO D 230 -29.54 28.48 38.57
C PRO D 230 -30.18 27.29 39.28
N LYS D 231 -29.39 26.24 39.50
CA LYS D 231 -29.89 25.06 40.18
C LYS D 231 -30.34 25.41 41.59
N ILE D 232 -31.64 25.24 41.86
CA ILE D 232 -32.20 25.62 43.15
C ILE D 232 -31.68 24.71 44.24
N GLU D 233 -31.37 23.46 43.91
CA GLU D 233 -30.96 22.48 44.92
C GLU D 233 -29.69 22.90 45.64
N GLN D 234 -28.69 23.39 44.90
CA GLN D 234 -27.46 23.87 45.49
C GLN D 234 -27.45 25.38 45.71
N LEU D 235 -28.57 26.05 45.46
CA LEU D 235 -28.67 27.48 45.72
C LEU D 235 -28.84 27.80 47.19
N ALA D 236 -29.18 26.81 48.01
CA ALA D 236 -29.40 27.01 49.44
C ALA D 236 -28.11 26.93 50.25
N ASN D 237 -26.97 26.71 49.60
CA ASN D 237 -25.71 26.58 50.34
C ASN D 237 -25.25 27.95 50.83
N PRO D 238 -25.11 28.16 52.15
CA PRO D 238 -24.62 29.46 52.64
C PRO D 238 -23.21 29.79 52.18
N LYS D 239 -22.39 28.77 51.94
CA LYS D 239 -21.03 29.02 51.48
C LYS D 239 -21.01 29.73 50.14
N ALA D 240 -21.98 29.45 49.27
CA ALA D 240 -22.06 30.16 48.00
C ALA D 240 -22.28 31.65 48.20
N TRP D 241 -23.20 32.00 49.10
CA TRP D 241 -23.46 33.41 49.39
C TRP D 241 -22.24 34.07 50.02
N ILE D 242 -21.59 33.37 50.96
CA ILE D 242 -20.39 33.90 51.60
C ILE D 242 -19.33 34.19 50.55
N ASN D 243 -19.07 33.21 49.67
CA ASN D 243 -18.04 33.37 48.66
C ASN D 243 -18.38 34.48 47.68
N ALA D 244 -19.67 34.62 47.33
CA ALA D 244 -20.07 35.70 46.43
C ALA D 244 -19.80 37.06 47.05
N ALA D 245 -20.21 37.24 48.31
CA ALA D 245 -19.97 38.52 48.98
C ALA D 245 -18.48 38.81 49.11
N THR D 246 -17.71 37.81 49.50
CA THR D 246 -16.29 38.02 49.72
C THR D 246 -15.56 38.29 48.41
N GLN D 247 -16.00 37.64 47.32
CA GLN D 247 -15.41 37.91 46.01
C GLN D 247 -15.76 39.31 45.55
N ILE D 248 -16.98 39.77 45.82
CA ILE D 248 -17.35 41.15 45.48
C ILE D 248 -16.42 42.11 46.22
N PHE D 249 -16.22 41.88 47.52
CA PHE D 249 -15.38 42.77 48.31
C PHE D 249 -13.93 42.73 47.85
N PHE D 250 -13.43 41.54 47.51
CA PHE D 250 -12.04 41.36 47.09
C PHE D 250 -11.79 41.89 45.69
N SER D 251 -12.80 41.90 44.83
CA SER D 251 -12.65 42.42 43.49
C SER D 251 -12.81 43.93 43.45
N LEU D 252 -13.72 44.48 44.25
CA LEU D 252 -13.82 45.92 44.34
C LEU D 252 -12.71 46.56 45.17
N GLY D 253 -12.00 45.77 45.98
CA GLY D 253 -10.99 46.33 46.85
C GLY D 253 -11.51 46.88 48.15
N LEU D 254 -12.75 46.56 48.53
CA LEU D 254 -13.33 47.09 49.75
C LEU D 254 -12.63 46.51 50.96
N GLY D 255 -12.28 47.38 51.92
CA GLY D 255 -11.61 46.96 53.12
C GLY D 255 -10.11 47.09 53.10
N PHE D 256 -9.50 47.18 51.91
CA PHE D 256 -8.06 47.33 51.81
C PHE D 256 -7.59 48.74 52.14
N GLY D 257 -8.47 49.74 52.10
CA GLY D 257 -8.13 51.06 52.53
C GLY D 257 -7.45 51.94 51.50
N SER D 258 -7.19 51.42 50.30
CA SER D 258 -6.54 52.23 49.29
C SER D 258 -7.54 52.99 48.44
N LEU D 259 -8.80 52.54 48.40
CA LEU D 259 -9.84 53.32 47.73
C LEU D 259 -10.07 54.64 48.45
N ILE D 260 -10.00 54.62 49.78
CA ILE D 260 -10.12 55.85 50.55
C ILE D 260 -8.97 56.80 50.21
N ALA D 261 -7.75 56.28 50.10
CA ALA D 261 -6.62 57.11 49.73
C ALA D 261 -6.77 57.67 48.33
N PHE D 262 -7.26 56.85 47.38
CA PHE D 262 -7.47 57.32 46.03
C PHE D 262 -8.52 58.43 45.97
N ALA D 263 -9.63 58.27 46.70
CA ALA D 263 -10.64 59.31 46.73
C ALA D 263 -10.22 60.53 47.54
N SER D 264 -9.18 60.40 48.37
CA SER D 264 -8.72 61.54 49.14
C SER D 264 -8.13 62.64 48.27
N TYR D 265 -7.64 62.29 47.08
CA TYR D 265 -6.98 63.25 46.20
C TYR D 265 -7.94 63.86 45.19
N ASN D 266 -9.23 63.56 45.30
CA ASN D 266 -10.24 64.09 44.39
C ASN D 266 -10.86 65.36 44.96
N GLU D 267 -11.41 66.16 44.06
CA GLU D 267 -12.09 67.38 44.46
C GLU D 267 -13.37 67.04 45.22
N PRO D 268 -13.75 67.88 46.19
CA PRO D 268 -15.03 67.64 46.88
C PRO D 268 -16.24 68.00 46.05
N SER D 269 -16.08 68.76 44.98
CA SER D 269 -17.17 69.08 44.07
C SER D 269 -17.16 68.11 42.88
N ASN D 270 -17.35 66.83 43.20
CA ASN D 270 -17.34 65.77 42.21
C ASN D 270 -18.49 64.82 42.51
N ASN D 271 -18.99 64.15 41.46
CA ASN D 271 -20.07 63.19 41.61
C ASN D 271 -19.52 61.79 41.86
N CYS D 272 -19.58 61.35 43.12
CA CYS D 272 -19.13 60.01 43.48
C CYS D 272 -20.24 58.98 43.36
N GLN D 273 -21.49 59.43 43.13
CA GLN D 273 -22.58 58.51 42.84
C GLN D 273 -22.47 57.95 41.43
N LYS D 274 -22.05 58.78 40.47
CA LYS D 274 -21.85 58.27 39.13
C LYS D 274 -20.63 57.38 39.08
N HIS D 275 -19.53 57.84 39.69
CA HIS D 275 -18.26 57.12 39.60
C HIS D 275 -18.35 55.75 40.27
N ALA D 276 -18.97 55.68 41.46
CA ALA D 276 -19.08 54.39 42.15
C ALA D 276 -19.90 53.40 41.33
N ILE D 277 -21.03 53.86 40.77
CA ILE D 277 -21.89 53.00 39.95
C ILE D 277 -21.13 52.51 38.73
N ILE D 278 -20.42 53.42 38.05
CA ILE D 278 -19.70 53.05 36.84
C ILE D 278 -18.59 52.05 37.15
N VAL D 279 -17.84 52.29 38.23
CA VAL D 279 -16.76 51.37 38.58
C VAL D 279 -17.30 49.99 38.91
N SER D 280 -18.36 49.93 39.73
CA SER D 280 -18.92 48.63 40.10
C SER D 280 -19.47 47.89 38.89
N LEU D 281 -20.19 48.60 38.01
CA LEU D 281 -20.73 47.96 36.82
C LEU D 281 -19.64 47.47 35.89
N ILE D 282 -18.57 48.27 35.71
CA ILE D 282 -17.49 47.82 34.84
C ILE D 282 -16.80 46.59 35.41
N ASN D 283 -16.58 46.57 36.73
CA ASN D 283 -15.98 45.40 37.36
C ASN D 283 -16.84 44.16 37.16
N SER D 284 -18.15 44.31 37.37
CA SER D 284 -19.07 43.18 37.18
C SER D 284 -19.07 42.70 35.74
N PHE D 285 -19.11 43.62 34.78
CA PHE D 285 -19.13 43.25 33.38
C PHE D 285 -17.85 42.55 32.97
N THR D 286 -16.70 43.03 33.43
CA THR D 286 -15.45 42.36 33.11
C THR D 286 -15.41 40.95 33.69
N SER D 287 -15.85 40.80 34.94
CA SER D 287 -15.89 39.47 35.54
C SER D 287 -16.80 38.52 34.76
N ILE D 288 -17.99 39.02 34.39
CA ILE D 288 -18.94 38.19 33.66
C ILE D 288 -18.40 37.80 32.30
N PHE D 289 -17.76 38.73 31.60
CA PHE D 289 -17.23 38.43 30.26
C PHE D 289 -16.12 37.40 30.34
N ALA D 290 -15.15 37.60 31.26
CA ALA D 290 -14.06 36.64 31.39
C ALA D 290 -14.60 35.26 31.77
N SER D 291 -15.55 35.21 32.70
CA SER D 291 -16.12 33.94 33.08
C SER D 291 -16.94 33.29 31.96
N ILE D 292 -17.57 34.09 31.11
CA ILE D 292 -18.29 33.53 29.97
C ILE D 292 -17.32 32.82 29.03
N VAL D 293 -16.21 33.47 28.71
CA VAL D 293 -15.22 32.83 27.84
C VAL D 293 -14.67 31.57 28.48
N THR D 294 -14.30 31.67 29.76
CA THR D 294 -13.73 30.52 30.46
C THR D 294 -14.69 29.36 30.50
N PHE D 295 -15.97 29.62 30.75
CA PHE D 295 -16.95 28.55 30.85
C PHE D 295 -17.34 28.00 29.49
N SER D 296 -17.24 28.79 28.42
CA SER D 296 -17.39 28.20 27.09
C SER D 296 -16.30 27.18 26.80
N ILE D 297 -15.04 27.53 27.11
CA ILE D 297 -13.97 26.57 26.92
C ILE D 297 -14.16 25.36 27.85
N TYR D 298 -14.62 25.61 29.08
CA TYR D 298 -14.84 24.52 30.03
C TYR D 298 -15.93 23.58 29.54
N GLY D 299 -17.00 24.13 28.95
CA GLY D 299 -18.02 23.28 28.38
C GLY D 299 -17.52 22.47 27.20
N PHE D 300 -16.65 23.06 26.39
CA PHE D 300 -16.00 22.27 25.35
C PHE D 300 -15.23 21.10 25.94
N LYS D 301 -14.48 21.35 27.03
CA LYS D 301 -13.74 20.27 27.68
C LYS D 301 -14.67 19.18 28.16
N ALA D 302 -15.77 19.56 28.80
CA ALA D 302 -16.71 18.57 29.33
C ALA D 302 -17.34 17.75 28.21
N THR D 303 -17.73 18.41 27.12
CA THR D 303 -18.29 17.69 25.98
C THR D 303 -17.27 16.72 25.40
N PHE D 304 -16.01 17.14 25.29
CA PHE D 304 -14.98 16.25 24.78
C PHE D 304 -14.79 15.04 25.68
N ASN D 305 -14.79 15.24 27.00
CA ASN D 305 -14.65 14.12 27.92
C ASN D 305 -15.82 13.15 27.80
N TYR D 306 -17.04 13.68 27.69
CA TYR D 306 -18.22 12.82 27.53
C TYR D 306 -18.15 12.02 26.25
N GLU D 307 -17.78 12.68 25.14
CA GLU D 307 -17.67 11.97 23.87
C GLU D 307 -16.58 10.91 23.92
N ASN D 308 -15.45 11.22 24.59
CA ASN D 308 -14.38 10.24 24.70
C ASN D 308 -14.82 9.02 25.50
N CYS D 309 -15.56 9.23 26.58
CA CYS D 309 -16.06 8.10 27.36
C CYS D 309 -17.02 7.25 26.55
N LEU D 310 -17.93 7.90 25.81
CA LEU D 310 -18.86 7.14 24.98
C LEU D 310 -18.12 6.34 23.92
N LYS D 311 -17.10 6.94 23.29
CA LYS D 311 -16.32 6.21 22.30
C LYS D 311 -15.58 5.03 22.92
N LYS D 312 -15.03 5.21 24.12
CA LYS D 312 -14.35 4.11 24.79
C LYS D 312 -15.30 2.97 25.12
N VAL D 313 -16.49 3.29 25.60
CA VAL D 313 -17.47 2.25 25.90
C VAL D 313 -17.88 1.52 24.62
N SER D 314 -18.12 2.27 23.55
CA SER D 314 -18.48 1.64 22.28
C SER D 314 -17.38 0.73 21.78
N LEU D 315 -16.12 1.17 21.88
CA LEU D 315 -14.99 0.35 21.45
C LEU D 315 -14.89 -0.92 22.29
N LEU D 316 -15.11 -0.79 23.61
CA LEU D 316 -15.07 -1.95 24.50
C LEU D 316 -16.13 -2.96 24.09
N LEU D 317 -17.35 -2.50 23.82
CA LEU D 317 -18.40 -3.43 23.40
C LEU D 317 -18.07 -4.04 22.05
N THR D 318 -17.55 -3.25 21.10
CA THR D 318 -17.33 -3.77 19.76
C THR D 318 -16.22 -4.81 19.75
N ASN D 319 -15.12 -4.55 20.46
CA ASN D 319 -14.01 -5.51 20.49
C ASN D 319 -14.39 -6.83 21.16
N THR D 320 -15.48 -6.86 21.93
CA THR D 320 -15.86 -8.07 22.62
C THR D 320 -16.99 -8.81 21.93
N PHE D 321 -18.03 -8.10 21.49
CA PHE D 321 -19.16 -8.77 20.87
C PHE D 321 -18.95 -9.01 19.38
N ASP D 322 -17.79 -8.61 18.85
CA ASP D 322 -17.48 -8.76 17.43
C ASP D 322 -18.54 -8.10 16.54
N LEU D 323 -18.93 -6.89 16.92
CA LEU D 323 -19.82 -6.03 16.16
C LEU D 323 -19.04 -5.31 15.05
N GLU D 324 -19.79 -4.71 14.12
CA GLU D 324 -19.18 -4.00 13.01
C GLU D 324 -18.45 -2.76 13.52
N ASP D 325 -17.62 -2.18 12.64
CA ASP D 325 -16.78 -1.05 13.04
C ASP D 325 -17.62 0.15 13.44
N GLY D 326 -18.59 0.54 12.60
CA GLY D 326 -19.40 1.70 12.88
C GLY D 326 -20.81 1.39 13.31
N PHE D 327 -21.13 0.14 13.61
CA PHE D 327 -22.50 -0.21 13.96
C PHE D 327 -22.90 0.44 15.27
N LEU D 328 -22.01 0.40 16.27
CA LEU D 328 -22.31 0.88 17.61
C LEU D 328 -21.91 2.35 17.68
N THR D 329 -22.90 3.23 17.70
CA THR D 329 -22.73 4.67 17.78
C THR D 329 -23.36 5.16 19.08
N ALA D 330 -23.24 6.45 19.33
CA ALA D 330 -23.77 7.02 20.56
C ALA D 330 -25.29 7.16 20.52
N SER D 331 -25.90 7.10 19.33
CA SER D 331 -27.35 7.25 19.25
C SER D 331 -28.12 5.96 19.43
N ASN D 332 -27.45 4.80 19.40
CA ASN D 332 -28.13 3.52 19.56
C ASN D 332 -27.39 2.65 20.56
N LEU D 333 -26.87 3.26 21.64
CA LEU D 333 -26.06 2.51 22.58
C LEU D 333 -26.88 1.66 23.54
N GLU D 334 -27.85 2.28 24.21
CA GLU D 334 -28.64 1.55 25.21
C GLU D 334 -29.44 0.45 24.57
N GLN D 335 -30.03 0.73 23.41
CA GLN D 335 -30.83 -0.29 22.75
C GLN D 335 -29.95 -1.47 22.37
N VAL D 336 -28.77 -1.18 21.81
CA VAL D 336 -27.90 -2.29 21.44
C VAL D 336 -27.38 -2.97 22.69
N LYS D 337 -27.18 -2.21 23.76
CA LYS D 337 -26.79 -2.83 25.02
C LYS D 337 -27.87 -3.77 25.50
N GLY D 338 -29.13 -3.32 25.43
CA GLY D 338 -30.22 -4.21 25.80
C GLY D 338 -30.26 -5.40 24.88
N TYR D 339 -30.05 -5.16 23.59
CA TYR D 339 -30.06 -6.27 22.65
C TYR D 339 -28.94 -7.23 22.98
N LEU D 340 -27.75 -6.71 23.26
CA LEU D 340 -26.66 -7.60 23.60
C LEU D 340 -26.96 -8.33 24.90
N ALA D 341 -27.52 -7.62 25.87
CA ALA D 341 -27.86 -8.28 27.12
C ALA D 341 -28.91 -9.34 26.87
N SER D 342 -29.90 -9.04 26.02
CA SER D 342 -30.91 -10.05 25.73
C SER D 342 -30.34 -11.20 24.91
N ALA D 343 -29.32 -10.94 24.07
CA ALA D 343 -28.77 -12.03 23.26
C ALA D 343 -28.21 -13.16 24.11
N TYR D 344 -27.32 -12.84 25.04
CA TYR D 344 -26.74 -13.81 25.96
C TYR D 344 -26.20 -13.15 27.22
N PRO D 345 -26.74 -13.48 28.40
CA PRO D 345 -26.30 -12.78 29.61
C PRO D 345 -24.99 -13.32 30.18
N SER D 346 -24.60 -14.54 29.83
CA SER D 346 -23.39 -15.12 30.41
C SER D 346 -22.16 -14.30 30.06
N LYS D 347 -22.04 -13.90 28.79
CA LYS D 347 -20.90 -13.09 28.37
C LYS D 347 -21.02 -11.68 28.91
N TYR D 348 -22.22 -11.11 28.92
CA TYR D 348 -22.40 -9.75 29.40
C TYR D 348 -22.11 -9.63 30.88
N SER D 349 -22.30 -10.71 31.64
CA SER D 349 -22.10 -10.62 33.08
C SER D 349 -20.65 -10.33 33.42
N GLU D 350 -19.71 -10.79 32.59
CA GLU D 350 -18.30 -10.67 32.93
C GLU D 350 -17.85 -9.21 32.97
N MET D 351 -18.25 -8.41 31.98
CA MET D 351 -17.74 -7.06 31.85
C MET D 351 -18.73 -6.01 32.32
N PHE D 352 -19.86 -6.41 32.90
CA PHE D 352 -20.86 -5.42 33.29
C PHE D 352 -20.30 -4.42 34.29
N PRO D 353 -19.57 -4.82 35.33
CA PRO D 353 -18.80 -3.84 36.10
C PRO D 353 -17.94 -2.93 35.25
N GLN D 354 -17.34 -3.45 34.17
CA GLN D 354 -16.39 -2.67 33.41
C GLN D 354 -17.05 -1.58 32.57
N ILE D 355 -18.28 -1.80 32.12
CA ILE D 355 -18.99 -0.77 31.36
C ILE D 355 -19.28 0.42 32.28
N LYS D 356 -18.84 1.60 31.86
CA LYS D 356 -18.88 2.81 32.68
C LYS D 356 -20.02 3.71 32.25
N ASN D 357 -20.69 4.31 33.22
CA ASN D 357 -21.75 5.29 32.95
C ASN D 357 -21.13 6.68 32.92
N CYS D 358 -21.37 7.42 31.83
CA CYS D 358 -20.92 8.80 31.76
C CYS D 358 -22.04 9.67 31.22
N SER D 359 -22.18 10.86 31.80
CA SER D 359 -23.19 11.82 31.39
C SER D 359 -22.58 13.21 31.39
N LEU D 360 -23.21 14.13 30.65
CA LEU D 360 -22.69 15.48 30.53
C LEU D 360 -22.68 16.18 31.88
N GLU D 361 -23.69 15.94 32.72
CA GLU D 361 -23.81 16.67 33.97
C GLU D 361 -22.64 16.40 34.90
N SER D 362 -22.34 15.12 35.14
CA SER D 362 -21.27 14.78 36.06
C SER D 362 -19.93 15.28 35.56
N GLU D 363 -19.68 15.17 34.26
CA GLU D 363 -18.46 15.73 33.69
C GLU D 363 -18.41 17.23 33.89
N LEU D 364 -19.54 17.92 33.74
CA LEU D 364 -19.58 19.36 33.95
C LEU D 364 -19.24 19.72 35.39
N ASP D 365 -19.75 18.97 36.37
CA ASP D 365 -19.36 19.27 37.74
C ASP D 365 -17.89 18.96 37.98
N THR D 366 -17.39 17.85 37.43
CA THR D 366 -16.05 17.38 37.80
C THR D 366 -15.10 17.29 36.62
N ALA D 367 -15.23 18.17 35.62
CA ALA D 367 -14.22 18.17 34.55
C ALA D 367 -12.92 18.79 35.06
N VAL D 368 -12.97 20.07 35.39
CA VAL D 368 -11.82 20.79 35.94
C VAL D 368 -12.32 21.62 37.11
N GLN D 369 -11.60 21.58 38.22
CA GLN D 369 -11.98 22.40 39.37
C GLN D 369 -10.74 22.67 40.21
N GLY D 370 -10.74 23.82 40.87
CA GLY D 370 -9.63 24.25 41.69
C GLY D 370 -9.15 25.62 41.30
N THR D 371 -8.08 26.05 41.98
CA THR D 371 -7.51 27.36 41.72
C THR D 371 -6.74 27.44 40.42
N GLY D 372 -6.56 26.32 39.73
CA GLY D 372 -5.87 26.32 38.46
C GLY D 372 -6.81 26.22 37.28
N LEU D 373 -8.09 26.54 37.51
CA LEU D 373 -9.09 26.39 36.46
C LEU D 373 -8.75 27.27 35.27
N ALA D 374 -8.38 28.53 35.52
CA ALA D 374 -8.07 29.43 34.43
C ALA D 374 -6.89 28.93 33.62
N PHE D 375 -5.81 28.51 34.29
CA PHE D 375 -4.63 28.07 33.58
C PHE D 375 -4.91 26.82 32.75
N ILE D 376 -5.57 25.82 33.35
CA ILE D 376 -5.84 24.58 32.63
C ILE D 376 -6.74 24.84 31.43
N VAL D 377 -7.82 25.59 31.65
CA VAL D 377 -8.79 25.85 30.59
C VAL D 377 -8.14 26.63 29.45
N TYR D 378 -7.38 27.66 29.78
CA TYR D 378 -6.81 28.48 28.73
C TYR D 378 -5.65 27.80 28.03
N THR D 379 -4.88 26.96 28.72
CA THR D 379 -3.88 26.18 28.02
C THR D 379 -4.51 25.17 27.06
N GLU D 380 -5.63 24.57 27.45
CA GLU D 380 -6.35 23.70 26.53
C GLU D 380 -6.81 24.47 25.29
N ALA D 381 -7.37 25.66 25.52
CA ALA D 381 -7.82 26.47 24.39
C ALA D 381 -6.64 26.84 23.51
N ILE D 382 -5.50 27.16 24.11
CA ILE D 382 -4.34 27.52 23.31
C ILE D 382 -3.92 26.31 22.50
N LYS D 383 -3.95 25.12 23.10
CA LYS D 383 -3.50 23.93 22.39
C LYS D 383 -4.43 23.60 21.24
N ASN D 384 -5.60 24.25 21.18
CA ASN D 384 -6.52 24.03 20.07
C ASN D 384 -6.52 25.19 19.09
N MET D 385 -5.48 26.03 19.12
CA MET D 385 -5.34 27.14 18.19
C MET D 385 -4.50 26.73 16.99
N GLU D 386 -4.25 27.69 16.10
CA GLU D 386 -3.39 27.43 14.94
C GLU D 386 -1.93 27.75 15.26
N VAL D 387 -1.65 28.99 15.62
CA VAL D 387 -0.33 29.38 16.14
C VAL D 387 -0.50 29.49 17.65
N SER D 388 -0.29 28.36 18.34
CA SER D 388 -0.53 28.32 19.79
C SER D 388 0.41 29.22 20.56
N GLN D 389 1.66 29.37 20.11
CA GLN D 389 2.66 30.13 20.85
C GLN D 389 2.26 31.59 20.98
N LEU D 390 1.82 32.20 19.87
CA LEU D 390 1.48 33.61 19.88
C LEU D 390 0.30 33.91 20.81
N TRP D 391 -0.76 33.11 20.72
CA TRP D 391 -1.91 33.31 21.59
C TRP D 391 -1.57 33.04 23.06
N SER D 392 -0.74 32.03 23.32
CA SER D 392 -0.30 31.80 24.69
C SER D 392 0.49 32.98 25.25
N VAL D 393 1.41 33.52 24.45
CA VAL D 393 2.17 34.69 24.89
C VAL D 393 1.24 35.86 25.16
N LEU D 394 0.30 36.10 24.24
CA LEU D 394 -0.60 37.24 24.39
C LEU D 394 -1.47 37.11 25.64
N TYR D 395 -2.03 35.91 25.87
CA TYR D 395 -2.90 35.72 27.03
C TYR D 395 -2.14 35.80 28.34
N PHE D 396 -0.99 35.13 28.43
CA PHE D 396 -0.25 35.16 29.68
C PHE D 396 0.52 36.47 29.87
N PHE D 397 0.54 37.33 28.86
CA PHE D 397 0.99 38.70 29.04
C PHE D 397 -0.13 39.60 29.51
N MET D 398 -1.34 39.41 28.99
CA MET D 398 -2.46 40.16 29.55
C MET D 398 -2.60 39.82 31.03
N LEU D 399 -2.53 38.53 31.35
CA LEU D 399 -2.64 38.12 32.76
C LEU D 399 -1.51 38.71 33.59
N LEU D 400 -0.28 38.76 33.03
CA LEU D 400 0.83 39.36 33.76
C LEU D 400 0.60 40.85 34.02
N MET D 401 0.11 41.59 33.02
CA MET D 401 -0.20 43.01 33.22
C MET D 401 -1.26 43.21 34.28
N LEU D 402 -2.33 42.40 34.24
CA LEU D 402 -3.38 42.56 35.25
C LEU D 402 -2.83 42.31 36.65
N GLY D 403 -2.07 41.21 36.81
CA GLY D 403 -1.52 40.92 38.12
C GLY D 403 -0.56 41.98 38.60
N ILE D 404 0.28 42.48 37.70
CA ILE D 404 1.26 43.49 38.09
C ILE D 404 0.59 44.79 38.49
N GLY D 405 -0.44 45.21 37.74
CA GLY D 405 -1.17 46.41 38.12
C GLY D 405 -1.85 46.27 39.47
N SER D 406 -2.53 45.15 39.68
CA SER D 406 -3.19 44.93 40.96
C SER D 406 -2.19 44.93 42.11
N MET D 407 -1.02 44.31 41.89
CA MET D 407 -0.03 44.26 42.95
C MET D 407 0.61 45.62 43.19
N LEU D 408 0.78 46.42 42.14
CA LEU D 408 1.26 47.78 42.35
C LEU D 408 0.29 48.55 43.23
N GLY D 409 -1.01 48.41 42.96
CA GLY D 409 -2.00 49.05 43.83
C GLY D 409 -1.92 48.55 45.27
N ASN D 410 -1.87 47.22 45.44
CA ASN D 410 -1.83 46.65 46.78
C ASN D 410 -0.58 47.07 47.54
N THR D 411 0.57 47.05 46.87
CA THR D 411 1.81 47.39 47.55
C THR D 411 1.89 48.87 47.84
N ALA D 412 1.29 49.72 46.99
CA ALA D 412 1.18 51.13 47.33
C ALA D 412 0.34 51.32 48.58
N ALA D 413 -0.77 50.59 48.69
CA ALA D 413 -1.58 50.61 49.90
C ALA D 413 -0.80 50.14 51.12
N ILE D 414 0.05 49.13 50.92
CA ILE D 414 0.92 48.66 52.00
C ILE D 414 1.92 49.72 52.42
N LEU D 415 2.54 50.40 51.44
CA LEU D 415 3.72 51.19 51.70
C LEU D 415 3.42 52.62 52.13
N THR D 416 2.30 53.19 51.68
CA THR D 416 1.99 54.58 52.01
C THR D 416 1.98 54.84 53.52
N PRO D 417 1.35 54.01 54.36
CA PRO D 417 1.49 54.23 55.81
C PRO D 417 2.94 54.17 56.30
N LEU D 418 3.74 53.29 55.73
CA LEU D 418 5.14 53.16 56.15
C LEU D 418 5.93 54.42 55.78
N THR D 419 5.76 54.90 54.55
CA THR D 419 6.44 56.11 54.11
C THR D 419 5.96 57.33 54.91
N ASP D 420 4.66 57.40 55.19
CA ASP D 420 4.13 58.54 55.94
C ASP D 420 4.61 58.58 57.38
N SER D 421 5.16 57.49 57.90
CA SER D 421 5.66 57.48 59.27
C SER D 421 7.04 58.12 59.30
N LYS D 422 7.16 59.26 59.99
CA LYS D 422 8.44 59.97 60.05
C LYS D 422 9.49 59.20 60.86
N ILE D 423 9.07 58.29 61.73
CA ILE D 423 10.03 57.53 62.52
C ILE D 423 10.90 56.66 61.62
N ILE D 424 10.27 55.99 60.64
CA ILE D 424 11.01 55.15 59.72
C ILE D 424 11.61 55.96 58.58
N SER D 425 10.87 56.97 58.10
CA SER D 425 11.34 57.79 56.98
C SER D 425 12.58 58.60 57.33
N SER D 426 12.87 58.80 58.61
CA SER D 426 14.04 59.57 59.02
C SER D 426 15.28 58.70 59.20
N HIS D 427 15.18 57.40 58.98
CA HIS D 427 16.29 56.49 59.16
C HIS D 427 16.73 55.79 57.88
N LEU D 428 15.79 55.36 57.05
CA LEU D 428 16.11 54.66 55.81
C LEU D 428 15.41 55.32 54.63
N PRO D 429 16.02 55.27 53.45
CA PRO D 429 15.35 55.80 52.25
C PRO D 429 14.13 54.97 51.90
N LYS D 430 13.18 55.62 51.21
CA LYS D 430 12.01 54.88 50.73
C LYS D 430 12.41 53.75 49.79
N GLU D 431 13.47 53.92 49.02
CA GLU D 431 13.93 52.83 48.15
C GLU D 431 14.38 51.62 48.97
N ALA D 432 14.87 51.86 50.19
CA ALA D 432 15.23 50.75 51.07
C ALA D 432 14.02 50.22 51.82
N ILE D 433 13.06 51.08 52.18
CA ILE D 433 11.88 50.58 52.85
C ILE D 433 11.12 49.65 51.91
N SER D 434 10.94 50.10 50.66
CA SER D 434 10.28 49.27 49.65
C SER D 434 11.08 48.00 49.39
N GLY D 435 12.42 48.10 49.33
CA GLY D 435 13.21 46.90 49.12
C GLY D 435 13.04 45.90 50.24
N LEU D 436 13.03 46.37 51.50
CA LEU D 436 12.84 45.50 52.64
C LEU D 436 11.46 44.86 52.63
N VAL D 437 10.43 45.64 52.29
CA VAL D 437 9.08 45.10 52.23
C VAL D 437 8.99 44.00 51.17
N CYS D 438 9.55 44.26 49.99
CA CYS D 438 9.51 43.26 48.93
C CYS D 438 10.29 42.01 49.32
N LEU D 439 11.45 42.21 49.97
CA LEU D 439 12.25 41.07 50.39
C LEU D 439 11.53 40.22 51.44
N VAL D 440 10.90 40.87 52.42
CA VAL D 440 10.15 40.13 53.43
C VAL D 440 9.00 39.37 52.80
N ASN D 441 8.25 40.01 51.91
CA ASN D 441 7.13 39.35 51.26
C ASN D 441 7.60 38.15 50.44
N CYS D 442 8.68 38.31 49.67
CA CYS D 442 9.18 37.22 48.85
C CYS D 442 9.73 36.08 49.69
N ALA D 443 10.42 36.40 50.78
CA ALA D 443 10.97 35.37 51.65
C ALA D 443 9.87 34.59 52.35
N ILE D 444 8.82 35.28 52.80
CA ILE D 444 7.74 34.56 53.46
C ILE D 444 6.93 33.75 52.45
N GLY D 445 6.78 34.25 51.22
CA GLY D 445 5.98 33.57 50.24
C GLY D 445 6.59 32.32 49.65
N MET D 446 7.77 31.92 50.11
CA MET D 446 8.38 30.68 49.65
C MET D 446 7.64 29.44 50.14
N VAL D 447 6.75 29.58 51.13
CA VAL D 447 6.00 28.42 51.60
C VAL D 447 4.98 27.96 50.57
N PHE D 448 4.63 28.81 49.60
CA PHE D 448 3.72 28.42 48.55
C PHE D 448 4.41 27.69 47.40
N THR D 449 5.74 27.59 47.43
CA THR D 449 6.49 26.91 46.39
C THR D 449 6.90 25.50 46.79
N MET D 450 6.52 25.04 47.98
CA MET D 450 6.84 23.69 48.41
C MET D 450 6.00 22.68 47.61
N GLU D 451 6.24 21.40 47.87
CA GLU D 451 5.44 20.36 47.22
C GLU D 451 3.98 20.46 47.65
N ALA D 452 3.73 20.69 48.94
CA ALA D 452 2.38 20.92 49.44
C ALA D 452 2.05 22.40 49.54
N GLY D 453 2.66 23.23 48.70
CA GLY D 453 2.42 24.66 48.76
C GLY D 453 1.10 25.10 48.19
N ASN D 454 0.52 24.31 47.28
CA ASN D 454 -0.77 24.67 46.70
C ASN D 454 -1.87 24.64 47.76
N TYR D 455 -1.75 23.77 48.76
CA TYR D 455 -2.75 23.73 49.82
C TYR D 455 -2.65 24.97 50.71
N TRP D 456 -1.44 25.44 50.98
CA TRP D 456 -1.30 26.68 51.72
C TRP D 456 -1.78 27.88 50.91
N PHE D 457 -1.55 27.84 49.59
CA PHE D 457 -2.16 28.85 48.72
C PHE D 457 -3.67 28.80 48.75
N ASP D 458 -4.25 27.60 48.81
CA ASP D 458 -5.70 27.45 48.96
C ASP D 458 -6.19 28.07 50.25
N ILE D 459 -5.45 27.83 51.34
CA ILE D 459 -5.82 28.39 52.63
C ILE D 459 -5.77 29.92 52.58
N PHE D 460 -4.70 30.48 52.02
CA PHE D 460 -4.60 31.93 52.00
C PHE D 460 -5.61 32.54 51.03
N ASN D 461 -5.89 31.87 49.91
CA ASN D 461 -6.88 32.38 48.98
C ASN D 461 -8.29 32.32 49.54
N ASP D 462 -8.53 31.49 50.57
CA ASP D 462 -9.88 31.36 51.07
C ASP D 462 -10.08 31.95 52.46
N TYR D 463 -9.01 32.31 53.17
CA TYR D 463 -9.17 32.82 54.53
C TYR D 463 -8.35 34.06 54.85
N ALA D 464 -7.27 34.36 54.14
CA ALA D 464 -6.42 35.49 54.48
C ALA D 464 -7.14 36.82 54.28
N ALA D 465 -7.79 37.01 53.14
CA ALA D 465 -8.51 38.24 52.83
C ALA D 465 -9.93 37.95 52.39
N THR D 466 -10.64 37.13 53.16
CA THR D 466 -11.97 36.70 52.78
C THR D 466 -13.03 37.21 53.75
N LEU D 467 -12.93 36.87 55.02
CA LEU D 467 -13.92 37.28 56.00
C LEU D 467 -13.54 38.55 56.75
N SER D 468 -12.23 38.81 56.88
CA SER D 468 -11.76 40.05 57.49
C SER D 468 -12.23 41.28 56.71
N LEU D 469 -12.30 41.17 55.38
CA LEU D 469 -12.85 42.26 54.56
C LEU D 469 -14.31 42.54 54.88
N LEU D 470 -15.07 41.51 55.25
CA LEU D 470 -16.44 41.72 55.70
C LEU D 470 -16.48 42.42 57.05
N LEU D 471 -15.66 41.99 58.01
CA LEU D 471 -15.77 42.60 59.32
C LEU D 471 -15.25 44.03 59.26
N ILE D 472 -14.18 44.27 58.50
CA ILE D 472 -13.66 45.63 58.35
C ILE D 472 -14.71 46.54 57.75
N VAL D 473 -15.39 46.09 56.69
CA VAL D 473 -16.39 46.95 56.06
C VAL D 473 -17.59 47.16 56.98
N LEU D 474 -17.98 46.12 57.73
CA LEU D 474 -19.05 46.26 58.72
C LEU D 474 -18.70 47.32 59.76
N VAL D 475 -17.49 47.24 60.33
CA VAL D 475 -17.06 48.23 61.31
C VAL D 475 -17.05 49.63 60.68
N GLU D 476 -16.56 49.73 59.44
CA GLU D 476 -16.50 51.04 58.78
C GLU D 476 -17.89 51.64 58.61
N THR D 477 -18.85 50.83 58.16
CA THR D 477 -20.18 51.37 57.90
C THR D 477 -20.92 51.71 59.20
N ILE D 478 -20.75 50.90 60.25
CA ILE D 478 -21.32 51.27 61.54
C ILE D 478 -20.69 52.55 62.06
N ALA D 479 -19.38 52.71 61.86
CA ALA D 479 -18.69 53.94 62.27
C ALA D 479 -19.27 55.15 61.56
N VAL D 480 -19.44 55.03 60.24
CA VAL D 480 -19.92 56.17 59.45
C VAL D 480 -21.36 56.52 59.81
N CYS D 481 -22.22 55.51 59.97
CA CYS D 481 -23.64 55.78 60.15
C CYS D 481 -23.96 56.21 61.57
N TYR D 482 -23.52 55.44 62.57
CA TYR D 482 -24.00 55.61 63.94
C TYR D 482 -23.06 56.41 64.83
N VAL D 483 -21.76 56.19 64.74
CA VAL D 483 -20.82 56.90 65.60
C VAL D 483 -20.63 58.34 65.14
N TYR D 484 -20.37 58.54 63.85
CA TYR D 484 -20.22 59.89 63.33
C TYR D 484 -21.56 60.60 63.25
N GLY D 485 -22.62 59.87 62.93
CA GLY D 485 -23.93 60.49 62.76
C GLY D 485 -24.25 60.68 61.30
N LEU D 486 -25.24 59.91 60.80
CA LEU D 486 -25.54 59.95 59.38
C LEU D 486 -26.08 61.31 58.95
N ARG D 487 -26.81 62.00 59.83
CA ARG D 487 -27.29 63.34 59.48
C ARG D 487 -26.13 64.31 59.26
N ARG D 488 -25.14 64.27 60.16
CA ARG D 488 -23.98 65.16 60.00
C ARG D 488 -23.20 64.82 58.74
N PHE D 489 -23.00 63.53 58.47
CA PHE D 489 -22.29 63.12 57.27
C PHE D 489 -23.04 63.54 56.01
N GLU D 490 -24.36 63.39 56.01
CA GLU D 490 -25.15 63.80 54.85
C GLU D 490 -25.09 65.31 54.65
N SER D 491 -25.15 66.07 55.74
CA SER D 491 -25.05 67.52 55.62
C SER D 491 -23.68 67.92 55.09
N ASP D 492 -22.62 67.29 55.59
CA ASP D 492 -21.28 67.59 55.10
C ASP D 492 -21.14 67.27 53.62
N LEU D 493 -21.63 66.11 53.19
CA LEU D 493 -21.55 65.75 51.79
C LEU D 493 -22.35 66.69 50.91
N LYS D 494 -23.55 67.08 51.37
CA LYS D 494 -24.36 68.02 50.61
C LYS D 494 -23.66 69.37 50.47
N ALA D 495 -23.05 69.85 51.56
CA ALA D 495 -22.30 71.09 51.48
C ALA D 495 -21.10 70.95 50.56
N MET D 496 -20.49 69.76 50.51
CA MET D 496 -19.32 69.56 49.66
C MET D 496 -19.68 69.53 48.18
N THR D 497 -20.81 68.91 47.83
CA THR D 497 -21.14 68.70 46.42
C THR D 497 -22.44 69.35 45.98
N GLY D 498 -23.16 70.02 46.87
CA GLY D 498 -24.38 70.71 46.50
C GLY D 498 -25.62 69.84 46.47
N ARG D 499 -25.47 68.53 46.30
CA ARG D 499 -26.59 67.60 46.23
C ARG D 499 -26.56 66.69 47.44
N ALA D 500 -27.69 66.55 48.12
CA ALA D 500 -27.81 65.65 49.25
C ALA D 500 -27.84 64.20 48.78
N VAL D 501 -27.31 63.31 49.64
CA VAL D 501 -27.30 61.88 49.32
C VAL D 501 -28.72 61.39 49.11
N SER D 502 -28.90 60.52 48.12
CA SER D 502 -30.21 59.97 47.84
C SER D 502 -30.69 59.10 49.01
N TRP D 503 -32.01 58.95 49.10
CA TRP D 503 -32.59 58.15 50.18
C TRP D 503 -32.21 56.68 50.06
N TYR D 504 -32.06 56.18 48.83
CA TYR D 504 -31.66 54.80 48.61
C TYR D 504 -30.28 54.52 49.19
N TRP D 505 -29.32 55.43 48.95
CA TRP D 505 -27.99 55.23 49.50
C TRP D 505 -27.99 55.27 51.02
N LYS D 506 -28.79 56.17 51.61
CA LYS D 506 -28.90 56.21 53.06
C LYS D 506 -29.48 54.91 53.60
N VAL D 507 -30.52 54.38 52.94
CA VAL D 507 -31.13 53.14 53.37
C VAL D 507 -30.13 52.00 53.31
N MET D 508 -29.36 51.91 52.22
CA MET D 508 -28.41 50.82 52.09
C MET D 508 -27.23 50.97 53.05
N TRP D 509 -26.82 52.21 53.33
CA TRP D 509 -25.74 52.43 54.29
C TRP D 509 -26.16 52.04 55.70
N ALA D 510 -27.32 52.54 56.14
CA ALA D 510 -27.67 52.43 57.56
C ALA D 510 -28.05 51.01 57.94
N GLY D 511 -29.04 50.44 57.28
CA GLY D 511 -29.58 49.17 57.74
C GLY D 511 -29.34 47.93 56.91
N VAL D 512 -29.38 48.04 55.58
CA VAL D 512 -29.51 46.85 54.75
C VAL D 512 -28.18 46.11 54.66
N SER D 513 -27.11 46.82 54.29
CA SER D 513 -25.81 46.16 54.12
C SER D 513 -25.27 45.57 55.42
N PRO D 514 -25.23 46.29 56.55
CA PRO D 514 -24.78 45.65 57.79
C PRO D 514 -25.62 44.45 58.21
N LEU D 515 -26.94 44.54 58.06
CA LEU D 515 -27.80 43.41 58.41
C LEU D 515 -27.53 42.20 57.53
N LEU D 516 -27.33 42.43 56.23
CA LEU D 516 -27.01 41.31 55.34
C LEU D 516 -25.65 40.71 55.67
N ILE D 517 -24.67 41.55 56.01
CA ILE D 517 -23.36 41.03 56.38
C ILE D 517 -23.45 40.20 57.65
N VAL D 518 -24.19 40.69 58.64
CA VAL D 518 -24.36 39.95 59.89
C VAL D 518 -25.06 38.63 59.66
N SER D 519 -26.11 38.64 58.82
CA SER D 519 -26.82 37.40 58.51
C SER D 519 -25.91 36.41 57.81
N LEU D 520 -25.09 36.89 56.87
CA LEU D 520 -24.14 36.01 56.19
C LEU D 520 -23.15 35.40 57.18
N PHE D 521 -22.63 36.22 58.10
CA PHE D 521 -21.68 35.70 59.08
C PHE D 521 -22.34 34.65 59.97
N VAL D 522 -23.58 34.92 60.40
CA VAL D 522 -24.29 33.98 61.26
C VAL D 522 -24.53 32.67 60.53
N PHE D 523 -24.96 32.74 59.27
CA PHE D 523 -25.21 31.53 58.50
C PHE D 523 -23.93 30.73 58.30
N TYR D 524 -22.83 31.41 57.98
CA TYR D 524 -21.56 30.72 57.79
C TYR D 524 -21.11 30.04 59.08
N LEU D 525 -21.20 30.74 60.21
CA LEU D 525 -20.81 30.15 61.48
C LEU D 525 -21.68 28.96 61.83
N SER D 526 -22.99 29.07 61.63
CA SER D 526 -23.89 27.96 61.93
C SER D 526 -23.58 26.75 61.04
N ASP D 527 -23.34 27.00 59.75
CA ASP D 527 -23.00 25.89 58.85
C ASP D 527 -21.71 25.22 59.27
N TYR D 528 -20.69 26.01 59.62
CA TYR D 528 -19.42 25.44 60.03
C TYR D 528 -19.57 24.63 61.31
N ILE D 529 -20.36 25.13 62.26
CA ILE D 529 -20.56 24.41 63.51
C ILE D 529 -21.30 23.10 63.26
N LEU D 530 -22.36 23.15 62.46
CA LEU D 530 -23.15 21.94 62.20
C LEU D 530 -22.34 20.91 61.44
N THR D 531 -21.56 21.33 60.45
CA THR D 531 -20.73 20.39 59.69
C THR D 531 -19.61 19.82 60.57
N GLY D 532 -18.90 20.70 61.27
CA GLY D 532 -17.87 20.26 62.20
C GLY D 532 -16.66 19.61 61.56
N THR D 533 -16.50 19.74 60.25
CA THR D 533 -15.37 19.11 59.55
C THR D 533 -15.04 19.96 58.33
N LEU D 534 -14.00 20.78 58.44
CA LEU D 534 -13.55 21.58 57.32
C LEU D 534 -12.67 20.74 56.40
N LYS D 535 -12.98 20.76 55.11
CA LYS D 535 -12.34 19.88 54.14
C LYS D 535 -11.71 20.70 53.03
N TYR D 536 -10.71 20.11 52.38
CA TYR D 536 -10.03 20.73 51.26
C TYR D 536 -9.84 19.71 50.14
N GLN D 537 -9.71 20.23 48.93
CA GLN D 537 -9.48 19.39 47.77
C GLN D 537 -8.00 19.03 47.64
N ALA D 538 -7.73 17.78 47.30
CA ALA D 538 -6.38 17.28 47.14
C ALA D 538 -6.32 16.47 45.86
N TRP D 539 -5.21 16.61 45.13
CA TRP D 539 -5.03 15.91 43.88
C TRP D 539 -4.76 14.43 44.12
N ASP D 540 -5.33 13.58 43.27
CA ASP D 540 -5.14 12.13 43.33
C ASP D 540 -4.70 11.70 41.93
N ALA D 541 -3.39 11.47 41.79
CA ALA D 541 -2.84 11.08 40.50
C ALA D 541 -3.23 9.66 40.13
N SER D 542 -3.30 8.77 41.11
CA SER D 542 -3.73 7.39 40.84
C SER D 542 -5.16 7.36 40.33
N GLN D 543 -6.05 8.13 40.96
CA GLN D 543 -7.38 8.33 40.44
C GLN D 543 -7.45 9.49 39.45
N GLY D 544 -6.44 10.36 39.44
CA GLY D 544 -6.36 11.43 38.45
C GLY D 544 -7.47 12.46 38.55
N GLN D 545 -7.92 12.75 39.77
CA GLN D 545 -8.99 13.72 39.98
C GLN D 545 -8.75 14.41 41.33
N LEU D 546 -9.81 14.98 41.90
CA LEU D 546 -9.72 15.69 43.17
C LEU D 546 -10.56 14.96 44.21
N VAL D 547 -10.00 14.78 45.40
CA VAL D 547 -10.70 14.13 46.49
C VAL D 547 -10.76 15.11 47.66
N THR D 548 -11.71 14.87 48.56
CA THR D 548 -11.89 15.74 49.71
C THR D 548 -11.20 15.12 50.92
N LYS D 549 -10.39 15.92 51.61
CA LYS D 549 -9.70 15.46 52.81
C LYS D 549 -9.88 16.46 53.93
N ASP D 550 -9.98 15.94 55.16
CA ASP D 550 -10.15 16.82 56.31
C ASP D 550 -8.86 17.58 56.59
N TYR D 551 -9.00 18.84 57.01
CA TYR D 551 -7.84 19.63 57.37
C TYR D 551 -7.17 19.06 58.60
N PRO D 552 -5.83 19.03 58.65
CA PRO D 552 -5.15 18.55 59.86
C PRO D 552 -5.27 19.54 61.01
N ALA D 553 -4.72 19.16 62.17
CA ALA D 553 -4.82 20.00 63.35
C ALA D 553 -4.06 21.31 63.19
N TYR D 554 -2.86 21.26 62.62
CA TYR D 554 -2.05 22.46 62.49
C TYR D 554 -2.51 23.40 61.39
N ALA D 555 -3.32 22.93 60.43
CA ALA D 555 -3.82 23.82 59.39
C ALA D 555 -4.97 24.69 59.88
N LEU D 556 -5.67 24.24 60.92
CA LEU D 556 -6.73 25.05 61.49
C LEU D 556 -6.18 26.20 62.32
N ALA D 557 -5.01 26.02 62.94
CA ALA D 557 -4.45 27.12 63.72
C ALA D 557 -4.11 28.28 62.79
N VAL D 558 -3.47 27.97 61.65
CA VAL D 558 -3.13 29.01 60.68
C VAL D 558 -4.39 29.63 60.09
N ILE D 559 -5.39 28.80 59.77
CA ILE D 559 -6.65 29.32 59.24
C ILE D 559 -7.29 30.29 60.21
N GLY D 560 -7.32 29.93 61.49
CA GLY D 560 -7.89 30.80 62.49
C GLY D 560 -7.09 32.08 62.67
N LEU D 561 -5.76 31.97 62.72
CA LEU D 561 -4.90 33.12 63.00
C LEU D 561 -4.96 34.15 61.88
N LEU D 562 -5.01 33.70 60.62
CA LEU D 562 -5.03 34.63 59.49
C LEU D 562 -6.20 35.60 59.61
N VAL D 563 -7.40 35.09 59.88
CA VAL D 563 -8.56 35.95 60.08
C VAL D 563 -8.46 36.69 61.41
N ALA D 564 -8.02 36.01 62.48
CA ALA D 564 -8.12 36.54 63.83
C ALA D 564 -7.24 37.76 64.02
N SER D 565 -6.01 37.73 63.51
CA SER D 565 -5.11 38.86 63.70
C SER D 565 -5.71 40.13 63.12
N SER D 566 -6.11 40.07 61.84
CA SER D 566 -6.63 41.24 61.15
C SER D 566 -7.94 41.71 61.78
N THR D 567 -8.85 40.80 62.12
CA THR D 567 -10.12 41.23 62.67
C THR D 567 -9.97 41.79 64.08
N MET D 568 -9.24 41.08 64.95
CA MET D 568 -9.05 41.48 66.34
C MET D 568 -8.11 42.67 66.51
N CYS D 569 -7.41 43.10 65.47
CA CYS D 569 -6.63 44.32 65.59
C CYS D 569 -7.47 45.55 65.94
N ILE D 570 -8.78 45.53 65.69
CA ILE D 570 -9.62 46.68 66.04
C ILE D 570 -9.91 46.69 67.53
N PRO D 571 -10.51 45.64 68.11
CA PRO D 571 -10.84 45.72 69.55
C PRO D 571 -9.61 45.91 70.41
N LEU D 572 -8.46 45.34 70.01
CA LEU D 572 -7.26 45.52 70.81
C LEU D 572 -6.89 46.98 70.87
N ALA D 573 -7.00 47.68 69.74
CA ALA D 573 -6.70 49.11 69.71
C ALA D 573 -7.68 49.88 70.58
N ALA D 574 -8.96 49.47 70.57
CA ALA D 574 -9.94 50.13 71.43
C ALA D 574 -9.60 49.94 72.90
N LEU D 575 -9.21 48.73 73.28
CA LEU D 575 -8.79 48.45 74.66
C LEU D 575 -7.55 49.27 75.03
N GLY D 576 -6.59 49.37 74.11
CA GLY D 576 -5.42 50.18 74.37
C GLY D 576 -5.75 51.64 74.57
N THR D 577 -6.66 52.18 73.75
CA THR D 577 -7.07 53.56 73.91
C THR D 577 -7.78 53.77 75.24
N PHE D 578 -8.64 52.83 75.64
CA PHE D 578 -9.30 52.94 76.93
C PHE D 578 -8.29 52.89 78.08
N VAL D 579 -7.29 52.02 77.98
CA VAL D 579 -6.25 51.97 79.01
C VAL D 579 -5.48 53.29 79.06
N GLN D 580 -5.14 53.83 77.88
CA GLN D 580 -4.40 55.10 77.84
C GLN D 580 -5.21 56.22 78.47
N ARG D 581 -6.52 56.26 78.21
CA ARG D 581 -7.36 57.28 78.84
C ARG D 581 -7.40 57.11 80.36
N ARG D 582 -7.48 55.87 80.83
CA ARG D 582 -7.50 55.60 82.27
C ARG D 582 -6.10 55.33 82.79
C1 NAG E . -8.87 -19.77 -23.80
C2 NAG E . -10.04 -20.70 -24.01
C3 NAG E . -10.29 -20.90 -25.49
C4 NAG E . -10.44 -19.57 -26.19
C5 NAG E . -9.27 -18.64 -25.85
C6 NAG E . -9.46 -17.23 -26.38
C7 NAG E . -10.69 -22.55 -22.53
C8 NAG E . -10.29 -23.86 -21.93
N2 NAG E . -9.81 -21.98 -23.36
O3 NAG E . -11.47 -21.68 -25.68
O4 NAG E . -10.45 -19.75 -27.61
O5 NAG E . -9.13 -18.53 -24.43
O6 NAG E . -8.23 -16.52 -26.40
O7 NAG E . -11.77 -22.02 -22.27
C1 NAG E . -11.77 -19.48 -28.10
C2 NAG E . -11.63 -18.97 -29.52
C3 NAG E . -12.99 -18.75 -30.15
C4 NAG E . -13.83 -20.02 -30.04
C5 NAG E . -13.90 -20.46 -28.59
C6 NAG E . -14.64 -21.77 -28.39
C7 NAG E . -9.59 -17.67 -29.99
C8 NAG E . -8.95 -16.32 -29.95
N2 NAG E . -10.85 -17.73 -29.55
O3 NAG E . -12.84 -18.38 -31.52
O4 NAG E . -15.13 -19.81 -30.57
O5 NAG E . -12.57 -20.66 -28.09
O6 NAG E . -14.21 -22.74 -29.33
O7 NAG E . -9.00 -18.66 -30.41
C1 BMA E . -15.27 -20.73 -31.68
C2 BMA E . -16.76 -20.84 -32.05
C3 BMA E . -16.89 -21.87 -33.17
C4 BMA E . -15.95 -21.54 -34.35
C5 BMA E . -14.50 -21.25 -33.87
C6 BMA E . -13.61 -20.71 -34.98
O2 BMA E . -17.25 -19.61 -32.56
O3 BMA E . -18.23 -21.98 -33.62
O4 BMA E . -15.93 -22.63 -35.25
O5 BMA E . -14.54 -20.28 -32.82
O6 BMA E . -14.37 -20.63 -36.18
C1 NAG F . 52.73 -49.25 -33.37
C2 NAG F . 53.62 -49.50 -34.58
C3 NAG F . 52.89 -50.39 -35.59
C4 NAG F . 52.37 -51.66 -34.92
C5 NAG F . 51.56 -51.31 -33.67
C6 NAG F . 51.15 -52.52 -32.87
C7 NAG F . 55.27 -47.77 -35.13
C8 NAG F . 55.51 -46.46 -35.82
N2 NAG F . 54.03 -48.25 -35.20
O3 NAG F . 53.79 -50.73 -36.63
O4 NAG F . 51.53 -52.33 -35.86
O5 NAG F . 52.35 -50.49 -32.80
O6 NAG F . 52.20 -53.48 -32.81
O7 NAG F . 56.16 -48.35 -34.53
C1 NAG F . 51.84 -53.73 -36.10
C2 NAG F . 53.33 -54.07 -35.87
C3 NAG F . 53.57 -55.58 -36.00
C4 NAG F . 52.60 -56.36 -35.13
C5 NAG F . 51.16 -55.95 -35.43
C6 NAG F . 50.14 -56.63 -34.54
C7 NAG F . 54.16 -53.46 -38.12
C8 NAG F . 55.15 -52.61 -38.87
N2 NAG F . 54.20 -53.34 -36.79
O3 NAG F . 54.91 -55.88 -35.63
O4 NAG F . 52.74 -57.76 -35.36
O5 NAG F . 51.02 -54.54 -35.23
O6 NAG F . 50.08 -56.00 -33.26
O7 NAG F . 53.38 -54.20 -38.69
C1 NAG G . 7.92 -30.57 6.83
C2 NAG G . 9.06 -31.49 6.42
C3 NAG G . 9.29 -32.54 7.48
C4 NAG G . 9.47 -31.90 8.85
C5 NAG G . 8.35 -30.93 9.15
C6 NAG G . 8.57 -30.13 10.41
C7 NAG G . 9.66 -32.07 4.12
C8 NAG G . 9.23 -32.74 2.85
N2 NAG G . 8.80 -32.09 5.13
O3 NAG G . 10.44 -33.30 7.14
O4 NAG G . 9.47 -32.91 9.85
O5 NAG G . 8.22 -29.97 8.08
O6 NAG G . 7.37 -29.53 10.88
O7 NAG G . 10.77 -31.52 4.22
C1 NAG G . 10.78 -33.03 10.39
C2 NAG G . 10.64 -33.48 11.85
C3 NAG G . 12.01 -33.74 12.45
C4 NAG G . 12.80 -34.71 11.59
C5 NAG G . 12.87 -34.19 10.17
C6 NAG G . 13.58 -35.13 9.22
C7 NAG G . 8.65 -32.67 13.02
C8 NAG G . 8.05 -31.55 13.82
N2 NAG G . 9.91 -32.49 12.63
O3 NAG G . 11.85 -34.27 13.77
O4 NAG G . 14.10 -34.91 12.14
O5 NAG G . 11.55 -33.99 9.66
O6 NAG G . 13.10 -36.46 9.39
O7 NAG G . 8.02 -33.68 12.76
C1 BMA G . 14.20 -36.31 12.45
C2 BMA G . 15.68 -36.68 12.66
C3 BMA G . 15.76 -38.17 12.93
C4 BMA G . 14.81 -38.61 14.08
C5 BMA G . 13.39 -38.03 13.89
C6 BMA G . 12.50 -38.24 15.11
O2 BMA G . 16.21 -36.03 13.81
O3 BMA G . 17.09 -38.58 13.21
O4 BMA G . 14.75 -40.02 14.13
O5 BMA G . 13.47 -36.62 13.64
O6 BMA G . 13.26 -38.92 16.10
C1 NAG H . -54.74 -57.71 -2.71
C2 NAG H . -55.65 -58.62 -1.90
C3 NAG H . -54.96 -59.96 -1.64
C4 NAG H . -54.47 -60.59 -2.94
C5 NAG H . -53.64 -59.58 -3.73
C6 NAG H . -53.26 -60.08 -5.11
C7 NAG H . -57.24 -57.51 -0.39
C8 NAG H . -57.45 -56.89 0.95
N2 NAG H . -56.02 -57.99 -0.65
O3 NAG H . -55.88 -60.84 -1.00
O4 NAG H . -53.67 -61.72 -2.62
O5 NAG H . -54.38 -58.36 -3.93
O6 NAG H . -54.35 -60.77 -5.72
O7 NAG H . -58.14 -57.59 -1.22
C1 NAG H . -54.03 -62.97 -3.27
C2 NAG H . -55.53 -63.05 -3.64
C3 NAG H . -55.81 -64.32 -4.45
C4 NAG H . -54.87 -64.43 -5.63
C5 NAG H . -53.42 -64.35 -5.15
C6 NAG H . -52.42 -64.38 -6.27
C7 NAG H . -56.37 -63.89 -1.47
C8 NAG H . -57.33 -63.64 -0.35
N2 NAG H . -56.38 -62.99 -2.46
O3 NAG H . -57.16 -64.29 -4.91
O4 NAG H . -55.06 -65.69 -6.29
O5 NAG H . -53.22 -63.11 -4.45
O6 NAG H . -52.31 -63.12 -6.92
O7 NAG H . -55.62 -64.86 -1.47
ZN ZN I . 22.00 -44.24 -37.19
C1 NDG J . -9.33 13.41 -12.49
C2 NDG J . -9.57 13.05 -11.00
C3 NDG J . -9.94 11.58 -10.87
C4 NDG J . -11.18 11.29 -11.72
C5 NDG J . -10.85 11.66 -13.18
C6 NDG J . -12.04 11.50 -14.13
C7 NDG J . -8.50 14.02 -8.97
C8 NDG J . -9.88 14.55 -8.62
O5 NDG J . -10.47 13.04 -13.27
O3 NDG J . -10.18 11.29 -9.50
O4 NDG J . -11.48 9.92 -11.54
O6 NDG J . -11.87 12.26 -15.32
O7 NDG J . -7.52 14.22 -8.26
N2 NDG J . -8.41 13.31 -10.14
C1 NAG K . 43.65 -39.63 -13.30
C2 NAG K . 44.73 -38.67 -13.77
C3 NAG K . 46.09 -39.09 -13.21
C4 NAG K . 46.02 -39.25 -11.70
C5 NAG K . 44.88 -40.19 -11.33
C6 NAG K . 44.67 -40.31 -9.83
C7 NAG K . 45.04 -39.62 -16.04
C8 NAG K . 45.05 -39.31 -17.50
N2 NAG K . 44.78 -38.59 -15.22
O3 NAG K . 47.06 -38.09 -13.54
O4 NAG K . 47.24 -39.78 -11.21
O5 NAG K . 43.65 -39.69 -11.88
O6 NAG K . 43.40 -40.87 -9.53
O7 NAG K . 45.27 -40.75 -15.61
C1 NAG L . 26.51 -62.15 -52.08
C2 NAG L . 27.07 -62.47 -53.47
C3 NAG L . 25.94 -62.88 -54.42
C4 NAG L . 25.12 -64.01 -53.81
C5 NAG L . 24.65 -63.62 -52.41
C6 NAG L . 23.92 -64.74 -51.70
C7 NAG L . 28.74 -61.44 -54.95
C8 NAG L . 29.39 -60.17 -55.39
N2 NAG L . 27.80 -61.33 -54.01
O3 NAG L . 26.49 -63.29 -55.66
O4 NAG L . 24.00 -64.29 -54.63
O5 NAG L . 25.78 -63.27 -51.60
O6 NAG L . 24.08 -64.65 -50.29
O7 NAG L . 29.06 -62.52 -55.43
C1 NAG M . 9.55 -25.52 -64.50
C2 NAG M . 9.49 -24.20 -63.74
C3 NAG M . 8.50 -23.25 -64.39
C4 NAG M . 8.85 -23.06 -65.87
C5 NAG M . 8.93 -24.42 -66.56
C6 NAG M . 9.39 -24.32 -68.00
C7 NAG M . 10.05 -24.68 -61.39
C8 NAG M . 9.51 -24.87 -60.01
N2 NAG M . 9.14 -24.42 -62.34
O3 NAG M . 8.54 -21.99 -63.74
O4 NAG M . 7.86 -22.26 -66.50
O5 NAG M . 9.86 -25.27 -65.88
O6 NAG M . 10.49 -23.43 -68.12
O7 NAG M . 11.24 -24.76 -61.65
C1 NAG N . 23.68 -50.90 -62.48
C2 NAG N . 22.65 -50.30 -63.44
C3 NAG N . 21.42 -51.20 -63.54
C4 NAG N . 21.84 -52.62 -63.93
C5 NAG N . 22.90 -53.13 -62.96
C6 NAG N . 23.45 -54.48 -63.37
C7 NAG N . 21.70 -48.63 -61.88
C8 NAG N . 21.39 -47.19 -61.68
N2 NAG N . 22.27 -48.95 -63.04
O3 NAG N . 20.53 -50.67 -64.52
O4 NAG N . 20.71 -53.49 -63.89
O5 NAG N . 24.02 -52.23 -62.92
O6 NAG N . 23.96 -54.47 -64.70
O7 NAG N . 21.43 -49.48 -61.03
ZN ZN O . -23.91 -57.09 3.02
C1 NDG P . 9.64 2.66 17.91
C2 NDG P . 9.87 3.26 16.51
C3 NDG P . 10.21 2.15 15.51
C4 NDG P . 11.42 1.37 16.00
C5 NDG P . 11.08 0.79 17.39
C6 NDG P . 12.26 0.05 18.03
C7 NDG P . 8.86 5.29 15.49
C8 NDG P . 10.26 5.88 15.51
O5 NDG P . 10.76 1.84 18.30
O3 NDG P . 10.45 2.75 14.24
O4 NDG P . 11.68 0.38 15.02
O6 NDG P . 12.10 -0.07 19.44
O7 NDG P . 7.90 5.92 15.06
N2 NDG P . 8.75 4.02 15.99
C1 NAG Q . -45.10 -38.22 -12.97
C2 NAG Q . -46.16 -37.71 -12.00
C3 NAG Q . -47.53 -37.65 -12.68
C4 NAG Q . -47.45 -36.87 -13.99
C5 NAG Q . -46.33 -37.43 -14.86
C6 NAG Q . -46.11 -36.63 -16.12
C7 NAG Q . -46.53 -39.83 -10.77
C8 NAG Q . -46.54 -40.48 -9.42
N2 NAG Q . -46.23 -38.53 -10.80
O3 NAG Q . -48.47 -37.04 -11.80
O4 NAG Q . -48.68 -36.96 -14.68
O5 NAG Q . -45.09 -37.41 -14.14
O6 NAG Q . -44.86 -36.94 -16.72
O7 NAG Q . -46.78 -40.46 -11.79
C1 NAG R . -29.19 -80.20 4.08
C2 NAG R . -29.77 -81.27 4.99
C3 NAG R . -28.67 -82.21 5.48
C4 NAG R . -27.88 -82.76 4.30
C5 NAG R . -27.38 -81.63 3.43
C6 NAG R . -26.68 -82.11 2.17
C7 NAG R . -31.42 -81.29 6.81
C8 NAG R . -32.03 -80.52 7.94
N2 NAG R . -30.47 -80.67 6.12
O3 NAG R . -29.25 -83.27 6.22
O4 NAG R . -26.78 -83.53 4.78
O5 NAG R . -28.47 -80.82 3.00
O6 NAG R . -26.82 -81.18 1.11
O7 NAG R . -31.77 -82.43 6.54
C1 NAG S . -11.14 -59.16 35.94
C2 NAG S . -11.03 -57.64 36.14
C3 NAG S . -10.02 -57.33 37.23
C4 NAG S . -10.39 -58.05 38.51
C5 NAG S . -10.52 -59.55 38.24
C6 NAG S . -11.00 -60.32 39.45
C7 NAG S . -11.58 -56.59 33.99
C8 NAG S . -11.04 -55.92 32.76
N2 NAG S . -10.67 -56.99 34.89
O3 NAG S . -10.00 -55.92 37.46
O4 NAG S . -9.38 -57.83 39.49
O5 NAG S . -11.47 -59.78 37.20
O6 NAG S . -12.06 -59.65 40.11
O7 NAG S . -12.77 -56.77 34.15
C1 NAG T . -26.10 -77.65 19.14
C2 NAG T . -25.06 -77.78 20.25
C3 NAG T . -23.87 -78.60 19.77
C4 NAG T . -24.33 -79.94 19.22
C5 NAG T . -25.40 -79.73 18.16
C6 NAG T . -26.00 -81.03 17.67
C7 NAG T . -24.03 -75.54 20.00
C8 NAG T . -23.68 -74.27 20.71
N2 NAG T . -24.63 -76.47 20.75
O3 NAG T . -22.97 -78.80 20.85
O4 NAG T . -23.24 -80.65 18.66
O5 NAG T . -26.48 -78.95 18.68
O6 NAG T . -26.52 -81.80 18.74
O7 NAG T . -23.79 -75.71 18.81
C1 NAG U . -4.03 16.48 -23.92
C2 NAG U . -4.35 15.25 -24.76
C3 NAG U . -3.51 15.25 -26.03
C4 NAG U . -3.66 16.57 -26.78
C5 NAG U . -3.39 17.74 -25.84
C6 NAG U . -3.65 19.09 -26.49
C7 NAG U . -5.09 13.07 -23.91
C8 NAG U . -4.71 11.88 -23.09
N2 NAG U . -4.15 14.03 -24.01
O3 NAG U . -3.91 14.17 -26.86
O4 NAG U . -2.75 16.62 -27.87
O5 NAG U . -4.24 17.66 -24.69
O6 NAG U . -2.82 20.10 -25.94
O7 NAG U . -6.18 13.17 -24.45
C1 NAG V . 23.79 22.87 -27.64
C2 NAG V . 23.22 23.54 -28.90
C3 NAG V . 23.63 22.77 -30.15
C4 NAG V . 25.15 22.60 -30.19
C5 NAG V . 25.63 21.95 -28.90
C6 NAG V . 27.13 21.84 -28.83
C7 NAG V . 20.92 22.65 -28.73
C8 NAG V . 19.47 23.00 -28.66
N2 NAG V . 21.76 23.68 -28.82
O3 NAG V . 23.19 23.49 -31.30
O4 NAG V . 25.52 21.79 -31.30
O5 NAG V . 25.21 22.73 -27.77
O6 NAG V . 27.72 23.07 -28.42
O7 NAG V . 21.29 21.48 -28.70
C YCP W . 9.90 58.45 -7.51
N YCP W . 10.74 60.74 -7.54
O YCP W . 10.99 58.34 -6.79
CA YCP W . 9.57 59.89 -7.85
CB YCP W . 9.20 60.06 -9.32
CD YCP W . 10.09 62.40 -9.23
CE YCP W . 10.44 62.16 -7.79
CG YCP W . 8.94 61.52 -9.65
OXT YCP W . 9.22 57.52 -7.86
C1 NAG X . 4.30 -1.65 28.93
C2 NAG X . 4.58 -3.15 28.86
C3 NAG X . 3.72 -3.89 29.87
C4 NAG X . 3.91 -3.29 31.25
C5 NAG X . 3.68 -1.78 31.23
C6 NAG X . 3.99 -1.11 32.55
C7 NAG X . 5.24 -4.38 26.85
C8 NAG X . 4.84 -4.83 25.47
N2 NAG X . 4.34 -3.65 27.51
O3 NAG X . 4.07 -5.26 29.86
O4 NAG X . 2.98 -3.89 32.17
O5 NAG X . 4.55 -1.18 30.25
O6 NAG X . 3.19 0.05 32.74
O7 NAG X . 6.34 -4.67 27.33
C1 NAG Y . -23.32 2.12 36.06
C2 NAG Y . -22.75 1.88 37.46
C3 NAG Y . -23.20 0.52 38.00
C4 NAG Y . -24.71 0.41 37.95
C5 NAG Y . -25.20 0.69 36.54
C6 NAG Y . -26.71 0.70 36.42
C7 NAG Y . -20.48 1.19 36.76
C8 NAG Y . -19.01 1.46 36.91
N2 NAG Y . -21.29 1.98 37.47
O3 NAG Y . -22.76 0.38 39.35
O4 NAG Y . -25.12 -0.90 38.34
O5 NAG Y . -24.74 1.98 36.10
O6 NAG Y . -27.25 1.94 36.84
O7 NAG Y . -20.90 0.29 36.04
C YCP Z . -8.01 42.13 41.43
N YCP Z . -8.77 43.96 42.85
O YCP Z . -9.10 42.51 40.80
CA YCP Z . -7.64 43.07 42.57
CB YCP Z . -7.28 42.29 43.83
CD YCP Z . -8.09 44.23 45.19
CE YCP Z . -8.42 44.93 43.90
CG YCP Z . -6.96 43.24 44.98
OXT YCP Z . -7.37 41.16 41.14
#